data_9KT3
#
_entry.id   9KT3
#
_cell.length_a   1.00
_cell.length_b   1.00
_cell.length_c   1.00
_cell.angle_alpha   90.00
_cell.angle_beta   90.00
_cell.angle_gamma   90.00
#
_symmetry.space_group_name_H-M   'P 1'
#
loop_
_entity.id
_entity.type
_entity.pdbx_description
1 polymer 'Spike glycoprotein,Fibritin,Expression Tag'
2 polymer 'CYFN1006-2 light chain'
3 polymer 'CYFN1006-2 heavy chain'
#
loop_
_entity_poly.entity_id
_entity_poly.type
_entity_poly.pdbx_seq_one_letter_code
_entity_poly.pdbx_strand_id
1 'polypeptide(L)'
;MPMGSLQPLATLYLLGMLVASVLAQCVNLITRTQSYTNSFTRGVYYPDKVFRSSVLHSTHDLFLPFFSNVTWFHAIHVSG
TNGTKRFDNPALPFNDGVYFASTEKSNIIRGWIFGTTLDSKTQSLLIVNNATNVVIKVCEFQFCNDPFLDVYQKNNKSWM
ESEFRVYSSANNCTFEYVSQPFLMDLEGKEGNFKNLREFVFKNIDGYFKIYSKHTPINLERDLPQGFSALEPLVDLPIGI
NITRFQTLLALHRSYLTPVDSSSGWTAGAAAYYVGYLQPRTFLLKYNENGTITDAVDCALDPLSETKCTLKSFTVEKGIY
QTSNFRVQPTESIVRFPNITNLCPFHEVFNATTFASVYAWNRKRISNCVADYSVIYNFAPFFAFKCYGVSPTKLNDLCFT
NVYADSFVIRGNEVSQIAPGQTGNIADYNYKLPDDFTGCVIAWNSNKLDSKPSGNYNYLYRLLRKSKLKPFERDISTEIY
QAGNKPCNGVAGPNCYSPLQSYGFRPTYGVGHQPYRVVVLSFELLHAPATVCGPKKSTNLVKNKCVNFNFNGLTGTGVLT
ESNKKFLPFQQFGRDIADTTDAVRDPQTLEILDITPCSFGGVSVITPGTNTSNQVAVLYQGVNCTEVPVAIHADQLTPTW
RVYSTGSNVFQTRAGCLIGAEYVNNSYECDIPIGAGICASYQTQTKSHGSASSVASQSIIAYTMSLGAENSVAYSNNSIA
IPTNFTISVTTEILPVSMTKTSVDCTMYICGDSTECSNLLLQYGSFCTQLKRALTGIAVEQDKNTQEVFAQVKQIYKTPP
IKYFGGFNFSQILPDPSKPSKRSPIEDLLFNKVTLADAGFIKQYGDCLGDIAARDLICAQKFNGLTVLPPLLTDEMIAQY
TSALLAGTITSGWTFGAGPALQIPFPMQMAYRFNGIGVTQNVLYENQKLIANQFNSAIGKIQDSLSSTPSALGKLQDVVN
HNAQALNTLVKQLSSKFGAISSVLNDILSRLDPPEAEVQIDRLITGRLQSLQTYVTQQLIRAAEIRASANLAATKMSECV
LGQSKRVDFCGKGYHLMSFPQSAPHGVVFLHVTYVPAQEKNFTTAPAICHDGKAHFPREGVFVSNGTHWFVTQRNFYEPQ
IITTDNTFVSGNCDVVIGIVNNTVYDPLQPELDSFKEELDKYFKNHTSPDVDLGDISGINASVVNIQKEIDRLNEVAKNL
NESLIDLQELGKYEQGSGYIPEAPRDGQAYVRKDGEWVFLSTFLSGLEVLFQGPGGWSHPQFEKGGGSGGGSGGSAWSHP
QFEKGGSHHHHHHHH
;
A,B,C
2 'polypeptide(L)'
;QSALTQPPSASGSPGQSVTISCTGASSDVGGYNYVSWYQQHPGKAPKLMIYEVNKRPSGVPDRFSGSKSGNTASLTISGL
QADDEADYYCCSYALSRVVFGGGTMLTVLGQPKAAPSVTLFPPSSEELQANKATLVCLISDFYPGAVTVAWKADSSPVKA
GVETTTPSKQSNNKYAASSYLSLTPEQWKSHRSYSCQVTHEGSTVEKTVAPTECS
;
K,J,L
3 'polypeptide(L)'
;QMQLVQSGAEVKKPGESLKISCKGSGYTFSYYWIGWVRQMPGKGLEWMGIIYPGDSDTRYSPSFQGQVTISADKSISTAY
LHWSSLKASDTAMYYCARQGDLGDWILLGYWGQGTLVTVSSASTKGPSVFPLAPSSKSTSGTAALGCLVKDYFPEPVTVS
WNSGALTSGVHTFPAVLQSSGLYSLSSVVTVPSSSLGTQTYICNVNHKPSNTKVDKKV
;
H,G,I
#
# COMPACT_ATOMS: atom_id res chain seq x y z
N THR A 33 -21.02 17.71 -52.19
CA THR A 33 -19.67 17.20 -51.80
C THR A 33 -19.77 16.32 -50.56
N GLN A 34 -20.78 16.58 -49.72
CA GLN A 34 -20.96 15.85 -48.47
C GLN A 34 -22.36 15.26 -48.41
N SER A 35 -22.45 14.08 -47.81
CA SER A 35 -23.73 13.43 -47.54
C SER A 35 -23.60 12.69 -46.21
N TYR A 36 -24.73 12.20 -45.71
CA TYR A 36 -24.78 11.58 -44.41
C TYR A 36 -25.49 10.23 -44.48
N THR A 37 -25.02 9.30 -43.68
CA THR A 37 -25.61 7.97 -43.57
C THR A 37 -25.43 7.51 -42.12
N ASN A 38 -25.58 6.21 -41.88
CA ASN A 38 -25.40 5.66 -40.55
C ASN A 38 -24.70 4.31 -40.63
N SER A 39 -23.79 4.07 -39.70
CA SER A 39 -23.14 2.77 -39.55
C SER A 39 -23.98 1.91 -38.61
N PHE A 40 -24.58 0.85 -39.15
CA PHE A 40 -25.49 0.07 -38.34
C PHE A 40 -24.77 -0.76 -37.31
N THR A 41 -23.82 -1.59 -37.74
CA THR A 41 -23.10 -2.46 -36.83
C THR A 41 -21.62 -2.47 -37.17
N ARG A 42 -21.09 -1.32 -37.57
CA ARG A 42 -19.70 -1.24 -37.95
C ARG A 42 -18.84 -0.65 -36.84
N GLY A 43 -17.53 -0.83 -36.94
CA GLY A 43 -16.62 -0.30 -35.94
C GLY A 43 -16.24 -1.32 -34.89
N VAL A 44 -16.32 -2.60 -35.25
CA VAL A 44 -15.98 -3.67 -34.32
C VAL A 44 -14.64 -4.30 -34.69
N TYR A 45 -13.82 -4.64 -33.71
CA TYR A 45 -12.51 -5.24 -33.93
C TYR A 45 -12.07 -5.94 -32.65
N TYR A 46 -11.32 -7.02 -32.82
CA TYR A 46 -10.89 -7.83 -31.69
C TYR A 46 -10.13 -6.96 -30.69
N PRO A 47 -10.49 -7.01 -29.39
CA PRO A 47 -9.78 -6.15 -28.42
C PRO A 47 -8.29 -6.45 -28.34
N ASP A 48 -7.94 -7.71 -28.10
CA ASP A 48 -6.55 -8.13 -27.94
C ASP A 48 -6.24 -9.20 -28.98
N LYS A 49 -4.98 -9.64 -29.00
CA LYS A 49 -4.50 -10.65 -29.93
C LYS A 49 -4.67 -12.07 -29.41
N VAL A 50 -5.63 -12.28 -28.51
CA VAL A 50 -5.87 -13.58 -27.91
C VAL A 50 -6.99 -14.28 -28.67
N PHE A 51 -6.90 -15.61 -28.71
CA PHE A 51 -7.89 -16.43 -29.39
C PHE A 51 -8.99 -16.84 -28.42
N ARG A 52 -10.22 -16.92 -28.95
CA ARG A 52 -11.37 -17.30 -28.15
C ARG A 52 -12.41 -17.93 -29.05
N SER A 53 -13.13 -18.92 -28.53
CA SER A 53 -14.16 -19.62 -29.29
C SER A 53 -15.31 -19.98 -28.37
N SER A 54 -16.53 -19.77 -28.87
CA SER A 54 -17.75 -20.13 -28.13
C SER A 54 -17.80 -19.46 -26.77
N VAL A 55 -17.58 -18.14 -26.76
CA VAL A 55 -17.60 -17.35 -25.55
C VAL A 55 -18.24 -16.01 -25.85
N LEU A 56 -18.91 -15.45 -24.84
CA LEU A 56 -19.52 -14.13 -24.91
C LEU A 56 -18.72 -13.21 -24.00
N HIS A 57 -17.75 -12.51 -24.58
CA HIS A 57 -16.83 -11.66 -23.83
C HIS A 57 -17.33 -10.23 -23.79
N SER A 58 -17.08 -9.56 -22.67
CA SER A 58 -17.43 -8.15 -22.49
C SER A 58 -16.15 -7.35 -22.37
N THR A 59 -16.02 -6.31 -23.19
CA THR A 59 -14.80 -5.52 -23.25
C THR A 59 -15.16 -4.04 -23.22
N HIS A 60 -14.14 -3.22 -22.98
CA HIS A 60 -14.29 -1.77 -22.91
C HIS A 60 -13.11 -1.12 -23.62
N ASP A 61 -13.37 -0.48 -24.75
CA ASP A 61 -12.34 0.19 -25.51
C ASP A 61 -13.00 1.20 -26.43
N LEU A 62 -12.18 2.03 -27.06
CA LEU A 62 -12.68 3.04 -27.99
C LEU A 62 -13.19 2.35 -29.24
N PHE A 63 -14.51 2.23 -29.36
CA PHE A 63 -15.16 1.65 -30.52
C PHE A 63 -16.03 2.72 -31.19
N LEU A 64 -16.75 2.30 -32.23
CA LEU A 64 -17.63 3.20 -32.96
C LEU A 64 -19.07 2.91 -32.55
N PRO A 65 -19.79 3.87 -31.95
CA PRO A 65 -21.17 3.59 -31.54
C PRO A 65 -22.01 3.12 -32.74
N PHE A 66 -22.74 2.03 -32.52
CA PHE A 66 -23.60 1.51 -33.58
C PHE A 66 -24.68 2.53 -33.93
N PHE A 67 -25.08 2.52 -35.20
CA PHE A 67 -26.15 3.39 -35.69
C PHE A 67 -25.80 4.86 -35.51
N SER A 68 -24.52 5.20 -35.61
CA SER A 68 -24.08 6.57 -35.45
C SER A 68 -24.38 7.36 -36.72
N ASN A 69 -24.13 8.67 -36.64
CA ASN A 69 -24.36 9.58 -37.77
C ASN A 69 -23.05 9.75 -38.53
N VAL A 70 -22.75 8.76 -39.37
CA VAL A 70 -21.54 8.81 -40.17
C VAL A 70 -21.77 9.71 -41.38
N THR A 71 -20.68 10.17 -41.98
CA THR A 71 -20.72 11.10 -43.09
C THR A 71 -20.17 10.43 -44.35
N TRP A 72 -20.81 10.73 -45.48
CA TRP A 72 -20.42 10.20 -46.78
C TRP A 72 -19.83 11.35 -47.59
N PHE A 73 -18.51 11.31 -47.79
CA PHE A 73 -17.80 12.34 -48.52
C PHE A 73 -17.66 11.91 -49.98
N HIS A 74 -18.13 12.77 -50.89
CA HIS A 74 -18.07 12.49 -52.32
C HIS A 74 -16.95 13.26 -53.02
N ALA A 75 -16.19 14.07 -52.29
CA ALA A 75 -15.09 14.83 -52.87
C ALA A 75 -14.09 13.89 -53.55
N LYS A 85 -16.66 15.16 -57.05
CA LYS A 85 -15.33 15.52 -56.61
C LYS A 85 -15.21 17.03 -56.40
N ARG A 86 -14.44 17.42 -55.39
CA ARG A 86 -14.20 18.83 -55.13
C ARG A 86 -13.01 18.96 -54.19
N PHE A 87 -12.02 19.75 -54.58
CA PHE A 87 -10.85 19.98 -53.76
C PHE A 87 -11.14 21.12 -52.78
N ASP A 88 -10.10 21.57 -52.07
CA ASP A 88 -10.25 22.62 -51.06
C ASP A 88 -11.17 22.16 -49.93
N ASN A 89 -11.03 20.89 -49.53
CA ASN A 89 -11.85 20.33 -48.47
C ASN A 89 -11.09 20.45 -47.15
N PRO A 90 -11.63 21.14 -46.14
CA PRO A 90 -10.91 21.25 -44.87
C PRO A 90 -10.63 19.90 -44.26
N ALA A 91 -9.65 19.87 -43.36
CA ALA A 91 -9.29 18.65 -42.68
C ALA A 91 -10.32 18.28 -41.62
N LEU A 92 -10.45 16.98 -41.38
CA LEU A 92 -11.41 16.48 -40.42
C LEU A 92 -10.77 16.37 -39.04
N PRO A 93 -11.57 16.30 -37.99
CA PRO A 93 -11.03 16.17 -36.63
C PRO A 93 -10.71 14.72 -36.29
N PHE A 94 -10.07 14.56 -35.14
CA PHE A 94 -9.67 13.24 -34.61
C PHE A 94 -10.18 13.17 -33.18
N ASN A 95 -11.40 12.67 -33.02
CA ASN A 95 -12.06 12.63 -31.71
C ASN A 95 -11.83 11.27 -31.06
N ASP A 96 -10.56 11.03 -30.69
CA ASP A 96 -10.17 9.81 -29.98
C ASP A 96 -10.50 8.57 -30.80
N GLY A 97 -10.22 8.63 -32.10
CA GLY A 97 -10.45 7.49 -32.98
C GLY A 97 -11.40 7.81 -34.09
N VAL A 98 -11.08 7.38 -35.31
CA VAL A 98 -11.90 7.65 -36.48
C VAL A 98 -12.14 6.36 -37.24
N TYR A 99 -13.08 6.41 -38.18
CA TYR A 99 -13.46 5.29 -39.01
C TYR A 99 -13.27 5.65 -40.48
N PHE A 100 -13.05 4.64 -41.30
CA PHE A 100 -12.82 4.85 -42.72
C PHE A 100 -13.39 3.67 -43.49
N ALA A 101 -13.94 3.94 -44.67
CA ALA A 101 -14.51 2.90 -45.50
C ALA A 101 -14.69 3.43 -46.91
N SER A 102 -14.74 2.50 -47.87
CA SER A 102 -14.90 2.84 -49.28
C SER A 102 -15.08 1.55 -50.06
N THR A 103 -15.75 1.66 -51.21
CA THR A 103 -16.06 0.51 -52.06
C THR A 103 -15.50 0.66 -53.46
N GLU A 104 -14.56 1.58 -53.66
CA GLU A 104 -13.99 1.81 -54.98
C GLU A 104 -12.98 0.70 -55.30
N LYS A 105 -13.04 0.18 -56.52
CA LYS A 105 -12.10 -0.83 -56.98
C LYS A 105 -10.99 -0.25 -57.85
N SER A 106 -10.99 1.07 -58.06
CA SER A 106 -9.96 1.71 -58.87
C SER A 106 -8.70 2.03 -58.07
N ASN A 107 -8.71 1.81 -56.75
CA ASN A 107 -7.54 2.06 -55.93
C ASN A 107 -7.08 3.52 -56.03
N ILE A 108 -8.03 4.44 -55.92
CA ILE A 108 -7.69 5.86 -55.98
C ILE A 108 -7.25 6.36 -54.60
N ILE A 109 -8.13 6.23 -53.61
CA ILE A 109 -7.80 6.63 -52.25
C ILE A 109 -6.78 5.62 -51.71
N ARG A 110 -5.54 6.07 -51.51
CA ARG A 110 -4.47 5.17 -51.11
C ARG A 110 -3.55 5.81 -50.07
N GLY A 111 -4.07 6.73 -49.27
CA GLY A 111 -3.24 7.36 -48.26
C GLY A 111 -4.07 8.18 -47.30
N TRP A 112 -3.42 8.58 -46.20
CA TRP A 112 -4.04 9.39 -45.16
C TRP A 112 -2.99 10.28 -44.53
N ILE A 113 -3.43 11.42 -44.00
CA ILE A 113 -2.50 12.29 -43.28
C ILE A 113 -3.07 12.43 -41.88
N PHE A 114 -2.22 12.49 -40.88
CA PHE A 114 -2.65 12.58 -39.50
C PHE A 114 -1.69 13.56 -38.86
N GLY A 115 -2.03 14.06 -37.68
CA GLY A 115 -1.17 15.04 -37.03
C GLY A 115 -1.93 16.08 -36.24
N THR A 116 -1.21 16.92 -35.53
CA THR A 116 -1.84 17.94 -34.70
C THR A 116 -2.49 19.03 -35.54
N THR A 117 -1.67 19.91 -36.10
CA THR A 117 -2.20 21.02 -36.88
C THR A 117 -1.90 20.83 -38.35
N LEU A 118 -1.44 19.64 -38.73
CA LEU A 118 -1.12 19.33 -40.13
C LEU A 118 -0.22 20.36 -40.82
N ASP A 119 0.74 20.91 -40.11
CA ASP A 119 1.65 21.90 -40.68
C ASP A 119 3.09 21.46 -40.45
N SER A 120 4.05 22.29 -40.84
CA SER A 120 5.44 21.97 -40.58
C SER A 120 5.75 22.31 -39.15
N LYS A 121 5.00 23.23 -38.54
CA LYS A 121 5.35 23.63 -37.19
C LYS A 121 5.27 22.48 -36.19
N THR A 122 4.54 21.41 -36.53
CA THR A 122 4.40 20.27 -35.64
C THR A 122 4.50 18.99 -36.45
N GLN A 123 4.96 17.93 -35.79
CA GLN A 123 5.11 16.64 -36.46
C GLN A 123 3.76 16.13 -36.94
N SER A 124 3.80 15.27 -37.95
CA SER A 124 2.59 14.71 -38.53
C SER A 124 2.88 13.32 -39.06
N LEU A 125 1.83 12.50 -39.16
CA LEU A 125 1.94 11.13 -39.63
C LEU A 125 1.39 11.05 -41.05
N LEU A 126 2.14 10.38 -41.93
CA LEU A 126 1.77 10.24 -43.33
C LEU A 126 1.76 8.77 -43.69
N ILE A 127 0.63 8.31 -44.26
CA ILE A 127 0.47 6.93 -44.70
C ILE A 127 -0.01 6.98 -46.15
N VAL A 128 0.64 6.18 -47.00
CA VAL A 128 0.28 6.14 -48.41
C VAL A 128 0.74 4.82 -49.01
N ASN A 129 -0.12 4.19 -49.79
CA ASN A 129 0.23 2.96 -50.47
C ASN A 129 1.01 3.26 -51.75
N ASN A 130 1.72 2.25 -52.23
CA ASN A 130 2.52 2.34 -53.45
C ASN A 130 2.10 1.21 -54.39
N ALA A 131 2.86 1.04 -55.48
CA ALA A 131 2.55 0.00 -56.45
C ALA A 131 2.33 -1.34 -55.78
N THR A 132 3.32 -1.79 -55.01
CA THR A 132 3.20 -3.05 -54.28
C THR A 132 3.79 -2.93 -52.87
N ASN A 133 3.70 -1.76 -52.26
CA ASN A 133 4.30 -1.53 -50.95
C ASN A 133 3.63 -0.33 -50.31
N VAL A 134 4.17 0.10 -49.17
CA VAL A 134 3.62 1.20 -48.39
C VAL A 134 4.78 1.97 -47.75
N VAL A 135 4.55 3.24 -47.47
CA VAL A 135 5.56 4.12 -46.88
C VAL A 135 4.91 4.91 -45.75
N ILE A 136 5.50 4.86 -44.56
CA ILE A 136 5.05 5.63 -43.42
C ILE A 136 6.21 6.45 -42.89
N LYS A 137 5.91 7.69 -42.49
CA LYS A 137 6.95 8.60 -42.01
C LYS A 137 6.33 9.58 -41.02
N VAL A 138 7.16 10.06 -40.10
CA VAL A 138 6.78 11.09 -39.14
C VAL A 138 7.80 12.22 -39.29
N CYS A 139 7.40 13.31 -39.94
CA CYS A 139 8.31 14.39 -40.24
C CYS A 139 7.52 15.69 -40.25
N GLU A 140 8.24 16.81 -40.35
CA GLU A 140 7.62 18.13 -40.36
C GLU A 140 7.04 18.43 -41.75
N PHE A 141 6.10 17.59 -42.16
CA PHE A 141 5.48 17.73 -43.47
C PHE A 141 4.64 19.00 -43.52
N GLN A 142 4.78 19.73 -44.62
CA GLN A 142 3.99 20.95 -44.87
C GLN A 142 2.84 20.57 -45.79
N PHE A 143 1.84 19.91 -45.23
CA PHE A 143 0.68 19.48 -46.01
C PHE A 143 0.03 20.67 -46.69
N CYS A 144 -0.13 20.57 -48.00
CA CYS A 144 -0.76 21.62 -48.78
C CYS A 144 -2.28 21.60 -48.58
N ASN A 145 -2.92 22.69 -49.00
CA ASN A 145 -4.37 22.78 -48.87
C ASN A 145 -5.09 21.71 -49.67
N ASP A 146 -4.41 21.10 -50.64
CA ASP A 146 -4.99 20.05 -51.48
C ASP A 146 -3.94 18.97 -51.69
N PRO A 147 -3.80 18.05 -50.73
CA PRO A 147 -2.78 17.00 -50.85
C PRO A 147 -3.23 15.90 -51.81
N PHE A 148 -2.53 15.80 -52.93
CA PHE A 148 -2.83 14.80 -53.95
C PHE A 148 -1.54 14.11 -54.39
N LEU A 149 -1.68 12.88 -54.89
CA LEU A 149 -0.54 12.09 -55.36
C LEU A 149 -0.51 12.20 -56.89
N ASP A 150 0.35 13.07 -57.39
CA ASP A 150 0.51 13.23 -58.83
C ASP A 150 1.23 12.02 -59.42
N VAL A 151 0.94 11.75 -60.68
CA VAL A 151 1.53 10.62 -61.40
C VAL A 151 1.93 11.09 -62.79
N TYR A 152 3.13 10.74 -63.21
CA TYR A 152 3.64 11.12 -64.53
C TYR A 152 3.37 10.00 -65.53
N GLN A 153 2.17 10.05 -66.11
CA GLN A 153 1.75 9.04 -67.07
C GLN A 153 2.13 9.46 -68.49
N TRP A 159 1.33 6.55 -65.09
CA TRP A 159 1.47 5.14 -64.73
C TRP A 159 2.87 4.84 -64.19
N MET A 160 3.61 5.89 -63.85
CA MET A 160 4.96 5.73 -63.32
C MET A 160 5.46 7.08 -62.85
N GLU A 161 6.47 7.05 -61.97
CA GLU A 161 7.15 8.24 -61.49
C GLU A 161 6.16 9.19 -60.80
N SER A 162 5.58 8.71 -59.70
CA SER A 162 4.69 9.54 -58.90
C SER A 162 5.49 10.62 -58.17
N GLU A 163 4.79 11.68 -57.80
CA GLU A 163 5.40 12.82 -57.11
C GLU A 163 4.66 13.07 -55.80
N PHE A 164 5.41 13.37 -54.75
CA PHE A 164 4.85 13.62 -53.42
C PHE A 164 4.58 15.11 -53.24
N ARG A 165 3.59 15.59 -54.00
CA ARG A 165 3.15 16.98 -53.90
C ARG A 165 2.20 17.21 -52.72
N VAL A 166 1.91 16.17 -51.94
CA VAL A 166 1.01 16.34 -50.80
C VAL A 166 1.59 17.32 -49.79
N TYR A 167 2.92 17.45 -49.75
CA TYR A 167 3.58 18.38 -48.85
C TYR A 167 4.68 19.11 -49.59
N SER A 168 5.14 20.21 -48.99
CA SER A 168 6.16 21.04 -49.61
C SER A 168 7.56 20.71 -49.11
N SER A 169 7.71 20.39 -47.83
CA SER A 169 9.02 20.10 -47.28
C SER A 169 8.86 19.30 -45.99
N ALA A 170 9.89 18.52 -45.67
CA ALA A 170 9.88 17.71 -44.45
C ALA A 170 11.34 17.38 -44.12
N ASN A 171 11.84 17.92 -43.01
CA ASN A 171 13.26 17.87 -42.69
C ASN A 171 13.58 16.89 -41.57
N ASN A 172 12.95 17.03 -40.41
CA ASN A 172 13.35 16.25 -39.24
C ASN A 172 13.24 14.75 -39.51
N CYS A 173 12.04 14.27 -39.78
CA CYS A 173 11.82 12.88 -40.17
C CYS A 173 12.40 11.93 -39.12
N THR A 174 11.83 12.00 -37.92
CA THR A 174 12.30 11.23 -36.78
C THR A 174 11.77 9.81 -36.76
N PHE A 175 11.16 9.33 -37.84
CA PHE A 175 10.66 7.97 -37.89
C PHE A 175 10.31 7.61 -39.32
N GLU A 176 10.59 6.36 -39.69
CA GLU A 176 10.24 5.84 -41.01
C GLU A 176 9.96 4.36 -40.88
N TYR A 177 9.00 3.88 -41.65
CA TYR A 177 8.60 2.47 -41.59
C TYR A 177 8.04 2.05 -42.94
N VAL A 178 8.74 1.13 -43.60
CA VAL A 178 8.36 0.64 -44.92
C VAL A 178 8.02 -0.84 -44.76
N SER A 179 6.72 -1.16 -44.72
CA SER A 179 6.29 -2.53 -44.51
C SER A 179 6.41 -3.35 -45.79
N GLN A 180 6.03 -2.77 -46.93
CA GLN A 180 6.03 -3.41 -48.24
C GLN A 180 5.52 -4.85 -48.14
N PRO A 181 4.23 -5.05 -47.82
CA PRO A 181 3.66 -6.39 -47.74
C PRO A 181 3.83 -7.19 -49.03
N GLU A 187 0.43 -2.14 -47.90
CA GLU A 187 -0.42 -2.12 -46.72
C GLU A 187 -1.74 -1.41 -47.03
N GLY A 188 -2.63 -2.11 -47.73
CA GLY A 188 -3.89 -1.54 -48.14
C GLY A 188 -4.25 -1.86 -49.57
N LYS A 189 -3.36 -2.57 -50.27
CA LYS A 189 -3.64 -2.96 -51.64
C LYS A 189 -4.87 -3.86 -51.70
N GLU A 190 -4.83 -4.99 -51.00
CA GLU A 190 -5.97 -5.89 -50.92
C GLU A 190 -6.36 -6.43 -52.29
N GLY A 191 -5.36 -6.67 -53.14
CA GLY A 191 -5.61 -7.19 -54.46
C GLY A 191 -6.21 -6.15 -55.38
N ASN A 192 -6.90 -6.64 -56.41
CA ASN A 192 -7.56 -5.79 -57.40
C ASN A 192 -8.97 -6.26 -57.71
N PHE A 193 -9.52 -7.18 -56.93
CA PHE A 193 -10.88 -7.67 -57.17
C PHE A 193 -11.56 -8.01 -55.86
N ASN A 195 -14.14 -5.93 -52.52
CA ASN A 195 -14.36 -4.56 -52.96
C ASN A 195 -14.32 -3.60 -51.77
N LEU A 196 -15.14 -3.89 -50.76
CA LEU A 196 -15.20 -3.04 -49.58
C LEU A 196 -13.94 -3.20 -48.74
N ARG A 197 -13.52 -2.10 -48.11
CA ARG A 197 -12.38 -2.11 -47.21
C ARG A 197 -12.63 -1.12 -46.09
N GLU A 198 -12.47 -1.57 -44.86
CA GLU A 198 -12.72 -0.77 -43.67
C GLU A 198 -11.44 -0.67 -42.84
N PHE A 199 -11.18 0.51 -42.29
CA PHE A 199 -9.99 0.75 -41.49
C PHE A 199 -10.38 1.52 -40.24
N VAL A 200 -9.76 1.14 -39.12
CA VAL A 200 -9.96 1.81 -37.83
C VAL A 200 -8.61 2.34 -37.37
N PHE A 201 -8.59 3.61 -36.96
CA PHE A 201 -7.37 4.27 -36.53
C PHE A 201 -7.52 4.72 -35.08
N LYS A 202 -6.41 4.71 -34.36
CA LYS A 202 -6.43 5.04 -32.94
C LYS A 202 -5.03 5.41 -32.48
N ASN A 203 -4.94 6.42 -31.63
CA ASN A 203 -3.69 6.86 -31.03
C ASN A 203 -3.84 6.81 -29.52
N ILE A 204 -3.05 5.96 -28.87
CA ILE A 204 -3.15 5.78 -27.42
C ILE A 204 -1.75 5.47 -26.88
N ASP A 205 -1.36 6.20 -25.85
CA ASP A 205 -0.09 5.98 -25.15
C ASP A 205 1.09 6.04 -26.13
N GLY A 206 1.00 6.97 -27.08
CA GLY A 206 2.07 7.16 -28.04
C GLY A 206 2.05 6.17 -29.19
N TYR A 207 1.31 5.07 -29.03
CA TYR A 207 1.21 4.06 -30.06
C TYR A 207 0.04 4.37 -30.99
N PHE A 208 0.28 4.22 -32.29
CA PHE A 208 -0.74 4.46 -33.30
C PHE A 208 -1.21 3.11 -33.84
N LYS A 209 -2.39 2.69 -33.42
CA LYS A 209 -2.95 1.40 -33.82
C LYS A 209 -3.78 1.55 -35.09
N ILE A 210 -3.78 0.51 -35.89
CA ILE A 210 -4.52 0.47 -37.15
C ILE A 210 -5.08 -0.93 -37.34
N TYR A 211 -6.35 -1.01 -37.74
CA TYR A 211 -7.01 -2.25 -38.07
C TYR A 211 -7.56 -2.15 -39.49
N SER A 212 -7.79 -3.32 -40.10
CA SER A 212 -8.22 -3.35 -41.49
C SER A 212 -8.97 -4.64 -41.75
N LYS A 213 -9.88 -4.59 -42.74
CA LYS A 213 -10.64 -5.77 -43.13
C LYS A 213 -11.16 -5.55 -44.54
N HIS A 214 -10.64 -6.31 -45.50
CA HIS A 214 -11.18 -6.31 -46.85
C HIS A 214 -12.43 -7.17 -46.91
N THR A 215 -13.45 -6.66 -47.59
CA THR A 215 -14.75 -7.33 -47.66
C THR A 215 -15.32 -7.21 -49.06
N PRO A 216 -16.06 -8.23 -49.53
CA PRO A 216 -16.71 -8.10 -50.84
C PRO A 216 -17.88 -7.12 -50.81
N ILE A 217 -18.59 -7.02 -51.93
CA ILE A 217 -19.78 -6.16 -52.03
C ILE A 217 -20.80 -6.83 -52.94
N ASN A 218 -21.98 -7.11 -52.39
CA ASN A 218 -23.08 -7.69 -53.15
C ASN A 218 -24.39 -6.99 -52.79
N LEU A 219 -24.34 -5.67 -52.67
CA LEU A 219 -25.50 -4.88 -52.28
C LEU A 219 -25.44 -3.54 -53.02
N GLU A 220 -26.47 -2.73 -52.82
CA GLU A 220 -26.54 -1.43 -53.47
C GLU A 220 -25.43 -0.52 -52.96
N ARG A 221 -25.37 0.69 -53.50
CA ARG A 221 -24.31 1.65 -53.20
C ARG A 221 -24.53 2.21 -51.79
N ASP A 222 -24.10 1.42 -50.79
CA ASP A 222 -24.22 1.80 -49.40
C ASP A 222 -23.48 0.78 -48.55
N LEU A 223 -23.27 1.12 -47.29
CA LEU A 223 -22.61 0.21 -46.37
C LEU A 223 -23.49 -1.00 -46.11
N PRO A 224 -23.01 -2.23 -46.34
CA PRO A 224 -23.85 -3.40 -46.11
C PRO A 224 -23.98 -3.74 -44.64
N GLN A 225 -25.04 -4.46 -44.33
CA GLN A 225 -25.28 -4.91 -42.96
C GLN A 225 -24.36 -6.07 -42.62
N GLY A 226 -24.52 -6.61 -41.42
CA GLY A 226 -23.71 -7.73 -40.96
C GLY A 226 -22.58 -7.28 -40.06
N PHE A 227 -21.67 -8.22 -39.81
CA PHE A 227 -20.54 -8.01 -38.92
C PHE A 227 -19.26 -8.36 -39.66
N SER A 228 -18.30 -7.44 -39.62
CA SER A 228 -17.02 -7.56 -40.32
C SER A 228 -15.88 -7.16 -39.39
N ALA A 229 -15.89 -7.70 -38.18
CA ALA A 229 -14.87 -7.38 -37.17
C ALA A 229 -13.48 -7.32 -37.79
N LEU A 230 -12.82 -6.20 -37.61
CA LEU A 230 -11.54 -5.95 -38.26
C LEU A 230 -10.42 -6.67 -37.54
N GLU A 231 -9.26 -6.73 -38.20
CA GLU A 231 -8.08 -7.40 -37.70
C GLU A 231 -6.94 -6.42 -37.51
N PRO A 232 -6.04 -6.66 -36.55
CA PRO A 232 -4.92 -5.74 -36.37
C PRO A 232 -4.04 -5.66 -37.61
N LEU A 233 -3.56 -4.46 -37.90
CA LEU A 233 -2.68 -4.21 -39.04
C LEU A 233 -1.27 -3.83 -38.62
N VAL A 234 -1.13 -2.90 -37.68
CA VAL A 234 0.19 -2.47 -37.22
C VAL A 234 0.01 -1.70 -35.93
N ASP A 235 1.06 -1.70 -35.10
CA ASP A 235 1.07 -0.96 -33.84
C ASP A 235 2.46 -0.32 -33.73
N LEU A 236 2.58 0.92 -34.17
CA LEU A 236 3.85 1.60 -34.24
C LEU A 236 3.83 2.90 -33.43
N PRO A 237 4.99 3.37 -32.97
CA PRO A 237 5.02 4.61 -32.18
C PRO A 237 5.19 5.85 -33.03
N ILE A 238 4.42 6.87 -32.69
CA ILE A 238 4.52 8.17 -33.34
C ILE A 238 4.77 9.25 -32.31
N GLY A 239 4.04 9.19 -31.19
CA GLY A 239 4.15 10.20 -30.16
C GLY A 239 3.65 11.56 -30.59
N ILE A 240 2.54 11.60 -31.32
CA ILE A 240 1.99 12.85 -31.85
C ILE A 240 0.62 13.08 -31.21
N ASN A 241 0.29 14.35 -31.02
CA ASN A 241 -1.02 14.74 -30.51
C ASN A 241 -1.98 14.95 -31.67
N ILE A 242 -2.25 13.84 -32.37
CA ILE A 242 -3.11 13.89 -33.55
C ILE A 242 -4.48 14.39 -33.14
N THR A 243 -4.92 15.48 -33.77
CA THR A 243 -6.27 16.00 -33.57
C THR A 243 -7.01 16.25 -34.88
N ARG A 244 -6.33 16.20 -36.02
CA ARG A 244 -6.95 16.41 -37.31
C ARG A 244 -6.37 15.44 -38.33
N PHE A 245 -7.20 14.98 -39.25
CA PHE A 245 -6.76 14.04 -40.28
C PHE A 245 -7.47 14.37 -41.58
N GLN A 246 -7.07 13.68 -42.65
CA GLN A 246 -7.66 13.87 -43.96
C GLN A 246 -7.46 12.60 -44.77
N THR A 247 -7.70 12.70 -46.08
CA THR A 247 -7.59 11.57 -46.99
C THR A 247 -6.79 11.98 -48.22
N LEU A 248 -6.03 11.03 -48.75
CA LEU A 248 -5.20 11.24 -49.92
C LEU A 248 -5.76 10.47 -51.11
N LEU A 249 -5.41 10.93 -52.31
CA LEU A 249 -5.87 10.30 -53.54
C LEU A 249 -5.03 10.81 -54.69
N ALA A 250 -4.78 9.91 -55.65
CA ALA A 250 -4.00 10.27 -56.83
C ALA A 250 -4.89 10.92 -57.86
N LEU A 251 -4.50 12.11 -58.32
CA LEU A 251 -5.31 12.84 -59.28
C LEU A 251 -5.46 12.05 -60.58
N HIS A 252 -4.35 11.79 -61.26
CA HIS A 252 -4.35 11.06 -62.53
C HIS A 252 -5.26 11.75 -63.55
N ARG A 253 -4.89 12.98 -63.89
CA ARG A 253 -5.61 13.79 -64.85
C ARG A 253 -5.22 13.49 -66.30
N SER A 254 -4.57 12.34 -66.54
CA SER A 254 -4.05 11.98 -67.85
C SER A 254 -2.80 12.79 -68.18
N TYR A 255 -2.45 13.74 -67.30
CA TYR A 255 -1.26 14.55 -67.47
C TYR A 255 -0.82 15.04 -66.10
N LEU A 256 0.48 15.32 -65.98
CA LEU A 256 1.00 15.84 -64.72
C LEU A 256 0.33 17.17 -64.38
N THR A 257 0.14 17.40 -63.09
CA THR A 257 -0.50 18.63 -62.61
C THR A 257 0.50 19.49 -61.86
N PRO A 258 0.39 20.82 -61.96
CA PRO A 258 1.35 21.69 -61.25
C PRO A 258 1.29 21.53 -59.74
N VAL A 259 2.17 22.24 -59.03
CA VAL A 259 2.21 22.15 -57.58
C VAL A 259 1.04 22.87 -56.94
N ASP A 260 0.42 23.82 -57.63
CA ASP A 260 -0.66 24.59 -57.05
C ASP A 260 -1.80 23.68 -56.61
N SER A 261 -2.47 24.08 -55.54
CA SER A 261 -3.61 23.33 -55.02
C SER A 261 -4.84 23.58 -55.88
N SER A 262 -5.95 22.92 -55.53
CA SER A 262 -7.20 23.05 -56.25
C SER A 262 -7.03 22.68 -57.72
N SER A 263 -6.62 21.43 -57.93
CA SER A 263 -6.37 20.92 -59.28
C SER A 263 -7.69 20.52 -59.94
N GLY A 264 -7.60 19.80 -61.05
CA GLY A 264 -8.78 19.42 -61.81
C GLY A 264 -9.51 18.22 -61.23
N TRP A 265 -10.26 18.46 -60.15
CA TRP A 265 -11.01 17.37 -59.52
C TRP A 265 -11.88 16.62 -60.53
N THR A 266 -12.29 17.29 -61.62
CA THR A 266 -13.15 16.64 -62.60
C THR A 266 -12.58 15.31 -63.06
N ALA A 267 -11.26 15.22 -63.21
CA ALA A 267 -10.63 13.99 -63.65
C ALA A 267 -10.63 12.96 -62.53
N ALA A 271 -15.44 9.77 -52.47
CA ALA A 271 -16.45 8.73 -52.32
C ALA A 271 -16.05 7.75 -51.21
N TYR A 272 -16.03 8.24 -49.97
CA TYR A 272 -15.68 7.42 -48.82
C TYR A 272 -16.53 7.82 -47.64
N TYR A 273 -16.37 7.10 -46.54
CA TYR A 273 -17.11 7.32 -45.31
C TYR A 273 -16.17 7.72 -44.19
N VAL A 274 -16.71 8.43 -43.21
CA VAL A 274 -15.96 8.86 -42.03
C VAL A 274 -16.82 8.65 -40.80
N GLY A 275 -16.23 8.07 -39.76
CA GLY A 275 -16.91 7.87 -38.49
C GLY A 275 -15.98 8.05 -37.32
N TYR A 276 -16.44 8.77 -36.29
CA TYR A 276 -15.63 9.11 -35.14
C TYR A 276 -15.95 8.16 -33.99
N LEU A 277 -14.90 7.61 -33.37
CA LEU A 277 -15.06 6.65 -32.29
C LEU A 277 -15.40 7.35 -30.98
N GLN A 278 -15.83 6.56 -30.01
CA GLN A 278 -16.20 7.06 -28.69
C GLN A 278 -15.92 5.97 -27.67
N PRO A 279 -15.71 6.34 -26.40
CA PRO A 279 -15.59 5.32 -25.35
C PRO A 279 -16.92 4.63 -25.12
N ARG A 280 -16.94 3.31 -25.31
CA ARG A 280 -18.17 2.54 -25.21
C ARG A 280 -17.87 1.23 -24.49
N THR A 281 -18.85 0.34 -24.49
CA THR A 281 -18.72 -0.98 -23.88
C THR A 281 -19.59 -1.95 -24.67
N PHE A 282 -18.95 -2.86 -25.40
CA PHE A 282 -19.64 -3.78 -26.27
C PHE A 282 -19.56 -5.21 -25.73
N LEU A 283 -20.58 -5.99 -26.05
CA LEU A 283 -20.62 -7.42 -25.75
C LEU A 283 -20.35 -8.17 -27.05
N LEU A 284 -19.23 -8.88 -27.10
CA LEU A 284 -18.76 -9.52 -28.32
C LEU A 284 -19.02 -11.01 -28.29
N LYS A 285 -19.37 -11.57 -29.44
CA LYS A 285 -19.56 -12.99 -29.62
C LYS A 285 -18.39 -13.57 -30.40
N TYR A 286 -18.09 -14.85 -30.16
CA TYR A 286 -16.98 -15.54 -30.81
C TYR A 286 -17.49 -16.84 -31.42
N ASN A 287 -17.12 -17.08 -32.67
CA ASN A 287 -17.52 -18.30 -33.35
C ASN A 287 -16.57 -19.44 -32.99
N GLU A 288 -17.05 -20.66 -33.21
CA GLU A 288 -16.23 -21.84 -32.95
C GLU A 288 -14.89 -21.74 -33.69
N ASN A 289 -14.90 -21.14 -34.88
CA ASN A 289 -13.67 -20.95 -35.64
C ASN A 289 -12.81 -19.81 -35.10
N GLY A 290 -13.30 -19.06 -34.13
CA GLY A 290 -12.55 -17.97 -33.53
C GLY A 290 -12.88 -16.60 -34.07
N THR A 291 -13.82 -16.48 -34.99
CA THR A 291 -14.18 -15.20 -35.59
C THR A 291 -15.46 -14.66 -34.98
N ILE A 292 -15.54 -13.33 -34.90
CA ILE A 292 -16.72 -12.68 -34.35
C ILE A 292 -17.86 -12.79 -35.35
N THR A 293 -19.08 -12.94 -34.84
CA THR A 293 -20.27 -13.04 -35.68
C THR A 293 -21.44 -12.22 -35.17
N ASP A 294 -21.31 -11.54 -34.03
CA ASP A 294 -22.38 -10.72 -33.49
C ASP A 294 -21.79 -9.82 -32.41
N ALA A 295 -22.52 -8.74 -32.10
CA ALA A 295 -22.07 -7.79 -31.10
C ALA A 295 -23.29 -7.07 -30.54
N VAL A 296 -23.08 -6.33 -29.45
CA VAL A 296 -24.14 -5.58 -28.80
C VAL A 296 -23.52 -4.34 -28.15
N ASP A 297 -24.13 -3.18 -28.39
CA ASP A 297 -23.71 -1.93 -27.78
C ASP A 297 -24.60 -1.67 -26.56
N CYS A 298 -24.04 -1.86 -25.37
CA CYS A 298 -24.82 -1.73 -24.15
C CYS A 298 -25.41 -0.34 -24.00
N ALA A 299 -24.68 0.69 -24.46
CA ALA A 299 -25.11 2.08 -24.32
C ALA A 299 -25.92 2.57 -25.51
N LEU A 300 -26.55 1.66 -26.26
CA LEU A 300 -27.37 2.05 -27.41
C LEU A 300 -28.83 2.19 -27.01
N ASP A 301 -29.43 1.11 -26.50
CA ASP A 301 -30.83 1.11 -26.12
C ASP A 301 -30.99 0.21 -24.91
N PRO A 302 -32.06 0.39 -24.13
CA PRO A 302 -32.26 -0.45 -22.94
C PRO A 302 -32.15 -1.95 -23.23
N LEU A 303 -32.72 -2.41 -24.34
CA LEU A 303 -32.67 -3.83 -24.66
C LEU A 303 -31.24 -4.31 -24.84
N SER A 304 -30.29 -3.40 -25.03
CA SER A 304 -28.90 -3.77 -25.19
C SER A 304 -28.14 -3.75 -23.88
N GLU A 305 -28.44 -2.79 -23.00
CA GLU A 305 -27.77 -2.73 -21.72
C GLU A 305 -28.21 -3.86 -20.79
N THR A 306 -29.38 -4.47 -21.05
CA THR A 306 -29.81 -5.61 -20.26
C THR A 306 -29.13 -6.89 -20.73
N LYS A 307 -28.97 -7.06 -22.04
CA LYS A 307 -28.27 -8.23 -22.54
C LYS A 307 -26.83 -8.27 -22.02
N CYS A 308 -26.16 -7.12 -22.01
CA CYS A 308 -24.80 -7.06 -21.52
C CYS A 308 -24.70 -7.53 -20.07
N THR A 309 -25.70 -7.19 -19.25
CA THR A 309 -25.69 -7.66 -17.87
C THR A 309 -26.09 -9.13 -17.78
N LEU A 310 -27.12 -9.53 -18.52
CA LEU A 310 -27.49 -10.93 -18.58
C LEU A 310 -26.47 -11.77 -19.34
N LYS A 311 -25.58 -11.13 -20.09
CA LYS A 311 -24.55 -11.83 -20.85
C LYS A 311 -25.15 -12.79 -21.87
N SER A 312 -26.33 -12.46 -22.39
CA SER A 312 -26.99 -13.28 -23.39
C SER A 312 -27.67 -12.37 -24.41
N PHE A 313 -27.57 -12.74 -25.68
CA PHE A 313 -28.18 -11.95 -26.75
C PHE A 313 -29.68 -12.14 -26.84
N THR A 314 -30.26 -13.01 -26.02
CA THR A 314 -31.71 -13.23 -25.97
C THR A 314 -32.20 -12.89 -24.57
N VAL A 315 -33.25 -12.09 -24.49
CA VAL A 315 -33.81 -11.62 -23.24
C VAL A 315 -35.22 -12.16 -23.13
N GLU A 316 -35.47 -12.96 -22.10
CA GLU A 316 -36.81 -13.49 -21.86
C GLU A 316 -37.74 -12.36 -21.40
N LYS A 317 -38.98 -12.75 -21.12
CA LYS A 317 -40.02 -11.78 -20.77
C LYS A 317 -39.92 -11.38 -19.30
N GLY A 318 -39.97 -10.09 -19.04
CA GLY A 318 -40.04 -9.59 -17.68
C GLY A 318 -39.28 -8.28 -17.53
N ILE A 319 -38.77 -8.07 -16.32
CA ILE A 319 -38.05 -6.87 -15.94
C ILE A 319 -36.61 -7.27 -15.63
N TYR A 320 -36.11 -8.24 -16.40
CA TYR A 320 -34.95 -9.04 -16.00
C TYR A 320 -33.79 -8.23 -15.46
N GLN A 321 -33.70 -6.93 -15.74
CA GLN A 321 -32.54 -6.17 -15.30
C GLN A 321 -32.93 -4.77 -14.85
N THR A 322 -32.50 -4.41 -13.65
CA THR A 322 -32.42 -3.02 -13.23
C THR A 322 -31.07 -2.51 -13.71
N SER A 323 -31.07 -1.94 -14.92
CA SER A 323 -29.82 -1.71 -15.64
C SER A 323 -28.84 -0.88 -14.84
N ASN A 324 -29.20 0.38 -14.56
CA ASN A 324 -28.26 1.30 -13.93
C ASN A 324 -29.07 2.41 -13.26
N PHE A 325 -28.38 3.49 -12.88
CA PHE A 325 -28.99 4.63 -12.23
C PHE A 325 -28.68 5.89 -13.03
N ARG A 326 -29.32 6.99 -12.63
CA ARG A 326 -29.20 8.25 -13.32
C ARG A 326 -28.23 9.17 -12.58
N VAL A 327 -27.46 9.94 -13.36
CA VAL A 327 -26.45 10.84 -12.82
C VAL A 327 -26.29 12.01 -13.79
N GLN A 328 -25.65 13.07 -13.31
CA GLN A 328 -25.38 14.25 -14.12
C GLN A 328 -23.97 14.76 -13.81
N PRO A 329 -23.14 15.01 -14.82
CA PRO A 329 -21.78 15.50 -14.56
C PRO A 329 -21.77 16.99 -14.22
N THR A 330 -20.59 17.45 -13.81
CA THR A 330 -20.44 18.83 -13.35
C THR A 330 -19.00 19.27 -13.59
N GLU A 331 -18.68 20.48 -13.11
CA GLU A 331 -17.34 21.05 -13.20
C GLU A 331 -17.31 22.33 -12.37
N SER A 332 -16.15 22.62 -11.79
CA SER A 332 -16.01 23.76 -10.89
C SER A 332 -14.52 24.00 -10.63
N ILE A 333 -14.22 24.88 -9.67
CA ILE A 333 -12.85 25.27 -9.35
C ILE A 333 -12.57 24.95 -7.89
N VAL A 334 -11.37 25.31 -7.41
CA VAL A 334 -10.88 24.89 -6.09
C VAL A 334 -10.22 26.06 -5.40
N ARG A 335 -9.85 25.84 -4.13
CA ARG A 335 -8.97 26.73 -3.37
C ARG A 335 -9.65 28.04 -2.93
N PHE A 336 -10.92 27.96 -2.54
CA PHE A 336 -11.53 29.08 -1.83
C PHE A 336 -10.88 29.20 -0.44
N PRO A 337 -10.83 30.41 0.14
CA PRO A 337 -11.17 31.75 -0.35
C PRO A 337 -9.95 32.51 -0.89
N ASN A 338 -10.10 33.80 -1.17
CA ASN A 338 -9.01 34.60 -1.71
C ASN A 338 -8.88 35.95 -1.00
N ILE A 339 -9.97 36.41 -0.38
CA ILE A 339 -9.99 37.75 0.20
C ILE A 339 -9.45 37.73 1.63
N THR A 340 -8.86 36.60 2.03
CA THR A 340 -8.38 36.46 3.40
C THR A 340 -7.33 37.51 3.74
N ASN A 341 -6.46 37.84 2.80
CA ASN A 341 -5.36 38.76 3.09
C ASN A 341 -4.63 39.07 1.79
N LEU A 342 -3.79 40.10 1.85
CA LEU A 342 -2.89 40.45 0.76
C LEU A 342 -1.52 39.82 1.03
N CYS A 343 -0.52 40.22 0.23
CA CYS A 343 0.83 39.72 0.41
C CYS A 343 1.82 40.88 0.34
N PRO A 344 2.89 40.84 1.16
CA PRO A 344 3.88 41.93 1.11
C PRO A 344 4.90 41.77 -0.01
N PHE A 345 4.60 40.91 -0.99
CA PHE A 345 5.52 40.72 -2.12
C PHE A 345 6.00 42.05 -2.68
N HIS A 346 5.14 43.07 -2.69
CA HIS A 346 5.56 44.38 -3.21
C HIS A 346 6.69 44.98 -2.40
N GLU A 347 6.84 44.60 -1.14
CA GLU A 347 7.88 45.20 -0.30
C GLU A 347 9.28 44.84 -0.81
N VAL A 348 9.43 43.68 -1.45
CA VAL A 348 10.73 43.26 -1.93
C VAL A 348 11.00 43.68 -3.37
N PHE A 349 9.95 43.90 -4.17
CA PHE A 349 10.12 44.30 -5.55
C PHE A 349 10.14 45.81 -5.73
N ASN A 350 9.59 46.56 -4.78
CA ASN A 350 9.55 48.01 -4.85
C ASN A 350 10.62 48.58 -3.92
N ALA A 351 11.66 49.17 -4.50
CA ALA A 351 12.75 49.76 -3.72
C ALA A 351 13.62 50.58 -4.66
N THR A 352 14.19 51.66 -4.14
CA THR A 352 15.02 52.53 -4.95
C THR A 352 16.45 52.02 -5.08
N THR A 353 16.94 51.30 -4.07
CA THR A 353 18.31 50.79 -4.09
C THR A 353 18.37 49.49 -3.30
N PHE A 354 19.03 48.48 -3.86
CA PHE A 354 19.18 47.20 -3.20
C PHE A 354 20.47 47.18 -2.37
N ALA A 355 20.67 46.07 -1.67
CA ALA A 355 21.87 45.90 -0.86
C ALA A 355 23.05 45.47 -1.72
N SER A 356 24.25 45.73 -1.22
CA SER A 356 25.46 45.36 -1.92
C SER A 356 25.56 43.84 -2.06
N VAL A 357 26.42 43.40 -2.97
CA VAL A 357 26.58 41.98 -3.22
C VAL A 357 27.13 41.28 -1.98
N TYR A 358 28.03 41.94 -1.26
CA TYR A 358 28.59 41.34 -0.05
C TYR A 358 27.60 41.36 1.11
N ALA A 359 26.51 42.11 1.00
CA ALA A 359 25.48 42.19 2.03
C ALA A 359 24.10 41.94 1.44
N TRP A 360 23.99 40.91 0.60
CA TRP A 360 22.72 40.57 -0.04
C TRP A 360 21.63 40.44 1.00
N ASN A 361 20.46 40.99 0.68
CA ASN A 361 19.33 40.98 1.60
C ASN A 361 18.59 39.65 1.53
N ARG A 362 17.88 39.34 2.62
CA ARG A 362 17.05 38.13 2.71
C ARG A 362 15.75 38.52 3.40
N LYS A 363 14.72 38.81 2.61
CA LYS A 363 13.43 39.23 3.14
C LYS A 363 12.59 37.99 3.43
N ARG A 364 12.35 37.72 4.71
CA ARG A 364 11.51 36.59 5.09
C ARG A 364 10.06 36.90 4.78
N ILE A 365 9.39 35.98 4.09
CA ILE A 365 8.00 36.12 3.69
C ILE A 365 7.23 34.91 4.17
N SER A 366 6.04 35.14 4.71
CA SER A 366 5.18 34.08 5.22
C SER A 366 3.88 34.73 5.68
N ASN A 367 2.86 33.89 5.87
CA ASN A 367 1.54 34.34 6.33
C ASN A 367 0.97 35.40 5.37
N CYS A 368 0.74 34.97 4.14
CA CYS A 368 0.24 35.84 3.09
C CYS A 368 -0.60 35.00 2.13
N VAL A 369 -0.86 35.54 0.94
CA VAL A 369 -1.62 34.85 -0.10
C VAL A 369 -0.70 34.62 -1.29
N ALA A 370 -0.74 33.41 -1.84
CA ALA A 370 0.11 33.02 -2.95
C ALA A 370 -0.36 33.72 -4.22
N ASP A 371 0.31 34.81 -4.59
CA ASP A 371 -0.03 35.56 -5.80
C ASP A 371 1.22 36.31 -6.25
N TYR A 372 1.87 35.79 -7.29
CA TYR A 372 3.05 36.42 -7.88
C TYR A 372 2.71 37.22 -9.13
N SER A 373 1.42 37.45 -9.39
CA SER A 373 1.03 38.20 -10.58
C SER A 373 1.61 39.60 -10.58
N VAL A 374 1.88 40.16 -9.40
CA VAL A 374 2.50 41.47 -9.29
C VAL A 374 3.86 41.52 -9.96
N ILE A 375 4.46 40.36 -10.23
CA ILE A 375 5.75 40.33 -10.92
C ILE A 375 5.59 40.48 -12.42
N TYR A 376 4.38 40.27 -12.95
CA TYR A 376 4.17 40.31 -14.39
C TYR A 376 4.04 41.74 -14.92
N ASN A 377 3.69 42.70 -14.06
CA ASN A 377 3.53 44.08 -14.49
C ASN A 377 4.83 44.86 -14.47
N PHE A 378 5.94 44.25 -14.07
CA PHE A 378 7.24 44.91 -14.06
C PHE A 378 7.89 44.82 -15.44
N ALA A 379 9.03 45.50 -15.58
CA ALA A 379 9.74 45.52 -16.85
C ALA A 379 10.18 44.10 -17.22
N PRO A 380 10.50 43.87 -18.49
CA PRO A 380 10.94 42.53 -18.91
C PRO A 380 12.19 42.11 -18.15
N PHE A 381 12.21 40.83 -17.76
CA PHE A 381 13.33 40.26 -17.02
C PHE A 381 14.33 39.68 -18.00
N PHE A 382 15.57 40.19 -17.97
CA PHE A 382 16.60 39.72 -18.88
C PHE A 382 16.98 38.26 -18.58
N ALA A 383 16.85 37.84 -17.33
CA ALA A 383 17.19 36.49 -16.92
C ALA A 383 16.11 35.94 -15.99
N PHE A 384 15.62 34.74 -16.28
CA PHE A 384 14.56 34.12 -15.48
C PHE A 384 14.90 32.64 -15.39
N LYS A 385 15.75 32.25 -14.46
CA LYS A 385 16.17 30.85 -14.38
C LYS A 385 15.75 30.15 -13.10
N CYS A 386 14.69 29.35 -13.18
CA CYS A 386 14.26 28.59 -12.02
C CYS A 386 15.00 27.27 -11.96
N TYR A 387 15.44 26.89 -10.77
CA TYR A 387 16.18 25.65 -10.60
C TYR A 387 15.38 24.65 -9.80
N GLY A 388 14.27 25.11 -9.23
CA GLY A 388 13.41 24.19 -8.49
C GLY A 388 12.35 23.61 -9.40
N VAL A 389 11.22 24.31 -9.51
CA VAL A 389 10.14 23.84 -10.39
C VAL A 389 9.99 24.83 -11.52
N SER A 390 8.77 24.96 -12.06
CA SER A 390 8.54 25.97 -13.08
C SER A 390 8.09 27.28 -12.43
N PRO A 391 8.39 28.42 -13.06
CA PRO A 391 8.01 29.70 -12.46
C PRO A 391 6.50 29.92 -12.39
N THR A 392 5.73 29.28 -13.27
CA THR A 392 4.28 29.48 -13.26
C THR A 392 3.61 28.70 -12.13
N LYS A 393 4.16 27.56 -11.74
CA LYS A 393 3.56 26.76 -10.68
C LYS A 393 3.65 27.44 -9.33
N LEU A 394 4.55 28.41 -9.17
CA LEU A 394 4.64 29.13 -7.90
C LEU A 394 3.29 29.72 -7.49
N ASN A 395 2.49 30.07 -8.49
CA ASN A 395 1.19 30.69 -8.23
C ASN A 395 0.17 29.62 -7.95
N ASP A 396 0.61 28.45 -7.50
CA ASP A 396 -0.30 27.33 -7.24
C ASP A 396 0.13 26.54 -6.01
N LEU A 397 1.44 26.43 -5.79
CA LEU A 397 1.92 25.57 -4.69
C LEU A 397 1.88 26.15 -3.28
N CYS A 398 1.86 25.27 -2.29
CA CYS A 398 1.85 25.70 -0.90
C CYS A 398 3.26 25.59 -0.34
N PHE A 399 3.75 26.66 0.28
CA PHE A 399 5.11 26.65 0.82
C PHE A 399 5.10 26.78 2.33
N THR A 400 6.21 26.45 2.99
CA THR A 400 6.30 26.59 4.44
C THR A 400 7.02 27.88 4.77
N ASN A 401 7.90 28.35 3.89
CA ASN A 401 8.56 29.64 4.04
C ASN A 401 9.25 29.99 2.74
N VAL A 402 9.52 31.28 2.56
CA VAL A 402 10.15 31.79 1.34
C VAL A 402 11.08 32.93 1.72
N TYR A 403 12.25 32.96 1.08
CA TYR A 403 13.23 34.01 1.26
C TYR A 403 13.53 34.64 -0.10
N ALA A 404 13.06 35.88 -0.29
CA ALA A 404 13.24 36.60 -1.55
C ALA A 404 14.47 37.48 -1.41
N ASP A 405 15.63 36.95 -1.80
CA ASP A 405 16.86 37.71 -1.76
C ASP A 405 16.93 38.67 -2.94
N SER A 406 17.75 39.71 -2.78
CA SER A 406 17.90 40.73 -3.80
C SER A 406 19.27 41.35 -3.71
N PHE A 407 19.80 41.74 -4.88
CA PHE A 407 21.11 42.38 -4.97
C PHE A 407 21.29 42.81 -6.42
N VAL A 408 22.42 43.47 -6.70
CA VAL A 408 22.71 44.01 -8.02
C VAL A 408 24.11 43.55 -8.44
N ILE A 409 24.26 43.28 -9.74
CA ILE A 409 25.52 42.90 -10.34
C ILE A 409 25.69 43.66 -11.64
N ARG A 410 26.84 43.48 -12.30
CA ARG A 410 27.16 44.21 -13.51
C ARG A 410 26.54 43.60 -14.76
N GLY A 411 25.56 42.73 -14.61
CA GLY A 411 24.86 42.15 -15.75
C GLY A 411 25.41 40.79 -16.17
N ASN A 412 26.70 40.71 -16.49
CA ASN A 412 27.28 39.46 -16.96
C ASN A 412 27.65 38.53 -15.82
N GLU A 413 27.79 39.04 -14.59
CA GLU A 413 28.13 38.21 -13.44
C GLU A 413 26.99 37.30 -13.01
N VAL A 414 25.82 37.39 -13.65
CA VAL A 414 24.72 36.52 -13.29
C VAL A 414 25.09 35.05 -13.52
N SER A 415 26.00 34.79 -14.46
CA SER A 415 26.40 33.42 -14.74
C SER A 415 27.01 32.73 -13.52
N GLN A 416 27.42 33.49 -12.51
CA GLN A 416 28.02 32.91 -11.31
C GLN A 416 26.99 32.64 -10.21
N ILE A 417 25.82 33.28 -10.27
CA ILE A 417 24.80 33.12 -9.24
C ILE A 417 23.97 31.91 -9.65
N ALA A 418 24.45 30.73 -9.25
CA ALA A 418 23.75 29.48 -9.54
C ALA A 418 24.44 28.32 -8.81
N PRO A 419 23.70 27.27 -8.45
CA PRO A 419 24.36 26.12 -7.80
C PRO A 419 25.38 25.48 -8.73
N GLY A 420 26.53 25.12 -8.16
CA GLY A 420 27.59 24.48 -8.89
C GLY A 420 28.56 25.43 -9.58
N GLN A 421 28.10 26.62 -9.93
CA GLN A 421 28.95 27.59 -10.60
C GLN A 421 30.10 28.01 -9.68
N THR A 422 31.09 28.67 -10.28
CA THR A 422 32.26 29.15 -9.57
C THR A 422 32.49 30.61 -9.91
N GLY A 423 33.39 31.24 -9.17
CA GLY A 423 33.72 32.65 -9.36
C GLY A 423 33.80 33.36 -8.02
N ASN A 424 34.44 34.53 -8.04
CA ASN A 424 34.59 35.30 -6.81
C ASN A 424 33.25 35.53 -6.12
N ILE A 425 32.22 35.87 -6.91
CA ILE A 425 30.91 36.12 -6.33
C ILE A 425 30.39 34.88 -5.62
N ALA A 426 30.22 33.79 -6.38
CA ALA A 426 29.66 32.57 -5.82
C ALA A 426 30.54 31.97 -4.72
N ASP A 427 31.81 32.38 -4.65
CA ASP A 427 32.73 31.79 -3.69
C ASP A 427 32.89 32.62 -2.41
N TYR A 428 32.61 33.92 -2.46
CA TYR A 428 32.89 34.79 -1.32
C TYR A 428 31.73 35.69 -0.91
N ASN A 429 30.70 35.86 -1.74
CA ASN A 429 29.60 36.77 -1.44
C ASN A 429 28.25 36.08 -1.33
N TYR A 430 27.91 35.24 -2.30
CA TYR A 430 26.59 34.60 -2.34
C TYR A 430 26.76 33.17 -2.85
N LYS A 431 26.80 32.22 -1.93
CA LYS A 431 26.93 30.81 -2.25
C LYS A 431 25.62 30.09 -1.95
N LEU A 432 25.21 29.23 -2.88
CA LEU A 432 23.98 28.46 -2.72
C LEU A 432 24.30 26.98 -2.54
N PRO A 433 23.52 26.26 -1.75
CA PRO A 433 23.77 24.82 -1.57
C PRO A 433 23.27 24.01 -2.75
N ASP A 434 23.72 22.75 -2.80
CA ASP A 434 23.31 21.85 -3.87
C ASP A 434 21.80 21.58 -3.81
N ASP A 435 21.20 21.64 -2.62
CA ASP A 435 19.79 21.39 -2.45
C ASP A 435 18.95 22.67 -2.54
N PHE A 436 19.50 23.73 -3.13
CA PHE A 436 18.75 24.97 -3.25
C PHE A 436 17.51 24.78 -4.11
N THR A 437 16.44 25.49 -3.77
CA THR A 437 15.19 25.43 -4.50
C THR A 437 14.62 26.82 -4.60
N GLY A 438 14.52 27.35 -5.82
CA GLY A 438 14.00 28.67 -6.03
C GLY A 438 14.19 29.10 -7.47
N CYS A 439 14.01 30.40 -7.69
CA CYS A 439 14.15 31.00 -9.01
C CYS A 439 15.07 32.20 -8.94
N VAL A 440 15.83 32.42 -10.01
CA VAL A 440 16.73 33.55 -10.14
C VAL A 440 16.14 34.50 -11.18
N ILE A 441 15.76 35.68 -10.75
CA ILE A 441 15.11 36.68 -11.61
C ILE A 441 15.97 37.94 -11.60
N ALA A 442 16.10 38.55 -12.78
CA ALA A 442 16.87 39.78 -12.92
C ALA A 442 16.34 40.57 -14.10
N TRP A 443 16.57 41.88 -14.05
CA TRP A 443 16.14 42.77 -15.13
C TRP A 443 17.06 43.98 -15.15
N ASN A 444 17.11 44.68 -16.29
CA ASN A 444 17.96 45.87 -16.44
C ASN A 444 17.53 47.04 -15.55
N SER A 445 18.50 47.70 -14.92
CA SER A 445 18.20 48.88 -14.12
C SER A 445 19.25 49.96 -14.29
N ASN A 446 19.59 50.28 -15.54
CA ASN A 446 20.58 51.32 -15.80
C ASN A 446 20.02 52.69 -15.47
N LYS A 447 18.71 52.86 -15.60
CA LYS A 447 18.09 54.15 -15.34
C LYS A 447 17.81 54.37 -13.86
N LEU A 448 17.68 53.29 -13.11
CA LEU A 448 17.34 53.43 -11.69
C LEU A 448 18.52 53.19 -10.76
N ASP A 449 19.48 52.36 -11.17
CA ASP A 449 20.59 52.03 -10.28
C ASP A 449 21.96 52.45 -10.82
N SER A 450 22.01 53.38 -11.76
CA SER A 450 23.29 53.89 -12.24
C SER A 450 23.23 55.41 -12.29
N LYS A 451 24.37 56.06 -12.14
CA LYS A 451 24.37 57.51 -12.09
C LYS A 451 25.36 58.14 -13.09
N PRO A 452 25.01 59.31 -13.75
CA PRO A 452 26.09 59.85 -14.60
C PRO A 452 27.37 60.15 -13.84
N SER A 453 27.27 60.44 -12.54
CA SER A 453 28.45 60.68 -11.72
C SER A 453 29.12 59.40 -11.26
N GLY A 454 28.54 58.24 -11.55
CA GLY A 454 29.12 56.98 -11.12
C GLY A 454 28.53 56.48 -9.81
N ASN A 455 27.92 55.30 -9.84
CA ASN A 455 27.29 54.71 -8.67
C ASN A 455 28.33 53.85 -7.96
N TYR A 456 28.85 54.36 -6.84
CA TYR A 456 29.85 53.67 -6.03
C TYR A 456 29.27 53.13 -4.73
N ASN A 457 27.95 52.92 -4.69
CA ASN A 457 27.30 52.46 -3.46
C ASN A 457 27.28 50.95 -3.34
N TYR A 458 27.31 50.21 -4.44
CA TYR A 458 27.30 48.75 -4.42
C TYR A 458 28.73 48.23 -4.35
N LEU A 459 28.97 47.30 -3.44
CA LEU A 459 30.27 46.67 -3.26
C LEU A 459 30.13 45.17 -3.45
N TYR A 460 31.25 44.52 -3.78
CA TYR A 460 31.24 43.09 -4.05
C TYR A 460 32.37 42.34 -3.37
N ARG A 461 33.23 43.01 -2.63
CA ARG A 461 34.27 42.36 -1.82
C ARG A 461 35.06 41.35 -2.66
N LEU A 462 35.79 41.91 -3.62
CA LEU A 462 36.57 41.10 -4.57
C LEU A 462 37.39 40.05 -3.84
N LEU A 463 38.17 40.47 -2.85
CA LEU A 463 39.12 39.60 -2.16
C LEU A 463 38.55 39.12 -0.84
N ARG A 464 39.01 37.94 -0.41
CA ARG A 464 38.62 37.38 0.87
C ARG A 464 39.58 36.25 1.20
N LYS A 465 39.68 35.94 2.50
CA LYS A 465 40.65 34.95 2.95
C LYS A 465 40.22 33.53 2.60
N SER A 466 38.93 33.23 2.70
CA SER A 466 38.42 31.89 2.44
C SER A 466 37.08 31.99 1.73
N LYS A 467 36.61 30.85 1.24
CA LYS A 467 35.33 30.79 0.54
C LYS A 467 34.17 30.87 1.53
N LEU A 468 33.06 31.44 1.08
CA LEU A 468 31.88 31.60 1.90
C LEU A 468 31.01 30.35 1.80
N LYS A 469 30.33 30.03 2.91
CA LYS A 469 29.48 28.86 2.98
C LYS A 469 28.07 29.20 2.50
N PRO A 470 27.25 28.19 2.19
CA PRO A 470 25.89 28.47 1.72
C PRO A 470 25.05 29.17 2.79
N PHE A 471 24.25 30.13 2.36
CA PHE A 471 23.32 30.85 3.21
C PHE A 471 24.01 31.58 4.36
N GLU A 472 25.20 32.13 4.10
CA GLU A 472 25.92 32.92 5.09
C GLU A 472 26.24 34.31 4.51
N ARG A 473 26.65 35.20 5.40
CA ARG A 473 26.97 36.58 5.03
C ARG A 473 28.12 37.07 5.89
N ASP A 474 28.97 37.90 5.28
CA ASP A 474 30.14 38.47 5.97
C ASP A 474 30.19 39.95 5.64
N ILE A 475 29.74 40.79 6.58
CA ILE A 475 29.72 42.24 6.39
C ILE A 475 30.89 42.91 7.10
N SER A 476 31.90 42.15 7.50
CA SER A 476 33.05 42.73 8.18
C SER A 476 33.80 43.68 7.25
N THR A 477 34.13 44.87 7.76
CA THR A 477 34.84 45.87 6.98
C THR A 477 36.33 45.91 7.32
N GLU A 478 36.85 44.87 7.96
CA GLU A 478 38.26 44.81 8.30
C GLU A 478 39.11 44.72 7.04
N ILE A 479 40.37 45.14 7.17
CA ILE A 479 41.29 45.14 6.05
C ILE A 479 41.76 43.71 5.80
N TYR A 480 41.86 43.35 4.52
CA TYR A 480 42.29 42.01 4.14
C TYR A 480 43.80 41.89 4.22
N GLN A 481 44.27 40.80 4.81
CA GLN A 481 45.69 40.53 4.98
C GLN A 481 46.15 39.55 3.92
N ALA A 482 47.12 39.97 3.11
CA ALA A 482 47.67 39.13 2.05
C ALA A 482 49.08 38.64 2.35
N GLY A 483 49.89 39.43 3.05
CA GLY A 483 51.25 39.04 3.39
C GLY A 483 51.31 38.25 4.68
N ASN A 484 52.54 38.01 5.13
CA ASN A 484 52.77 37.25 6.35
C ASN A 484 52.77 38.12 7.60
N LYS A 485 53.24 39.37 7.49
CA LYS A 485 53.29 40.24 8.64
C LYS A 485 51.88 40.70 9.00
N PRO A 486 51.55 40.81 10.30
CA PRO A 486 50.23 41.31 10.66
C PRO A 486 49.99 42.72 10.12
N CYS A 487 48.80 42.95 9.59
CA CYS A 487 48.44 44.25 9.05
C CYS A 487 48.12 45.21 10.19
N ASN A 488 48.38 46.50 9.94
CA ASN A 488 48.17 47.55 10.93
C ASN A 488 46.73 48.06 10.94
N GLY A 489 45.78 47.33 10.35
CA GLY A 489 44.39 47.75 10.32
C GLY A 489 44.07 48.75 9.24
N VAL A 490 45.03 49.15 8.42
CA VAL A 490 44.81 50.11 7.35
C VAL A 490 45.51 49.59 6.09
N ALA A 491 45.25 50.26 4.97
CA ALA A 491 45.86 49.87 3.71
C ALA A 491 47.38 49.93 3.82
N GLY A 492 48.04 48.90 3.29
CA GLY A 492 49.48 48.83 3.32
C GLY A 492 50.04 48.05 2.16
N PRO A 493 51.37 47.95 2.08
CA PRO A 493 51.99 47.21 0.97
C PRO A 493 51.59 45.75 0.90
N ASN A 494 51.10 45.17 2.00
CA ASN A 494 50.72 43.76 2.04
C ASN A 494 49.27 43.55 2.43
N CYS A 495 48.50 44.61 2.60
CA CYS A 495 47.09 44.49 2.93
C CYS A 495 46.33 45.70 2.39
N TYR A 496 45.19 45.45 1.76
CA TYR A 496 44.36 46.49 1.18
C TYR A 496 42.91 46.23 1.53
N SER A 497 42.07 47.22 1.27
CA SER A 497 40.64 47.08 1.54
C SER A 497 40.01 46.15 0.51
N PRO A 498 39.37 45.05 0.93
CA PRO A 498 38.78 44.13 -0.06
C PRO A 498 37.43 44.59 -0.60
N LEU A 499 36.72 45.47 0.11
CA LEU A 499 35.39 45.91 -0.30
C LEU A 499 35.54 46.89 -1.47
N GLN A 500 35.62 46.33 -2.68
CA GLN A 500 35.71 47.16 -3.87
C GLN A 500 34.34 47.72 -4.23
N SER A 501 34.34 48.80 -5.01
CA SER A 501 33.13 49.51 -5.38
C SER A 501 33.01 49.57 -6.90
N TYR A 502 31.76 49.58 -7.37
CA TYR A 502 31.47 49.69 -8.80
C TYR A 502 31.44 51.16 -9.22
N GLY A 503 31.31 51.36 -10.53
CA GLY A 503 31.26 52.70 -11.09
C GLY A 503 30.17 52.84 -12.15
N PHE A 504 29.05 52.15 -11.94
CA PHE A 504 27.98 52.14 -12.93
C PHE A 504 27.65 53.55 -13.41
N ARG A 505 27.65 53.72 -14.74
CA ARG A 505 27.26 54.96 -15.38
C ARG A 505 26.44 54.63 -16.62
N PRO A 506 25.56 55.54 -17.04
CA PRO A 506 24.70 55.22 -18.20
C PRO A 506 25.49 54.93 -19.47
N THR A 507 26.69 55.48 -19.62
CA THR A 507 27.48 55.27 -20.83
C THR A 507 27.94 53.83 -20.99
N TYR A 508 27.89 53.03 -19.93
CA TYR A 508 28.34 51.64 -20.03
C TYR A 508 27.36 50.82 -20.87
N GLY A 509 27.91 49.82 -21.56
CA GLY A 509 27.13 48.93 -22.39
C GLY A 509 26.81 47.62 -21.70
N VAL A 510 26.35 46.66 -22.52
CA VAL A 510 26.00 45.36 -21.99
C VAL A 510 27.21 44.74 -21.27
N GLY A 511 26.94 43.97 -20.23
CA GLY A 511 27.97 43.36 -19.43
C GLY A 511 28.51 44.23 -18.32
N HIS A 512 28.18 45.52 -18.30
CA HIS A 512 28.63 46.43 -17.26
C HIS A 512 27.51 47.21 -16.58
N GLN A 513 26.33 47.33 -17.20
CA GLN A 513 25.24 48.06 -16.58
C GLN A 513 24.71 47.28 -15.37
N PRO A 514 24.13 47.98 -14.40
CA PRO A 514 23.61 47.29 -13.21
C PRO A 514 22.23 46.70 -13.47
N TYR A 515 22.09 45.40 -13.25
CA TYR A 515 20.83 44.69 -13.37
C TYR A 515 20.31 44.35 -11.98
N ARG A 516 19.04 44.67 -11.72
CA ARG A 516 18.43 44.36 -10.44
C ARG A 516 18.05 42.89 -10.40
N VAL A 517 18.62 42.16 -9.46
CA VAL A 517 18.42 40.71 -9.33
C VAL A 517 17.59 40.43 -8.10
N VAL A 518 16.61 39.55 -8.24
CA VAL A 518 15.77 39.08 -7.14
C VAL A 518 15.73 37.57 -7.21
N VAL A 519 16.14 36.91 -6.13
CA VAL A 519 16.19 35.45 -6.05
C VAL A 519 15.01 35.01 -5.18
N LEU A 520 14.05 34.34 -5.79
CA LEU A 520 12.90 33.81 -5.06
C LEU A 520 13.16 32.35 -4.69
N SER A 521 12.91 32.01 -3.42
CA SER A 521 13.13 30.67 -2.92
C SER A 521 11.93 30.24 -2.08
N PHE A 522 11.84 28.94 -1.84
CA PHE A 522 10.78 28.37 -1.03
C PHE A 522 11.28 27.12 -0.34
N GLU A 523 10.52 26.66 0.65
CA GLU A 523 10.89 25.52 1.47
C GLU A 523 9.69 24.59 1.59
N LEU A 524 9.87 23.34 1.18
CA LEU A 524 8.83 22.32 1.26
C LEU A 524 9.01 21.51 2.54
N LEU A 525 7.97 21.48 3.36
CA LEU A 525 8.04 20.77 4.64
C LEU A 525 6.67 20.15 4.92
N HIS A 526 6.69 19.06 5.69
CA HIS A 526 5.45 18.43 6.13
C HIS A 526 4.69 19.29 7.14
N ALA A 527 5.33 20.32 7.70
CA ALA A 527 4.65 21.21 8.63
C ALA A 527 3.52 21.95 7.92
N PRO A 528 2.62 22.56 8.67
CA PRO A 528 1.52 23.29 8.03
C PRO A 528 2.04 24.39 7.10
N ALA A 529 1.40 24.51 5.94
CA ALA A 529 1.78 25.52 4.99
C ALA A 529 1.54 26.92 5.55
N THR A 530 2.00 27.93 4.82
CA THR A 530 1.89 29.31 5.25
C THR A 530 0.99 30.15 4.35
N VAL A 531 1.24 30.15 3.03
CA VAL A 531 0.45 30.99 2.13
C VAL A 531 -0.63 30.16 1.46
N CYS A 532 -0.23 29.23 0.59
CA CYS A 532 -1.06 28.11 0.15
C CYS A 532 -2.38 28.52 -0.51
N GLY A 533 -2.62 29.83 -0.67
CA GLY A 533 -3.82 30.28 -1.34
C GLY A 533 -3.51 30.85 -2.71
N PRO A 534 -3.72 30.07 -3.77
CA PRO A 534 -3.39 30.56 -5.11
C PRO A 534 -4.52 31.31 -5.82
N LYS A 535 -5.77 30.93 -5.56
CA LYS A 535 -6.89 31.40 -6.36
C LYS A 535 -8.17 31.19 -5.56
N LYS A 536 -9.31 31.27 -6.25
CA LYS A 536 -10.63 31.02 -5.67
C LYS A 536 -11.23 29.74 -6.25
N SER A 537 -12.22 29.21 -5.54
CA SER A 537 -12.95 28.03 -5.96
C SER A 537 -14.20 28.43 -6.74
N THR A 538 -15.11 27.47 -6.94
CA THR A 538 -16.37 27.71 -7.61
C THR A 538 -16.97 29.05 -7.19
N ASN A 539 -17.45 29.80 -8.17
CA ASN A 539 -18.04 31.11 -7.92
C ASN A 539 -19.55 30.94 -7.69
N LEU A 540 -20.27 32.07 -7.70
CA LEU A 540 -21.69 32.06 -7.35
C LEU A 540 -22.49 31.11 -8.23
N VAL A 541 -23.04 30.06 -7.62
CA VAL A 541 -23.88 29.09 -8.31
C VAL A 541 -24.86 28.52 -7.30
N LYS A 542 -26.03 28.12 -7.78
CA LYS A 542 -27.07 27.64 -6.88
C LYS A 542 -28.20 27.04 -7.71
N ASN A 543 -28.92 26.10 -7.09
CA ASN A 543 -30.08 25.43 -7.67
C ASN A 543 -29.72 24.58 -8.88
N LYS A 544 -28.46 24.21 -9.04
CA LYS A 544 -28.00 23.40 -10.17
C LYS A 544 -26.97 22.39 -9.70
N CYS A 545 -26.98 21.22 -10.32
CA CYS A 545 -26.00 20.18 -10.03
C CYS A 545 -24.64 20.64 -10.52
N VAL A 546 -23.74 20.96 -9.59
CA VAL A 546 -22.41 21.47 -9.91
C VAL A 546 -21.41 20.92 -8.91
N ASN A 547 -20.16 20.84 -9.34
CA ASN A 547 -19.07 20.45 -8.48
C ASN A 547 -18.69 21.62 -7.56
N PHE A 548 -18.07 21.29 -6.44
CA PHE A 548 -17.77 22.33 -5.46
C PHE A 548 -16.60 21.94 -4.59
N ASN A 549 -15.78 22.93 -4.25
CA ASN A 549 -14.76 22.82 -3.22
C ASN A 549 -14.67 24.16 -2.51
N PHE A 550 -14.69 24.14 -1.17
CA PHE A 550 -14.73 25.36 -0.38
C PHE A 550 -13.45 25.58 0.41
N ASN A 551 -13.12 24.64 1.30
CA ASN A 551 -11.92 24.74 2.13
C ASN A 551 -11.20 23.40 2.15
N GLY A 552 -11.09 22.76 0.99
CA GLY A 552 -10.53 21.44 0.87
C GLY A 552 -11.56 20.33 0.82
N LEU A 553 -12.84 20.65 0.98
CA LEU A 553 -13.90 19.66 0.95
C LEU A 553 -14.54 19.63 -0.43
N THR A 554 -14.27 18.57 -1.19
CA THR A 554 -14.81 18.41 -2.53
C THR A 554 -16.12 17.62 -2.47
N GLY A 555 -16.86 17.67 -3.57
CA GLY A 555 -18.10 16.93 -3.66
C GLY A 555 -18.92 17.40 -4.85
N THR A 556 -20.11 16.83 -4.96
CA THR A 556 -21.03 17.15 -6.03
C THR A 556 -22.46 17.14 -5.49
N GLY A 557 -23.26 18.10 -5.94
CA GLY A 557 -24.61 18.22 -5.46
C GLY A 557 -25.22 19.54 -5.86
N VAL A 558 -26.35 19.85 -5.23
CA VAL A 558 -27.11 21.07 -5.49
C VAL A 558 -27.19 21.87 -4.21
N LEU A 559 -26.86 23.16 -4.29
CA LEU A 559 -26.95 24.06 -3.14
C LEU A 559 -28.33 24.67 -3.07
N THR A 560 -28.91 24.73 -1.88
CA THR A 560 -30.28 25.23 -1.75
C THR A 560 -30.47 26.33 -0.71
N GLU A 561 -29.37 26.92 -0.21
CA GLU A 561 -29.44 27.97 0.81
C GLU A 561 -30.37 27.71 1.99
N SER A 562 -29.90 26.99 2.98
CA SER A 562 -30.70 26.76 4.16
C SER A 562 -30.45 27.82 5.20
N ASN A 563 -31.25 27.82 6.26
CA ASN A 563 -31.03 28.75 7.35
C ASN A 563 -30.55 27.97 8.55
N LYS A 564 -29.78 26.91 8.29
CA LYS A 564 -29.25 26.09 9.38
C LYS A 564 -28.40 26.94 10.30
N LYS A 565 -28.61 26.82 11.59
CA LYS A 565 -27.90 27.65 12.54
C LYS A 565 -26.46 27.22 12.76
N PHE A 566 -25.56 27.57 11.85
CA PHE A 566 -24.16 27.27 12.06
C PHE A 566 -23.53 28.29 13.00
N LEU A 567 -22.83 27.81 14.01
CA LEU A 567 -22.16 28.69 14.96
C LEU A 567 -20.83 29.16 14.40
N PRO A 568 -20.24 30.19 15.00
CA PRO A 568 -18.97 30.73 14.46
C PRO A 568 -17.88 29.70 14.31
N PHE A 569 -17.88 28.65 15.14
CA PHE A 569 -16.85 27.63 15.08
C PHE A 569 -17.22 26.47 14.17
N GLN A 570 -18.32 26.57 13.45
CA GLN A 570 -18.81 25.49 12.60
C GLN A 570 -18.68 25.90 11.13
N GLN A 571 -17.94 25.10 10.37
CA GLN A 571 -17.75 25.34 8.94
C GLN A 571 -18.32 24.24 8.06
N PHE A 572 -18.45 23.01 8.55
CA PHE A 572 -19.05 21.92 7.82
C PHE A 572 -20.18 21.32 8.64
N GLY A 573 -21.10 20.65 7.94
CA GLY A 573 -22.20 19.98 8.59
C GLY A 573 -22.42 18.58 8.07
N ARG A 574 -22.48 17.60 8.98
CA ARG A 574 -22.70 16.21 8.63
C ARG A 574 -24.01 15.74 9.26
N ASP A 575 -24.80 14.99 8.48
CA ASP A 575 -26.13 14.58 8.90
C ASP A 575 -26.04 13.37 9.82
N ILE A 576 -27.18 12.74 10.09
CA ILE A 576 -27.23 11.61 11.01
C ILE A 576 -26.37 10.47 10.49
N ALA A 577 -26.21 10.34 9.17
CA ALA A 577 -25.48 9.25 8.57
C ALA A 577 -24.03 9.61 8.25
N ASP A 578 -23.46 10.55 9.01
CA ASP A 578 -22.10 11.02 8.80
C ASP A 578 -21.87 11.55 7.38
N THR A 579 -22.95 11.95 6.71
CA THR A 579 -22.87 12.46 5.34
C THR A 579 -23.01 13.98 5.36
N THR A 580 -22.18 14.65 4.55
CA THR A 580 -22.24 16.09 4.47
C THR A 580 -23.62 16.54 3.98
N ASP A 581 -24.20 17.51 4.68
CA ASP A 581 -25.51 18.03 4.33
C ASP A 581 -25.57 19.55 4.32
N ALA A 582 -24.50 20.24 4.71
CA ALA A 582 -24.48 21.69 4.68
C ALA A 582 -23.05 22.17 4.84
N VAL A 583 -22.77 23.36 4.28
CA VAL A 583 -21.44 23.95 4.34
C VAL A 583 -21.59 25.47 4.38
N ARG A 584 -20.51 26.13 4.80
CA ARG A 584 -20.45 27.58 4.86
C ARG A 584 -19.49 28.09 3.80
N ASP A 585 -19.76 29.29 3.31
CA ASP A 585 -18.90 29.91 2.32
C ASP A 585 -17.61 30.37 2.98
N PRO A 586 -16.43 29.97 2.51
CA PRO A 586 -15.19 30.46 3.12
C PRO A 586 -15.05 31.97 3.09
N GLN A 587 -15.78 32.66 2.23
CA GLN A 587 -15.73 34.12 2.14
C GLN A 587 -16.90 34.77 2.85
N THR A 588 -18.12 34.49 2.42
CA THR A 588 -19.32 35.02 3.04
C THR A 588 -19.76 34.07 4.16
N LEU A 589 -20.96 34.30 4.70
CA LEU A 589 -21.48 33.50 5.79
C LEU A 589 -22.70 32.67 5.39
N GLU A 590 -23.04 32.64 4.11
CA GLU A 590 -24.22 31.92 3.67
C GLU A 590 -24.05 30.42 3.89
N ILE A 591 -25.05 29.81 4.52
CA ILE A 591 -25.08 28.37 4.77
C ILE A 591 -25.84 27.71 3.63
N LEU A 592 -25.15 26.86 2.87
CA LEU A 592 -25.73 26.20 1.71
C LEU A 592 -25.86 24.71 2.00
N ASP A 593 -27.07 24.18 1.86
CA ASP A 593 -27.31 22.76 2.05
C ASP A 593 -26.92 22.00 0.80
N ILE A 594 -26.02 21.04 0.95
CA ILE A 594 -25.56 20.24 -0.19
C ILE A 594 -26.58 19.16 -0.46
N THR A 595 -27.52 19.45 -1.34
CA THR A 595 -28.52 18.48 -1.70
C THR A 595 -28.04 17.62 -2.87
N PRO A 596 -28.55 16.40 -2.99
CA PRO A 596 -28.01 15.47 -3.99
C PRO A 596 -28.42 15.83 -5.41
N CYS A 597 -27.53 15.56 -6.35
CA CYS A 597 -27.84 15.72 -7.75
C CYS A 597 -28.91 14.71 -8.17
N SER A 598 -29.50 14.95 -9.34
CA SER A 598 -30.52 14.05 -9.87
C SER A 598 -30.03 12.62 -9.87
N PHE A 599 -30.79 11.74 -9.20
CA PHE A 599 -30.39 10.35 -9.03
C PHE A 599 -31.64 9.48 -8.98
N GLY A 600 -31.56 8.31 -9.62
CA GLY A 600 -32.68 7.40 -9.65
C GLY A 600 -32.40 6.16 -10.47
N GLY A 601 -32.83 5.01 -9.97
CA GLY A 601 -32.60 3.76 -10.68
C GLY A 601 -33.60 3.56 -11.81
N VAL A 602 -33.12 2.88 -12.86
CA VAL A 602 -33.94 2.56 -14.02
C VAL A 602 -34.11 1.06 -14.10
N SER A 603 -35.31 0.62 -14.48
CA SER A 603 -35.61 -0.79 -14.68
C SER A 603 -36.17 -0.96 -16.09
N VAL A 604 -35.58 -1.88 -16.84
CA VAL A 604 -35.90 -2.06 -18.24
C VAL A 604 -36.92 -3.20 -18.35
N ILE A 605 -38.13 -2.86 -18.76
CA ILE A 605 -39.20 -3.83 -18.96
C ILE A 605 -39.17 -4.26 -20.42
N THR A 606 -38.90 -5.54 -20.65
CA THR A 606 -38.76 -6.07 -22.00
C THR A 606 -39.59 -7.34 -22.13
N PRO A 607 -40.42 -7.46 -23.17
CA PRO A 607 -41.06 -8.74 -23.44
C PRO A 607 -40.06 -9.72 -24.04
N GLY A 608 -40.55 -10.93 -24.32
CA GLY A 608 -39.70 -11.94 -24.90
C GLY A 608 -39.08 -11.48 -26.21
N THR A 609 -37.75 -11.48 -26.28
CA THR A 609 -37.08 -11.05 -27.51
C THR A 609 -37.60 -11.83 -28.71
N ASN A 610 -37.96 -13.10 -28.51
CA ASN A 610 -38.60 -13.86 -29.58
C ASN A 610 -39.90 -13.22 -30.01
N THR A 611 -40.58 -12.51 -29.11
CA THR A 611 -41.84 -11.85 -29.45
C THR A 611 -41.60 -10.59 -30.27
N SER A 612 -40.85 -9.64 -29.71
CA SER A 612 -40.58 -8.38 -30.37
C SER A 612 -39.37 -7.74 -29.72
N ASN A 613 -39.13 -6.48 -30.08
CA ASN A 613 -38.04 -5.70 -29.51
C ASN A 613 -38.51 -4.45 -28.78
N GLN A 614 -39.79 -4.11 -28.89
CA GLN A 614 -40.31 -2.96 -28.16
C GLN A 614 -40.14 -3.17 -26.67
N VAL A 615 -39.59 -2.18 -25.98
CA VAL A 615 -39.27 -2.27 -24.56
C VAL A 615 -39.74 -1.02 -23.86
N ALA A 616 -40.16 -1.19 -22.60
CA ALA A 616 -40.58 -0.09 -21.75
C ALA A 616 -39.50 0.17 -20.69
N VAL A 617 -39.60 1.33 -20.06
CA VAL A 617 -38.62 1.78 -19.07
C VAL A 617 -39.36 2.32 -17.86
N LEU A 618 -38.80 2.08 -16.68
CA LEU A 618 -39.39 2.53 -15.42
C LEU A 618 -38.31 3.19 -14.58
N TYR A 619 -38.54 4.43 -14.19
CA TYR A 619 -37.64 5.16 -13.27
C TYR A 619 -38.21 4.98 -11.86
N GLN A 620 -37.73 3.97 -11.17
CA GLN A 620 -38.29 3.61 -9.87
C GLN A 620 -38.14 4.75 -8.88
N GLY A 621 -39.21 5.00 -8.12
CA GLY A 621 -39.17 5.98 -7.06
C GLY A 621 -38.95 7.41 -7.52
N VAL A 622 -39.39 7.75 -8.73
CA VAL A 622 -39.22 9.09 -9.28
C VAL A 622 -40.54 9.54 -9.89
N ASN A 623 -40.87 10.81 -9.72
CA ASN A 623 -42.07 11.37 -10.31
C ASN A 623 -41.78 11.84 -11.73
N CYS A 624 -42.75 11.62 -12.62
CA CYS A 624 -42.56 12.02 -14.01
C CYS A 624 -42.23 13.50 -14.13
N THR A 625 -42.72 14.32 -13.19
CA THR A 625 -42.45 15.75 -13.24
C THR A 625 -40.98 16.08 -13.04
N GLU A 626 -40.16 15.10 -12.66
CA GLU A 626 -38.73 15.34 -12.45
C GLU A 626 -38.04 15.33 -13.81
N VAL A 627 -36.71 15.26 -13.79
CA VAL A 627 -35.91 15.29 -15.01
C VAL A 627 -35.40 13.88 -15.28
N PRO A 628 -36.19 13.00 -15.92
CA PRO A 628 -35.72 11.64 -16.19
C PRO A 628 -34.42 11.63 -16.99
N VAL A 629 -34.48 12.13 -18.22
CA VAL A 629 -33.26 12.38 -18.99
C VAL A 629 -33.28 13.83 -19.46
N ALA A 630 -34.32 14.19 -20.23
CA ALA A 630 -34.55 15.55 -20.68
C ALA A 630 -33.25 16.29 -21.01
N ILE A 631 -32.40 15.69 -21.83
CA ILE A 631 -31.11 16.27 -22.16
C ILE A 631 -31.12 16.74 -23.62
N HIS A 632 -30.13 17.56 -23.97
CA HIS A 632 -29.92 18.01 -25.34
C HIS A 632 -28.78 17.26 -26.03
N ALA A 633 -28.50 16.03 -25.61
CA ALA A 633 -27.46 15.16 -26.15
C ALA A 633 -26.06 15.62 -25.78
N ASP A 634 -25.93 16.60 -24.87
CA ASP A 634 -24.62 17.11 -24.47
C ASP A 634 -24.57 17.39 -22.97
N GLN A 635 -25.29 16.63 -22.17
CA GLN A 635 -25.36 16.85 -20.73
C GLN A 635 -24.70 15.74 -19.94
N LEU A 636 -25.11 14.49 -20.12
CA LEU A 636 -24.57 13.36 -19.37
C LEU A 636 -24.11 12.27 -20.31
N THR A 637 -22.93 11.72 -20.05
CA THR A 637 -22.33 10.69 -20.89
C THR A 637 -22.84 9.29 -20.55
N PRO A 638 -22.92 8.89 -19.28
CA PRO A 638 -23.12 7.46 -18.98
C PRO A 638 -24.46 6.91 -19.42
N THR A 639 -25.41 7.75 -19.83
CA THR A 639 -26.75 7.32 -20.19
C THR A 639 -27.19 7.97 -21.51
N TRP A 640 -26.35 7.88 -22.53
CA TRP A 640 -26.69 8.42 -23.83
C TRP A 640 -28.05 7.95 -24.32
N ARG A 641 -28.49 6.76 -23.91
CA ARG A 641 -29.81 6.26 -24.26
C ARG A 641 -30.89 7.20 -23.74
N VAL A 642 -31.61 7.86 -24.63
CA VAL A 642 -32.59 8.88 -24.26
C VAL A 642 -33.98 8.37 -24.60
N TYR A 643 -34.89 8.47 -23.64
CA TYR A 643 -36.31 8.16 -23.82
C TYR A 643 -37.17 9.23 -23.16
N SER A 644 -36.81 10.49 -23.41
CA SER A 644 -37.53 11.60 -22.78
C SER A 644 -38.97 11.67 -23.26
N THR A 645 -39.19 11.68 -24.57
CA THR A 645 -40.51 11.85 -25.15
C THR A 645 -41.08 10.48 -25.53
N GLY A 646 -42.24 10.50 -26.19
CA GLY A 646 -42.91 9.29 -26.60
C GLY A 646 -44.41 9.40 -26.45
N SER A 647 -44.88 10.41 -25.74
CA SER A 647 -46.30 10.66 -25.50
C SER A 647 -46.98 9.50 -24.78
N ASN A 648 -46.20 8.67 -24.08
CA ASN A 648 -46.71 7.53 -23.33
C ASN A 648 -45.99 7.48 -21.99
N VAL A 649 -46.59 8.11 -20.99
CA VAL A 649 -46.04 8.12 -19.63
C VAL A 649 -47.18 7.91 -18.65
N PHE A 650 -46.93 7.11 -17.61
CA PHE A 650 -47.91 6.87 -16.55
C PHE A 650 -47.16 6.84 -15.23
N GLN A 651 -47.52 7.77 -14.34
CA GLN A 651 -46.84 7.90 -13.04
C GLN A 651 -47.51 6.97 -12.04
N THR A 652 -46.78 5.93 -11.65
CA THR A 652 -47.23 5.00 -10.63
C THR A 652 -46.61 5.37 -9.29
N ARG A 653 -47.10 4.73 -8.24
CA ARG A 653 -46.49 4.89 -6.92
C ARG A 653 -45.11 4.25 -6.84
N ALA A 654 -44.68 3.56 -7.90
CA ALA A 654 -43.37 2.93 -7.94
C ALA A 654 -42.37 3.67 -8.82
N GLY A 655 -42.84 4.53 -9.71
CA GLY A 655 -41.95 5.27 -10.58
C GLY A 655 -42.65 5.62 -11.89
N CYS A 656 -41.97 6.45 -12.67
CA CYS A 656 -42.48 6.88 -13.97
C CYS A 656 -42.22 5.79 -15.01
N LEU A 657 -43.29 5.23 -15.56
CA LEU A 657 -43.19 4.17 -16.55
C LEU A 657 -43.32 4.76 -17.94
N ILE A 658 -42.26 4.63 -18.74
CA ILE A 658 -42.21 5.17 -20.09
C ILE A 658 -42.24 4.02 -21.08
N GLY A 659 -43.05 4.17 -22.12
CA GLY A 659 -43.18 3.16 -23.16
C GLY A 659 -44.33 2.20 -22.99
N ALA A 660 -45.24 2.48 -22.06
CA ALA A 660 -46.38 1.60 -21.80
C ALA A 660 -47.65 2.44 -21.77
N GLU A 661 -48.68 1.98 -22.47
CA GLU A 661 -49.96 2.67 -22.53
C GLU A 661 -50.86 2.16 -21.43
N TYR A 662 -51.29 3.06 -20.54
CA TYR A 662 -52.16 2.68 -19.44
C TYR A 662 -53.57 2.36 -19.95
N VAL A 663 -54.16 1.32 -19.39
CA VAL A 663 -55.49 0.87 -19.77
C VAL A 663 -56.29 0.56 -18.50
N ASN A 664 -57.57 0.89 -18.53
CA ASN A 664 -58.44 0.63 -17.39
C ASN A 664 -58.91 -0.82 -17.32
N ASN A 665 -58.59 -1.63 -18.32
CA ASN A 665 -59.01 -3.04 -18.34
C ASN A 665 -58.07 -3.84 -17.46
N SER A 666 -58.61 -4.43 -16.39
CA SER A 666 -57.83 -5.23 -15.46
C SER A 666 -57.74 -6.66 -15.95
N TYR A 667 -56.52 -7.17 -16.07
CA TYR A 667 -56.25 -8.54 -16.46
C TYR A 667 -55.36 -9.19 -15.40
N GLU A 668 -54.92 -10.42 -15.68
CA GLU A 668 -54.00 -11.10 -14.79
C GLU A 668 -52.60 -10.52 -14.93
N CYS A 669 -51.94 -10.29 -13.80
CA CYS A 669 -50.62 -9.69 -13.81
C CYS A 669 -49.62 -10.62 -14.47
N ASP A 670 -49.05 -10.17 -15.59
CA ASP A 670 -48.06 -10.94 -16.33
C ASP A 670 -46.64 -10.55 -15.92
N ILE A 671 -46.30 -9.28 -16.10
CA ILE A 671 -44.99 -8.74 -15.77
C ILE A 671 -45.15 -7.79 -14.58
N PRO A 672 -44.80 -8.19 -13.37
CA PRO A 672 -45.04 -7.33 -12.20
C PRO A 672 -44.05 -6.17 -12.17
N ILE A 673 -44.58 -4.95 -12.22
CA ILE A 673 -43.76 -3.75 -12.13
C ILE A 673 -43.72 -3.29 -10.68
N GLY A 674 -44.88 -2.99 -10.12
CA GLY A 674 -44.99 -2.56 -8.74
C GLY A 674 -46.19 -1.66 -8.53
N ALA A 675 -46.64 -1.59 -7.28
CA ALA A 675 -47.76 -0.74 -6.89
C ALA A 675 -49.04 -1.15 -7.62
N GLY A 676 -49.17 -2.44 -7.91
CA GLY A 676 -50.33 -2.97 -8.58
C GLY A 676 -50.26 -2.93 -10.10
N ILE A 677 -49.47 -2.04 -10.66
CA ILE A 677 -49.37 -1.91 -12.12
C ILE A 677 -48.51 -3.04 -12.66
N CYS A 678 -49.05 -3.77 -13.64
CA CYS A 678 -48.32 -4.81 -14.33
C CYS A 678 -48.40 -4.55 -15.84
N ALA A 679 -47.41 -5.06 -16.56
CA ALA A 679 -47.28 -4.83 -17.99
C ALA A 679 -47.54 -6.11 -18.77
N SER A 680 -47.74 -5.94 -20.07
CA SER A 680 -47.98 -7.07 -20.96
C SER A 680 -47.93 -6.56 -22.40
N TYR A 681 -47.48 -7.42 -23.30
CA TYR A 681 -47.42 -7.10 -24.74
C TYR A 681 -48.69 -7.54 -25.45
N GLN A 682 -49.84 -7.11 -24.92
CA GLN A 682 -51.12 -7.51 -25.48
C GLN A 682 -51.26 -6.99 -26.91
N THR A 683 -52.00 -7.75 -27.72
CA THR A 683 -52.25 -7.41 -29.12
C THR A 683 -53.66 -6.89 -29.35
N GLN A 684 -54.24 -6.23 -28.36
CA GLN A 684 -55.59 -5.68 -28.44
C GLN A 684 -55.57 -4.15 -28.47
N THR A 685 -54.53 -3.57 -29.06
CA THR A 685 -54.41 -2.12 -29.15
C THR A 685 -54.23 -1.67 -30.59
N ALA A 695 -56.06 -5.10 -35.19
CA ALA A 695 -55.54 -4.39 -34.03
C ALA A 695 -54.04 -4.58 -33.91
N SER A 696 -53.35 -3.54 -33.43
CA SER A 696 -51.91 -3.58 -33.26
C SER A 696 -51.56 -4.16 -31.90
N GLN A 697 -50.26 -4.26 -31.62
CA GLN A 697 -49.75 -4.80 -30.37
C GLN A 697 -48.70 -3.86 -29.81
N SER A 698 -48.74 -3.68 -28.49
CA SER A 698 -47.81 -2.79 -27.81
C SER A 698 -47.76 -3.18 -26.33
N ILE A 699 -46.86 -2.51 -25.60
CA ILE A 699 -46.74 -2.72 -24.17
C ILE A 699 -47.78 -1.85 -23.47
N ILE A 700 -48.57 -2.47 -22.61
CA ILE A 700 -49.63 -1.78 -21.88
C ILE A 700 -49.34 -1.88 -20.39
N ALA A 701 -50.17 -1.20 -19.59
CA ALA A 701 -50.06 -1.22 -18.14
C ALA A 701 -51.45 -1.21 -17.54
N TYR A 702 -51.62 -1.94 -16.44
CA TYR A 702 -52.94 -2.11 -15.85
C TYR A 702 -52.79 -2.53 -14.39
N THR A 703 -53.77 -2.12 -13.58
CA THR A 703 -53.85 -2.60 -12.22
C THR A 703 -54.22 -4.08 -12.23
N MET A 704 -53.42 -4.89 -11.53
CA MET A 704 -53.62 -6.33 -11.56
C MET A 704 -55.04 -6.69 -11.12
N SER A 705 -55.61 -7.68 -11.80
CA SER A 705 -56.94 -8.18 -11.47
C SER A 705 -56.80 -9.27 -10.41
N LEU A 706 -57.26 -8.97 -9.19
CA LEU A 706 -57.14 -9.92 -8.10
C LEU A 706 -57.95 -11.19 -8.33
N GLY A 707 -58.94 -11.14 -9.21
CA GLY A 707 -59.75 -12.31 -9.50
C GLY A 707 -61.12 -11.91 -10.01
N ALA A 708 -61.91 -12.93 -10.31
CA ALA A 708 -63.25 -12.72 -10.83
C ALA A 708 -64.20 -12.37 -9.69
N GLU A 709 -64.92 -11.27 -9.84
CA GLU A 709 -65.85 -10.84 -8.81
C GLU A 709 -66.92 -11.92 -8.60
N ASN A 710 -67.48 -11.95 -7.39
CA ASN A 710 -68.44 -12.98 -7.03
C ASN A 710 -69.10 -12.58 -5.72
N SER A 711 -70.25 -13.19 -5.44
CA SER A 711 -70.99 -12.93 -4.23
C SER A 711 -71.87 -14.14 -3.94
N VAL A 712 -72.22 -14.29 -2.66
CA VAL A 712 -73.04 -15.40 -2.19
C VAL A 712 -74.27 -14.82 -1.52
N ALA A 713 -75.45 -15.23 -2.00
CA ALA A 713 -76.72 -14.73 -1.48
C ALA A 713 -77.01 -15.36 -0.11
N TYR A 714 -76.29 -14.86 0.89
CA TYR A 714 -76.47 -15.35 2.25
C TYR A 714 -77.88 -15.05 2.73
N SER A 715 -78.58 -16.09 3.19
CA SER A 715 -79.92 -15.95 3.72
C SER A 715 -80.05 -16.81 4.97
N ASN A 716 -80.91 -16.38 5.89
CA ASN A 716 -81.08 -17.08 7.15
C ASN A 716 -81.75 -18.43 6.99
N ASN A 717 -82.24 -18.77 5.79
CA ASN A 717 -82.94 -20.03 5.58
C ASN A 717 -82.58 -20.70 4.26
N SER A 718 -81.51 -20.28 3.59
CA SER A 718 -81.12 -20.85 2.31
C SER A 718 -79.83 -21.64 2.47
N ILE A 719 -79.80 -22.84 1.89
CA ILE A 719 -78.64 -23.71 1.93
C ILE A 719 -78.40 -24.28 0.55
N ALA A 720 -77.15 -24.63 0.28
CA ALA A 720 -76.74 -25.22 -0.99
C ALA A 720 -76.15 -26.59 -0.74
N ILE A 721 -76.63 -27.58 -1.49
CA ILE A 721 -76.13 -28.95 -1.38
C ILE A 721 -75.79 -29.45 -2.78
N PRO A 722 -74.55 -29.87 -3.03
CA PRO A 722 -74.20 -30.36 -4.37
C PRO A 722 -75.04 -31.56 -4.77
N THR A 723 -75.13 -31.77 -6.09
CA THR A 723 -75.83 -32.91 -6.67
C THR A 723 -74.91 -33.86 -7.42
N ASN A 724 -73.79 -33.38 -7.93
CA ASN A 724 -72.82 -34.21 -8.62
C ASN A 724 -71.43 -33.80 -8.16
N PHE A 725 -70.42 -34.56 -8.58
CA PHE A 725 -69.06 -34.34 -8.11
C PHE A 725 -68.10 -34.45 -9.29
N THR A 726 -66.81 -34.29 -8.98
CA THR A 726 -65.76 -34.38 -9.98
C THR A 726 -64.48 -34.81 -9.29
N ILE A 727 -63.79 -35.79 -9.88
CA ILE A 727 -62.55 -36.33 -9.32
C ILE A 727 -61.41 -35.61 -10.02
N SER A 728 -60.99 -34.49 -9.44
CA SER A 728 -59.89 -33.71 -9.99
C SER A 728 -58.55 -34.32 -9.58
N VAL A 729 -57.63 -34.40 -10.52
CA VAL A 729 -56.29 -34.94 -10.29
C VAL A 729 -55.31 -33.80 -10.53
N THR A 730 -54.95 -33.11 -9.45
CA THR A 730 -53.97 -32.04 -9.52
C THR A 730 -52.56 -32.62 -9.44
N THR A 731 -51.56 -31.73 -9.51
CA THR A 731 -50.17 -32.13 -9.46
C THR A 731 -49.39 -31.16 -8.59
N GLU A 732 -48.33 -31.67 -7.97
CA GLU A 732 -47.44 -30.88 -7.14
C GLU A 732 -46.01 -31.33 -7.36
N ILE A 733 -45.08 -30.38 -7.31
CA ILE A 733 -43.67 -30.65 -7.55
C ILE A 733 -42.87 -30.01 -6.43
N LEU A 734 -41.95 -30.78 -5.85
CA LEU A 734 -41.17 -30.33 -4.71
C LEU A 734 -39.73 -30.81 -4.88
N PRO A 735 -38.74 -29.91 -4.79
CA PRO A 735 -37.35 -30.37 -4.81
C PRO A 735 -37.02 -31.17 -3.56
N VAL A 736 -36.28 -32.26 -3.75
CA VAL A 736 -35.94 -33.17 -2.67
C VAL A 736 -34.44 -33.21 -2.42
N SER A 737 -33.64 -33.15 -3.48
CA SER A 737 -32.19 -33.27 -3.35
C SER A 737 -31.51 -32.36 -4.37
N MET A 738 -30.44 -31.71 -3.95
CA MET A 738 -29.63 -30.86 -4.80
C MET A 738 -28.44 -31.63 -5.33
N THR A 739 -27.70 -30.99 -6.24
CA THR A 739 -26.51 -31.61 -6.82
C THR A 739 -25.40 -31.65 -5.77
N LYS A 740 -24.91 -32.86 -5.49
CA LYS A 740 -23.83 -33.03 -4.53
C LYS A 740 -22.50 -32.75 -5.21
N THR A 741 -21.78 -31.74 -4.70
CA THR A 741 -20.54 -31.28 -5.31
C THR A 741 -19.38 -31.47 -4.33
N SER A 742 -18.18 -31.24 -4.84
CA SER A 742 -16.97 -31.30 -4.04
C SER A 742 -15.92 -30.44 -4.70
N VAL A 743 -14.96 -29.96 -3.89
CA VAL A 743 -13.96 -29.01 -4.35
C VAL A 743 -12.61 -29.39 -3.77
N ASP A 744 -11.55 -29.08 -4.52
CA ASP A 744 -10.18 -29.27 -4.08
C ASP A 744 -9.57 -27.89 -3.87
N CYS A 745 -9.28 -27.55 -2.61
CA CYS A 745 -8.79 -26.21 -2.29
C CYS A 745 -7.57 -25.86 -3.14
N THR A 746 -6.59 -26.76 -3.20
CA THR A 746 -5.34 -26.43 -3.86
C THR A 746 -5.50 -26.39 -5.37
N MET A 747 -6.28 -27.32 -5.94
CA MET A 747 -6.45 -27.34 -7.38
C MET A 747 -7.22 -26.11 -7.86
N TYR A 748 -8.25 -25.71 -7.11
CA TYR A 748 -9.02 -24.52 -7.49
C TYR A 748 -8.24 -23.25 -7.22
N ILE A 749 -7.47 -23.22 -6.13
CA ILE A 749 -6.73 -22.01 -5.77
C ILE A 749 -5.37 -22.00 -6.44
N CYS A 750 -4.60 -23.07 -6.28
CA CYS A 750 -3.25 -23.12 -6.83
C CYS A 750 -3.20 -23.77 -8.20
N GLY A 751 -3.86 -24.91 -8.37
CA GLY A 751 -3.90 -25.57 -9.66
C GLY A 751 -2.55 -26.04 -10.15
N ASP A 752 -1.98 -27.04 -9.49
CA ASP A 752 -0.73 -27.66 -9.92
C ASP A 752 0.41 -26.64 -9.97
N SER A 753 0.75 -26.13 -8.80
CA SER A 753 1.86 -25.18 -8.65
C SER A 753 2.66 -25.54 -7.41
N THR A 754 3.98 -25.40 -7.51
CA THR A 754 4.85 -25.76 -6.40
C THR A 754 4.91 -24.64 -5.37
N GLU A 755 5.20 -23.42 -5.81
CA GLU A 755 5.23 -22.29 -4.88
C GLU A 755 3.88 -22.15 -4.18
N CYS A 756 2.81 -22.10 -4.95
CA CYS A 756 1.48 -22.14 -4.36
C CYS A 756 1.21 -23.54 -3.81
N SER A 757 0.15 -23.64 -3.02
CA SER A 757 -0.23 -24.84 -2.28
C SER A 757 0.67 -25.08 -1.08
N ASN A 758 1.73 -24.28 -0.91
CA ASN A 758 2.57 -24.31 0.28
C ASN A 758 2.24 -23.17 1.23
N LEU A 759 2.04 -21.96 0.71
CA LEU A 759 1.58 -20.85 1.52
C LEU A 759 0.13 -21.00 1.92
N LEU A 760 -0.64 -21.81 1.18
CA LEU A 760 -2.05 -22.00 1.52
C LEU A 760 -2.22 -22.69 2.86
N LEU A 761 -1.24 -23.49 3.28
CA LEU A 761 -1.32 -24.18 4.55
C LEU A 761 -1.46 -23.19 5.70
N GLN A 762 -0.89 -22.00 5.56
CA GLN A 762 -0.99 -20.99 6.62
C GLN A 762 -2.44 -20.71 6.98
N TYR A 763 -3.35 -20.92 6.05
CA TYR A 763 -4.78 -20.77 6.32
C TYR A 763 -5.39 -22.06 6.85
N GLY A 764 -4.99 -23.20 6.31
CA GLY A 764 -5.28 -24.48 6.90
C GLY A 764 -6.76 -24.77 7.08
N SER A 765 -7.23 -24.69 8.33
CA SER A 765 -8.57 -25.14 8.68
C SER A 765 -9.62 -24.67 7.68
N PHE A 766 -9.47 -23.46 7.14
CA PHE A 766 -10.41 -22.96 6.15
C PHE A 766 -10.66 -24.01 5.07
N CYS A 767 -9.60 -24.41 4.37
CA CYS A 767 -9.73 -25.43 3.34
C CYS A 767 -10.38 -26.69 3.90
N THR A 768 -10.16 -26.98 5.18
CA THR A 768 -10.76 -28.17 5.78
C THR A 768 -12.21 -27.93 6.17
N GLN A 769 -12.51 -26.73 6.68
CA GLN A 769 -13.90 -26.40 6.99
C GLN A 769 -14.77 -26.48 5.76
N LEU A 770 -14.28 -25.96 4.63
CA LEU A 770 -15.06 -26.00 3.39
C LEU A 770 -15.33 -27.44 2.98
N LYS A 771 -14.33 -28.32 3.15
CA LYS A 771 -14.53 -29.72 2.81
C LYS A 771 -15.59 -30.36 3.71
N ARG A 772 -15.49 -30.13 5.02
CA ARG A 772 -16.48 -30.71 5.93
C ARG A 772 -17.88 -30.22 5.60
N ALA A 773 -18.00 -28.97 5.15
CA ALA A 773 -19.32 -28.43 4.84
C ALA A 773 -19.87 -29.06 3.56
N LEU A 774 -19.10 -29.01 2.47
CA LEU A 774 -19.56 -29.58 1.22
C LEU A 774 -19.88 -31.07 1.37
N THR A 775 -19.15 -31.77 2.22
CA THR A 775 -19.43 -33.18 2.44
C THR A 775 -20.70 -33.37 3.26
N GLY A 776 -20.91 -32.51 4.26
CA GLY A 776 -22.14 -32.59 5.02
C GLY A 776 -23.36 -32.31 4.17
N ILE A 777 -23.24 -31.35 3.24
CA ILE A 777 -24.33 -31.10 2.30
C ILE A 777 -24.60 -32.34 1.47
N ALA A 778 -23.55 -33.05 1.07
CA ALA A 778 -23.71 -34.24 0.24
C ALA A 778 -24.41 -35.35 1.01
N VAL A 779 -23.84 -35.77 2.14
CA VAL A 779 -24.41 -36.87 2.90
C VAL A 779 -25.81 -36.55 3.40
N GLU A 780 -26.20 -35.27 3.37
CA GLU A 780 -27.54 -34.89 3.82
C GLU A 780 -28.58 -35.11 2.73
N GLN A 781 -28.23 -34.89 1.48
CA GLN A 781 -29.19 -35.10 0.39
C GLN A 781 -29.55 -36.57 0.27
N ASP A 782 -28.58 -37.46 0.51
CA ASP A 782 -28.89 -38.88 0.53
C ASP A 782 -29.90 -39.20 1.62
N LYS A 783 -29.74 -38.61 2.80
CA LYS A 783 -30.71 -38.82 3.87
C LYS A 783 -32.08 -38.27 3.48
N ASN A 784 -32.10 -37.18 2.72
CA ASN A 784 -33.37 -36.60 2.29
C ASN A 784 -34.14 -37.58 1.39
N THR A 785 -33.45 -38.15 0.41
CA THR A 785 -34.11 -39.09 -0.49
C THR A 785 -34.55 -40.35 0.24
N GLN A 786 -33.86 -40.71 1.32
CA GLN A 786 -34.23 -41.91 2.07
C GLN A 786 -35.51 -41.67 2.88
N GLU A 787 -35.63 -40.51 3.51
CA GLU A 787 -36.81 -40.20 4.30
C GLU A 787 -38.06 -39.99 3.46
N VAL A 788 -37.93 -39.98 2.14
CA VAL A 788 -39.06 -39.75 1.24
C VAL A 788 -39.52 -41.03 0.57
N PHE A 789 -38.57 -41.82 0.05
CA PHE A 789 -38.90 -43.00 -0.73
C PHE A 789 -38.74 -44.31 0.03
N ALA A 790 -37.92 -44.33 1.09
CA ALA A 790 -37.63 -45.56 1.84
C ALA A 790 -38.49 -45.66 3.09
N GLN A 791 -39.74 -45.21 3.02
CA GLN A 791 -40.65 -45.23 4.15
C GLN A 791 -41.36 -46.58 4.31
N VAL A 792 -41.02 -47.58 3.51
CA VAL A 792 -41.62 -48.91 3.59
C VAL A 792 -40.52 -49.93 3.80
N LYS A 793 -40.80 -50.94 4.61
CA LYS A 793 -39.86 -52.01 4.90
C LYS A 793 -39.90 -53.13 3.87
N GLN A 794 -40.79 -53.05 2.88
CA GLN A 794 -40.92 -54.07 1.87
C GLN A 794 -41.11 -53.42 0.50
N ILE A 795 -40.50 -54.02 -0.51
CA ILE A 795 -40.67 -53.58 -1.90
C ILE A 795 -41.88 -54.36 -2.43
N TYR A 796 -43.06 -53.81 -2.19
CA TYR A 796 -44.29 -54.49 -2.59
C TYR A 796 -44.39 -54.56 -4.10
N LYS A 797 -44.84 -55.70 -4.60
CA LYS A 797 -45.04 -55.93 -6.02
C LYS A 797 -46.52 -55.92 -6.35
N THR A 798 -46.85 -55.46 -7.55
CA THR A 798 -48.24 -55.49 -7.99
C THR A 798 -48.49 -56.74 -8.83
N PRO A 799 -49.62 -57.41 -8.66
CA PRO A 799 -49.90 -58.60 -9.46
C PRO A 799 -50.12 -58.24 -10.91
N PRO A 800 -50.36 -59.22 -11.77
CA PRO A 800 -50.76 -58.90 -13.15
C PRO A 800 -51.89 -57.88 -13.15
N ILE A 801 -51.78 -56.91 -14.06
CA ILE A 801 -52.71 -55.78 -14.06
C ILE A 801 -54.10 -56.30 -14.35
N LYS A 802 -54.96 -56.30 -13.34
CA LYS A 802 -56.32 -56.80 -13.42
C LYS A 802 -57.30 -55.64 -13.32
N TYR A 803 -58.59 -55.97 -13.31
CA TYR A 803 -59.63 -54.97 -13.26
C TYR A 803 -59.71 -54.33 -11.87
N PHE A 804 -59.00 -53.21 -11.68
CA PHE A 804 -59.05 -52.47 -10.43
C PHE A 804 -60.33 -51.65 -10.35
N GLY A 805 -61.46 -52.36 -10.41
CA GLY A 805 -62.75 -51.70 -10.39
C GLY A 805 -62.96 -50.69 -11.49
N GLY A 806 -62.19 -50.78 -12.57
CA GLY A 806 -62.27 -49.85 -13.67
C GLY A 806 -61.15 -48.86 -13.74
N PHE A 807 -60.40 -48.69 -12.65
CA PHE A 807 -59.30 -47.73 -12.63
C PHE A 807 -58.13 -48.24 -13.46
N ASN A 808 -57.48 -47.33 -14.17
CA ASN A 808 -56.33 -47.64 -15.02
C ASN A 808 -55.16 -46.80 -14.54
N PHE A 809 -54.12 -47.48 -14.02
CA PHE A 809 -52.92 -46.82 -13.54
C PHE A 809 -51.74 -46.99 -14.48
N SER A 810 -52.00 -47.25 -15.77
CA SER A 810 -50.93 -47.50 -16.71
C SER A 810 -49.98 -46.32 -16.82
N GLN A 811 -50.47 -45.10 -16.60
CA GLN A 811 -49.64 -43.92 -16.70
C GLN A 811 -48.74 -43.74 -15.49
N ILE A 812 -49.00 -44.44 -14.38
CA ILE A 812 -48.18 -44.33 -13.19
C ILE A 812 -47.53 -45.66 -12.80
N LEU A 813 -48.08 -46.80 -13.22
CA LEU A 813 -47.46 -48.08 -12.92
C LEU A 813 -46.24 -48.28 -13.81
N PRO A 814 -45.30 -49.12 -13.38
CA PRO A 814 -44.10 -49.34 -14.19
C PRO A 814 -44.42 -50.11 -15.45
N ASP A 815 -43.73 -49.74 -16.54
CA ASP A 815 -43.93 -50.37 -17.84
C ASP A 815 -42.67 -51.12 -18.23
N PRO A 816 -42.72 -52.45 -18.41
CA PRO A 816 -41.52 -53.18 -18.83
C PRO A 816 -41.14 -52.98 -20.29
N SER A 817 -41.93 -52.23 -21.06
CA SER A 817 -41.63 -52.02 -22.46
C SER A 817 -40.33 -51.25 -22.69
N LYS A 818 -39.76 -50.68 -21.64
CA LYS A 818 -38.50 -49.94 -21.75
C LYS A 818 -37.72 -50.14 -20.46
N PRO A 819 -36.39 -50.02 -20.50
CA PRO A 819 -35.60 -50.24 -19.29
C PRO A 819 -35.95 -49.23 -18.20
N SER A 820 -35.36 -49.46 -17.02
CA SER A 820 -35.54 -48.70 -15.79
C SER A 820 -36.87 -49.05 -15.12
N LYS A 821 -37.74 -49.83 -15.74
CA LYS A 821 -38.99 -50.28 -15.15
C LYS A 821 -39.71 -49.14 -14.43
N ARG A 822 -40.01 -48.09 -15.20
CA ARG A 822 -40.71 -46.92 -14.70
C ARG A 822 -41.92 -46.65 -15.58
N SER A 823 -42.75 -45.71 -15.12
CA SER A 823 -44.00 -45.39 -15.78
C SER A 823 -43.79 -44.32 -16.84
N PRO A 824 -44.77 -44.13 -17.73
CA PRO A 824 -44.62 -43.09 -18.76
C PRO A 824 -44.41 -41.70 -18.19
N ILE A 825 -45.17 -41.33 -17.15
CA ILE A 825 -45.03 -40.01 -16.56
C ILE A 825 -43.60 -39.79 -16.08
N GLU A 826 -43.05 -40.79 -15.39
CA GLU A 826 -41.66 -40.68 -14.94
C GLU A 826 -40.71 -40.53 -16.13
N ASP A 827 -41.02 -41.19 -17.25
CA ASP A 827 -40.21 -41.00 -18.44
C ASP A 827 -40.29 -39.57 -18.94
N LEU A 828 -41.50 -39.00 -18.96
CA LEU A 828 -41.65 -37.60 -19.36
C LEU A 828 -40.92 -36.68 -18.39
N LEU A 829 -41.23 -36.80 -17.09
CA LEU A 829 -40.56 -35.97 -16.10
C LEU A 829 -39.05 -36.13 -16.17
N PHE A 830 -38.56 -37.28 -16.65
CA PHE A 830 -37.12 -37.49 -16.76
C PHE A 830 -36.55 -36.73 -17.94
N ASN A 831 -37.34 -36.50 -18.99
CA ASN A 831 -36.86 -35.81 -20.17
C ASN A 831 -37.07 -34.30 -20.09
N LYS A 832 -38.07 -33.85 -19.34
CA LYS A 832 -38.32 -32.41 -19.21
C LYS A 832 -37.30 -31.71 -18.32
N VAL A 833 -36.35 -32.44 -17.74
CA VAL A 833 -35.31 -31.87 -16.89
C VAL A 833 -33.97 -32.34 -17.42
N THR A 834 -33.10 -31.38 -17.76
CA THR A 834 -31.77 -31.68 -18.28
C THR A 834 -30.74 -31.48 -17.17
N LEU A 835 -29.96 -32.52 -16.91
CA LEU A 835 -28.94 -32.47 -15.87
C LEU A 835 -27.65 -31.88 -16.42
N ALA A 836 -27.10 -30.91 -15.70
CA ALA A 836 -25.85 -30.29 -16.14
C ALA A 836 -24.70 -31.30 -16.10
N ASP A 837 -24.56 -32.01 -14.98
CA ASP A 837 -23.51 -33.02 -14.85
C ASP A 837 -23.95 -34.02 -13.80
N ALA A 838 -24.30 -35.24 -14.24
CA ALA A 838 -24.72 -36.28 -13.32
C ALA A 838 -23.55 -36.85 -12.51
N GLY A 839 -22.32 -36.58 -12.90
CA GLY A 839 -21.17 -37.07 -12.16
C GLY A 839 -20.84 -38.53 -12.38
N PHE A 840 -21.30 -39.13 -13.48
CA PHE A 840 -21.02 -40.52 -13.76
C PHE A 840 -19.61 -40.69 -14.31
N ILE A 841 -19.26 -41.93 -14.63
CA ILE A 841 -17.92 -42.23 -15.14
C ILE A 841 -17.67 -41.42 -16.40
N LYS A 842 -16.42 -40.99 -16.58
CA LYS A 842 -16.02 -40.25 -17.76
C LYS A 842 -14.59 -40.62 -18.11
N GLN A 843 -14.25 -40.46 -19.40
CA GLN A 843 -12.94 -40.78 -19.89
C GLN A 843 -12.03 -39.55 -19.86
N TYR A 844 -10.74 -39.77 -20.13
CA TYR A 844 -9.77 -38.69 -20.06
C TYR A 844 -9.75 -37.87 -21.35
N GLY A 845 -9.68 -38.54 -22.50
CA GLY A 845 -9.62 -37.84 -23.77
C GLY A 845 -10.89 -37.12 -24.17
N ASP A 846 -11.94 -37.18 -23.34
CA ASP A 846 -13.18 -36.50 -23.69
C ASP A 846 -12.96 -35.00 -23.88
N CYS A 847 -12.14 -34.39 -23.02
CA CYS A 847 -11.88 -32.96 -23.08
C CYS A 847 -10.57 -32.64 -23.80
N LEU A 848 -10.08 -33.54 -24.65
CA LEU A 848 -8.85 -33.36 -25.39
C LEU A 848 -9.17 -33.18 -26.87
N GLY A 849 -8.79 -32.03 -27.43
CA GLY A 849 -9.00 -31.77 -28.83
C GLY A 849 -10.46 -31.62 -29.20
N ASP A 850 -10.73 -31.01 -30.36
CA ASP A 850 -12.09 -30.80 -30.84
C ASP A 850 -12.93 -30.09 -29.79
N ILE A 851 -12.33 -29.10 -29.14
CA ILE A 851 -13.03 -28.33 -28.09
C ILE A 851 -13.75 -27.19 -28.81
N ALA A 852 -14.96 -27.49 -29.29
CA ALA A 852 -15.78 -26.54 -30.01
C ALA A 852 -17.14 -26.30 -29.36
N ALA A 853 -17.71 -27.30 -28.70
CA ALA A 853 -19.00 -27.12 -28.06
C ALA A 853 -18.84 -26.35 -26.75
N ARG A 854 -19.98 -26.09 -26.10
CA ARG A 854 -20.00 -25.38 -24.82
C ARG A 854 -19.54 -26.32 -23.72
N ASP A 855 -18.24 -26.62 -23.74
CA ASP A 855 -17.63 -27.57 -22.80
C ASP A 855 -17.29 -26.87 -21.48
N LEU A 856 -18.32 -26.33 -20.84
CA LEU A 856 -18.14 -25.72 -19.52
C LEU A 856 -17.93 -26.75 -18.43
N ILE A 857 -18.37 -28.01 -18.65
CA ILE A 857 -18.19 -29.04 -17.64
C ILE A 857 -16.72 -29.47 -17.57
N CYS A 858 -16.03 -29.46 -18.71
CA CYS A 858 -14.61 -29.78 -18.70
C CYS A 858 -13.83 -28.84 -17.80
N ALA A 859 -14.24 -27.57 -17.74
CA ALA A 859 -13.50 -26.60 -16.94
C ALA A 859 -13.68 -26.86 -15.45
N GLN A 860 -14.94 -26.98 -14.99
CA GLN A 860 -15.17 -27.21 -13.58
C GLN A 860 -14.55 -28.51 -13.12
N LYS A 861 -14.53 -29.53 -13.98
CA LYS A 861 -13.88 -30.79 -13.63
C LYS A 861 -12.37 -30.65 -13.55
N PHE A 862 -11.80 -29.61 -14.15
CA PHE A 862 -10.35 -29.43 -14.17
C PHE A 862 -9.83 -28.65 -12.98
N ASN A 863 -10.62 -27.69 -12.48
CA ASN A 863 -10.21 -26.86 -11.35
C ASN A 863 -10.77 -27.37 -10.03
N GLY A 864 -10.94 -28.70 -9.91
CA GLY A 864 -11.39 -29.30 -8.68
C GLY A 864 -12.88 -29.27 -8.46
N LEU A 865 -13.65 -28.55 -9.28
CA LEU A 865 -15.09 -28.44 -9.10
C LEU A 865 -15.76 -29.61 -9.80
N THR A 866 -15.71 -30.76 -9.14
CA THR A 866 -16.34 -31.97 -9.63
C THR A 866 -17.69 -32.17 -8.96
N VAL A 867 -18.47 -33.10 -9.51
CA VAL A 867 -19.81 -33.41 -9.04
C VAL A 867 -19.89 -34.90 -8.76
N LEU A 868 -20.05 -35.25 -7.51
CA LEU A 868 -20.14 -36.65 -7.14
C LEU A 868 -21.54 -37.18 -7.37
N PRO A 869 -21.68 -38.45 -7.74
CA PRO A 869 -23.01 -39.00 -8.02
C PRO A 869 -23.75 -39.35 -6.75
N PRO A 870 -25.06 -39.58 -6.84
CA PRO A 870 -25.84 -39.90 -5.64
C PRO A 870 -25.63 -41.32 -5.14
N LEU A 871 -26.36 -41.70 -4.11
CA LEU A 871 -26.31 -43.05 -3.56
C LEU A 871 -27.41 -43.92 -4.16
N LEU A 872 -28.66 -43.49 -4.03
CA LEU A 872 -29.79 -44.18 -4.64
C LEU A 872 -29.95 -43.69 -6.07
N THR A 873 -29.60 -44.53 -7.04
CA THR A 873 -29.72 -44.17 -8.44
C THR A 873 -31.18 -44.04 -8.84
N ASP A 874 -31.40 -43.37 -9.97
CA ASP A 874 -32.75 -43.15 -10.46
C ASP A 874 -33.51 -44.47 -10.63
N GLU A 875 -32.78 -45.57 -10.87
CA GLU A 875 -33.45 -46.85 -11.06
C GLU A 875 -33.97 -47.40 -9.74
N MET A 876 -33.29 -47.10 -8.63
CA MET A 876 -33.75 -47.58 -7.33
C MET A 876 -34.93 -46.76 -6.81
N ILE A 877 -34.93 -45.45 -7.08
CA ILE A 877 -36.04 -44.61 -6.65
C ILE A 877 -37.33 -45.07 -7.32
N ALA A 878 -37.24 -45.57 -8.55
CA ALA A 878 -38.43 -46.04 -9.24
C ALA A 878 -39.06 -47.23 -8.53
N GLN A 879 -38.24 -48.08 -7.91
CA GLN A 879 -38.78 -49.24 -7.21
C GLN A 879 -39.56 -48.81 -5.96
N TYR A 880 -38.96 -47.93 -5.16
CA TYR A 880 -39.68 -47.38 -4.02
C TYR A 880 -40.97 -46.71 -4.48
N THR A 881 -40.89 -45.90 -5.53
CA THR A 881 -42.07 -45.26 -6.08
C THR A 881 -43.07 -46.27 -6.59
N SER A 882 -42.62 -47.48 -6.96
CA SER A 882 -43.52 -48.54 -7.39
C SER A 882 -44.05 -49.33 -6.20
N ALA A 883 -43.23 -49.52 -5.17
CA ALA A 883 -43.70 -50.18 -3.96
C ALA A 883 -44.76 -49.33 -3.26
N LEU A 884 -44.46 -48.05 -3.06
CA LEU A 884 -45.46 -47.15 -2.48
C LEU A 884 -46.73 -47.13 -3.33
N LEU A 885 -46.57 -47.16 -4.65
CA LEU A 885 -47.73 -47.17 -5.54
C LEU A 885 -48.39 -48.55 -5.57
N ALA A 886 -47.72 -49.57 -5.03
CA ALA A 886 -48.27 -50.92 -5.06
C ALA A 886 -49.14 -51.20 -3.84
N GLY A 887 -48.67 -50.83 -2.65
CA GLY A 887 -49.46 -51.09 -1.45
C GLY A 887 -50.67 -50.21 -1.37
N THR A 888 -50.56 -48.95 -1.80
CA THR A 888 -51.69 -48.05 -1.76
C THR A 888 -52.83 -48.54 -2.65
N ILE A 889 -52.51 -49.23 -3.73
CA ILE A 889 -53.53 -49.74 -4.65
C ILE A 889 -53.91 -51.18 -4.35
N THR A 890 -53.39 -51.77 -3.28
CA THR A 890 -53.72 -53.15 -2.94
C THR A 890 -54.14 -53.29 -1.48
N SER A 891 -53.65 -52.39 -0.62
CA SER A 891 -53.93 -52.47 0.80
C SER A 891 -54.49 -51.19 1.40
N GLY A 892 -54.21 -50.01 0.83
CA GLY A 892 -54.73 -48.77 1.36
C GLY A 892 -53.75 -48.06 2.28
N TRP A 893 -54.24 -47.63 3.44
CA TRP A 893 -53.44 -46.91 4.41
C TRP A 893 -52.94 -47.79 5.55
N THR A 894 -52.94 -49.11 5.35
CA THR A 894 -52.49 -50.03 6.39
C THR A 894 -51.05 -50.45 6.24
N PHE A 895 -50.43 -50.23 5.09
CA PHE A 895 -49.06 -50.67 4.86
C PHE A 895 -48.03 -49.67 5.39
N GLY A 896 -48.46 -48.50 5.84
CA GLY A 896 -47.56 -47.53 6.44
C GLY A 896 -47.59 -47.59 7.95
N ALA A 897 -48.79 -47.66 8.52
CA ALA A 897 -48.99 -47.73 9.96
C ALA A 897 -49.00 -49.16 10.48
N GLY A 898 -48.60 -50.13 9.67
CA GLY A 898 -48.59 -51.52 10.08
C GLY A 898 -48.36 -52.45 8.91
N PRO A 899 -48.65 -53.73 9.11
CA PRO A 899 -48.48 -54.69 8.01
C PRO A 899 -49.45 -54.44 6.89
N ALA A 900 -49.04 -54.83 5.68
CA ALA A 900 -49.87 -54.64 4.49
C ALA A 900 -51.09 -55.54 4.57
N LEU A 901 -52.26 -54.94 4.70
CA LEU A 901 -53.54 -55.65 4.75
C LEU A 901 -54.27 -55.38 3.44
N GLN A 902 -54.35 -56.40 2.59
CA GLN A 902 -54.94 -56.22 1.28
C GLN A 902 -56.42 -55.85 1.37
N ILE A 903 -56.91 -55.20 0.33
CA ILE A 903 -58.32 -54.79 0.26
C ILE A 903 -58.62 -54.40 -1.19
N PRO A 904 -59.78 -54.73 -1.73
CA PRO A 904 -60.09 -54.31 -3.10
C PRO A 904 -60.06 -52.80 -3.25
N PHE A 905 -59.59 -52.33 -4.39
CA PHE A 905 -59.52 -50.89 -4.61
C PHE A 905 -60.88 -50.22 -4.51
N PRO A 906 -61.97 -50.78 -5.04
CA PRO A 906 -63.27 -50.11 -4.88
C PRO A 906 -63.64 -49.89 -3.41
N MET A 907 -63.53 -50.93 -2.58
CA MET A 907 -63.81 -50.76 -1.17
C MET A 907 -62.87 -49.73 -0.54
N GLN A 908 -61.59 -49.75 -0.95
CA GLN A 908 -60.66 -48.75 -0.47
C GLN A 908 -61.16 -47.35 -0.79
N MET A 909 -61.59 -47.12 -2.02
CA MET A 909 -62.06 -45.81 -2.43
C MET A 909 -63.34 -45.41 -1.69
N ALA A 910 -64.07 -46.38 -1.14
CA ALA A 910 -65.26 -46.05 -0.37
C ALA A 910 -64.90 -45.45 0.98
N TYR A 911 -63.87 -45.97 1.62
CA TYR A 911 -63.45 -45.42 2.91
C TYR A 911 -62.85 -44.04 2.75
N ARG A 912 -62.31 -43.71 1.58
CA ARG A 912 -61.89 -42.35 1.32
C ARG A 912 -63.08 -41.41 1.25
N PHE A 913 -64.20 -41.89 0.69
CA PHE A 913 -65.42 -41.09 0.67
C PHE A 913 -66.04 -40.99 2.05
N ASN A 914 -66.05 -42.09 2.80
CA ASN A 914 -66.59 -42.07 4.16
C ASN A 914 -65.73 -41.23 5.10
N GLY A 915 -64.52 -40.86 4.68
CA GLY A 915 -63.65 -40.06 5.51
C GLY A 915 -63.78 -38.57 5.24
N ILE A 916 -64.37 -38.22 4.10
CA ILE A 916 -64.57 -36.83 3.72
C ILE A 916 -66.01 -36.38 3.90
N GLY A 917 -66.85 -37.21 4.52
CA GLY A 917 -68.23 -36.88 4.76
C GLY A 917 -69.21 -37.38 3.74
N VAL A 918 -68.77 -38.23 2.82
CA VAL A 918 -69.66 -38.81 1.81
C VAL A 918 -69.86 -40.25 2.26
N THR A 919 -70.35 -41.14 1.40
CA THR A 919 -70.64 -42.49 1.84
C THR A 919 -70.12 -43.56 0.90
N GLN A 920 -70.23 -44.81 1.32
CA GLN A 920 -69.82 -45.91 0.46
C GLN A 920 -70.84 -46.10 -0.63
N ASN A 921 -72.06 -45.65 -0.38
CA ASN A 921 -73.13 -45.80 -1.36
C ASN A 921 -72.88 -45.01 -2.63
N VAL A 922 -72.47 -43.77 -2.52
CA VAL A 922 -72.25 -42.92 -3.69
C VAL A 922 -71.25 -43.59 -4.61
N LEU A 923 -70.31 -44.35 -4.05
CA LEU A 923 -69.27 -44.95 -4.86
C LEU A 923 -69.71 -46.27 -5.49
N TYR A 924 -70.25 -47.18 -4.69
CA TYR A 924 -70.69 -48.47 -5.21
C TYR A 924 -71.82 -48.32 -6.21
N GLU A 925 -72.52 -47.19 -6.21
CA GLU A 925 -73.63 -46.98 -7.13
C GLU A 925 -73.22 -46.18 -8.37
N ASN A 926 -72.21 -45.33 -8.27
CA ASN A 926 -71.70 -44.54 -9.39
C ASN A 926 -70.23 -44.85 -9.64
N GLN A 927 -69.82 -46.10 -9.43
CA GLN A 927 -68.42 -46.47 -9.60
C GLN A 927 -67.93 -46.15 -11.00
N LYS A 928 -68.66 -46.62 -12.02
CA LYS A 928 -68.22 -46.44 -13.40
C LYS A 928 -67.96 -44.97 -13.71
N LEU A 929 -68.83 -44.08 -13.24
CA LEU A 929 -68.61 -42.65 -13.47
C LEU A 929 -67.34 -42.17 -12.81
N ILE A 930 -67.05 -42.67 -11.60
CA ILE A 930 -65.86 -42.26 -10.88
C ILE A 930 -64.61 -42.65 -11.67
N ALA A 931 -64.51 -43.94 -12.02
CA ALA A 931 -63.34 -44.42 -12.75
C ALA A 931 -63.12 -43.64 -14.04
N ASN A 932 -64.19 -43.23 -14.70
CA ASN A 932 -64.06 -42.49 -15.95
C ASN A 932 -63.43 -41.12 -15.70
N GLN A 933 -63.96 -40.38 -14.73
CA GLN A 933 -63.36 -39.09 -14.38
C GLN A 933 -61.91 -39.26 -13.95
N PHE A 934 -61.58 -40.38 -13.31
CA PHE A 934 -60.20 -40.61 -12.90
C PHE A 934 -59.33 -40.95 -14.09
N ASN A 935 -59.75 -41.92 -14.91
CA ASN A 935 -58.95 -42.33 -16.06
C ASN A 935 -58.75 -41.17 -17.03
N SER A 936 -59.76 -40.33 -17.19
CA SER A 936 -59.63 -39.18 -18.06
C SER A 936 -58.68 -38.14 -17.47
N ALA A 937 -58.81 -37.90 -16.16
CA ALA A 937 -57.93 -36.93 -15.51
C ALA A 937 -56.48 -37.36 -15.58
N ILE A 938 -56.20 -38.63 -15.28
CA ILE A 938 -54.82 -39.13 -15.37
C ILE A 938 -54.31 -38.97 -16.79
N GLY A 939 -55.16 -39.25 -17.79
CA GLY A 939 -54.75 -39.05 -19.17
C GLY A 939 -54.45 -37.61 -19.50
N LYS A 940 -55.08 -36.68 -18.77
CA LYS A 940 -54.84 -35.26 -19.01
C LYS A 940 -53.50 -34.79 -18.47
N ILE A 941 -52.90 -35.54 -17.55
CA ILE A 941 -51.66 -35.09 -16.93
C ILE A 941 -50.53 -35.10 -17.96
N GLN A 942 -50.32 -36.23 -18.62
CA GLN A 942 -49.27 -36.31 -19.63
C GLN A 942 -49.47 -35.25 -20.72
N ASP A 943 -50.73 -35.02 -21.12
CA ASP A 943 -50.99 -33.99 -22.11
C ASP A 943 -50.70 -32.60 -21.54
N SER A 944 -51.02 -32.38 -20.26
CA SER A 944 -50.75 -31.08 -19.65
C SER A 944 -49.25 -30.85 -19.53
N LEU A 945 -48.52 -31.81 -18.95
CA LEU A 945 -47.08 -31.66 -18.80
C LEU A 945 -46.39 -31.58 -20.14
N SER A 946 -46.89 -32.30 -21.15
CA SER A 946 -46.27 -32.28 -22.46
C SER A 946 -46.57 -30.98 -23.20
N SER A 947 -47.74 -30.40 -22.98
CA SER A 947 -48.09 -29.15 -23.63
C SER A 947 -47.46 -27.94 -22.96
N THR A 948 -47.10 -28.04 -21.69
CA THR A 948 -46.48 -26.95 -20.95
C THR A 948 -45.01 -27.26 -20.73
N PRO A 949 -44.07 -26.51 -21.33
CA PRO A 949 -42.64 -26.81 -21.09
C PRO A 949 -42.12 -26.32 -19.76
N SER A 950 -42.82 -25.40 -19.09
CA SER A 950 -42.38 -24.82 -17.82
C SER A 950 -43.07 -25.46 -16.63
N ALA A 951 -43.37 -26.77 -16.70
CA ALA A 951 -44.04 -27.44 -15.60
C ALA A 951 -43.08 -27.79 -14.48
N LEU A 952 -41.87 -28.24 -14.82
CA LEU A 952 -40.87 -28.66 -13.85
C LEU A 952 -39.84 -27.57 -13.58
N GLY A 953 -40.25 -26.31 -13.67
CA GLY A 953 -39.30 -25.22 -13.45
C GLY A 953 -38.72 -25.22 -12.04
N LYS A 954 -39.50 -25.63 -11.05
CA LYS A 954 -39.00 -25.65 -9.67
C LYS A 954 -37.78 -26.55 -9.56
N LEU A 955 -37.81 -27.70 -10.24
CA LEU A 955 -36.65 -28.59 -10.22
C LEU A 955 -35.55 -28.10 -11.14
N GLN A 956 -35.92 -27.59 -12.33
CA GLN A 956 -34.92 -27.11 -13.26
C GLN A 956 -34.14 -25.93 -12.70
N ASP A 957 -34.78 -25.13 -11.86
CA ASP A 957 -34.07 -24.01 -11.24
C ASP A 957 -32.91 -24.50 -10.38
N VAL A 958 -33.09 -25.66 -9.74
CA VAL A 958 -32.03 -26.21 -8.88
C VAL A 958 -30.76 -26.45 -9.70
N VAL A 959 -30.86 -27.31 -10.71
CA VAL A 959 -29.68 -27.66 -11.50
C VAL A 959 -29.14 -26.44 -12.24
N ASN A 960 -29.97 -25.43 -12.47
CA ASN A 960 -29.50 -24.20 -13.10
C ASN A 960 -28.68 -23.36 -12.13
N HIS A 961 -29.17 -23.21 -10.89
CA HIS A 961 -28.41 -22.46 -9.90
C HIS A 961 -27.11 -23.17 -9.54
N ASN A 962 -27.17 -24.50 -9.39
CA ASN A 962 -25.95 -25.25 -9.09
C ASN A 962 -24.92 -25.09 -10.21
N ALA A 963 -25.38 -25.00 -11.45
CA ALA A 963 -24.47 -24.73 -12.55
C ALA A 963 -24.00 -23.28 -12.54
N GLN A 964 -24.93 -22.35 -12.37
CA GLN A 964 -24.58 -20.94 -12.28
C GLN A 964 -23.70 -20.64 -11.08
N ALA A 965 -23.71 -21.51 -10.06
CA ALA A 965 -22.86 -21.31 -8.90
C ALA A 965 -21.42 -21.69 -9.19
N LEU A 966 -21.21 -22.76 -9.95
CA LEU A 966 -19.86 -23.19 -10.28
C LEU A 966 -19.31 -22.42 -11.47
N ASN A 967 -20.14 -22.19 -12.50
CA ASN A 967 -19.67 -21.46 -13.67
C ASN A 967 -19.14 -20.09 -13.29
N THR A 968 -19.88 -19.36 -12.45
CA THR A 968 -19.39 -18.07 -11.98
C THR A 968 -18.13 -18.25 -11.14
N LEU A 969 -18.06 -19.35 -10.38
CA LEU A 969 -16.88 -19.62 -9.58
C LEU A 969 -15.64 -19.87 -10.42
N VAL A 970 -15.83 -20.26 -11.69
CA VAL A 970 -14.70 -20.45 -12.59
C VAL A 970 -14.23 -19.12 -13.15
N LYS A 971 -15.17 -18.23 -13.46
CA LYS A 971 -14.82 -16.90 -13.94
C LYS A 971 -14.14 -16.07 -12.86
N GLN A 972 -14.33 -16.41 -11.58
CA GLN A 972 -13.65 -15.70 -10.51
C GLN A 972 -12.15 -15.91 -10.55
N LEU A 973 -11.68 -16.95 -11.25
CA LEU A 973 -10.25 -17.17 -11.39
C LEU A 973 -9.61 -16.14 -12.31
N SER A 974 -10.39 -15.47 -13.15
CA SER A 974 -9.87 -14.39 -13.97
C SER A 974 -9.84 -13.06 -13.23
N SER A 975 -10.37 -13.00 -12.01
CA SER A 975 -10.38 -11.78 -11.23
C SER A 975 -9.00 -11.52 -10.65
N LYS A 976 -8.38 -10.41 -11.06
CA LYS A 976 -7.05 -10.04 -10.59
C LYS A 976 -7.20 -9.33 -9.24
N PHE A 977 -7.34 -10.13 -8.19
CA PHE A 977 -7.53 -9.60 -6.85
C PHE A 977 -6.25 -8.93 -6.40
N GLY A 978 -6.18 -7.60 -6.54
CA GLY A 978 -5.02 -6.84 -6.15
C GLY A 978 -3.72 -7.36 -6.74
N ALA A 979 -3.82 -8.07 -7.86
CA ALA A 979 -2.67 -8.68 -8.50
C ALA A 979 -2.50 -8.14 -9.92
N ILE A 980 -1.28 -8.27 -10.43
CA ILE A 980 -0.98 -7.83 -11.79
C ILE A 980 -1.34 -8.87 -12.84
N SER A 981 -1.86 -10.02 -12.42
CA SER A 981 -2.25 -11.08 -13.34
C SER A 981 -3.00 -12.14 -12.56
N SER A 982 -3.93 -12.80 -13.24
CA SER A 982 -4.76 -13.82 -12.61
C SER A 982 -4.22 -15.23 -12.80
N VAL A 983 -3.15 -15.40 -13.56
CA VAL A 983 -2.52 -16.70 -13.78
C VAL A 983 -1.28 -16.76 -12.90
N LEU A 984 -1.22 -17.79 -12.04
CA LEU A 984 -0.09 -17.92 -11.13
C LEU A 984 1.20 -18.14 -11.90
N ASN A 985 1.17 -19.00 -12.91
CA ASN A 985 2.39 -19.30 -13.67
C ASN A 985 2.98 -18.04 -14.28
N ASP A 986 2.14 -17.05 -14.60
CA ASP A 986 2.66 -15.80 -15.16
C ASP A 986 3.37 -14.97 -14.10
N ILE A 987 2.89 -15.05 -12.85
CA ILE A 987 3.52 -14.27 -11.78
C ILE A 987 4.90 -14.83 -11.47
N LEU A 988 4.97 -16.12 -11.16
CA LEU A 988 6.26 -16.74 -10.85
C LEU A 988 7.24 -16.60 -11.99
N SER A 989 6.75 -16.47 -13.22
CA SER A 989 7.62 -16.31 -14.37
C SER A 989 8.04 -14.86 -14.59
N ARG A 990 7.31 -13.90 -14.05
CA ARG A 990 7.60 -12.48 -14.24
C ARG A 990 8.21 -11.81 -13.03
N LEU A 991 7.97 -12.33 -11.82
CA LEU A 991 8.45 -11.70 -10.60
C LEU A 991 9.24 -12.71 -9.77
N ASP A 992 10.01 -12.18 -8.83
CA ASP A 992 10.80 -13.00 -7.92
C ASP A 992 9.95 -13.45 -6.74
N PRO A 993 10.39 -14.47 -6.02
CA PRO A 993 9.58 -15.00 -4.91
C PRO A 993 9.25 -13.92 -3.89
N PRO A 994 10.23 -13.09 -3.49
CA PRO A 994 9.90 -12.01 -2.55
C PRO A 994 8.75 -11.14 -2.99
N GLU A 995 8.81 -10.63 -4.22
CA GLU A 995 7.74 -9.79 -4.75
C GLU A 995 6.58 -10.61 -5.30
N ALA A 996 6.79 -11.88 -5.63
CA ALA A 996 5.70 -12.71 -6.13
C ALA A 996 4.73 -13.08 -5.01
N GLU A 997 5.25 -13.41 -3.83
CA GLU A 997 4.39 -13.73 -2.70
C GLU A 997 3.49 -12.55 -2.36
N VAL A 998 3.95 -11.32 -2.60
CA VAL A 998 3.11 -10.15 -2.35
C VAL A 998 1.89 -10.14 -3.26
N GLN A 999 1.96 -10.83 -4.39
CA GLN A 999 0.83 -10.94 -5.31
C GLN A 999 0.04 -12.23 -5.06
N ILE A 1000 0.74 -13.36 -4.99
CA ILE A 1000 0.07 -14.64 -4.78
C ILE A 1000 -0.73 -14.62 -3.50
N ASP A 1001 -0.20 -13.99 -2.45
CA ASP A 1001 -0.91 -13.94 -1.18
C ASP A 1001 -2.26 -13.27 -1.32
N ARG A 1002 -2.40 -12.38 -2.31
CA ARG A 1002 -3.67 -11.71 -2.54
C ARG A 1002 -4.65 -12.62 -3.26
N LEU A 1003 -4.20 -13.30 -4.32
CA LEU A 1003 -5.08 -14.20 -5.05
C LEU A 1003 -5.61 -15.31 -4.15
N ILE A 1004 -4.83 -15.71 -3.14
CA ILE A 1004 -5.28 -16.77 -2.24
C ILE A 1004 -6.49 -16.30 -1.44
N THR A 1005 -6.50 -15.03 -1.06
CA THR A 1005 -7.63 -14.50 -0.29
C THR A 1005 -8.90 -14.46 -1.12
N GLY A 1006 -8.82 -13.85 -2.31
CA GLY A 1006 -10.00 -13.75 -3.14
C GLY A 1006 -10.55 -15.10 -3.55
N ARG A 1007 -9.67 -16.01 -3.97
CA ARG A 1007 -10.12 -17.33 -4.37
C ARG A 1007 -10.66 -18.11 -3.18
N LEU A 1008 -10.21 -17.77 -1.96
CA LEU A 1008 -10.78 -18.40 -0.77
C LEU A 1008 -12.14 -17.81 -0.44
N GLN A 1009 -12.26 -16.49 -0.50
CA GLN A 1009 -13.56 -15.85 -0.28
C GLN A 1009 -14.57 -16.31 -1.31
N SER A 1010 -14.12 -16.58 -2.54
CA SER A 1010 -15.03 -17.08 -3.57
C SER A 1010 -15.59 -18.43 -3.19
N LEU A 1011 -14.77 -19.27 -2.54
CA LEU A 1011 -15.28 -20.56 -2.06
C LEU A 1011 -16.17 -20.38 -0.85
N GLN A 1012 -15.80 -19.48 0.06
CA GLN A 1012 -16.67 -19.19 1.20
C GLN A 1012 -18.00 -18.63 0.73
N THR A 1013 -17.96 -17.71 -0.24
CA THR A 1013 -19.18 -17.20 -0.82
C THR A 1013 -19.96 -18.30 -1.52
N TYR A 1014 -19.26 -19.34 -1.98
CA TYR A 1014 -19.94 -20.46 -2.63
C TYR A 1014 -20.50 -21.44 -1.61
N VAL A 1015 -19.67 -21.84 -0.63
CA VAL A 1015 -20.12 -22.80 0.36
C VAL A 1015 -21.25 -22.22 1.21
N THR A 1016 -21.20 -20.91 1.48
CA THR A 1016 -22.26 -20.28 2.27
C THR A 1016 -23.61 -20.42 1.57
N GLN A 1017 -23.66 -20.10 0.27
CA GLN A 1017 -24.92 -20.20 -0.46
C GLN A 1017 -25.41 -21.63 -0.54
N GLN A 1018 -24.49 -22.58 -0.73
CA GLN A 1018 -24.88 -23.99 -0.78
C GLN A 1018 -25.53 -24.42 0.53
N LEU A 1019 -24.96 -24.01 1.66
CA LEU A 1019 -25.57 -24.32 2.95
C LEU A 1019 -26.97 -23.74 3.04
N ILE A 1020 -27.14 -22.47 2.62
CA ILE A 1020 -28.46 -21.86 2.64
C ILE A 1020 -29.39 -22.61 1.70
N ARG A 1021 -28.92 -22.90 0.50
CA ARG A 1021 -29.73 -23.70 -0.42
C ARG A 1021 -30.00 -25.07 0.15
N ALA A 1022 -29.03 -25.65 0.84
CA ALA A 1022 -29.23 -26.97 1.45
C ALA A 1022 -30.37 -26.94 2.45
N ALA A 1023 -30.50 -25.84 3.19
CA ALA A 1023 -31.60 -25.71 4.15
C ALA A 1023 -32.95 -25.64 3.45
N GLU A 1024 -33.00 -25.02 2.27
CA GLU A 1024 -34.26 -24.93 1.54
C GLU A 1024 -34.70 -26.32 1.05
N ILE A 1025 -33.75 -27.13 0.59
CA ILE A 1025 -34.09 -28.45 0.08
C ILE A 1025 -34.62 -29.34 1.20
N ARG A 1026 -33.94 -29.33 2.35
CA ARG A 1026 -34.38 -30.17 3.45
C ARG A 1026 -35.79 -29.81 3.90
N ALA A 1027 -36.10 -28.51 3.94
CA ALA A 1027 -37.45 -28.10 4.28
C ALA A 1027 -38.46 -28.70 3.33
N SER A 1028 -38.13 -28.75 2.04
CA SER A 1028 -39.02 -29.39 1.07
C SER A 1028 -38.98 -30.90 1.20
N ALA A 1029 -37.80 -31.46 1.47
CA ALA A 1029 -37.71 -32.90 1.67
C ALA A 1029 -38.49 -33.33 2.90
N ASN A 1030 -38.45 -32.52 3.96
CA ASN A 1030 -39.26 -32.83 5.14
C ASN A 1030 -40.74 -32.68 4.84
N LEU A 1031 -41.10 -31.68 4.02
CA LEU A 1031 -42.48 -31.54 3.60
C LEU A 1031 -42.88 -32.69 2.67
N ALA A 1032 -42.02 -33.02 1.72
CA ALA A 1032 -42.27 -34.18 0.86
C ALA A 1032 -42.34 -35.45 1.70
N ALA A 1033 -41.45 -35.57 2.69
CA ALA A 1033 -41.51 -36.72 3.58
C ALA A 1033 -42.80 -36.73 4.38
N THR A 1034 -43.32 -35.55 4.74
CA THR A 1034 -44.59 -35.47 5.44
C THR A 1034 -45.75 -35.60 4.47
N LYS A 1035 -45.68 -34.90 3.32
CA LYS A 1035 -46.73 -35.02 2.32
C LYS A 1035 -46.81 -36.44 1.78
N MET A 1036 -45.69 -37.15 1.77
CA MET A 1036 -45.71 -38.57 1.40
C MET A 1036 -46.49 -39.38 2.42
N SER A 1037 -46.12 -39.27 3.69
CA SER A 1037 -46.74 -40.10 4.72
C SER A 1037 -48.20 -39.72 4.92
N GLU A 1038 -48.53 -38.43 4.82
CA GLU A 1038 -49.90 -38.02 5.09
C GLU A 1038 -50.81 -38.23 3.89
N CYS A 1039 -50.35 -37.89 2.69
CA CYS A 1039 -51.21 -37.96 1.51
C CYS A 1039 -51.24 -39.36 0.91
N VAL A 1040 -50.12 -40.08 0.95
CA VAL A 1040 -50.03 -41.39 0.32
C VAL A 1040 -50.41 -42.47 1.30
N LEU A 1041 -49.68 -42.56 2.42
CA LEU A 1041 -49.92 -43.62 3.39
C LEU A 1041 -51.25 -43.45 4.13
N GLY A 1042 -51.99 -42.38 3.87
CA GLY A 1042 -53.26 -42.19 4.54
C GLY A 1042 -54.06 -41.09 3.89
N GLN A 1043 -55.18 -40.76 4.53
CA GLN A 1043 -56.08 -39.71 4.07
C GLN A 1043 -55.96 -38.52 5.01
N SER A 1044 -55.57 -37.38 4.47
CA SER A 1044 -55.31 -36.18 5.26
C SER A 1044 -56.52 -35.25 5.21
N LYS A 1045 -56.98 -34.82 6.38
CA LYS A 1045 -58.05 -33.85 6.49
C LYS A 1045 -57.55 -32.42 6.47
N ARG A 1046 -56.25 -32.22 6.26
CA ARG A 1046 -55.66 -30.89 6.19
C ARG A 1046 -56.04 -30.26 4.85
N VAL A 1047 -56.85 -29.22 4.88
CA VAL A 1047 -57.33 -28.59 3.65
C VAL A 1047 -56.17 -27.93 2.92
N ASP A 1048 -56.19 -28.02 1.60
CA ASP A 1048 -55.20 -27.37 0.74
C ASP A 1048 -53.77 -27.83 1.06
N PHE A 1049 -53.63 -29.05 1.58
CA PHE A 1049 -52.33 -29.66 1.81
C PHE A 1049 -52.05 -30.78 0.83
N CYS A 1050 -52.93 -31.78 0.76
CA CYS A 1050 -52.82 -32.84 -0.25
C CYS A 1050 -53.70 -32.52 -1.45
N GLY A 1051 -53.43 -31.35 -2.06
CA GLY A 1051 -54.20 -30.88 -3.18
C GLY A 1051 -55.39 -30.04 -2.76
N LYS A 1052 -56.00 -29.40 -3.75
CA LYS A 1052 -57.15 -28.53 -3.51
C LYS A 1052 -58.42 -29.35 -3.52
N GLY A 1053 -59.05 -29.46 -2.36
CA GLY A 1053 -60.29 -30.21 -2.21
C GLY A 1053 -60.14 -31.34 -1.20
N TYR A 1054 -61.29 -31.96 -0.91
CA TYR A 1054 -61.30 -33.11 -0.03
C TYR A 1054 -60.38 -34.20 -0.58
N HIS A 1055 -59.46 -34.65 0.26
CA HIS A 1055 -58.41 -35.57 -0.18
C HIS A 1055 -58.96 -37.00 -0.23
N LEU A 1056 -58.88 -37.61 -1.41
CA LEU A 1056 -59.22 -39.01 -1.58
C LEU A 1056 -58.00 -39.90 -1.49
N MET A 1057 -56.94 -39.55 -2.22
CA MET A 1057 -55.70 -40.32 -2.23
C MET A 1057 -54.69 -39.59 -3.08
N SER A 1058 -53.41 -39.91 -2.88
CA SER A 1058 -52.32 -39.31 -3.62
C SER A 1058 -51.37 -40.41 -4.09
N PHE A 1059 -50.67 -40.13 -5.18
CA PHE A 1059 -49.76 -41.09 -5.79
C PHE A 1059 -48.42 -40.41 -6.05
N PRO A 1060 -47.30 -41.00 -5.62
CA PRO A 1060 -45.99 -40.39 -5.87
C PRO A 1060 -45.42 -40.76 -7.22
N GLN A 1061 -44.59 -39.86 -7.73
CA GLN A 1061 -43.87 -40.08 -8.98
C GLN A 1061 -42.47 -39.50 -8.85
N SER A 1062 -41.47 -40.31 -9.17
CA SER A 1062 -40.09 -39.88 -9.05
C SER A 1062 -39.72 -38.89 -10.14
N ALA A 1063 -38.73 -38.07 -9.86
CA ALA A 1063 -38.26 -37.05 -10.80
C ALA A 1063 -36.83 -36.71 -10.46
N PRO A 1064 -36.06 -36.22 -11.43
CA PRO A 1064 -34.65 -35.89 -11.17
C PRO A 1064 -34.53 -34.73 -10.19
N HIS A 1065 -33.87 -34.98 -9.06
CA HIS A 1065 -33.65 -33.96 -8.04
C HIS A 1065 -34.97 -33.36 -7.58
N GLY A 1066 -35.97 -34.21 -7.35
CA GLY A 1066 -37.26 -33.73 -6.91
C GLY A 1066 -38.25 -34.87 -6.81
N VAL A 1067 -39.50 -34.51 -6.59
CA VAL A 1067 -40.59 -35.47 -6.44
C VAL A 1067 -41.86 -34.82 -6.94
N VAL A 1068 -42.79 -35.65 -7.43
CA VAL A 1068 -44.07 -35.19 -7.94
C VAL A 1068 -45.17 -35.99 -7.28
N PHE A 1069 -46.21 -35.30 -6.81
CA PHE A 1069 -47.36 -35.94 -6.18
C PHE A 1069 -48.60 -35.70 -7.04
N LEU A 1070 -49.29 -36.78 -7.37
CA LEU A 1070 -50.56 -36.72 -8.09
C LEU A 1070 -51.67 -36.77 -7.07
N HIS A 1071 -52.28 -35.61 -6.78
CA HIS A 1071 -53.28 -35.50 -5.73
C HIS A 1071 -54.67 -35.65 -6.32
N VAL A 1072 -55.45 -36.55 -5.74
CA VAL A 1072 -56.84 -36.77 -6.15
C VAL A 1072 -57.75 -36.10 -5.14
N THR A 1073 -58.70 -35.31 -5.63
CA THR A 1073 -59.57 -34.51 -4.78
C THR A 1073 -61.01 -34.66 -5.20
N TYR A 1074 -61.91 -34.54 -4.22
CA TYR A 1074 -63.36 -34.59 -4.44
C TYR A 1074 -63.88 -33.16 -4.47
N VAL A 1075 -64.27 -32.69 -5.65
CA VAL A 1075 -64.74 -31.33 -5.85
C VAL A 1075 -66.19 -31.39 -6.29
N PRO A 1076 -67.15 -30.91 -5.49
CA PRO A 1076 -68.55 -30.92 -5.93
C PRO A 1076 -68.81 -29.88 -7.01
N ALA A 1077 -69.92 -30.08 -7.72
CA ALA A 1077 -70.30 -29.19 -8.80
C ALA A 1077 -71.80 -29.29 -9.02
N GLN A 1078 -72.32 -28.37 -9.83
CA GLN A 1078 -73.73 -28.31 -10.20
C GLN A 1078 -74.62 -28.50 -8.97
N GLU A 1079 -74.52 -27.54 -8.06
CA GLU A 1079 -75.28 -27.57 -6.82
C GLU A 1079 -76.64 -26.89 -7.03
N LYS A 1080 -77.54 -27.10 -6.07
CA LYS A 1080 -78.87 -26.52 -6.09
C LYS A 1080 -79.11 -25.79 -4.78
N ASN A 1081 -80.18 -25.00 -4.76
CA ASN A 1081 -80.55 -24.19 -3.61
C ASN A 1081 -81.82 -24.73 -2.98
N PHE A 1082 -81.80 -24.91 -1.67
CA PHE A 1082 -82.94 -25.41 -0.92
C PHE A 1082 -83.15 -24.54 0.31
N THR A 1083 -84.25 -24.80 1.02
CA THR A 1083 -84.61 -24.08 2.23
C THR A 1083 -84.22 -24.93 3.44
N THR A 1084 -83.41 -24.37 4.33
CA THR A 1084 -82.89 -25.09 5.48
C THR A 1084 -83.61 -24.67 6.76
N ALA A 1085 -83.73 -25.63 7.67
CA ALA A 1085 -84.32 -25.40 8.99
C ALA A 1085 -83.42 -26.04 10.02
N PRO A 1086 -82.91 -25.28 11.00
CA PRO A 1086 -81.99 -25.88 11.99
C PRO A 1086 -82.58 -27.07 12.71
N ALA A 1087 -83.90 -27.19 12.80
CA ALA A 1087 -84.52 -28.28 13.53
C ALA A 1087 -85.95 -28.46 13.03
N ILE A 1088 -86.56 -29.56 13.45
CA ILE A 1088 -87.95 -29.88 13.11
C ILE A 1088 -88.72 -30.03 14.42
N CYS A 1089 -89.82 -29.29 14.53
CA CYS A 1089 -90.63 -29.28 15.74
C CYS A 1089 -91.73 -30.34 15.61
N HIS A 1090 -91.54 -31.47 16.26
CA HIS A 1090 -92.55 -32.52 16.30
C HIS A 1090 -93.49 -32.26 17.47
N ASP A 1091 -94.27 -33.26 17.86
CA ASP A 1091 -95.37 -33.06 18.81
C ASP A 1091 -94.81 -32.77 20.19
N GLY A 1092 -94.34 -31.54 20.36
CA GLY A 1092 -93.84 -31.08 21.64
C GLY A 1092 -92.34 -31.17 21.82
N LYS A 1093 -91.60 -31.50 20.77
CA LYS A 1093 -90.15 -31.65 20.88
C LYS A 1093 -89.50 -31.32 19.54
N ALA A 1094 -88.27 -30.86 19.61
CA ALA A 1094 -87.50 -30.48 18.43
C ALA A 1094 -86.51 -31.60 18.10
N HIS A 1095 -86.46 -31.98 16.82
CA HIS A 1095 -85.59 -33.04 16.35
C HIS A 1095 -84.49 -32.43 15.48
N PHE A 1096 -83.25 -32.71 15.84
CA PHE A 1096 -82.08 -32.16 15.16
C PHE A 1096 -81.46 -33.21 14.25
N PRO A 1097 -80.73 -32.80 13.21
CA PRO A 1097 -80.11 -33.77 12.31
C PRO A 1097 -78.96 -34.51 12.98
N ARG A 1098 -78.94 -35.83 12.83
CA ARG A 1098 -77.89 -36.63 13.44
C ARG A 1098 -76.52 -36.30 12.84
N GLU A 1099 -76.40 -36.42 11.52
CA GLU A 1099 -75.16 -36.10 10.82
C GLU A 1099 -75.34 -35.25 9.58
N GLY A 1100 -76.52 -35.23 8.97
CA GLY A 1100 -76.76 -34.47 7.76
C GLY A 1100 -77.35 -33.11 8.03
N VAL A 1101 -78.20 -32.66 7.11
CA VAL A 1101 -78.86 -31.36 7.20
C VAL A 1101 -80.24 -31.47 6.56
N PHE A 1102 -81.17 -30.69 7.09
CA PHE A 1102 -82.55 -30.67 6.59
C PHE A 1102 -82.67 -29.73 5.40
N VAL A 1103 -83.57 -30.10 4.47
CA VAL A 1103 -83.81 -29.31 3.27
C VAL A 1103 -85.23 -29.61 2.79
N SER A 1104 -85.77 -28.69 1.98
CA SER A 1104 -87.09 -28.84 1.40
C SER A 1104 -87.11 -28.22 0.01
N ASN A 1105 -87.68 -28.94 -0.95
CA ASN A 1105 -87.83 -28.45 -2.30
C ASN A 1105 -88.99 -27.46 -2.43
N GLY A 1106 -89.71 -27.18 -1.34
CA GLY A 1106 -90.83 -26.26 -1.34
C GLY A 1106 -92.12 -26.85 -0.86
N THR A 1107 -92.25 -28.18 -0.85
CA THR A 1107 -93.47 -28.85 -0.41
C THR A 1107 -93.22 -30.01 0.54
N HIS A 1108 -92.01 -30.56 0.59
CA HIS A 1108 -91.68 -31.66 1.49
C HIS A 1108 -90.31 -31.44 2.08
N TRP A 1109 -90.09 -32.00 3.25
CA TRP A 1109 -88.82 -31.88 3.97
C TRP A 1109 -88.07 -33.20 3.93
N PHE A 1110 -86.74 -33.12 3.75
CA PHE A 1110 -85.89 -34.29 3.71
C PHE A 1110 -84.56 -33.96 4.36
N VAL A 1111 -83.86 -35.00 4.79
CA VAL A 1111 -82.53 -34.89 5.39
C VAL A 1111 -81.53 -35.56 4.46
N THR A 1112 -80.32 -35.00 4.41
CA THR A 1112 -79.29 -35.50 3.52
C THR A 1112 -77.95 -34.96 3.96
N GLN A 1113 -76.89 -35.64 3.54
CA GLN A 1113 -75.53 -35.17 3.80
C GLN A 1113 -75.30 -33.83 3.11
N ARG A 1114 -74.22 -33.16 3.54
CA ARG A 1114 -73.95 -31.81 3.05
C ARG A 1114 -73.32 -31.80 1.66
N ASN A 1115 -72.44 -32.75 1.37
CA ASN A 1115 -71.67 -32.75 0.13
C ASN A 1115 -72.30 -33.63 -0.95
N PHE A 1116 -73.53 -34.09 -0.76
CA PHE A 1116 -74.22 -34.86 -1.79
C PHE A 1116 -75.70 -34.85 -1.48
N TYR A 1117 -76.51 -34.40 -2.44
CA TYR A 1117 -77.95 -34.29 -2.26
C TYR A 1117 -78.57 -35.67 -2.38
N GLU A 1118 -78.84 -36.31 -1.25
CA GLU A 1118 -79.52 -37.60 -1.19
C GLU A 1118 -80.67 -37.47 -0.20
N PRO A 1119 -81.79 -36.87 -0.62
CA PRO A 1119 -82.90 -36.63 0.32
C PRO A 1119 -83.56 -37.94 0.73
N GLN A 1120 -83.72 -38.11 2.03
CA GLN A 1120 -84.41 -39.27 2.52
C GLN A 1120 -85.34 -38.68 3.49
N ILE A 1121 -86.39 -39.41 3.85
CA ILE A 1121 -87.41 -38.85 4.74
C ILE A 1121 -86.92 -38.61 6.15
N ILE A 1122 -87.58 -37.69 6.85
CA ILE A 1122 -87.23 -37.44 8.23
C ILE A 1122 -87.67 -38.64 9.04
N THR A 1123 -86.72 -39.41 9.54
CA THR A 1123 -87.04 -40.61 10.31
C THR A 1123 -86.58 -40.43 11.74
N THR A 1124 -87.11 -41.23 12.64
CA THR A 1124 -86.73 -41.14 14.05
C THR A 1124 -85.26 -41.49 14.23
N ASP A 1125 -84.78 -42.44 13.44
CA ASP A 1125 -83.39 -42.86 13.53
C ASP A 1125 -82.47 -41.87 12.85
N ASN A 1126 -83.00 -41.05 11.95
CA ASN A 1126 -82.19 -40.05 11.27
C ASN A 1126 -82.04 -38.80 12.09
N THR A 1127 -82.79 -38.71 13.20
CA THR A 1127 -82.76 -37.50 14.02
C THR A 1127 -82.46 -37.79 15.48
N PHE A 1128 -82.23 -36.73 16.25
CA PHE A 1128 -82.05 -36.90 17.69
C PHE A 1128 -82.85 -35.80 18.38
N VAL A 1129 -83.51 -36.12 19.49
CA VAL A 1129 -84.38 -35.13 20.12
C VAL A 1129 -83.67 -34.54 21.33
N SER A 1130 -83.79 -33.23 21.51
CA SER A 1130 -83.16 -32.55 22.63
C SER A 1130 -83.94 -31.27 22.91
N GLY A 1131 -84.78 -31.30 23.95
CA GLY A 1131 -85.49 -30.12 24.39
C GLY A 1131 -86.73 -29.83 23.57
N ASN A 1132 -87.40 -28.74 23.93
CA ASN A 1132 -88.62 -28.30 23.28
C ASN A 1132 -88.26 -27.46 22.05
N CYS A 1133 -89.26 -26.78 21.49
CA CYS A 1133 -89.08 -25.99 20.27
C CYS A 1133 -88.89 -24.51 20.54
N ASP A 1134 -89.36 -24.00 21.67
CA ASP A 1134 -89.27 -22.58 21.96
C ASP A 1134 -87.82 -22.09 22.06
N VAL A 1135 -86.88 -22.99 22.33
CA VAL A 1135 -85.49 -22.58 22.50
C VAL A 1135 -84.77 -22.38 21.18
N VAL A 1136 -85.30 -22.93 20.09
CA VAL A 1136 -84.69 -22.82 18.77
C VAL A 1136 -85.22 -21.57 18.08
N ILE A 1137 -84.39 -20.97 17.24
CA ILE A 1137 -84.75 -19.70 16.62
C ILE A 1137 -85.56 -19.94 15.35
N GLY A 1138 -84.96 -20.61 14.36
CA GLY A 1138 -85.60 -20.79 13.07
C GLY A 1138 -86.19 -22.17 12.87
N ILE A 1139 -86.64 -22.80 13.96
CA ILE A 1139 -87.22 -24.13 13.84
C ILE A 1139 -88.52 -24.07 13.04
N VAL A 1140 -88.86 -25.20 12.43
CA VAL A 1140 -90.05 -25.32 11.60
C VAL A 1140 -90.79 -26.59 12.00
N ASN A 1141 -92.07 -26.62 11.65
CA ASN A 1141 -92.93 -27.76 11.96
C ASN A 1141 -92.96 -28.72 10.79
N ASN A 1142 -92.80 -30.01 11.08
CA ASN A 1142 -92.85 -31.05 10.06
C ASN A 1142 -92.89 -32.40 10.77
N THR A 1143 -93.67 -33.33 10.22
CA THR A 1143 -93.85 -34.63 10.85
C THR A 1143 -92.59 -35.49 10.68
N VAL A 1144 -92.53 -36.55 11.48
CA VAL A 1144 -91.45 -37.52 11.43
C VAL A 1144 -92.07 -38.90 11.35
N TYR A 1145 -91.34 -39.82 10.69
CA TYR A 1145 -91.82 -41.17 10.46
C TYR A 1145 -91.25 -42.10 11.53
N ASP A 1146 -92.14 -42.87 12.16
CA ASP A 1146 -91.76 -43.84 13.18
C ASP A 1146 -91.93 -45.24 12.63
N PRO A 1147 -90.87 -45.91 12.18
CA PRO A 1147 -91.04 -47.24 11.56
C PRO A 1147 -91.45 -48.33 12.55
N LEU A 1148 -91.63 -48.01 13.84
CA LEU A 1148 -92.06 -49.01 14.81
C LEU A 1148 -93.57 -49.11 14.93
N GLN A 1149 -94.28 -48.02 14.66
CA GLN A 1149 -95.74 -48.00 14.79
C GLN A 1149 -96.41 -48.83 13.69
N PRO A 1150 -95.97 -48.72 12.43
CA PRO A 1150 -96.62 -49.52 11.38
C PRO A 1150 -96.72 -51.00 11.71
N GLU A 1151 -95.69 -51.57 12.32
CA GLU A 1151 -95.72 -52.98 12.68
C GLU A 1151 -96.79 -53.24 13.73
N SER B 2 1.50 54.83 2.45
CA SER B 2 0.56 55.77 3.13
C SER B 2 1.07 57.21 3.02
N ALA B 3 0.15 58.16 3.01
CA ALA B 3 0.52 59.56 2.93
C ALA B 3 1.17 60.03 4.22
N LEU B 4 1.99 61.07 4.11
CA LEU B 4 2.69 61.64 5.25
C LEU B 4 1.82 62.69 5.94
N THR B 5 2.25 63.08 7.13
CA THR B 5 1.53 64.08 7.93
C THR B 5 2.54 64.95 8.65
N GLN B 6 2.15 66.20 8.89
CA GLN B 6 3.00 67.16 9.58
C GLN B 6 2.11 68.05 10.44
N PRO B 7 2.67 68.72 11.44
CA PRO B 7 1.87 69.62 12.26
C PRO B 7 1.28 70.73 11.42
N PRO B 8 0.14 71.29 11.82
CA PRO B 8 -0.43 72.40 11.04
C PRO B 8 0.53 73.58 10.91
N SER B 9 1.15 74.01 12.01
CA SER B 9 2.08 75.12 11.99
C SER B 9 3.07 74.96 13.13
N ALA B 10 4.17 75.70 13.04
CA ALA B 10 5.23 75.69 14.04
C ALA B 10 5.54 77.12 14.47
N SER B 11 6.07 77.25 15.68
CA SER B 11 6.40 78.55 16.23
C SER B 11 7.59 78.40 17.17
N GLY B 12 8.29 79.51 17.35
CA GLY B 12 9.45 79.52 18.23
C GLY B 12 10.13 80.88 18.20
N SER B 13 10.89 81.15 19.26
CA SER B 13 11.57 82.43 19.34
C SER B 13 12.92 82.38 18.63
N PRO B 14 13.36 83.48 18.03
CA PRO B 14 14.67 83.49 17.38
C PRO B 14 15.78 83.09 18.35
N GLY B 15 16.81 82.45 17.80
CA GLY B 15 17.95 82.02 18.58
C GLY B 15 17.79 80.68 19.26
N GLN B 16 16.56 80.24 19.52
CA GLN B 16 16.31 78.96 20.17
C GLN B 16 16.07 77.87 19.13
N SER B 17 16.46 76.65 19.48
CA SER B 17 16.29 75.52 18.58
C SER B 17 14.85 75.02 18.62
N VAL B 18 14.41 74.48 17.48
CA VAL B 18 13.06 73.95 17.34
C VAL B 18 13.12 72.67 16.51
N THR B 19 12.08 71.85 16.64
CA THR B 19 11.99 70.58 15.94
C THR B 19 10.61 70.45 15.32
N ILE B 20 10.57 70.04 14.06
CA ILE B 20 9.33 69.83 13.31
C ILE B 20 9.20 68.34 13.04
N SER B 21 8.05 67.77 13.42
CA SER B 21 7.83 66.34 13.30
C SER B 21 7.26 65.97 11.94
N CYS B 22 7.37 64.70 11.60
CA CYS B 22 6.85 64.17 10.33
C CYS B 22 6.55 62.69 10.53
N THR B 23 5.29 62.31 10.37
CA THR B 23 4.85 60.95 10.58
C THR B 23 4.41 60.34 9.26
N GLY B 24 4.60 59.02 9.15
CA GLY B 24 4.24 58.28 7.98
C GLY B 24 5.40 57.77 7.14
N ALA B 25 6.61 57.75 7.68
CA ALA B 25 7.77 57.32 6.91
C ALA B 25 7.63 55.86 6.51
N SER B 26 8.01 55.56 5.28
CA SER B 26 7.97 54.21 4.74
C SER B 26 9.37 53.61 4.72
N SER B 27 9.44 52.33 4.36
CA SER B 27 10.71 51.62 4.32
C SER B 27 10.61 50.50 3.30
N ASP B 28 11.76 49.87 3.03
CA ASP B 28 11.84 48.77 2.07
C ASP B 28 12.96 47.84 2.54
N VAL B 29 13.32 46.89 1.66
CA VAL B 29 14.39 45.94 1.99
C VAL B 29 15.78 46.57 1.89
N GLY B 30 15.89 47.80 1.42
CA GLY B 30 17.17 48.45 1.31
C GLY B 30 17.60 49.13 2.60
N GLY B 31 16.66 49.76 3.28
CA GLY B 31 16.99 50.44 4.52
C GLY B 31 15.77 51.06 5.14
N TYR B 32 16.00 52.04 6.02
CA TYR B 32 14.91 52.72 6.71
C TYR B 32 15.12 54.23 6.80
N ASN B 33 16.12 54.78 6.09
CA ASN B 33 16.43 56.20 6.14
C ASN B 33 16.01 56.92 4.86
N TYR B 34 14.95 56.45 4.21
CA TYR B 34 14.45 57.05 2.97
C TYR B 34 13.48 58.17 3.31
N VAL B 35 14.04 59.26 3.83
CA VAL B 35 13.28 60.44 4.23
C VAL B 35 14.04 61.68 3.81
N SER B 36 13.30 62.69 3.33
CA SER B 36 13.90 63.94 2.91
C SER B 36 12.99 65.09 3.33
N TRP B 37 13.53 66.31 3.28
CA TRP B 37 12.80 67.51 3.64
C TRP B 37 13.02 68.58 2.59
N TYR B 38 12.04 69.47 2.45
CA TYR B 38 12.09 70.56 1.49
C TYR B 38 11.58 71.83 2.14
N GLN B 39 12.12 72.96 1.68
CA GLN B 39 11.70 74.28 2.14
C GLN B 39 11.31 75.12 0.93
N GLN B 40 10.30 75.98 1.13
CA GLN B 40 9.77 76.81 0.06
C GLN B 40 9.37 78.16 0.66
N HIS B 41 10.07 79.22 0.27
CA HIS B 41 9.74 80.55 0.73
C HIS B 41 8.53 81.09 -0.04
N PRO B 42 7.79 82.03 0.55
CA PRO B 42 6.62 82.59 -0.16
C PRO B 42 7.02 83.27 -1.45
N GLY B 43 6.47 82.77 -2.56
CA GLY B 43 6.68 83.39 -3.85
C GLY B 43 7.80 82.80 -4.69
N LYS B 44 8.25 81.60 -4.38
CA LYS B 44 9.30 80.96 -5.17
C LYS B 44 9.15 79.45 -5.05
N ALA B 45 9.97 78.73 -5.82
CA ALA B 45 9.90 77.28 -5.86
C ALA B 45 10.50 76.68 -4.59
N PRO B 46 10.21 75.40 -4.32
CA PRO B 46 10.79 74.75 -3.14
C PRO B 46 12.28 74.53 -3.28
N LYS B 47 12.90 73.90 -2.27
CA LYS B 47 14.33 73.63 -2.29
C LYS B 47 14.62 72.47 -1.34
N LEU B 48 15.37 71.48 -1.84
CA LEU B 48 15.74 70.35 -1.00
C LEU B 48 16.59 70.83 0.17
N MET B 49 16.27 70.33 1.36
CA MET B 49 16.97 70.71 2.58
C MET B 49 17.69 69.55 3.23
N ILE B 50 17.02 68.41 3.42
CA ILE B 50 17.60 67.24 4.07
C ILE B 50 17.20 66.00 3.29
N TYR B 51 18.09 65.01 3.25
CA TYR B 51 17.81 63.72 2.66
C TYR B 51 18.74 62.71 3.32
N GLU B 52 18.23 61.50 3.56
CA GLU B 52 18.99 60.48 4.28
C GLU B 52 19.39 61.03 5.65
N VAL B 53 18.37 61.22 6.49
CA VAL B 53 18.42 62.08 7.67
C VAL B 53 19.72 61.92 8.44
N ASN B 54 20.35 60.75 8.36
CA ASN B 54 21.69 60.59 8.91
C ASN B 54 22.73 61.43 8.18
N LYS B 55 22.34 62.13 7.12
CA LYS B 55 23.22 63.03 6.38
C LYS B 55 22.36 64.17 5.83
N ARG B 56 22.91 64.93 4.90
CA ARG B 56 22.18 66.02 4.27
C ARG B 56 22.84 66.33 2.92
N PRO B 57 22.15 67.05 2.04
CA PRO B 57 22.75 67.40 0.76
C PRO B 57 24.00 68.25 0.94
N SER B 58 24.84 68.26 -0.09
CA SER B 58 26.07 69.02 -0.05
C SER B 58 25.78 70.51 -0.20
N GLY B 59 26.61 71.32 0.46
CA GLY B 59 26.47 72.77 0.41
C GLY B 59 25.40 73.36 1.29
N VAL B 60 24.56 72.53 1.91
CA VAL B 60 23.49 73.01 2.79
C VAL B 60 24.12 73.40 4.13
N PRO B 61 23.80 74.57 4.67
CA PRO B 61 24.36 74.94 5.97
C PRO B 61 24.02 73.91 7.05
N ASP B 62 24.82 73.92 8.12
CA ASP B 62 24.64 72.99 9.22
C ASP B 62 23.49 73.37 10.14
N ARG B 63 22.73 74.42 9.81
CA ARG B 63 21.61 74.82 10.64
C ARG B 63 20.43 73.84 10.56
N PHE B 64 20.43 72.94 9.59
CA PHE B 64 19.36 71.96 9.42
C PHE B 64 19.91 70.58 9.70
N SER B 65 19.18 69.80 10.50
CA SER B 65 19.58 68.45 10.85
C SER B 65 18.35 67.57 10.91
N GLY B 66 18.42 66.40 10.27
CA GLY B 66 17.32 65.46 10.25
C GLY B 66 17.47 64.37 11.31
N SER B 67 16.35 63.74 11.62
CA SER B 67 16.33 62.67 12.61
C SER B 67 15.06 61.85 12.41
N LYS B 68 15.01 60.70 13.08
CA LYS B 68 13.87 59.80 12.95
C LYS B 68 13.87 58.85 14.14
N SER B 69 12.67 58.46 14.55
CA SER B 69 12.49 57.51 15.65
C SER B 69 11.22 56.72 15.41
N GLY B 70 11.35 55.44 15.15
CA GLY B 70 10.19 54.62 14.86
C GLY B 70 9.61 54.96 13.50
N ASN B 71 8.32 55.27 13.47
CA ASN B 71 7.63 55.63 12.24
C ASN B 71 7.34 57.13 12.15
N THR B 72 8.22 57.96 12.72
CA THR B 72 8.03 59.41 12.73
C THR B 72 9.39 60.07 12.54
N ALA B 73 9.51 60.90 11.51
CA ALA B 73 10.71 61.67 11.26
C ALA B 73 10.62 63.04 11.93
N SER B 74 11.75 63.74 11.96
CA SER B 74 11.81 65.05 12.57
C SER B 74 12.91 65.87 11.92
N LEU B 75 12.72 67.18 11.90
CA LEU B 75 13.69 68.14 11.37
C LEU B 75 14.03 69.14 12.47
N THR B 76 15.30 69.23 12.83
CA THR B 76 15.76 70.11 13.90
C THR B 76 16.51 71.30 13.30
N ILE B 77 16.22 72.49 13.80
CA ILE B 77 16.87 73.72 13.37
C ILE B 77 17.74 74.21 14.51
N SER B 78 19.02 74.46 14.23
CA SER B 78 19.94 74.91 15.26
C SER B 78 19.50 76.23 15.88
N GLY B 79 18.95 77.13 15.08
CA GLY B 79 18.51 78.43 15.57
C GLY B 79 17.57 79.13 14.63
N LEU B 80 16.46 79.66 15.17
CA LEU B 80 15.49 80.36 14.36
C LEU B 80 16.00 81.76 14.00
N GLN B 81 15.65 82.20 12.79
CA GLN B 81 16.05 83.52 12.30
C GLN B 81 14.94 84.07 11.42
N ALA B 82 15.14 85.29 10.93
CA ALA B 82 14.12 85.93 10.10
C ALA B 82 13.93 85.19 8.79
N ASP B 83 15.02 84.68 8.21
CA ASP B 83 14.95 83.98 6.94
C ASP B 83 14.36 82.58 7.05
N ASP B 84 13.99 82.14 8.26
CA ASP B 84 13.41 80.82 8.46
C ASP B 84 11.89 80.81 8.31
N GLU B 85 11.27 81.95 8.06
CA GLU B 85 9.82 82.05 7.89
C GLU B 85 9.48 81.53 6.50
N ALA B 86 9.21 80.23 6.40
CA ALA B 86 8.87 79.61 5.13
C ALA B 86 8.19 78.28 5.40
N ASP B 87 7.62 77.71 4.35
CA ASP B 87 6.96 76.42 4.45
C ASP B 87 7.97 75.28 4.39
N TYR B 88 7.64 74.19 5.08
CA TYR B 88 8.49 73.01 5.11
C TYR B 88 7.65 71.77 4.87
N TYR B 89 8.19 70.85 4.06
CA TYR B 89 7.50 69.61 3.72
C TYR B 89 8.48 68.45 3.78
N CYS B 90 8.01 67.32 4.28
CA CYS B 90 8.80 66.09 4.32
C CYS B 90 8.27 65.11 3.29
N CYS B 91 9.17 64.24 2.81
CA CYS B 91 8.83 63.28 1.77
C CYS B 91 9.54 61.96 2.06
N SER B 92 8.99 60.89 1.49
CA SER B 92 9.55 59.55 1.63
C SER B 92 9.78 58.97 0.24
N TYR B 93 10.90 58.27 0.08
CA TYR B 93 11.31 57.70 -1.19
C TYR B 93 11.79 56.27 -1.01
N ALA B 94 11.05 55.49 -0.21
CA ALA B 94 11.44 54.11 0.04
C ALA B 94 10.94 53.18 -1.06
N LEU B 95 9.63 53.12 -1.27
CA LEU B 95 9.03 52.21 -2.23
C LEU B 95 8.98 52.81 -3.63
N SER B 96 10.12 53.30 -4.10
CA SER B 96 10.25 53.85 -5.46
C SER B 96 9.13 54.84 -5.77
N ARG B 97 8.70 55.60 -4.77
CA ARG B 97 7.62 56.57 -4.94
C ARG B 97 7.82 57.71 -3.96
N VAL B 98 7.36 58.89 -4.34
CA VAL B 98 7.49 60.10 -3.54
C VAL B 98 6.11 60.68 -3.28
N VAL B 99 5.80 60.91 -2.01
CA VAL B 99 4.52 61.50 -1.60
C VAL B 99 4.82 62.54 -0.54
N PHE B 100 4.37 63.77 -0.79
CA PHE B 100 4.60 64.87 0.14
C PHE B 100 3.51 64.88 1.22
N GLY B 101 3.88 65.40 2.39
CA GLY B 101 2.98 65.46 3.51
C GLY B 101 2.12 66.72 3.48
N GLY B 102 1.40 66.92 4.59
CA GLY B 102 0.52 68.08 4.72
C GLY B 102 1.23 69.40 4.82
N GLY B 103 2.54 69.40 5.09
CA GLY B 103 3.29 70.63 5.21
C GLY B 103 3.06 71.30 6.56
N THR B 104 3.67 72.48 6.70
CA THR B 104 3.57 73.24 7.94
C THR B 104 4.12 74.63 7.70
N MET B 105 3.63 75.58 8.49
CA MET B 105 4.06 76.97 8.43
C MET B 105 4.90 77.29 9.66
N LEU B 106 6.06 77.92 9.43
CA LEU B 106 6.99 78.27 10.50
C LEU B 106 7.09 79.79 10.60
N THR B 107 7.01 80.30 11.83
CA THR B 107 7.14 81.72 12.08
C THR B 107 7.97 81.93 13.34
N VAL B 108 8.58 83.11 13.43
CA VAL B 108 9.44 83.46 14.56
C VAL B 108 8.80 84.61 15.33
N LEU B 109 8.97 84.57 16.65
CA LEU B 109 8.41 85.59 17.53
C LEU B 109 9.45 86.69 17.75
N GLY B 110 9.16 87.60 18.69
CA GLY B 110 10.07 88.68 19.01
C GLY B 110 9.65 90.03 18.47
N GLN B 111 8.67 90.07 17.57
CA GLN B 111 8.24 91.35 17.00
C GLN B 111 7.24 92.03 17.94
N PRO B 112 7.27 93.36 18.04
CA PRO B 112 6.33 94.06 18.92
C PRO B 112 4.94 94.17 18.31
N LYS B 113 3.95 94.18 19.17
CA LYS B 113 2.55 94.30 18.77
C LYS B 113 2.10 95.76 18.90
N ALA B 114 1.19 96.18 18.02
CA ALA B 114 0.73 97.56 18.02
C ALA B 114 -0.72 97.69 17.63
N ALA B 115 -1.04 98.68 16.79
CA ALA B 115 -2.42 98.92 16.39
C ALA B 115 -2.61 98.85 14.88
N PRO B 116 -3.72 98.26 14.43
CA PRO B 116 -4.00 98.19 12.99
C PRO B 116 -4.38 99.56 12.40
N SER B 117 -4.35 99.67 11.08
CA SER B 117 -4.61 100.98 10.45
C SER B 117 -5.87 101.03 9.62
N VAL B 118 -6.96 101.54 10.22
CA VAL B 118 -8.22 101.66 9.50
C VAL B 118 -8.18 102.75 8.45
N THR B 119 -8.62 102.44 7.24
CA THR B 119 -8.66 103.45 6.18
C THR B 119 -10.02 103.42 5.49
N LEU B 120 -10.84 104.45 5.69
CA LEU B 120 -12.18 104.43 5.13
C LEU B 120 -12.43 105.47 4.04
N PHE B 121 -13.00 105.03 2.91
CA PHE B 121 -13.32 105.93 1.82
C PHE B 121 -14.79 105.78 1.47
N PRO B 122 -15.54 106.86 1.33
CA PRO B 122 -16.94 106.75 0.92
C PRO B 122 -17.07 106.51 -0.57
N PRO B 123 -18.28 106.28 -1.07
CA PRO B 123 -18.44 106.09 -2.52
C PRO B 123 -17.95 107.29 -3.30
N SER B 124 -17.42 107.02 -4.50
CA SER B 124 -16.89 108.08 -5.34
C SER B 124 -18.02 108.88 -5.96
N SER B 125 -17.75 110.16 -6.24
CA SER B 125 -18.74 111.02 -6.84
C SER B 125 -19.08 110.64 -8.27
N GLU B 126 -18.22 109.86 -8.93
CA GLU B 126 -18.45 109.45 -10.30
C GLU B 126 -19.28 108.17 -10.39
N GLU B 127 -19.13 107.25 -9.44
CA GLU B 127 -19.87 106.00 -9.49
C GLU B 127 -21.30 106.17 -9.02
N LEU B 128 -21.56 107.10 -8.10
CA LEU B 128 -22.92 107.33 -7.62
C LEU B 128 -23.84 107.81 -8.74
N GLN B 129 -23.28 108.36 -9.82
CA GLN B 129 -24.08 108.81 -10.95
C GLN B 129 -24.65 107.67 -11.78
N ALA B 130 -24.29 106.43 -11.47
CA ALA B 130 -24.78 105.24 -12.17
C ALA B 130 -25.21 104.21 -11.13
N ASN B 131 -25.67 103.06 -11.62
CA ASN B 131 -26.13 101.97 -10.77
C ASN B 131 -24.96 101.08 -10.36
N LYS B 132 -24.00 101.69 -9.67
CA LYS B 132 -22.82 100.97 -9.20
C LYS B 132 -22.15 101.79 -8.12
N ALA B 133 -21.97 101.19 -6.94
CA ALA B 133 -21.31 101.86 -5.83
C ALA B 133 -20.73 100.79 -4.90
N THR B 134 -19.60 101.11 -4.29
CA THR B 134 -18.90 100.16 -3.43
C THR B 134 -18.04 100.91 -2.43
N LEU B 135 -18.08 100.46 -1.18
CA LEU B 135 -17.25 101.01 -0.12
C LEU B 135 -15.89 100.33 -0.09
N VAL B 136 -14.92 101.00 0.52
CA VAL B 136 -13.55 100.50 0.60
C VAL B 136 -13.04 100.72 2.01
N CYS B 137 -12.53 99.66 2.63
CA CYS B 137 -11.92 99.72 3.96
C CYS B 137 -10.66 98.88 3.95
N LEU B 138 -9.57 99.45 4.48
CA LEU B 138 -8.27 98.81 4.45
C LEU B 138 -7.70 98.69 5.86
N ILE B 139 -6.91 97.65 6.07
CA ILE B 139 -6.24 97.40 7.34
C ILE B 139 -4.80 96.97 7.06
N SER B 140 -3.90 97.39 7.92
CA SER B 140 -2.47 97.09 7.76
C SER B 140 -1.76 97.44 9.07
N ASP B 141 -0.45 97.19 9.08
CA ASP B 141 0.40 97.50 10.24
C ASP B 141 0.02 96.64 11.44
N PHE B 142 -0.14 95.34 11.22
CA PHE B 142 -0.44 94.39 12.28
C PHE B 142 0.40 93.13 12.08
N TYR B 143 0.96 92.62 13.17
CA TYR B 143 1.84 91.46 13.13
C TYR B 143 1.05 90.16 12.97
N PRO B 144 -0.03 89.96 13.71
CA PRO B 144 -0.78 88.70 13.58
C PRO B 144 -1.21 88.45 12.14
N GLY B 145 -1.22 87.18 11.78
CA GLY B 145 -1.58 86.78 10.42
C GLY B 145 -3.04 86.40 10.28
N ALA B 146 -3.90 86.96 11.13
CA ALA B 146 -5.33 86.67 11.09
C ALA B 146 -6.10 87.92 11.49
N VAL B 147 -7.14 88.23 10.72
CA VAL B 147 -7.97 89.40 10.99
C VAL B 147 -9.25 89.25 10.20
N THR B 148 -10.33 89.83 10.73
CA THR B 148 -11.63 89.82 10.08
C THR B 148 -12.23 91.22 10.11
N VAL B 149 -13.01 91.53 9.08
CA VAL B 149 -13.63 92.84 8.92
C VAL B 149 -15.14 92.69 9.02
N ALA B 150 -15.79 93.68 9.61
CA ALA B 150 -17.24 93.72 9.75
C ALA B 150 -17.76 95.07 9.29
N TRP B 151 -19.03 95.10 8.92
CA TRP B 151 -19.68 96.31 8.42
C TRP B 151 -21.00 96.53 9.14
N LYS B 152 -21.41 97.79 9.21
CA LYS B 152 -22.68 98.16 9.83
C LYS B 152 -23.08 99.54 9.36
N ALA B 153 -24.38 99.82 9.43
CA ALA B 153 -24.92 101.10 9.01
C ALA B 153 -25.99 101.52 10.00
N ASP B 154 -25.82 102.69 10.61
CA ASP B 154 -26.76 103.21 11.60
C ASP B 154 -27.01 102.19 12.70
N SER B 155 -25.94 101.55 13.16
CA SER B 155 -25.96 100.54 14.21
C SER B 155 -26.57 99.23 13.76
N SER B 156 -26.93 99.10 12.48
CA SER B 156 -27.49 97.86 11.96
C SER B 156 -26.40 97.08 11.24
N PRO B 157 -25.98 95.91 11.72
CA PRO B 157 -24.93 95.17 11.04
C PRO B 157 -25.31 94.83 9.60
N VAL B 158 -24.30 94.67 8.75
CA VAL B 158 -24.48 94.32 7.36
C VAL B 158 -23.62 93.10 7.06
N LYS B 159 -24.26 92.03 6.58
CA LYS B 159 -23.59 90.76 6.30
C LYS B 159 -23.99 90.23 4.94
N ALA B 160 -23.95 91.10 3.92
CA ALA B 160 -24.31 90.71 2.57
C ALA B 160 -23.39 91.41 1.58
N GLY B 161 -22.86 90.63 0.63
CA GLY B 161 -22.01 91.17 -0.40
C GLY B 161 -20.76 91.82 0.14
N VAL B 162 -19.89 91.03 0.79
CA VAL B 162 -18.65 91.53 1.37
C VAL B 162 -17.54 90.51 1.11
N GLU B 163 -16.39 91.01 0.67
CA GLU B 163 -15.21 90.19 0.42
C GLU B 163 -14.00 90.84 1.07
N THR B 164 -13.11 90.01 1.61
CA THR B 164 -11.94 90.49 2.32
C THR B 164 -10.80 89.51 2.15
N THR B 165 -9.58 90.05 2.11
CA THR B 165 -8.37 89.26 2.02
C THR B 165 -7.34 89.80 3.02
N THR B 166 -6.35 88.97 3.33
CA THR B 166 -5.30 89.32 4.29
C THR B 166 -3.94 88.97 3.68
N PRO B 167 -3.52 89.69 2.65
CA PRO B 167 -2.20 89.44 2.05
C PRO B 167 -1.08 90.17 2.78
N SER B 168 0.16 89.98 2.38
CA SER B 168 1.27 90.61 3.12
C SER B 168 1.61 91.98 2.60
N LYS B 169 1.69 92.96 3.50
CA LYS B 169 2.09 94.29 3.09
C LYS B 169 3.55 94.27 2.72
N GLN B 170 4.37 93.78 3.65
CA GLN B 170 5.80 93.70 3.40
C GLN B 170 6.33 92.35 3.85
N SER B 171 7.62 92.13 3.67
CA SER B 171 8.22 90.87 4.10
C SER B 171 8.75 90.99 5.51
N ASN B 172 8.62 92.18 6.10
CA ASN B 172 9.12 92.41 7.45
C ASN B 172 8.06 92.12 8.49
N ASN B 173 7.61 90.86 8.57
CA ASN B 173 6.60 90.45 9.56
C ASN B 173 5.32 91.25 9.64
N LYS B 174 4.94 91.91 8.56
CA LYS B 174 3.76 92.75 8.60
C LYS B 174 2.78 92.46 7.49
N TYR B 175 1.58 92.04 7.86
CA TYR B 175 0.54 91.73 6.90
C TYR B 175 -0.38 92.93 6.70
N ALA B 176 -1.27 92.81 5.71
CA ALA B 176 -2.25 93.84 5.41
C ALA B 176 -3.54 93.17 4.97
N ALA B 177 -4.60 93.96 4.88
CA ALA B 177 -5.91 93.46 4.51
C ALA B 177 -6.72 94.57 3.85
N SER B 178 -7.66 94.17 3.01
CA SER B 178 -8.55 95.10 2.32
C SER B 178 -9.92 94.46 2.17
N SER B 179 -10.96 95.26 2.33
CA SER B 179 -12.33 94.79 2.24
C SER B 179 -13.16 95.77 1.43
N TYR B 180 -14.26 95.26 0.88
CA TYR B 180 -15.16 96.06 0.06
C TYR B 180 -16.60 95.67 0.38
N LEU B 181 -17.52 96.60 0.08
CA LEU B 181 -18.94 96.38 0.30
C LEU B 181 -19.70 97.07 -0.82
N SER B 182 -20.31 96.27 -1.70
CA SER B 182 -21.04 96.80 -2.84
C SER B 182 -22.49 97.11 -2.44
N LEU B 183 -23.07 98.08 -3.16
CA LEU B 183 -24.45 98.49 -2.90
C LEU B 183 -24.87 99.45 -4.01
N THR B 184 -26.16 99.74 -4.06
CA THR B 184 -26.73 100.64 -5.05
C THR B 184 -26.75 102.06 -4.51
N PRO B 185 -26.80 103.06 -5.40
CA PRO B 185 -26.85 104.46 -4.92
C PRO B 185 -28.07 104.75 -4.07
N GLU B 186 -29.20 104.07 -4.32
CA GLU B 186 -30.38 104.29 -3.49
C GLU B 186 -30.17 103.74 -2.09
N GLN B 187 -29.50 102.59 -1.98
CA GLN B 187 -29.25 102.01 -0.66
C GLN B 187 -28.29 102.87 0.15
N TRP B 188 -27.40 103.61 -0.52
CA TRP B 188 -26.47 104.47 0.21
C TRP B 188 -27.20 105.59 0.92
N LYS B 189 -28.18 106.21 0.26
CA LYS B 189 -28.92 107.32 0.85
C LYS B 189 -30.08 106.86 1.73
N SER B 190 -30.26 105.55 1.91
CA SER B 190 -31.34 105.05 2.75
C SER B 190 -31.03 105.13 4.23
N HIS B 191 -29.74 105.15 4.61
CA HIS B 191 -29.34 105.23 6.00
C HIS B 191 -28.14 106.16 6.11
N ARG B 192 -27.63 106.31 7.33
CA ARG B 192 -26.49 107.18 7.56
C ARG B 192 -25.24 106.60 6.88
N SER B 193 -24.15 107.35 6.95
CA SER B 193 -22.90 106.93 6.34
C SER B 193 -22.44 105.60 6.93
N TYR B 194 -22.02 104.69 6.07
CA TYR B 194 -21.55 103.39 6.52
C TYR B 194 -20.26 103.53 7.33
N SER B 195 -20.00 102.52 8.15
CA SER B 195 -18.82 102.49 9.00
C SER B 195 -18.12 101.14 8.85
N CYS B 196 -16.83 101.13 9.16
CA CYS B 196 -16.00 99.93 9.07
C CYS B 196 -15.51 99.56 10.46
N GLN B 197 -15.43 98.26 10.73
CA GLN B 197 -14.96 97.74 12.00
C GLN B 197 -13.80 96.79 11.76
N VAL B 198 -12.83 96.81 12.68
CA VAL B 198 -11.61 96.02 12.55
C VAL B 198 -11.67 94.75 13.39
N THR B 199 -12.06 94.86 14.66
CA THR B 199 -12.17 93.71 15.55
C THR B 199 -10.86 92.95 15.66
N HIS B 200 -9.73 93.64 15.50
CA HIS B 200 -8.44 92.98 15.61
C HIS B 200 -8.09 92.68 17.07
N GLU B 201 -8.16 93.70 17.92
CA GLU B 201 -7.90 93.56 19.36
C GLU B 201 -9.03 94.18 20.16
N GLY B 202 -10.26 93.88 19.76
CA GLY B 202 -11.44 94.41 20.43
C GLY B 202 -12.08 95.54 19.66
N SER B 203 -12.65 96.50 20.38
CA SER B 203 -13.30 97.64 19.73
C SER B 203 -12.26 98.47 18.99
N THR B 204 -12.41 98.54 17.67
CA THR B 204 -11.50 99.31 16.83
C THR B 204 -12.16 99.67 15.51
N GLN C 1 26.44 76.08 -14.84
CA GLN C 1 25.32 76.15 -13.85
C GLN C 1 24.02 75.63 -14.46
N MET C 2 23.42 74.65 -13.80
CA MET C 2 22.17 74.07 -14.28
C MET C 2 20.99 74.97 -13.92
N GLN C 3 20.00 74.98 -14.81
CA GLN C 3 18.81 75.78 -14.60
C GLN C 3 17.71 75.29 -15.53
N LEU C 4 16.47 75.56 -15.14
CA LEU C 4 15.30 75.17 -15.91
C LEU C 4 14.41 76.38 -16.13
N VAL C 5 13.90 76.53 -17.35
CA VAL C 5 13.03 77.62 -17.73
C VAL C 5 11.69 77.05 -18.15
N GLN C 6 10.61 77.69 -17.72
CA GLN C 6 9.24 77.25 -18.00
C GLN C 6 8.48 78.35 -18.72
N SER C 7 7.34 77.97 -19.29
CA SER C 7 6.50 78.93 -19.99
C SER C 7 5.77 79.83 -18.99
N GLY C 8 5.25 80.94 -19.50
CA GLY C 8 4.54 81.89 -18.68
C GLY C 8 3.21 81.34 -18.20
N ALA C 9 2.48 82.20 -17.49
CA ALA C 9 1.16 81.82 -16.98
C ALA C 9 0.22 81.48 -18.13
N GLU C 10 -0.72 80.58 -17.84
CA GLU C 10 -1.71 80.14 -18.82
C GLU C 10 -3.10 80.37 -18.28
N VAL C 11 -3.97 80.92 -19.12
CA VAL C 11 -5.36 81.21 -18.76
C VAL C 11 -6.26 80.64 -19.84
N LYS C 12 -7.26 79.85 -19.43
CA LYS C 12 -8.21 79.25 -20.35
C LYS C 12 -9.54 79.07 -19.63
N LYS C 13 -10.55 78.70 -20.40
CA LYS C 13 -11.89 78.50 -19.86
C LYS C 13 -12.04 77.08 -19.31
N PRO C 14 -13.00 76.86 -18.41
CA PRO C 14 -13.21 75.50 -17.89
C PRO C 14 -13.52 74.51 -19.01
N GLY C 15 -12.86 73.36 -18.95
CA GLY C 15 -13.09 72.33 -19.95
C GLY C 15 -12.32 72.52 -21.23
N GLU C 16 -11.14 73.12 -21.17
CA GLU C 16 -10.31 73.35 -22.34
C GLU C 16 -8.94 72.71 -22.13
N SER C 17 -8.33 72.25 -23.23
CA SER C 17 -7.04 71.62 -23.16
C SER C 17 -5.94 72.66 -22.95
N LEU C 18 -4.81 72.20 -22.41
CA LEU C 18 -3.68 73.07 -22.15
C LEU C 18 -2.40 72.24 -22.19
N LYS C 19 -1.30 72.89 -22.56
CA LYS C 19 -0.01 72.23 -22.64
C LYS C 19 1.08 73.26 -22.38
N ILE C 20 1.96 72.98 -21.43
CA ILE C 20 3.08 73.86 -21.10
C ILE C 20 4.38 73.13 -21.35
N SER C 21 5.50 73.82 -21.16
CA SER C 21 6.82 73.25 -21.41
C SER C 21 7.76 73.68 -20.29
N CYS C 22 8.90 72.98 -20.22
CA CYS C 22 9.93 73.28 -19.23
C CYS C 22 11.26 72.82 -19.79
N LYS C 23 12.09 73.77 -20.20
CA LYS C 23 13.37 73.47 -20.84
C LYS C 23 14.49 73.57 -19.82
N GLY C 24 15.32 72.53 -19.77
CA GLY C 24 16.47 72.50 -18.88
C GLY C 24 17.76 72.80 -19.64
N SER C 25 18.74 73.33 -18.90
CA SER C 25 20.02 73.67 -19.49
C SER C 25 21.12 73.44 -18.46
N GLY C 26 22.36 73.39 -18.95
CA GLY C 26 23.50 73.16 -18.10
C GLY C 26 23.82 71.71 -17.81
N TYR C 27 23.08 70.77 -18.40
CA TYR C 27 23.32 69.36 -18.17
C TYR C 27 22.86 68.57 -19.39
N THR C 28 23.37 67.35 -19.50
CA THR C 28 23.01 66.46 -20.61
C THR C 28 21.61 65.91 -20.35
N PHE C 29 20.66 66.30 -21.19
CA PHE C 29 19.26 65.88 -21.04
C PHE C 29 19.06 64.48 -21.61
N SER C 30 19.83 63.53 -21.06
CA SER C 30 19.75 62.15 -21.51
C SER C 30 19.60 61.18 -20.34
N TYR C 31 20.16 61.54 -19.18
CA TYR C 31 20.25 60.63 -18.04
C TYR C 31 19.86 61.34 -16.75
N TYR C 32 18.74 62.06 -16.77
CA TYR C 32 18.23 62.75 -15.60
C TYR C 32 16.71 62.68 -15.59
N TRP C 33 16.15 62.05 -14.56
CA TRP C 33 14.70 61.93 -14.47
C TRP C 33 14.05 63.30 -14.40
N ILE C 34 12.96 63.46 -15.17
CA ILE C 34 12.21 64.70 -15.22
C ILE C 34 10.78 64.42 -14.81
N GLY C 35 10.18 65.33 -14.05
CA GLY C 35 8.82 65.18 -13.58
C GLY C 35 8.19 66.53 -13.33
N TRP C 36 6.95 66.50 -12.86
CA TRP C 36 6.19 67.70 -12.56
C TRP C 36 5.51 67.55 -11.21
N VAL C 37 5.35 68.67 -10.52
CA VAL C 37 4.75 68.70 -9.18
C VAL C 37 3.63 69.74 -9.17
N ARG C 38 2.52 69.38 -8.55
CA ARG C 38 1.36 70.25 -8.45
C ARG C 38 1.32 70.91 -7.08
N GLN C 39 0.84 72.16 -7.06
CA GLN C 39 0.72 72.91 -5.80
C GLN C 39 -0.40 73.93 -5.99
N MET C 40 -1.57 73.63 -5.43
CA MET C 40 -2.71 74.52 -5.52
C MET C 40 -2.53 75.71 -4.59
N PRO C 41 -3.29 76.78 -4.80
CA PRO C 41 -3.17 77.96 -3.92
C PRO C 41 -3.41 77.59 -2.46
N GLY C 42 -2.40 77.81 -1.63
CA GLY C 42 -2.48 77.53 -0.22
C GLY C 42 -2.31 76.06 0.17
N LYS C 43 -2.16 75.18 -0.79
CA LYS C 43 -1.98 73.75 -0.54
C LYS C 43 -0.51 73.37 -0.67
N GLY C 44 -0.19 72.17 -0.19
CA GLY C 44 1.15 71.65 -0.26
C GLY C 44 1.50 71.11 -1.63
N LEU C 45 2.70 70.55 -1.72
CA LEU C 45 3.18 69.97 -2.97
C LEU C 45 2.52 68.62 -3.22
N GLU C 46 2.28 68.33 -4.49
CA GLU C 46 1.65 67.08 -4.91
C GLU C 46 2.39 66.55 -6.13
N TRP C 47 3.03 65.39 -5.98
CA TRP C 47 3.78 64.79 -7.08
C TRP C 47 2.83 64.09 -8.04
N MET C 48 3.18 64.13 -9.33
CA MET C 48 2.33 63.57 -10.38
C MET C 48 3.01 62.48 -11.19
N GLY C 49 4.30 62.61 -11.48
CA GLY C 49 4.99 61.60 -12.27
C GLY C 49 6.36 62.07 -12.68
N ILE C 50 7.16 61.12 -13.17
CA ILE C 50 8.50 61.37 -13.67
C ILE C 50 8.67 60.64 -14.99
N ILE C 51 9.74 61.01 -15.71
CA ILE C 51 10.07 60.39 -16.99
C ILE C 51 11.58 60.40 -17.15
N TYR C 52 12.08 59.52 -18.01
CA TYR C 52 13.51 59.39 -18.27
C TYR C 52 13.81 59.86 -19.68
N PRO C 53 14.71 60.84 -19.88
CA PRO C 53 14.98 61.29 -21.27
C PRO C 53 15.44 60.17 -22.19
N GLY C 54 16.03 59.11 -21.64
CA GLY C 54 16.51 58.03 -22.48
C GLY C 54 15.39 57.24 -23.15
N ASP C 55 14.24 57.14 -22.49
CA ASP C 55 13.11 56.41 -23.04
C ASP C 55 11.84 56.83 -22.32
N SER C 56 10.72 56.74 -23.02
CA SER C 56 9.42 57.18 -22.48
C SER C 56 8.88 56.14 -21.50
N ASP C 57 9.62 55.97 -20.41
CA ASP C 57 9.20 55.08 -19.32
C ASP C 57 8.48 55.90 -18.25
N THR C 58 7.27 56.31 -18.59
CA THR C 58 6.49 57.19 -17.72
C THR C 58 6.04 56.44 -16.47
N ARG C 59 6.11 57.11 -15.33
CA ARG C 59 5.64 56.59 -14.05
C ARG C 59 4.76 57.67 -13.42
N TYR C 60 3.47 57.65 -13.75
CA TYR C 60 2.55 58.65 -13.25
C TYR C 60 2.14 58.36 -11.81
N SER C 61 1.51 59.34 -11.18
CA SER C 61 1.04 59.19 -9.82
C SER C 61 -0.27 58.40 -9.79
N PRO C 62 -0.53 57.65 -8.72
CA PRO C 62 -1.78 56.88 -8.66
C PRO C 62 -3.02 57.75 -8.79
N SER C 63 -2.94 59.02 -8.39
CA SER C 63 -4.05 59.95 -8.52
C SER C 63 -4.03 60.72 -9.83
N PHE C 64 -3.01 60.52 -10.67
CA PHE C 64 -2.88 61.19 -11.95
C PHE C 64 -2.50 60.19 -13.04
N GLN C 65 -3.17 59.04 -13.06
CA GLN C 65 -2.87 58.03 -14.06
C GLN C 65 -3.47 58.35 -15.42
N GLY C 66 -4.61 59.04 -15.45
CA GLY C 66 -5.26 59.37 -16.70
C GLY C 66 -5.75 60.81 -16.77
N GLN C 67 -5.51 61.56 -15.69
CA GLN C 67 -5.93 62.96 -15.65
C GLN C 67 -4.92 63.91 -16.26
N VAL C 68 -3.68 63.49 -16.45
CA VAL C 68 -2.63 64.33 -17.02
C VAL C 68 -1.61 63.43 -17.71
N THR C 69 -0.91 64.01 -18.69
CA THR C 69 0.12 63.29 -19.44
C THR C 69 1.43 64.05 -19.34
N ILE C 70 2.53 63.30 -19.33
CA ILE C 70 3.87 63.87 -19.22
C ILE C 70 4.72 63.32 -20.37
N SER C 71 5.58 64.17 -20.92
CA SER C 71 6.45 63.78 -22.01
C SER C 71 7.57 64.81 -22.14
N ALA C 72 8.59 64.44 -22.91
CA ALA C 72 9.73 65.32 -23.13
C ALA C 72 10.33 65.02 -24.51
N ASP C 73 11.04 66.02 -25.04
CA ASP C 73 11.68 65.91 -26.34
C ASP C 73 13.20 65.97 -26.14
N LYS C 74 13.89 64.92 -26.59
CA LYS C 74 15.34 64.86 -26.42
C LYS C 74 16.10 65.70 -27.43
N SER C 75 15.51 65.97 -28.60
CA SER C 75 16.19 66.78 -29.60
C SER C 75 16.33 68.24 -29.18
N ILE C 76 15.50 68.70 -28.24
CA ILE C 76 15.57 70.06 -27.74
C ILE C 76 15.72 70.13 -26.23
N SER C 77 15.60 69.00 -25.52
CA SER C 77 15.74 68.96 -24.07
C SER C 77 14.72 69.88 -23.39
N THR C 78 13.44 69.58 -23.64
CA THR C 78 12.34 70.35 -23.09
C THR C 78 11.20 69.42 -22.75
N ALA C 79 10.80 69.41 -21.47
CA ALA C 79 9.68 68.60 -21.03
C ALA C 79 8.37 69.27 -21.41
N TYR C 80 7.28 68.52 -21.24
CA TYR C 80 5.94 69.01 -21.56
C TYR C 80 4.94 68.44 -20.58
N LEU C 81 3.85 69.17 -20.37
CA LEU C 81 2.78 68.76 -19.46
C LEU C 81 1.46 69.16 -20.10
N HIS C 82 0.76 68.19 -20.68
CA HIS C 82 -0.48 68.44 -21.41
C HIS C 82 -1.68 68.03 -20.57
N TRP C 83 -2.74 68.82 -20.65
CA TRP C 83 -3.99 68.56 -19.96
C TRP C 83 -5.12 68.39 -20.97
N SER C 84 -6.21 67.78 -20.52
CA SER C 84 -7.39 67.56 -21.34
C SER C 84 -8.62 67.90 -20.53
N SER C 85 -9.41 68.87 -21.02
CA SER C 85 -10.62 69.30 -20.35
C SER C 85 -10.33 69.78 -18.93
N LEU C 86 -9.55 70.86 -18.86
CA LEU C 86 -9.18 71.43 -17.57
C LEU C 86 -10.41 71.68 -16.71
N LYS C 87 -10.34 71.27 -15.46
CA LYS C 87 -11.40 71.49 -14.49
C LYS C 87 -11.11 72.71 -13.64
N ALA C 88 -12.10 73.11 -12.84
CA ALA C 88 -11.93 74.28 -11.98
C ALA C 88 -10.85 74.06 -10.94
N SER C 89 -10.62 72.82 -10.53
CA SER C 89 -9.64 72.50 -9.50
C SER C 89 -8.23 72.32 -10.07
N ASP C 90 -8.04 72.49 -11.38
CA ASP C 90 -6.72 72.31 -11.97
C ASP C 90 -5.83 73.54 -11.82
N THR C 91 -6.40 74.69 -11.48
CA THR C 91 -5.60 75.89 -11.25
C THR C 91 -4.59 75.65 -10.15
N ALA C 92 -3.30 75.74 -10.50
CA ALA C 92 -2.23 75.47 -9.54
C ALA C 92 -0.91 75.80 -10.20
N MET C 93 0.11 75.99 -9.35
CA MET C 93 1.46 76.24 -9.81
C MET C 93 2.17 74.91 -10.03
N TYR C 94 2.72 74.72 -11.23
CA TYR C 94 3.36 73.47 -11.62
C TYR C 94 4.86 73.70 -11.75
N TYR C 95 5.63 72.93 -10.98
CA TYR C 95 7.08 73.00 -11.00
C TYR C 95 7.65 71.72 -11.61
N CYS C 96 8.65 71.88 -12.46
CA CYS C 96 9.37 70.75 -13.04
C CYS C 96 10.67 70.52 -12.28
N ALA C 97 10.81 69.35 -11.67
CA ALA C 97 11.96 69.00 -10.86
C ALA C 97 12.77 67.93 -11.57
N ARG C 98 13.99 67.71 -11.07
CA ARG C 98 14.89 66.72 -11.63
C ARG C 98 15.86 66.27 -10.56
N GLN C 99 16.53 65.14 -10.83
CA GLN C 99 17.48 64.60 -9.88
C GLN C 99 18.76 65.44 -9.88
N GLY C 100 19.55 65.27 -8.82
CA GLY C 100 20.81 65.95 -8.67
C GLY C 100 22.00 65.05 -8.90
N ASP C 101 23.18 65.57 -8.58
CA ASP C 101 24.42 64.81 -8.74
C ASP C 101 24.60 63.74 -7.67
N LEU C 102 23.78 63.77 -6.62
CA LEU C 102 23.87 62.79 -5.54
C LEU C 102 22.46 62.47 -5.05
N GLY C 103 22.37 61.43 -4.22
CA GLY C 103 21.08 61.02 -3.67
C GLY C 103 20.36 60.03 -4.57
N ASP C 104 19.16 59.68 -4.13
CA ASP C 104 18.34 58.72 -4.87
C ASP C 104 17.91 59.32 -6.21
N TRP C 105 17.40 58.45 -7.08
CA TRP C 105 16.96 58.85 -8.41
C TRP C 105 15.58 59.48 -8.41
N ILE C 106 14.92 59.60 -7.26
CA ILE C 106 13.62 60.26 -7.16
C ILE C 106 13.67 61.32 -6.06
N LEU C 107 14.88 61.81 -5.77
CA LEU C 107 15.04 62.78 -4.70
C LEU C 107 14.59 64.18 -5.12
N LEU C 108 14.66 64.49 -6.41
CA LEU C 108 14.24 65.80 -6.92
C LEU C 108 15.00 66.92 -6.23
N GLY C 109 16.33 66.90 -6.42
CA GLY C 109 17.18 67.88 -5.79
C GLY C 109 17.04 69.28 -6.36
N TYR C 110 16.53 69.41 -7.57
CA TYR C 110 16.38 70.71 -8.23
C TYR C 110 14.92 70.92 -8.63
N TRP C 111 14.53 72.19 -8.72
CA TRP C 111 13.18 72.58 -9.08
C TRP C 111 13.22 73.66 -10.14
N GLY C 112 12.07 73.89 -10.77
CA GLY C 112 11.93 74.91 -11.78
C GLY C 112 11.42 76.22 -11.21
N GLN C 113 11.05 77.12 -12.12
CA GLN C 113 10.54 78.43 -11.73
C GLN C 113 9.04 78.42 -11.46
N GLY C 114 8.33 77.41 -11.96
CA GLY C 114 6.89 77.32 -11.75
C GLY C 114 6.08 77.94 -12.88
N THR C 115 4.94 77.34 -13.20
CA THR C 115 4.04 77.84 -14.23
C THR C 115 2.65 77.93 -13.65
N LEU C 116 2.06 79.12 -13.68
CA LEU C 116 0.74 79.35 -13.09
C LEU C 116 -0.35 79.04 -14.10
N VAL C 117 -1.45 78.47 -13.61
CA VAL C 117 -2.62 78.15 -14.43
C VAL C 117 -3.86 78.64 -13.69
N THR C 118 -4.77 79.28 -14.42
CA THR C 118 -6.00 79.80 -13.83
C THR C 118 -7.13 79.67 -14.85
N VAL C 119 -8.32 79.39 -14.34
CA VAL C 119 -9.51 79.25 -15.17
C VAL C 119 -10.68 79.94 -14.49
N SER C 120 -11.64 80.39 -15.29
CA SER C 120 -12.81 81.07 -14.78
C SER C 120 -13.88 81.10 -15.86
N SER C 121 -15.14 81.15 -15.43
CA SER C 121 -16.26 81.17 -16.37
C SER C 121 -16.44 82.55 -16.99
N ALA C 122 -16.03 83.61 -16.31
CA ALA C 122 -16.19 84.96 -16.82
C ALA C 122 -15.15 85.25 -17.89
N SER C 123 -15.54 86.02 -18.89
CA SER C 123 -14.65 86.37 -19.98
C SER C 123 -13.82 87.60 -19.61
N THR C 124 -12.77 87.83 -20.40
CA THR C 124 -11.90 88.97 -20.16
C THR C 124 -12.64 90.28 -20.39
N LYS C 125 -12.39 91.26 -19.52
CA LYS C 125 -13.02 92.56 -19.63
C LYS C 125 -12.10 93.60 -19.01
N GLY C 126 -11.87 94.69 -19.74
CA GLY C 126 -10.98 95.74 -19.29
C GLY C 126 -11.34 96.26 -17.91
N PRO C 127 -10.38 96.86 -17.22
CA PRO C 127 -10.64 97.34 -15.86
C PRO C 127 -11.38 98.67 -15.86
N SER C 128 -12.15 98.87 -14.79
CA SER C 128 -12.88 100.12 -14.56
C SER C 128 -12.26 100.83 -13.36
N VAL C 129 -11.88 102.09 -13.56
CA VAL C 129 -11.21 102.89 -12.55
C VAL C 129 -12.20 103.89 -11.97
N PHE C 130 -12.09 104.13 -10.65
CA PHE C 130 -12.91 105.10 -9.95
C PHE C 130 -12.04 105.89 -8.99
N PRO C 131 -12.26 107.19 -8.86
CA PRO C 131 -11.43 107.99 -7.95
C PRO C 131 -11.94 107.98 -6.52
N LEU C 132 -11.00 107.78 -5.59
CA LEU C 132 -11.30 107.80 -4.15
C LEU C 132 -10.87 109.15 -3.61
N ALA C 133 -11.79 110.11 -3.62
CA ALA C 133 -11.48 111.44 -3.15
C ALA C 133 -11.35 111.46 -1.63
N PRO C 134 -10.59 112.41 -1.07
CA PRO C 134 -10.43 112.47 0.38
C PRO C 134 -11.68 113.03 1.06
N SER C 135 -11.76 112.75 2.36
CA SER C 135 -12.89 113.20 3.17
C SER C 135 -12.74 114.70 3.43
N SER C 136 -13.59 115.50 2.80
CA SER C 136 -13.55 116.94 2.98
C SER C 136 -14.11 117.39 4.32
N LYS C 137 -14.82 116.51 5.04
CA LYS C 137 -15.39 116.85 6.34
C LYS C 137 -14.44 116.53 7.50
N SER C 138 -13.39 115.76 7.26
CA SER C 138 -12.41 115.38 8.27
C SER C 138 -11.00 115.59 7.75
N THR C 139 -10.75 116.75 7.15
CA THR C 139 -9.45 117.05 6.58
C THR C 139 -8.35 117.19 7.62
N SER C 140 -8.69 117.14 8.90
CA SER C 140 -7.67 117.24 9.94
C SER C 140 -6.67 116.10 9.82
N GLY C 141 -5.42 116.40 10.16
CA GLY C 141 -4.37 115.40 10.06
C GLY C 141 -3.88 115.24 8.63
N THR C 142 -3.46 114.02 8.30
CA THR C 142 -2.95 113.71 6.98
C THR C 142 -4.09 113.26 6.07
N ALA C 143 -4.07 113.73 4.83
CA ALA C 143 -5.10 113.39 3.86
C ALA C 143 -4.76 112.08 3.17
N ALA C 144 -5.79 111.39 2.70
CA ALA C 144 -5.65 110.11 2.02
C ALA C 144 -6.43 110.15 0.71
N LEU C 145 -5.76 109.78 -0.38
CA LEU C 145 -6.37 109.75 -1.71
C LEU C 145 -6.01 108.44 -2.39
N GLY C 146 -6.78 108.09 -3.41
CA GLY C 146 -6.53 106.86 -4.13
C GLY C 146 -7.50 106.70 -5.28
N CYS C 147 -7.35 105.59 -6.00
CA CYS C 147 -8.23 105.24 -7.10
C CYS C 147 -8.60 103.77 -6.98
N LEU C 148 -9.87 103.46 -7.23
CA LEU C 148 -10.39 102.10 -7.10
C LEU C 148 -10.52 101.47 -8.48
N VAL C 149 -9.89 100.31 -8.64
CA VAL C 149 -9.98 99.53 -9.87
C VAL C 149 -10.91 98.35 -9.61
N LYS C 150 -11.77 98.04 -10.58
CA LYS C 150 -12.78 97.01 -10.40
C LYS C 150 -13.18 96.46 -11.76
N ASP C 151 -13.79 95.26 -11.73
CA ASP C 151 -14.33 94.63 -12.93
C ASP C 151 -13.21 94.27 -13.92
N TYR C 152 -12.22 93.52 -13.44
CA TYR C 152 -11.15 93.03 -14.29
C TYR C 152 -10.79 91.62 -13.85
N PHE C 153 -10.84 90.67 -14.78
CA PHE C 153 -10.46 89.29 -14.50
C PHE C 153 -8.93 89.12 -14.54
N PRO C 154 -8.25 89.64 -15.56
CA PRO C 154 -6.80 89.42 -15.66
C PRO C 154 -6.07 89.90 -14.42
N GLU C 155 -5.06 89.12 -14.04
CA GLU C 155 -4.23 89.41 -12.87
C GLU C 155 -3.18 90.48 -13.17
N PRO C 156 -2.53 90.44 -14.33
CA PRO C 156 -1.44 91.42 -14.59
C PRO C 156 -1.86 92.88 -14.45
N VAL C 157 -3.14 93.18 -14.29
CA VAL C 157 -3.57 94.56 -14.11
C VAL C 157 -2.81 95.18 -12.95
N THR C 158 -2.18 96.31 -13.19
CA THR C 158 -1.39 97.02 -12.18
C THR C 158 -1.77 98.49 -12.19
N VAL C 159 -1.22 99.24 -11.24
CA VAL C 159 -1.51 100.66 -11.09
C VAL C 159 -0.21 101.41 -10.82
N SER C 160 -0.16 102.67 -11.25
CA SER C 160 0.98 103.53 -11.03
C SER C 160 0.47 104.94 -10.72
N TRP C 161 1.39 105.80 -10.28
CA TRP C 161 1.06 107.17 -9.90
C TRP C 161 2.06 108.13 -10.52
N ASN C 162 1.53 109.22 -11.09
CA ASN C 162 2.36 110.27 -11.68
C ASN C 162 3.36 109.71 -12.68
N SER C 163 2.93 108.70 -13.42
CA SER C 163 3.72 108.04 -14.46
C SER C 163 5.00 107.41 -13.91
N GLY C 164 5.11 107.25 -12.59
CA GLY C 164 6.29 106.64 -12.00
C GLY C 164 6.88 107.43 -10.86
N ALA C 165 6.43 108.66 -10.65
CA ALA C 165 6.94 109.50 -9.59
C ALA C 165 6.27 109.11 -8.27
N LEU C 166 6.54 109.88 -7.21
CA LEU C 166 6.01 109.61 -5.88
C LEU C 166 6.44 108.22 -5.41
N THR C 167 7.76 108.05 -5.30
CA THR C 167 8.31 106.76 -4.88
C THR C 167 7.87 106.40 -3.46
N SER C 168 7.75 107.39 -2.59
CA SER C 168 7.37 107.18 -1.20
C SER C 168 5.93 107.63 -0.98
N GLY C 169 5.33 107.10 0.08
CA GLY C 169 3.96 107.46 0.42
C GLY C 169 2.91 106.85 -0.46
N VAL C 170 3.27 105.91 -1.34
CA VAL C 170 2.34 105.27 -2.26
C VAL C 170 2.43 103.76 -2.05
N HIS C 171 1.28 103.10 -2.15
CA HIS C 171 1.21 101.65 -1.99
C HIS C 171 -0.04 101.13 -2.68
N THR C 172 0.07 99.92 -3.24
CA THR C 172 -1.03 99.27 -3.93
C THR C 172 -1.25 97.91 -3.30
N PHE C 173 -2.50 97.65 -2.85
CA PHE C 173 -2.81 96.39 -2.22
C PHE C 173 -3.23 95.36 -3.25
N PRO C 174 -3.00 94.07 -3.00
CA PRO C 174 -3.42 93.03 -3.94
C PRO C 174 -4.92 93.07 -4.20
N ALA C 175 -5.33 92.29 -5.20
CA ALA C 175 -6.73 92.24 -5.58
C ALA C 175 -7.49 91.25 -4.70
N VAL C 176 -8.80 91.17 -4.90
CA VAL C 176 -9.67 90.26 -4.17
C VAL C 176 -10.66 89.64 -5.15
N LEU C 177 -10.96 88.36 -4.95
CA LEU C 177 -11.87 87.64 -5.83
C LEU C 177 -13.31 88.03 -5.53
N GLN C 178 -14.04 88.46 -6.56
CA GLN C 178 -15.43 88.85 -6.40
C GLN C 178 -16.35 87.66 -6.61
N SER C 179 -17.59 87.79 -6.13
CA SER C 179 -18.55 86.71 -6.28
C SER C 179 -18.87 86.44 -7.75
N SER C 180 -18.74 87.45 -8.61
CA SER C 180 -19.04 87.31 -10.02
C SER C 180 -17.85 86.77 -10.83
N GLY C 181 -16.76 86.41 -10.16
CA GLY C 181 -15.59 85.87 -10.83
C GLY C 181 -14.52 86.89 -11.18
N LEU C 182 -14.83 88.18 -11.09
CA LEU C 182 -13.87 89.23 -11.40
C LEU C 182 -13.06 89.58 -10.15
N TYR C 183 -12.14 90.52 -10.31
CA TYR C 183 -11.25 90.95 -9.22
C TYR C 183 -11.38 92.46 -9.04
N SER C 184 -10.81 92.95 -7.93
CA SER C 184 -10.85 94.36 -7.60
C SER C 184 -9.73 94.67 -6.62
N LEU C 185 -9.02 95.77 -6.88
CA LEU C 185 -7.95 96.23 -6.01
C LEU C 185 -8.14 97.72 -5.76
N SER C 186 -7.22 98.30 -5.00
CA SER C 186 -7.27 99.73 -4.69
C SER C 186 -5.87 100.22 -4.36
N SER C 187 -5.53 101.39 -4.88
CA SER C 187 -4.25 102.05 -4.60
C SER C 187 -4.52 103.36 -3.88
N VAL C 188 -3.72 103.63 -2.84
CA VAL C 188 -3.90 104.81 -2.00
C VAL C 188 -2.59 105.56 -1.90
N VAL C 189 -2.69 106.83 -1.49
CA VAL C 189 -1.54 107.69 -1.30
C VAL C 189 -1.85 108.63 -0.14
N THR C 190 -0.86 108.85 0.72
CA THR C 190 -1.01 109.69 1.90
C THR C 190 -0.07 110.88 1.80
N VAL C 191 -0.63 112.08 1.93
CA VAL C 191 0.15 113.32 1.88
C VAL C 191 -0.45 114.30 2.87
N PRO C 192 0.28 115.36 3.26
CA PRO C 192 -0.29 116.34 4.19
C PRO C 192 -1.58 116.94 3.65
N SER C 193 -2.47 117.30 4.58
CA SER C 193 -3.74 117.90 4.19
C SER C 193 -3.55 119.24 3.51
N SER C 194 -2.48 119.96 3.84
CA SER C 194 -2.20 121.25 3.22
C SER C 194 -1.62 121.13 1.82
N SER C 195 -1.23 119.92 1.40
CA SER C 195 -0.62 119.70 0.10
C SER C 195 -1.61 119.12 -0.90
N LEU C 196 -2.92 119.22 -0.64
CA LEU C 196 -3.91 118.69 -1.57
C LEU C 196 -3.78 119.40 -2.92
N GLY C 197 -3.94 118.62 -3.98
CA GLY C 197 -3.73 119.15 -5.33
C GLY C 197 -2.41 119.86 -5.49
N THR C 198 -1.31 119.18 -5.21
CA THR C 198 0.00 119.83 -5.29
C THR C 198 0.35 120.16 -6.73
N GLN C 199 0.46 119.14 -7.59
CA GLN C 199 0.68 119.36 -9.01
C GLN C 199 -0.45 118.80 -9.87
N THR C 200 -0.64 117.48 -9.87
CA THR C 200 -1.78 116.88 -10.56
C THR C 200 -2.50 115.80 -9.75
N TYR C 201 -1.82 115.09 -8.86
CA TYR C 201 -2.40 113.98 -8.10
C TYR C 201 -3.29 113.13 -9.01
N ILE C 202 -2.67 112.60 -10.06
CA ILE C 202 -3.38 111.82 -11.07
C ILE C 202 -2.99 110.36 -10.93
N CYS C 203 -3.96 109.49 -11.18
CA CYS C 203 -3.75 108.04 -11.14
C CYS C 203 -3.35 107.54 -12.53
N ASN C 204 -2.75 106.36 -12.55
CA ASN C 204 -2.31 105.73 -13.80
C ASN C 204 -2.49 104.23 -13.67
N VAL C 205 -3.32 103.65 -14.52
CA VAL C 205 -3.60 102.22 -14.54
C VAL C 205 -3.13 101.65 -15.88
N ASN C 206 -2.51 100.47 -15.83
CA ASN C 206 -2.00 99.82 -17.01
C ASN C 206 -2.67 98.45 -17.16
N HIS C 207 -2.78 98.00 -18.41
CA HIS C 207 -3.42 96.72 -18.71
C HIS C 207 -2.78 96.18 -19.99
N LYS C 208 -1.85 95.24 -19.83
CA LYS C 208 -1.11 94.68 -20.96
C LYS C 208 -1.96 93.66 -21.73
N PRO C 209 -2.70 92.78 -21.06
CA PRO C 209 -3.49 91.79 -21.81
C PRO C 209 -4.36 92.39 -22.90
N SER C 210 -4.81 93.63 -22.74
CA SER C 210 -5.61 94.31 -23.74
C SER C 210 -5.00 95.63 -24.20
N ASN C 211 -3.91 96.09 -23.60
CA ASN C 211 -3.25 97.34 -23.98
C ASN C 211 -4.18 98.53 -23.78
N THR C 212 -5.08 98.45 -22.80
CA THR C 212 -6.00 99.53 -22.50
C THR C 212 -5.40 100.45 -21.46
N LYS C 213 -5.28 101.74 -21.80
CA LYS C 213 -4.74 102.75 -20.90
C LYS C 213 -5.89 103.56 -20.30
N VAL C 214 -5.84 103.77 -18.99
CA VAL C 214 -6.87 104.52 -18.27
C VAL C 214 -6.17 105.49 -17.34
N ASP C 215 -6.38 106.79 -17.58
CA ASP C 215 -5.81 107.86 -16.76
C ASP C 215 -6.94 108.70 -16.21
N LYS C 216 -6.98 108.86 -14.88
CA LYS C 216 -8.02 109.62 -14.22
C LYS C 216 -7.44 110.26 -12.97
N LYS C 217 -7.88 111.48 -12.68
CA LYS C 217 -7.41 112.22 -11.51
C LYS C 217 -8.37 112.03 -10.34
N VAL C 218 -7.87 112.32 -9.15
CA VAL C 218 -8.65 112.18 -7.92
C VAL C 218 -8.71 113.53 -7.21
N THR D 33 -9.04 27.83 51.61
CA THR D 33 -7.98 27.82 50.61
C THR D 33 -8.24 26.77 49.55
N GLN D 34 -7.38 25.76 49.49
CA GLN D 34 -7.51 24.72 48.46
C GLN D 34 -8.46 23.61 48.88
N SER D 35 -9.71 23.70 48.42
CA SER D 35 -10.67 22.66 48.74
C SER D 35 -10.79 21.68 47.59
N TYR D 36 -11.82 20.85 47.59
CA TYR D 36 -11.94 19.82 46.56
C TYR D 36 -13.39 19.51 46.16
N THR D 37 -13.91 20.18 45.14
CA THR D 37 -15.26 19.90 44.66
C THR D 37 -15.14 18.89 43.53
N ASN D 38 -16.20 18.14 43.25
CA ASN D 38 -16.16 17.21 42.12
C ASN D 38 -16.50 17.88 40.79
N SER D 39 -16.01 17.31 39.68
CA SER D 39 -16.24 17.93 38.37
C SER D 39 -17.52 17.47 37.70
N PHE D 40 -18.67 17.71 38.33
CA PHE D 40 -19.99 17.34 37.80
C PHE D 40 -20.08 17.07 36.30
N THR D 41 -20.15 18.14 35.52
CA THR D 41 -20.25 18.01 34.08
C THR D 41 -19.05 18.72 33.50
N ARG D 42 -18.19 19.21 34.38
CA ARG D 42 -17.02 19.96 33.93
C ARG D 42 -16.00 19.06 33.26
N GLY D 43 -15.59 19.41 32.05
CA GLY D 43 -14.57 18.64 31.36
C GLY D 43 -14.90 18.17 29.97
N VAL D 44 -15.81 18.85 29.28
CA VAL D 44 -16.15 18.50 27.90
C VAL D 44 -16.10 19.72 26.99
N TYR D 45 -15.54 19.56 25.79
CA TYR D 45 -15.49 20.67 24.84
C TYR D 45 -15.97 20.26 23.46
N TYR D 46 -15.46 20.95 22.44
CA TYR D 46 -15.82 20.62 21.08
C TYR D 46 -14.58 20.19 20.32
N PRO D 47 -14.44 18.89 20.08
CA PRO D 47 -13.30 18.45 19.27
C PRO D 47 -13.60 18.49 17.77
N ASP D 48 -14.60 19.24 17.35
CA ASP D 48 -14.98 19.28 15.93
C ASP D 48 -15.58 20.60 15.51
N LYS D 49 -15.71 20.78 14.19
CA LYS D 49 -16.33 22.00 13.66
C LYS D 49 -17.57 21.55 12.94
N VAL D 50 -18.11 20.40 13.34
CA VAL D 50 -19.25 19.84 12.62
C VAL D 50 -20.60 20.22 13.21
N PHE D 51 -21.40 20.94 12.43
CA PHE D 51 -22.74 21.26 12.88
C PHE D 51 -23.53 19.98 12.91
N ARG D 52 -24.14 19.69 14.03
CA ARG D 52 -24.93 18.49 14.15
C ARG D 52 -26.27 18.84 14.78
N SER D 53 -27.35 18.58 14.07
CA SER D 53 -28.67 18.89 14.60
C SER D 53 -29.20 17.72 15.40
N SER D 54 -29.12 17.82 16.73
CA SER D 54 -29.60 16.75 17.61
C SER D 54 -29.13 15.33 17.29
N VAL D 55 -27.81 15.12 17.23
CA VAL D 55 -27.28 13.79 16.98
C VAL D 55 -26.39 13.29 18.12
N LEU D 56 -26.42 11.99 18.39
CA LEU D 56 -25.57 11.41 19.42
C LEU D 56 -24.27 10.92 18.79
N HIS D 57 -23.29 11.79 18.68
CA HIS D 57 -22.03 11.44 18.05
C HIS D 57 -20.97 11.00 19.06
N SER D 58 -20.38 9.83 18.84
CA SER D 58 -19.35 9.34 19.75
C SER D 58 -17.95 9.71 19.30
N THR D 59 -17.09 10.08 20.25
CA THR D 59 -15.71 10.45 19.90
C THR D 59 -14.74 10.03 20.99
N HIS D 60 -13.44 10.07 20.69
CA HIS D 60 -12.44 9.78 21.70
C HIS D 60 -11.47 10.95 21.76
N ASP D 61 -11.52 11.71 22.85
CA ASP D 61 -10.63 12.86 22.99
C ASP D 61 -10.21 13.07 24.43
N LEU D 62 -9.30 14.01 24.63
CA LEU D 62 -8.85 14.32 25.98
C LEU D 62 -9.97 15.02 26.71
N PHE D 63 -10.63 14.31 27.62
CA PHE D 63 -11.71 14.91 28.38
C PHE D 63 -11.51 14.62 29.86
N LEU D 64 -11.65 15.63 30.71
CA LEU D 64 -11.55 15.40 32.14
C LEU D 64 -12.69 14.49 32.58
N PRO D 65 -12.35 13.40 33.28
CA PRO D 65 -13.39 12.49 33.78
C PRO D 65 -14.40 13.21 34.64
N PHE D 66 -15.67 12.84 34.53
CA PHE D 66 -16.69 13.56 35.26
C PHE D 66 -16.79 13.18 36.72
N PHE D 67 -17.38 14.07 37.53
CA PHE D 67 -17.52 13.83 38.97
C PHE D 67 -16.21 13.43 39.63
N SER D 68 -15.11 14.05 39.21
CA SER D 68 -13.81 13.75 39.78
C SER D 68 -13.35 14.96 40.56
N ASN D 69 -12.86 14.74 41.77
CA ASN D 69 -12.46 15.85 42.62
C ASN D 69 -11.45 16.81 42.01
N VAL D 70 -11.90 18.01 41.64
CA VAL D 70 -10.99 19.02 41.11
C VAL D 70 -10.61 19.98 42.23
N THR D 71 -9.39 20.50 42.17
CA THR D 71 -8.92 21.38 43.24
C THR D 71 -9.53 22.75 43.22
N TRP D 72 -9.92 23.27 44.37
CA TRP D 72 -10.40 24.65 44.44
C TRP D 72 -9.14 25.40 44.81
N PHE D 73 -8.16 25.41 43.92
CA PHE D 73 -6.87 26.00 44.26
C PHE D 73 -6.88 27.49 44.53
N HIS D 74 -6.30 27.87 45.66
CA HIS D 74 -6.16 29.28 45.96
C HIS D 74 -4.67 29.36 46.20
N ALA D 75 -4.06 30.51 45.91
CA ALA D 75 -2.62 30.66 46.09
C ALA D 75 -2.22 30.35 47.53
N LYS D 85 -7.23 34.02 52.27
CA LYS D 85 -6.19 33.00 52.13
C LYS D 85 -4.82 33.63 52.12
N ARG D 86 -3.80 32.84 51.79
CA ARG D 86 -2.44 33.36 51.72
C ARG D 86 -2.01 33.35 50.28
N PHE D 87 -0.81 33.82 49.99
CA PHE D 87 -0.31 33.75 48.62
C PHE D 87 0.84 32.77 48.49
N ASP D 88 2.05 33.26 48.23
CA ASP D 88 3.22 32.38 47.99
C ASP D 88 2.83 31.28 47.04
N ASN D 89 2.24 31.65 45.90
CA ASN D 89 1.73 30.67 44.94
C ASN D 89 2.54 29.37 44.58
N PRO D 90 2.15 28.15 45.10
CA PRO D 90 2.89 26.96 44.68
C PRO D 90 2.44 26.54 43.28
N ALA D 91 3.15 25.62 42.62
CA ALA D 91 2.74 25.32 41.26
C ALA D 91 2.00 23.97 41.21
N LEU D 92 1.26 23.78 40.12
CA LEU D 92 0.48 22.56 39.92
C LEU D 92 1.08 21.75 38.77
N PRO D 93 0.90 20.42 38.79
CA PRO D 93 1.44 19.60 37.69
C PRO D 93 0.66 19.75 36.40
N PHE D 94 1.12 19.09 35.34
CA PHE D 94 0.46 19.13 34.05
C PHE D 94 0.54 17.76 33.39
N ASN D 95 -0.58 17.31 32.82
CA ASN D 95 -0.63 16.01 32.16
C ASN D 95 -1.59 16.12 30.98
N ASP D 96 -1.04 16.41 29.81
CA ASP D 96 -1.74 16.46 28.52
C ASP D 96 -2.81 17.55 28.47
N GLY D 97 -2.95 18.37 29.50
CA GLY D 97 -3.97 19.40 29.51
C GLY D 97 -4.60 19.59 30.88
N VAL D 98 -5.31 20.70 31.07
CA VAL D 98 -5.90 21.04 32.37
C VAL D 98 -7.21 21.77 32.13
N TYR D 99 -8.07 21.75 33.15
CA TYR D 99 -9.35 22.44 33.14
C TYR D 99 -9.29 23.56 34.16
N PHE D 100 -9.53 24.80 33.71
CA PHE D 100 -9.40 25.97 34.55
C PHE D 100 -10.65 26.84 34.41
N ALA D 101 -10.99 27.53 35.50
CA ALA D 101 -12.13 28.44 35.51
C ALA D 101 -12.08 29.26 36.79
N SER D 102 -12.44 30.53 36.69
CA SER D 102 -12.44 31.44 37.83
C SER D 102 -13.69 32.31 37.78
N THR D 103 -14.18 32.69 38.96
CA THR D 103 -15.42 33.44 39.08
C THR D 103 -15.21 34.89 39.52
N GLU D 104 -13.98 35.28 39.80
CA GLU D 104 -13.73 36.66 40.23
C GLU D 104 -14.21 37.64 39.17
N LYS D 105 -15.08 38.57 39.58
CA LYS D 105 -15.63 39.54 38.65
C LYS D 105 -14.64 40.66 38.31
N SER D 106 -13.64 40.88 39.15
CA SER D 106 -12.63 41.90 38.88
C SER D 106 -11.55 41.43 37.92
N ASN D 107 -11.59 40.16 37.50
CA ASN D 107 -10.63 39.62 36.54
C ASN D 107 -9.19 39.74 37.05
N ILE D 108 -8.97 39.18 38.24
CA ILE D 108 -7.63 39.20 38.82
C ILE D 108 -6.71 38.22 38.09
N ILE D 109 -7.19 37.00 37.87
CA ILE D 109 -6.42 36.01 37.13
C ILE D 109 -6.38 36.44 35.66
N ARG D 110 -5.17 36.73 35.17
CA ARG D 110 -5.02 37.27 33.82
C ARG D 110 -3.82 36.67 33.10
N GLY D 111 -3.48 35.41 33.39
CA GLY D 111 -2.38 34.77 32.70
C GLY D 111 -2.10 33.40 33.31
N TRP D 112 -1.21 32.68 32.63
CA TRP D 112 -0.78 31.37 33.08
C TRP D 112 0.66 31.15 32.65
N ILE D 113 1.33 30.21 33.31
CA ILE D 113 2.69 29.86 32.92
C ILE D 113 2.69 28.35 32.81
N PHE D 114 3.55 27.80 31.97
CA PHE D 114 3.57 26.36 31.76
C PHE D 114 5.02 25.90 31.66
N GLY D 115 5.29 24.88 30.85
CA GLY D 115 6.64 24.40 30.67
C GLY D 115 6.94 23.17 31.48
N THR D 116 8.16 22.66 31.36
CA THR D 116 8.51 21.45 32.08
C THR D 116 8.55 21.68 33.59
N THR D 117 9.50 22.49 34.05
CA THR D 117 9.64 22.70 35.49
C THR D 117 9.59 24.18 35.89
N LEU D 118 9.02 25.02 35.03
CA LEU D 118 8.89 26.46 35.32
C LEU D 118 10.12 27.14 35.92
N ASP D 119 11.27 26.91 35.33
CA ASP D 119 12.50 27.52 35.81
C ASP D 119 13.36 27.94 34.65
N SER D 120 14.63 28.19 34.91
CA SER D 120 15.53 28.51 33.82
C SER D 120 16.20 27.22 33.36
N LYS D 121 16.11 26.17 34.19
CA LYS D 121 16.70 24.90 33.79
C LYS D 121 16.07 24.35 32.51
N THR D 122 14.79 24.63 32.28
CA THR D 122 14.10 24.16 31.09
C THR D 122 13.18 25.25 30.57
N GLN D 123 12.75 25.09 29.32
CA GLN D 123 11.88 26.07 28.69
C GLN D 123 10.52 26.10 29.39
N SER D 124 9.92 27.29 29.42
CA SER D 124 8.64 27.51 30.05
C SER D 124 7.76 28.37 29.17
N LEU D 125 6.47 28.07 29.16
CA LEU D 125 5.50 28.82 28.36
C LEU D 125 4.92 29.96 29.19
N LEU D 126 4.59 31.06 28.50
CA LEU D 126 4.04 32.24 29.13
C LEU D 126 2.83 32.70 28.35
N ILE D 127 1.75 33.03 29.06
CA ILE D 127 0.50 33.48 28.45
C ILE D 127 -0.05 34.63 29.29
N VAL D 128 -0.61 35.63 28.62
CA VAL D 128 -1.20 36.78 29.26
C VAL D 128 -2.51 37.14 28.57
N ASN D 129 -3.37 37.84 29.29
CA ASN D 129 -4.69 38.23 28.81
C ASN D 129 -4.91 39.72 28.97
N ASN D 130 -3.91 40.51 28.58
CA ASN D 130 -4.04 41.97 28.64
C ASN D 130 -5.15 42.42 27.71
N ALA D 131 -5.90 43.43 28.15
CA ALA D 131 -7.02 43.91 27.35
C ALA D 131 -6.56 44.54 26.04
N THR D 132 -5.34 45.07 26.00
CA THR D 132 -4.84 45.73 24.80
C THR D 132 -4.25 44.76 23.79
N ASN D 133 -3.62 43.68 24.25
CA ASN D 133 -2.96 42.75 23.36
C ASN D 133 -2.74 41.43 24.11
N VAL D 134 -2.25 40.44 23.36
CA VAL D 134 -1.95 39.13 23.94
C VAL D 134 -0.75 38.55 23.20
N VAL D 135 0.35 38.30 23.93
CA VAL D 135 1.59 37.80 23.35
C VAL D 135 2.00 36.56 24.13
N ILE D 136 2.26 35.48 23.40
CA ILE D 136 2.73 34.22 24.00
C ILE D 136 4.23 34.14 23.81
N LYS D 137 4.93 33.61 24.82
CA LYS D 137 6.38 33.52 24.79
C LYS D 137 6.81 32.15 25.32
N VAL D 138 7.85 31.61 24.72
CA VAL D 138 8.45 30.35 25.15
C VAL D 138 9.91 30.67 25.47
N CYS D 139 10.20 30.94 26.74
CA CYS D 139 11.52 31.35 27.17
C CYS D 139 11.83 30.75 28.53
N GLU D 140 13.11 30.76 28.89
CA GLU D 140 13.57 30.20 30.16
C GLU D 140 13.35 31.21 31.29
N PHE D 141 12.07 31.53 31.52
CA PHE D 141 11.72 32.48 32.57
C PHE D 141 12.11 31.94 33.94
N GLN D 142 12.67 32.82 34.76
CA GLN D 142 13.01 32.48 36.14
C GLN D 142 11.87 32.95 37.06
N PHE D 143 10.76 32.21 36.98
CA PHE D 143 9.58 32.58 37.75
C PHE D 143 9.89 32.59 39.24
N CYS D 144 9.37 33.61 39.92
CA CYS D 144 9.56 33.72 41.36
C CYS D 144 8.67 32.72 42.09
N ASN D 145 8.82 32.67 43.41
CA ASN D 145 8.01 31.76 44.21
C ASN D 145 6.54 32.20 44.25
N ASP D 146 6.31 33.51 44.33
CA ASP D 146 4.96 34.09 44.38
C ASP D 146 4.83 35.08 43.22
N PRO D 147 4.67 34.59 41.99
CA PRO D 147 4.54 35.51 40.85
C PRO D 147 3.19 36.20 40.84
N PHE D 148 3.23 37.51 40.57
CA PHE D 148 2.01 38.30 40.50
C PHE D 148 2.28 39.51 39.62
N LEU D 149 1.20 40.12 39.14
CA LEU D 149 1.27 41.31 38.29
C LEU D 149 0.97 42.54 39.13
N ASP D 150 1.66 43.64 38.81
CA ASP D 150 1.50 44.91 39.52
C ASP D 150 1.21 46.01 38.52
N VAL D 151 0.49 47.03 38.99
CA VAL D 151 0.14 48.19 38.17
C VAL D 151 0.09 49.41 39.07
N TYR D 152 0.61 50.54 38.57
CA TYR D 152 0.66 51.79 39.32
C TYR D 152 -0.65 52.54 39.06
N GLN D 153 -1.44 52.71 40.11
CA GLN D 153 -2.70 53.44 40.03
C GLN D 153 -2.69 54.64 40.96
N TRP D 159 -3.50 52.20 37.16
CA TRP D 159 -4.30 51.86 35.99
C TRP D 159 -3.45 51.85 34.72
N MET D 160 -2.16 52.13 34.87
CA MET D 160 -1.24 52.14 33.75
C MET D 160 0.15 51.78 34.24
N GLU D 161 1.04 51.51 33.28
CA GLU D 161 2.43 51.17 33.57
C GLU D 161 2.50 49.87 34.40
N SER D 162 1.91 48.82 33.85
CA SER D 162 1.92 47.52 34.51
C SER D 162 3.33 46.95 34.54
N GLU D 163 3.60 46.13 35.55
CA GLU D 163 4.90 45.51 35.75
C GLU D 163 4.74 43.99 35.71
N PHE D 164 5.63 43.34 34.97
CA PHE D 164 5.61 41.88 34.82
C PHE D 164 6.59 41.27 35.82
N ARG D 165 6.14 41.19 37.07
CA ARG D 165 6.93 40.61 38.14
C ARG D 165 6.80 39.09 38.22
N VAL D 166 6.15 38.46 37.24
CA VAL D 166 5.95 37.02 37.28
C VAL D 166 7.28 36.29 37.10
N TYR D 167 8.24 36.90 36.42
CA TYR D 167 9.54 36.29 36.19
C TYR D 167 10.63 37.30 36.51
N SER D 168 11.85 36.79 36.70
CA SER D 168 13.01 37.61 37.01
C SER D 168 13.83 37.98 35.79
N SER D 169 13.89 37.11 34.79
CA SER D 169 14.68 37.38 33.59
C SER D 169 14.21 36.48 32.46
N ALA D 170 14.58 36.85 31.25
CA ALA D 170 14.24 36.08 30.06
C ALA D 170 15.25 36.43 28.98
N ASN D 171 16.08 35.46 28.61
CA ASN D 171 17.21 35.69 27.71
C ASN D 171 17.04 35.01 26.36
N ASN D 172 16.79 33.69 26.34
CA ASN D 172 16.74 32.94 25.10
C ASN D 172 15.52 33.33 24.28
N CYS D 173 14.33 32.96 24.76
CA CYS D 173 13.06 33.30 24.10
C CYS D 173 13.13 33.02 22.60
N THR D 174 13.28 31.73 22.28
CA THR D 174 13.47 31.30 20.91
C THR D 174 12.16 31.26 20.11
N PHE D 175 11.02 31.12 20.77
CA PHE D 175 9.74 31.03 20.09
C PHE D 175 8.74 31.96 20.75
N GLU D 176 7.95 32.63 19.92
CA GLU D 176 6.94 33.57 20.40
C GLU D 176 5.83 33.68 19.36
N TYR D 177 4.65 34.09 19.83
CA TYR D 177 3.51 34.31 18.96
C TYR D 177 2.70 35.49 19.49
N VAL D 178 2.15 36.28 18.57
CA VAL D 178 1.38 37.46 18.91
C VAL D 178 0.06 37.41 18.15
N SER D 179 -1.03 37.80 18.83
CA SER D 179 -2.34 37.88 18.22
C SER D 179 -2.89 39.30 18.20
N GLN D 180 -2.88 39.98 19.35
CA GLN D 180 -3.35 41.36 19.49
C GLN D 180 -4.66 41.57 18.73
N PRO D 181 -5.79 41.05 19.23
CA PRO D 181 -7.10 41.22 18.58
C PRO D 181 -7.39 42.67 18.21
N GLU D 187 -7.38 39.62 24.88
CA GLU D 187 -7.97 38.33 24.52
C GLU D 187 -8.16 37.48 25.77
N GLY D 188 -9.07 36.52 25.69
CA GLY D 188 -9.33 35.63 26.81
C GLY D 188 -10.00 36.28 27.99
N LYS D 189 -10.61 37.45 27.79
CA LYS D 189 -11.28 38.14 28.90
C LYS D 189 -12.68 37.59 29.12
N GLU D 190 -13.42 37.36 28.04
CA GLU D 190 -14.79 36.85 28.11
C GLU D 190 -15.68 37.82 28.88
N GLY D 191 -15.64 39.08 28.47
CA GLY D 191 -16.47 40.08 29.12
C GLY D 191 -16.19 40.20 30.60
N ASN D 192 -17.07 40.95 31.28
CA ASN D 192 -16.95 41.17 32.71
C ASN D 192 -18.29 41.06 33.43
N PHE D 193 -19.27 40.40 32.82
CA PHE D 193 -20.59 40.25 33.43
C PHE D 193 -21.10 38.82 33.27
N ASN D 195 -19.83 34.22 35.70
CA ASN D 195 -18.47 34.74 35.88
C ASN D 195 -17.44 33.63 35.80
N LEU D 196 -17.91 32.38 35.78
CA LEU D 196 -17.02 31.22 35.72
C LEU D 196 -16.52 31.05 34.29
N ARG D 197 -15.55 31.89 33.94
CA ARG D 197 -14.94 31.84 32.61
C ARG D 197 -14.04 30.61 32.53
N GLU D 198 -14.51 29.58 31.83
CA GLU D 198 -13.77 28.34 31.74
C GLU D 198 -12.70 28.42 30.66
N PHE D 199 -11.70 27.55 30.77
CA PHE D 199 -10.60 27.51 29.82
C PHE D 199 -10.05 26.10 29.76
N VAL D 200 -9.44 25.76 28.63
CA VAL D 200 -8.81 24.46 28.42
C VAL D 200 -7.68 24.63 27.42
N PHE D 201 -6.51 24.09 27.76
CA PHE D 201 -5.33 24.16 26.93
C PHE D 201 -4.87 22.74 26.61
N LYS D 202 -4.77 22.43 25.32
CA LYS D 202 -4.39 21.10 24.86
C LYS D 202 -2.94 21.10 24.41
N ASN D 203 -2.20 20.07 24.84
CA ASN D 203 -0.80 19.88 24.47
C ASN D 203 -0.67 18.46 23.93
N ILE D 204 -0.92 18.29 22.63
CA ILE D 204 -0.88 16.98 21.98
C ILE D 204 0.00 17.09 20.74
N ASP D 205 0.94 16.16 20.61
CA ASP D 205 1.84 16.11 19.45
C ASP D 205 2.49 17.47 19.19
N GLY D 206 2.74 18.23 20.26
CA GLY D 206 3.30 19.55 20.13
C GLY D 206 2.32 20.63 19.72
N TYR D 207 1.09 20.28 19.37
CA TYR D 207 0.10 21.26 18.97
C TYR D 207 -0.51 21.92 20.20
N PHE D 208 -0.67 23.24 20.14
CA PHE D 208 -1.28 24.00 21.23
C PHE D 208 -2.55 24.66 20.74
N LYS D 209 -3.65 24.45 21.47
CA LYS D 209 -4.93 25.05 21.14
C LYS D 209 -5.62 25.45 22.44
N ILE D 210 -6.49 26.45 22.33
CA ILE D 210 -7.19 27.01 23.48
C ILE D 210 -8.68 26.82 23.29
N TYR D 211 -9.30 26.15 24.26
CA TYR D 211 -10.76 25.99 24.31
C TYR D 211 -11.27 26.63 25.58
N SER D 212 -12.35 27.41 25.46
CA SER D 212 -12.85 28.18 26.58
C SER D 212 -14.36 28.32 26.47
N LYS D 213 -14.96 28.85 27.54
CA LYS D 213 -16.40 29.07 27.60
C LYS D 213 -16.70 29.93 28.81
N HIS D 214 -17.63 30.87 28.64
CA HIS D 214 -18.06 31.74 29.73
C HIS D 214 -19.34 31.20 30.35
N THR D 215 -19.35 31.06 31.67
CA THR D 215 -20.49 30.52 32.40
C THR D 215 -20.93 31.53 33.46
N PRO D 216 -22.12 32.13 33.35
CA PRO D 216 -22.57 33.06 34.38
C PRO D 216 -22.60 32.40 35.75
N ILE D 217 -22.59 33.24 36.78
CA ILE D 217 -22.61 32.80 38.18
C ILE D 217 -23.74 33.52 38.88
N ASN D 218 -24.83 32.80 39.15
CA ASN D 218 -25.98 33.31 39.89
C ASN D 218 -26.44 32.28 40.91
N LEU D 219 -25.49 31.61 41.56
CA LEU D 219 -25.79 30.55 42.52
C LEU D 219 -24.79 30.63 43.66
N GLU D 220 -24.98 29.78 44.67
CA GLU D 220 -24.10 29.75 45.83
C GLU D 220 -22.68 29.38 45.43
N ARG D 221 -21.76 29.38 46.39
CA ARG D 221 -20.35 29.10 46.14
C ARG D 221 -20.19 27.60 45.87
N ASP D 222 -20.40 27.22 44.61
CA ASP D 222 -20.27 25.84 44.18
C ASP D 222 -20.44 25.79 42.67
N LEU D 223 -19.85 24.77 42.06
CA LEU D 223 -19.96 24.58 40.62
C LEU D 223 -21.43 24.44 40.23
N PRO D 224 -21.99 25.37 39.47
CA PRO D 224 -23.41 25.29 39.14
C PRO D 224 -23.72 24.06 38.30
N GLN D 225 -24.90 23.49 38.53
CA GLN D 225 -25.33 22.32 37.79
C GLN D 225 -25.52 22.67 36.32
N GLY D 226 -25.84 21.66 35.52
CA GLY D 226 -26.00 21.83 34.09
C GLY D 226 -24.70 21.63 33.34
N PHE D 227 -24.84 21.26 32.06
CA PHE D 227 -23.68 20.98 31.24
C PHE D 227 -23.12 22.26 30.63
N SER D 228 -21.86 22.17 30.20
CA SER D 228 -21.20 23.27 29.51
C SER D 228 -20.31 22.69 28.41
N ALA D 229 -20.09 23.49 27.38
CA ALA D 229 -19.27 23.09 26.24
C ALA D 229 -18.35 24.23 25.85
N LEU D 230 -17.11 23.89 25.50
CA LEU D 230 -16.10 24.86 25.15
C LEU D 230 -15.85 24.88 23.65
N GLU D 231 -15.58 26.07 23.14
CA GLU D 231 -15.40 26.30 21.71
C GLU D 231 -13.92 26.54 21.38
N PRO D 232 -13.53 26.34 20.13
CA PRO D 232 -12.13 26.60 19.77
C PRO D 232 -11.83 28.09 19.74
N LEU D 233 -10.57 28.42 20.05
CA LEU D 233 -10.12 29.80 20.07
C LEU D 233 -8.95 30.04 19.12
N VAL D 234 -7.93 29.19 19.14
CA VAL D 234 -6.75 29.37 18.31
C VAL D 234 -6.03 28.02 18.21
N ASP D 235 -5.21 27.87 17.18
CA ASP D 235 -4.47 26.64 16.96
C ASP D 235 -3.11 26.96 16.37
N LEU D 236 -2.07 26.35 16.93
CA LEU D 236 -0.71 26.47 16.41
C LEU D 236 0.22 25.56 17.20
N PRO D 237 1.36 25.16 16.63
CA PRO D 237 2.28 24.27 17.34
C PRO D 237 3.33 25.02 18.15
N ILE D 238 3.65 24.47 19.32
CA ILE D 238 4.70 25.03 20.18
C ILE D 238 5.73 23.95 20.48
N GLY D 239 5.32 22.69 20.45
CA GLY D 239 6.22 21.58 20.69
C GLY D 239 6.90 21.64 22.04
N ILE D 240 6.12 21.62 23.12
CA ILE D 240 6.64 21.63 24.48
C ILE D 240 6.17 20.39 25.21
N ASN D 241 7.03 19.86 26.07
CA ASN D 241 6.70 18.74 26.95
C ASN D 241 6.42 19.32 28.33
N ILE D 242 5.15 19.67 28.56
CA ILE D 242 4.74 20.36 29.78
C ILE D 242 4.41 19.33 30.85
N THR D 243 4.89 19.58 32.07
CA THR D 243 4.55 18.76 33.23
C THR D 243 4.19 19.57 34.46
N ARG D 244 4.40 20.89 34.46
CA ARG D 244 4.05 21.74 35.59
C ARG D 244 3.58 23.08 35.07
N PHE D 245 2.69 23.71 35.83
CA PHE D 245 2.15 25.01 35.43
C PHE D 245 1.69 25.75 36.68
N GLN D 246 1.29 27.01 36.48
CA GLN D 246 0.80 27.84 37.56
C GLN D 246 0.01 28.99 36.96
N THR D 247 -0.96 29.50 37.73
CA THR D 247 -1.83 30.58 37.29
C THR D 247 -1.25 31.93 37.71
N LEU D 248 -1.40 32.91 36.84
CA LEU D 248 -0.97 34.28 37.10
C LEU D 248 -2.15 35.13 37.53
N LEU D 249 -1.85 36.20 38.27
CA LEU D 249 -2.89 37.12 38.73
C LEU D 249 -2.23 38.37 39.27
N ALA D 250 -3.00 39.46 39.31
CA ALA D 250 -2.49 40.71 39.88
C ALA D 250 -2.57 40.68 41.40
N LEU D 251 -1.82 41.54 42.07
CA LEU D 251 -1.81 41.56 43.53
C LEU D 251 -2.91 42.41 44.12
N HIS D 252 -3.20 43.55 43.48
CA HIS D 252 -4.20 44.49 44.00
C HIS D 252 -3.92 44.96 45.43
N ARG D 253 -2.83 45.71 45.60
CA ARG D 253 -2.51 46.26 46.91
C ARG D 253 -2.81 47.74 46.83
N SER D 254 -2.98 48.25 45.61
CA SER D 254 -3.26 49.69 45.39
C SER D 254 -2.11 50.62 45.75
N TYR D 255 -0.90 50.09 45.88
CA TYR D 255 0.27 50.92 46.17
C TYR D 255 1.35 50.57 45.17
N LEU D 256 2.60 50.92 45.50
CA LEU D 256 3.72 50.58 44.63
C LEU D 256 4.37 49.33 45.18
N THR D 257 3.75 48.18 44.94
CA THR D 257 4.27 46.93 45.47
C THR D 257 5.61 46.56 44.85
N PRO D 258 6.49 45.94 45.65
CA PRO D 258 7.76 45.47 45.08
C PRO D 258 7.64 44.06 44.55
N VAL D 259 8.77 43.37 44.38
CA VAL D 259 8.75 42.00 43.90
C VAL D 259 8.68 41.01 45.05
N ASP D 260 8.44 41.51 46.25
CA ASP D 260 8.41 40.64 47.43
C ASP D 260 7.28 39.62 47.42
N SER D 261 7.49 38.49 48.09
CA SER D 261 6.45 37.49 48.18
C SER D 261 5.53 37.81 49.34
N SER D 262 4.36 37.18 49.39
CA SER D 262 3.40 37.41 50.48
C SER D 262 3.17 38.88 50.78
N SER D 263 2.75 39.63 49.77
CA SER D 263 2.54 41.07 49.96
C SER D 263 1.09 41.39 50.27
N GLY D 264 0.56 42.43 49.64
CA GLY D 264 -0.81 42.84 49.92
C GLY D 264 -1.85 42.16 49.07
N TRP D 265 -2.20 40.93 49.40
CA TRP D 265 -3.22 40.20 48.67
C TRP D 265 -4.49 40.99 48.82
N THR D 266 -4.86 41.32 50.05
CA THR D 266 -6.02 42.16 50.35
C THR D 266 -7.22 42.25 49.39
N ALA D 270 -6.89 35.27 44.34
CA ALA D 270 -7.03 33.83 44.10
C ALA D 270 -8.39 33.24 44.40
N ALA D 271 -9.11 32.81 43.37
CA ALA D 271 -10.42 32.19 43.55
C ALA D 271 -10.67 31.36 42.32
N TYR D 272 -9.98 30.23 42.18
CA TYR D 272 -10.11 29.46 40.95
C TYR D 272 -10.21 27.94 41.09
N TYR D 273 -10.15 27.23 39.97
CA TYR D 273 -10.28 25.77 40.01
C TYR D 273 -9.28 25.11 39.06
N VAL D 274 -8.68 23.99 39.47
CA VAL D 274 -7.72 23.27 38.62
C VAL D 274 -8.09 21.79 38.43
N GLY D 275 -8.24 21.34 37.18
CA GLY D 275 -8.53 19.94 36.88
C GLY D 275 -7.50 19.41 35.90
N TYR D 276 -7.57 18.12 35.54
CA TYR D 276 -6.56 17.50 34.65
C TYR D 276 -7.19 16.57 33.60
N LEU D 277 -6.94 16.82 32.32
CA LEU D 277 -7.58 16.03 31.25
C LEU D 277 -7.00 14.62 30.99
N GLN D 278 -7.85 13.64 30.66
CA GLN D 278 -7.36 12.30 30.39
C GLN D 278 -7.95 11.82 29.08
N PRO D 279 -7.34 10.82 28.43
CA PRO D 279 -7.89 10.28 27.19
C PRO D 279 -9.05 9.34 27.48
N ARG D 280 -10.24 9.71 27.02
CA ARG D 280 -11.45 8.98 27.32
C ARG D 280 -12.31 8.89 26.06
N THR D 281 -13.27 7.96 26.09
CA THR D 281 -14.27 7.84 25.04
C THR D 281 -15.59 8.43 25.55
N PHE D 282 -16.19 9.30 24.74
CA PHE D 282 -17.38 10.04 25.14
C PHE D 282 -18.44 9.96 24.06
N LEU D 283 -19.70 10.01 24.49
CA LEU D 283 -20.85 10.08 23.60
C LEU D 283 -21.45 11.48 23.72
N LEU D 284 -21.28 12.29 22.68
CA LEU D 284 -21.67 13.69 22.70
C LEU D 284 -23.05 13.85 22.08
N LYS D 285 -23.95 14.50 22.81
CA LYS D 285 -25.27 14.83 22.31
C LYS D 285 -25.28 16.27 21.80
N TYR D 286 -26.21 16.56 20.89
CA TYR D 286 -26.32 17.86 20.25
C TYR D 286 -27.75 18.36 20.32
N ASN D 287 -27.91 19.65 20.08
CA ASN D 287 -29.20 20.31 20.10
C ASN D 287 -29.66 20.62 18.68
N GLU D 288 -30.97 20.77 18.52
CA GLU D 288 -31.53 21.09 17.22
C GLU D 288 -30.93 22.35 16.62
N ASN D 289 -30.38 23.23 17.47
CA ASN D 289 -29.74 24.45 17.00
C ASN D 289 -28.24 24.28 16.77
N GLY D 290 -27.70 23.11 17.05
CA GLY D 290 -26.30 22.84 16.81
C GLY D 290 -25.38 22.99 18.00
N THR D 291 -25.88 22.77 19.22
CA THR D 291 -25.08 22.89 20.42
C THR D 291 -25.27 21.66 21.29
N ILE D 292 -24.38 21.50 22.27
CA ILE D 292 -24.36 20.33 23.13
C ILE D 292 -25.23 20.59 24.36
N THR D 293 -25.87 19.53 24.84
CA THR D 293 -26.70 19.59 26.02
C THR D 293 -26.43 18.48 27.03
N ASP D 294 -25.72 17.42 26.66
CA ASP D 294 -25.46 16.32 27.56
C ASP D 294 -24.39 15.42 26.93
N ALA D 295 -23.70 14.67 27.79
CA ALA D 295 -22.67 13.75 27.35
C ALA D 295 -22.61 12.57 28.32
N VAL D 296 -22.00 11.49 27.86
CA VAL D 296 -21.88 10.26 28.63
C VAL D 296 -20.42 9.81 28.60
N ASP D 297 -19.77 9.82 29.76
CA ASP D 297 -18.39 9.35 29.88
C ASP D 297 -18.39 7.83 29.81
N CYS D 298 -17.93 7.28 28.69
CA CYS D 298 -18.03 5.84 28.45
C CYS D 298 -17.20 5.03 29.43
N ALA D 299 -16.36 5.65 30.25
CA ALA D 299 -15.53 4.94 31.21
C ALA D 299 -15.83 5.34 32.65
N LEU D 300 -16.95 6.01 32.90
CA LEU D 300 -17.29 6.41 34.26
C LEU D 300 -17.88 5.25 35.04
N ASP D 301 -18.79 4.50 34.43
CA ASP D 301 -19.46 3.40 35.10
C ASP D 301 -20.03 2.46 34.03
N PRO D 302 -20.36 1.23 34.39
CA PRO D 302 -20.91 0.29 33.38
C PRO D 302 -22.14 0.82 32.69
N LEU D 303 -22.99 1.57 33.40
CA LEU D 303 -24.18 2.15 32.76
C LEU D 303 -23.77 3.06 31.61
N SER D 304 -22.78 3.92 31.84
CA SER D 304 -22.31 4.80 30.78
C SER D 304 -21.70 4.01 29.63
N GLU D 305 -21.01 2.90 29.95
CA GLU D 305 -20.41 2.10 28.90
C GLU D 305 -21.46 1.46 28.01
N THR D 306 -22.52 0.91 28.61
CA THR D 306 -23.60 0.35 27.80
C THR D 306 -24.34 1.43 27.05
N LYS D 307 -24.47 2.62 27.63
CA LYS D 307 -25.10 3.72 26.91
C LYS D 307 -24.29 4.10 25.68
N CYS D 308 -22.96 4.15 25.80
CA CYS D 308 -22.12 4.44 24.65
C CYS D 308 -22.21 3.33 23.62
N THR D 309 -22.15 2.07 24.06
CA THR D 309 -22.25 0.95 23.12
C THR D 309 -23.58 0.97 22.38
N LEU D 310 -24.65 1.43 23.04
CA LEU D 310 -25.96 1.51 22.42
C LEU D 310 -26.23 2.86 21.75
N LYS D 311 -25.35 3.84 21.95
CA LYS D 311 -25.50 5.16 21.35
C LYS D 311 -26.78 5.87 21.79
N SER D 312 -27.29 5.52 22.96
CA SER D 312 -28.51 6.11 23.50
C SER D 312 -28.28 6.54 24.93
N PHE D 313 -28.72 7.75 25.26
CA PHE D 313 -28.63 8.26 26.63
C PHE D 313 -29.64 7.62 27.57
N THR D 314 -30.41 6.65 27.11
CA THR D 314 -31.40 5.97 27.93
C THR D 314 -31.37 4.49 27.64
N VAL D 315 -31.29 3.67 28.70
CA VAL D 315 -31.28 2.22 28.58
C VAL D 315 -32.58 1.69 29.17
N GLU D 316 -33.11 0.64 28.55
CA GLU D 316 -34.37 0.06 28.95
C GLU D 316 -34.12 -1.13 29.88
N LYS D 317 -35.19 -1.87 30.18
CA LYS D 317 -35.10 -2.99 31.10
C LYS D 317 -34.34 -4.15 30.46
N GLY D 318 -33.64 -4.92 31.27
CA GLY D 318 -32.87 -6.06 30.79
C GLY D 318 -31.38 -5.78 30.79
N ILE D 319 -30.58 -6.84 30.67
CA ILE D 319 -29.12 -6.67 30.57
C ILE D 319 -28.80 -5.60 29.53
N TYR D 320 -29.33 -5.78 28.33
CA TYR D 320 -29.24 -4.83 27.21
C TYR D 320 -27.83 -4.67 26.67
N GLN D 321 -26.82 -5.26 27.30
CA GLN D 321 -25.47 -5.23 26.75
C GLN D 321 -24.50 -6.04 27.60
N THR D 322 -23.48 -6.61 26.95
CA THR D 322 -22.34 -7.20 27.64
C THR D 322 -21.22 -6.16 27.58
N SER D 323 -21.20 -5.30 28.60
CA SER D 323 -20.38 -4.09 28.60
C SER D 323 -18.96 -4.36 28.10
N ASN D 324 -18.21 -5.20 28.81
CA ASN D 324 -16.83 -5.49 28.46
C ASN D 324 -16.43 -6.77 29.19
N PHE D 325 -15.12 -7.06 29.18
CA PHE D 325 -14.56 -8.20 29.89
C PHE D 325 -13.46 -7.70 30.81
N ARG D 326 -13.60 -7.99 32.10
CA ARG D 326 -12.60 -7.56 33.07
C ARG D 326 -11.24 -8.11 32.71
N VAL D 327 -10.20 -7.29 32.93
CA VAL D 327 -8.82 -7.71 32.70
C VAL D 327 -7.97 -7.19 33.84
N GLN D 328 -7.65 -8.08 34.79
CA GLN D 328 -6.82 -7.69 35.93
C GLN D 328 -5.48 -7.19 35.42
N PRO D 329 -5.20 -5.89 35.50
CA PRO D 329 -3.95 -5.36 34.94
C PRO D 329 -2.74 -5.83 35.74
N THR D 330 -1.57 -5.63 35.14
CA THR D 330 -0.32 -6.04 35.77
C THR D 330 0.14 -5.00 36.78
N GLU D 331 0.88 -5.48 37.79
CA GLU D 331 1.38 -4.63 38.85
C GLU D 331 2.90 -4.51 38.85
N SER D 332 3.59 -5.19 37.93
CA SER D 332 5.04 -5.11 37.87
C SER D 332 5.51 -5.51 36.49
N ILE D 333 6.66 -4.98 36.08
CA ILE D 333 7.30 -5.31 34.83
C ILE D 333 8.56 -6.12 35.13
N VAL D 334 8.71 -7.25 34.45
CA VAL D 334 9.80 -8.19 34.70
C VAL D 334 10.55 -8.41 33.39
N ARG D 335 11.87 -8.33 33.47
CA ARG D 335 12.76 -8.64 32.35
C ARG D 335 13.89 -9.50 32.88
N PHE D 336 14.01 -10.72 32.36
CA PHE D 336 14.91 -11.72 32.91
C PHE D 336 15.66 -12.44 31.80
N PRO D 337 16.59 -11.76 31.12
CA PRO D 337 17.46 -12.47 30.17
C PRO D 337 18.56 -13.24 30.87
N ASN D 338 19.48 -13.81 30.09
CA ASN D 338 20.60 -14.56 30.64
C ASN D 338 21.71 -13.59 31.05
N ILE D 339 22.89 -14.14 31.38
CA ILE D 339 24.04 -13.35 31.80
C ILE D 339 25.24 -13.78 30.97
N THR D 340 25.90 -12.82 30.33
CA THR D 340 27.06 -13.09 29.49
C THR D 340 27.95 -11.86 29.47
N ASN D 341 29.03 -11.93 28.71
CA ASN D 341 30.03 -10.88 28.61
C ASN D 341 29.98 -10.24 27.23
N LEU D 342 30.92 -9.33 26.99
CA LEU D 342 31.01 -8.65 25.70
C LEU D 342 31.24 -9.66 24.58
N CYS D 343 31.03 -9.20 23.33
CA CYS D 343 31.13 -10.07 22.18
C CYS D 343 32.30 -9.67 21.28
N PRO D 344 32.98 -10.64 20.66
CA PRO D 344 33.99 -10.30 19.64
C PRO D 344 33.37 -10.06 18.27
N PHE D 345 32.58 -8.99 18.17
CA PHE D 345 31.90 -8.65 16.93
C PHE D 345 32.75 -7.76 16.03
N HIS D 346 33.62 -6.94 16.62
CA HIS D 346 34.43 -6.02 15.83
C HIS D 346 35.25 -6.74 14.78
N GLU D 347 35.61 -8.01 15.04
CA GLU D 347 36.47 -8.73 14.10
C GLU D 347 35.82 -8.88 12.74
N VAL D 348 34.48 -8.88 12.67
CA VAL D 348 33.81 -9.07 11.39
C VAL D 348 33.70 -7.77 10.61
N PHE D 349 33.75 -6.62 11.28
CA PHE D 349 33.70 -5.31 10.63
C PHE D 349 35.03 -4.58 10.66
N ASN D 350 35.78 -4.67 11.75
CA ASN D 350 37.06 -4.00 11.87
C ASN D 350 38.20 -4.76 11.19
N ALA D 351 37.89 -5.74 10.35
CA ALA D 351 38.92 -6.51 9.67
C ALA D 351 39.47 -5.74 8.48
N THR D 352 40.80 -5.80 8.34
CA THR D 352 41.45 -5.04 7.26
C THR D 352 41.06 -5.58 5.90
N THR D 353 40.85 -6.88 5.78
CA THR D 353 40.58 -7.52 4.50
C THR D 353 39.56 -8.64 4.72
N PHE D 354 38.70 -8.83 3.73
CA PHE D 354 37.75 -9.93 3.71
C PHE D 354 38.21 -11.00 2.73
N ALA D 355 37.45 -12.09 2.70
CA ALA D 355 37.74 -13.20 1.81
C ALA D 355 36.94 -13.05 0.51
N SER D 356 37.16 -13.99 -0.41
CA SER D 356 36.43 -13.97 -1.66
C SER D 356 34.96 -14.29 -1.43
N VAL D 357 34.15 -14.09 -2.47
CA VAL D 357 32.73 -14.40 -2.37
C VAL D 357 32.52 -15.91 -2.30
N TYR D 358 33.30 -16.67 -3.07
CA TYR D 358 33.22 -18.12 -3.00
C TYR D 358 33.93 -18.68 -1.78
N ALA D 359 34.79 -17.88 -1.13
CA ALA D 359 35.48 -18.27 0.10
C ALA D 359 34.95 -17.50 1.30
N TRP D 360 33.65 -17.19 1.30
CA TRP D 360 33.06 -16.41 2.39
C TRP D 360 33.35 -17.05 3.74
N ASN D 361 33.75 -16.21 4.69
CA ASN D 361 34.11 -16.65 6.03
C ASN D 361 32.90 -16.52 6.94
N ARG D 362 32.48 -17.64 7.53
CA ARG D 362 31.37 -17.67 8.47
C ARG D 362 31.92 -17.62 9.89
N LYS D 363 31.67 -16.51 10.57
CA LYS D 363 32.13 -16.31 11.94
C LYS D 363 30.99 -16.67 12.89
N ARG D 364 31.18 -17.71 13.68
CA ARG D 364 30.16 -18.15 14.63
C ARG D 364 30.24 -17.30 15.89
N ILE D 365 29.10 -16.76 16.30
CA ILE D 365 28.99 -15.96 17.51
C ILE D 365 28.04 -16.68 18.48
N SER D 366 28.44 -16.77 19.74
CA SER D 366 27.63 -17.44 20.74
C SER D 366 28.18 -17.12 22.11
N ASN D 367 27.30 -17.16 23.11
CA ASN D 367 27.66 -16.90 24.50
C ASN D 367 28.30 -15.52 24.65
N CYS D 368 27.52 -14.50 24.35
CA CYS D 368 27.99 -13.12 24.43
C CYS D 368 26.78 -12.19 24.47
N VAL D 369 27.05 -10.89 24.40
CA VAL D 369 26.01 -9.86 24.34
C VAL D 369 26.21 -9.09 23.04
N ALA D 370 25.16 -9.05 22.22
CA ALA D 370 25.23 -8.44 20.90
C ALA D 370 24.82 -6.97 21.01
N ASP D 371 25.82 -6.11 21.22
CA ASP D 371 25.61 -4.66 21.24
C ASP D 371 25.90 -4.12 19.85
N TYR D 372 24.85 -3.87 19.07
CA TYR D 372 24.99 -3.41 17.70
C TYR D 372 25.33 -1.93 17.59
N SER D 373 25.51 -1.24 18.72
CA SER D 373 25.86 0.18 18.66
C SER D 373 27.23 0.38 18.03
N VAL D 374 28.10 -0.62 18.10
CA VAL D 374 29.42 -0.53 17.51
C VAL D 374 29.39 -0.49 15.99
N ILE D 375 28.24 -0.76 15.38
CA ILE D 375 28.13 -0.79 13.93
C ILE D 375 27.77 0.58 13.37
N TYR D 376 26.84 1.29 14.01
CA TYR D 376 26.36 2.55 13.47
C TYR D 376 27.40 3.66 13.55
N ASN D 377 28.34 3.57 14.49
CA ASN D 377 29.36 4.61 14.65
C ASN D 377 30.44 4.54 13.59
N PHE D 378 30.39 3.58 12.67
CA PHE D 378 31.36 3.46 11.60
C PHE D 378 30.86 4.25 10.38
N ALA D 379 31.54 4.10 9.25
CA ALA D 379 31.16 4.78 8.03
C ALA D 379 29.72 4.44 7.66
N PRO D 380 29.07 5.27 6.85
CA PRO D 380 27.70 4.96 6.43
C PRO D 380 27.62 3.63 5.71
N PHE D 381 26.39 3.17 5.50
CA PHE D 381 26.12 1.85 4.94
C PHE D 381 25.51 1.99 3.56
N PHE D 382 26.06 1.27 2.59
CA PHE D 382 25.44 1.19 1.27
C PHE D 382 24.01 0.67 1.37
N ALA D 383 23.75 -0.23 2.31
CA ALA D 383 22.42 -0.76 2.55
C ALA D 383 22.41 -1.47 3.90
N PHE D 384 21.31 -1.35 4.64
CA PHE D 384 21.18 -2.07 5.90
C PHE D 384 19.89 -2.86 5.72
N LYS D 385 19.90 -3.78 4.76
CA LYS D 385 18.69 -4.53 4.45
C LYS D 385 18.32 -5.57 5.49
N CYS D 386 17.46 -5.21 6.44
CA CYS D 386 17.00 -6.18 7.41
C CYS D 386 15.76 -6.88 6.90
N TYR D 387 15.51 -8.08 7.40
CA TYR D 387 14.38 -8.85 6.89
C TYR D 387 13.45 -9.28 8.02
N GLY D 388 13.90 -10.22 8.84
CA GLY D 388 13.08 -10.70 9.93
C GLY D 388 12.94 -9.69 11.05
N VAL D 389 13.93 -8.82 11.20
CA VAL D 389 13.91 -7.83 12.27
C VAL D 389 13.93 -6.41 11.75
N SER D 390 13.93 -5.44 12.66
CA SER D 390 14.04 -4.05 12.25
C SER D 390 15.44 -3.62 12.71
N PRO D 391 16.30 -2.91 11.89
CA PRO D 391 17.69 -2.64 12.32
C PRO D 391 17.78 -1.96 13.67
N THR D 392 16.71 -1.35 14.14
CA THR D 392 16.70 -0.66 15.43
C THR D 392 16.23 -1.53 16.57
N LYS D 393 15.83 -2.77 16.30
CA LYS D 393 15.30 -3.67 17.31
C LYS D 393 16.23 -4.84 17.62
N LEU D 394 17.40 -4.90 16.99
CA LEU D 394 18.34 -5.99 17.25
C LEU D 394 18.93 -5.93 18.65
N ASN D 395 18.72 -4.84 19.39
CA ASN D 395 19.24 -4.69 20.74
C ASN D 395 18.22 -5.07 21.80
N ASP D 396 17.20 -5.85 21.44
CA ASP D 396 16.15 -6.21 22.38
C ASP D 396 15.74 -7.68 22.31
N LEU D 397 16.37 -8.48 21.44
CA LEU D 397 15.96 -9.86 21.23
C LEU D 397 17.15 -10.79 21.43
N CYS D 398 16.84 -12.02 21.81
CA CYS D 398 17.84 -13.08 21.94
C CYS D 398 17.90 -13.88 20.65
N PHE D 399 19.11 -14.28 20.27
CA PHE D 399 19.34 -15.01 19.03
C PHE D 399 19.85 -16.40 19.35
N THR D 400 19.19 -17.41 18.80
CA THR D 400 19.58 -18.79 19.05
C THR D 400 20.97 -19.08 18.50
N ASN D 401 21.14 -18.92 17.19
CA ASN D 401 22.41 -19.17 16.53
C ASN D 401 22.64 -18.07 15.51
N VAL D 402 23.67 -17.26 15.74
CA VAL D 402 24.00 -16.12 14.90
C VAL D 402 25.29 -16.41 14.16
N TYR D 403 25.28 -16.23 12.84
CA TYR D 403 26.46 -16.36 12.01
C TYR D 403 26.60 -15.10 11.18
N ALA D 404 27.84 -14.63 11.04
CA ALA D 404 28.15 -13.40 10.31
C ALA D 404 28.96 -13.77 9.07
N ASP D 405 28.28 -13.92 7.95
CA ASP D 405 28.95 -14.20 6.68
C ASP D 405 29.47 -12.90 6.07
N SER D 406 30.68 -12.95 5.54
CA SER D 406 31.35 -11.78 5.00
C SER D 406 32.00 -12.12 3.66
N PHE D 407 32.08 -11.11 2.79
CA PHE D 407 32.77 -11.22 1.51
C PHE D 407 32.82 -9.84 0.88
N VAL D 408 33.85 -9.60 0.08
CA VAL D 408 34.12 -8.29 -0.50
C VAL D 408 33.48 -8.20 -1.87
N ILE D 409 32.96 -7.01 -2.18
CA ILE D 409 32.47 -6.67 -3.51
C ILE D 409 32.96 -5.27 -3.83
N ARG D 410 33.42 -5.06 -5.06
CA ARG D 410 34.03 -3.78 -5.43
C ARG D 410 32.99 -2.77 -5.88
N GLY D 411 31.95 -2.55 -5.07
CA GLY D 411 31.01 -1.48 -5.32
C GLY D 411 29.66 -1.89 -5.87
N ASN D 412 29.45 -1.66 -7.17
CA ASN D 412 28.12 -1.67 -7.78
C ASN D 412 27.62 -3.11 -8.02
N GLU D 413 27.63 -3.91 -6.94
CA GLU D 413 27.07 -5.25 -7.00
C GLU D 413 26.36 -5.64 -5.70
N VAL D 414 26.20 -4.72 -4.76
CA VAL D 414 25.70 -5.08 -3.43
C VAL D 414 24.24 -5.50 -3.50
N SER D 415 23.46 -4.88 -4.39
CA SER D 415 22.04 -5.19 -4.48
C SER D 415 21.76 -6.61 -4.94
N GLN D 416 22.79 -7.39 -5.25
CA GLN D 416 22.60 -8.73 -5.78
C GLN D 416 22.42 -9.77 -4.67
N ILE D 417 22.80 -9.45 -3.44
CA ILE D 417 22.74 -10.41 -2.33
C ILE D 417 21.40 -10.19 -1.64
N ALA D 418 20.42 -11.00 -2.03
CA ALA D 418 19.09 -10.91 -1.43
C ALA D 418 18.47 -12.29 -1.58
N PRO D 419 17.64 -12.72 -0.61
CA PRO D 419 16.94 -13.99 -0.75
C PRO D 419 16.20 -14.13 -2.08
N GLY D 420 16.39 -15.25 -2.77
CA GLY D 420 15.70 -15.47 -4.02
C GLY D 420 16.25 -14.64 -5.16
N GLN D 421 17.56 -14.58 -5.29
CA GLN D 421 18.17 -13.85 -6.39
C GLN D 421 19.03 -14.78 -7.23
N THR D 422 19.17 -14.46 -8.51
CA THR D 422 19.99 -15.27 -9.39
C THR D 422 21.21 -14.51 -9.88
N GLY D 423 22.10 -15.18 -10.60
CA GLY D 423 23.29 -14.53 -11.11
C GLY D 423 24.54 -15.37 -10.94
N ASN D 424 25.67 -14.86 -11.40
CA ASN D 424 26.93 -15.58 -11.27
C ASN D 424 27.49 -15.41 -9.87
N ILE D 425 26.89 -14.50 -9.11
CA ILE D 425 27.33 -14.28 -7.73
C ILE D 425 26.26 -14.79 -6.79
N ALA D 426 25.26 -15.50 -7.33
CA ALA D 426 24.22 -16.03 -6.53
C ALA D 426 24.06 -17.49 -6.69
N ASP D 427 24.22 -17.99 -7.89
CA ASP D 427 23.96 -19.39 -8.10
C ASP D 427 25.27 -19.99 -8.27
N TYR D 428 26.23 -19.16 -8.57
CA TYR D 428 27.53 -19.68 -8.83
C TYR D 428 28.51 -19.04 -7.90
N ASN D 429 28.10 -18.64 -6.70
CA ASN D 429 29.09 -18.10 -5.79
C ASN D 429 28.61 -18.05 -4.34
N TYR D 430 27.46 -17.44 -4.09
CA TYR D 430 26.94 -17.31 -2.73
C TYR D 430 25.44 -17.12 -2.81
N LYS D 431 24.69 -17.92 -2.04
CA LYS D 431 23.24 -17.93 -2.12
C LYS D 431 22.65 -17.83 -0.72
N LEU D 432 21.70 -16.92 -0.55
CA LEU D 432 20.92 -16.83 0.68
C LEU D 432 19.61 -17.59 0.54
N PRO D 433 19.09 -18.15 1.63
CA PRO D 433 17.84 -18.92 1.54
C PRO D 433 16.62 -18.02 1.39
N ASP D 434 15.53 -18.63 0.95
CA ASP D 434 14.27 -17.91 0.77
C ASP D 434 13.57 -17.64 2.09
N ASP D 435 13.88 -18.39 3.13
CA ASP D 435 13.32 -18.19 4.47
C ASP D 435 14.30 -17.46 5.37
N PHE D 436 15.08 -16.54 4.80
CA PHE D 436 16.14 -15.88 5.54
C PHE D 436 15.59 -15.01 6.67
N THR D 437 16.33 -14.97 7.76
CA THR D 437 15.97 -14.16 8.93
C THR D 437 17.24 -13.49 9.44
N GLY D 438 17.45 -12.23 9.04
CA GLY D 438 18.66 -11.54 9.43
C GLY D 438 18.71 -10.16 8.79
N CYS D 439 19.93 -9.69 8.55
CA CYS D 439 20.16 -8.38 7.96
C CYS D 439 21.39 -8.43 7.08
N VAL D 440 21.44 -7.50 6.13
CA VAL D 440 22.55 -7.37 5.20
C VAL D 440 23.14 -5.98 5.35
N ILE D 441 24.46 -5.89 5.16
CA ILE D 441 25.20 -4.64 5.31
C ILE D 441 26.19 -4.51 4.17
N ALA D 442 26.53 -3.27 3.82
CA ALA D 442 27.48 -2.99 2.76
C ALA D 442 28.02 -1.58 2.94
N TRP D 443 29.35 -1.42 2.86
CA TRP D 443 29.95 -0.12 3.15
C TRP D 443 31.33 0.10 2.52
N ASN D 444 31.77 1.35 2.46
CA ASN D 444 33.05 1.68 1.84
C ASN D 444 34.25 1.32 2.70
N SER D 445 35.31 0.84 2.07
CA SER D 445 36.53 0.50 2.80
C SER D 445 37.72 0.99 1.99
N ASN D 446 37.64 2.22 1.49
CA ASN D 446 38.71 2.76 0.63
C ASN D 446 40.13 2.59 1.12
N LYS D 447 40.55 3.36 2.11
CA LYS D 447 41.96 3.30 2.56
C LYS D 447 42.47 1.90 2.90
N LEU D 448 41.61 1.05 3.42
CA LEU D 448 42.04 -0.29 3.81
C LEU D 448 42.41 -1.19 2.64
N ASP D 449 41.61 -1.17 1.57
CA ASP D 449 41.87 -2.08 0.45
C ASP D 449 42.44 -1.41 -0.80
N SER D 450 42.24 -0.10 -0.95
CA SER D 450 42.82 0.60 -2.09
C SER D 450 44.27 0.91 -1.81
N LYS D 451 45.18 0.03 -2.25
CA LYS D 451 46.59 0.29 -2.09
C LYS D 451 47.12 0.75 -3.44
N PRO D 452 47.86 1.85 -3.50
CA PRO D 452 48.42 2.29 -4.78
C PRO D 452 49.54 1.41 -5.31
N SER D 453 49.90 0.35 -4.59
CA SER D 453 50.97 -0.56 -4.99
C SER D 453 50.47 -1.93 -5.43
N GLY D 454 49.24 -2.30 -5.07
CA GLY D 454 48.69 -3.60 -5.46
C GLY D 454 48.14 -4.39 -4.29
N ASN D 455 46.87 -4.77 -4.37
CA ASN D 455 46.21 -5.55 -3.33
C ASN D 455 45.37 -6.66 -3.97
N TYR D 456 45.97 -7.42 -4.88
CA TYR D 456 45.25 -8.44 -5.63
C TYR D 456 44.97 -9.67 -4.78
N ASN D 457 43.84 -9.66 -4.05
CA ASN D 457 43.50 -10.78 -3.19
C ASN D 457 42.00 -11.06 -3.18
N TYR D 458 41.31 -10.84 -4.31
CA TYR D 458 39.85 -10.97 -4.37
C TYR D 458 39.45 -11.74 -5.62
N LEU D 459 38.91 -12.94 -5.43
CA LEU D 459 38.37 -13.74 -6.51
C LEU D 459 36.86 -13.57 -6.61
N TYR D 460 36.28 -14.03 -7.72
CA TYR D 460 34.89 -13.77 -8.02
C TYR D 460 34.10 -14.96 -8.53
N ARG D 461 34.74 -16.05 -8.93
CA ARG D 461 34.04 -17.25 -9.37
C ARG D 461 33.08 -16.92 -10.53
N LEU D 462 33.67 -16.51 -11.65
CA LEU D 462 32.88 -16.04 -12.77
C LEU D 462 31.82 -17.03 -13.20
N LEU D 463 32.15 -18.32 -13.24
CA LEU D 463 31.24 -19.33 -13.77
C LEU D 463 31.29 -20.57 -12.88
N ARG D 464 30.49 -21.57 -13.26
CA ARG D 464 30.41 -22.84 -12.56
C ARG D 464 29.57 -23.78 -13.41
N LYS D 465 29.60 -25.07 -13.06
CA LYS D 465 28.93 -26.09 -13.85
C LYS D 465 27.52 -26.37 -13.39
N SER D 466 27.16 -26.02 -12.15
CA SER D 466 25.83 -26.27 -11.65
C SER D 466 25.47 -25.19 -10.63
N LYS D 467 24.18 -25.08 -10.35
CA LYS D 467 23.70 -24.07 -9.43
C LYS D 467 24.05 -24.44 -7.99
N LEU D 468 24.30 -23.43 -7.17
CA LEU D 468 24.71 -23.59 -5.79
C LEU D 468 23.51 -23.46 -4.86
N LYS D 469 23.55 -24.20 -3.76
CA LYS D 469 22.51 -24.20 -2.75
C LYS D 469 22.86 -23.23 -1.64
N PRO D 470 21.90 -22.90 -0.77
CA PRO D 470 22.15 -21.88 0.26
C PRO D 470 23.31 -22.24 1.17
N PHE D 471 24.11 -21.25 1.51
CA PHE D 471 25.19 -21.36 2.49
C PHE D 471 26.22 -22.42 2.12
N GLU D 472 26.23 -22.85 0.86
CA GLU D 472 27.29 -23.75 0.41
C GLU D 472 28.52 -22.95 0.01
N ARG D 473 29.68 -23.62 0.05
CA ARG D 473 30.95 -22.98 -0.27
C ARG D 473 31.78 -23.99 -1.06
N ASP D 474 31.77 -23.86 -2.38
CA ASP D 474 32.56 -24.69 -3.27
C ASP D 474 33.85 -23.95 -3.59
N ILE D 475 34.96 -24.39 -2.99
CA ILE D 475 36.25 -23.78 -3.21
C ILE D 475 37.11 -24.60 -4.17
N SER D 476 36.47 -25.42 -5.01
CA SER D 476 37.22 -26.25 -5.96
C SER D 476 38.04 -25.37 -6.88
N THR D 477 39.36 -25.53 -6.83
CA THR D 477 40.27 -24.78 -7.69
C THR D 477 40.47 -25.45 -9.05
N GLU D 478 39.88 -26.61 -9.27
CA GLU D 478 40.04 -27.31 -10.54
C GLU D 478 39.43 -26.48 -11.68
N ILE D 479 39.64 -26.96 -12.89
CA ILE D 479 39.15 -26.27 -14.08
C ILE D 479 37.71 -26.67 -14.34
N TYR D 480 36.95 -25.75 -14.92
CA TYR D 480 35.56 -26.01 -15.28
C TYR D 480 35.51 -26.71 -16.63
N GLN D 481 34.89 -27.88 -16.68
CA GLN D 481 34.81 -28.68 -17.90
C GLN D 481 33.73 -28.11 -18.79
N ALA D 482 34.14 -27.23 -19.70
CA ALA D 482 33.22 -26.64 -20.68
C ALA D 482 33.18 -27.46 -21.97
N GLY D 483 34.35 -27.85 -22.48
CA GLY D 483 34.40 -28.65 -23.68
C GLY D 483 34.07 -30.11 -23.42
N ASN D 484 34.06 -30.88 -24.52
CA ASN D 484 33.75 -32.30 -24.42
C ASN D 484 34.93 -33.11 -23.91
N LYS D 485 36.15 -32.73 -24.28
CA LYS D 485 37.33 -33.48 -23.86
C LYS D 485 37.72 -33.07 -22.43
N PRO D 486 38.16 -34.01 -21.60
CA PRO D 486 38.62 -33.64 -20.25
C PRO D 486 39.76 -32.62 -20.32
N CYS D 487 39.65 -31.58 -19.51
CA CYS D 487 40.66 -30.54 -19.49
C CYS D 487 42.01 -31.12 -19.06
N ASN D 488 43.08 -30.43 -19.45
CA ASN D 488 44.44 -30.86 -19.16
C ASN D 488 44.93 -30.39 -17.80
N GLY D 489 44.02 -30.02 -16.90
CA GLY D 489 44.38 -29.53 -15.59
C GLY D 489 44.74 -28.06 -15.53
N VAL D 490 44.92 -27.41 -16.68
CA VAL D 490 45.25 -26.00 -16.75
C VAL D 490 44.30 -25.33 -17.75
N ALA D 491 44.28 -24.00 -17.70
CA ALA D 491 43.42 -23.25 -18.61
C ALA D 491 43.75 -23.59 -20.05
N GLY D 492 42.70 -23.70 -20.88
CA GLY D 492 42.87 -24.02 -22.28
C GLY D 492 41.82 -23.34 -23.14
N PRO D 493 41.96 -23.47 -24.46
CA PRO D 493 40.98 -22.82 -25.36
C PRO D 493 39.56 -23.29 -25.15
N ASN D 494 39.34 -24.44 -24.53
CA ASN D 494 38.01 -24.99 -24.33
C ASN D 494 37.65 -25.22 -22.87
N CYS D 495 38.54 -24.85 -21.93
CA CYS D 495 38.24 -25.01 -20.52
C CYS D 495 39.15 -24.07 -19.74
N TYR D 496 38.57 -23.05 -19.12
CA TYR D 496 39.30 -22.02 -18.40
C TYR D 496 39.00 -22.11 -16.91
N SER D 497 39.76 -21.33 -16.13
CA SER D 497 39.56 -21.24 -14.69
C SER D 497 38.88 -19.93 -14.35
N PRO D 498 37.82 -19.92 -13.52
CA PRO D 498 37.13 -18.67 -13.21
C PRO D 498 37.76 -17.90 -12.07
N LEU D 499 39.00 -18.24 -11.70
CA LEU D 499 39.67 -17.68 -10.54
C LEU D 499 40.74 -16.69 -10.99
N GLN D 500 40.46 -15.40 -10.76
CA GLN D 500 41.45 -14.35 -10.99
C GLN D 500 41.16 -13.23 -10.01
N SER D 501 42.16 -12.38 -9.79
CA SER D 501 42.11 -11.38 -8.74
C SER D 501 41.78 -9.99 -9.29
N TYR D 502 41.11 -9.19 -8.46
CA TYR D 502 40.86 -7.79 -8.74
C TYR D 502 42.03 -6.95 -8.23
N GLY D 503 41.91 -5.63 -8.42
CA GLY D 503 42.92 -4.72 -7.92
C GLY D 503 42.38 -3.32 -7.73
N PHE D 504 42.61 -2.75 -6.55
CA PHE D 504 42.14 -1.41 -6.21
C PHE D 504 43.31 -0.44 -6.22
N ARG D 505 42.98 0.85 -6.42
CA ARG D 505 43.97 1.91 -6.45
C ARG D 505 43.31 3.17 -5.90
N PRO D 506 43.99 3.93 -5.03
CA PRO D 506 43.34 5.11 -4.43
C PRO D 506 42.82 6.10 -5.47
N THR D 507 43.55 6.29 -6.57
CA THR D 507 43.16 7.30 -7.54
C THR D 507 41.84 7.00 -8.23
N TYR D 508 41.32 5.78 -8.10
CA TYR D 508 40.04 5.45 -8.70
C TYR D 508 38.94 6.35 -8.14
N GLY D 509 37.86 6.48 -8.91
CA GLY D 509 36.75 7.32 -8.56
C GLY D 509 35.66 6.57 -7.80
N VAL D 510 34.50 7.21 -7.68
CA VAL D 510 33.38 6.62 -6.98
C VAL D 510 32.99 5.31 -7.66
N GLY D 511 32.51 4.36 -6.86
CA GLY D 511 32.13 3.04 -7.36
C GLY D 511 33.28 2.09 -7.52
N HIS D 512 34.36 2.52 -8.16
CA HIS D 512 35.54 1.68 -8.28
C HIS D 512 36.24 1.46 -6.95
N GLN D 513 35.97 2.31 -5.95
CA GLN D 513 36.53 2.12 -4.63
C GLN D 513 36.08 0.77 -4.07
N PRO D 514 36.82 0.21 -3.11
CA PRO D 514 36.47 -1.11 -2.58
C PRO D 514 35.35 -1.04 -1.55
N TYR D 515 34.48 -2.04 -1.59
CA TYR D 515 33.36 -2.16 -0.66
C TYR D 515 33.36 -3.56 -0.07
N ARG D 516 32.50 -3.76 0.93
CA ARG D 516 32.42 -5.02 1.66
C ARG D 516 30.95 -5.36 1.89
N VAL D 517 30.72 -6.55 2.45
CA VAL D 517 29.37 -7.01 2.75
C VAL D 517 29.44 -7.92 3.98
N VAL D 518 28.37 -7.90 4.77
CA VAL D 518 28.23 -8.74 5.95
C VAL D 518 26.77 -9.14 6.08
N VAL D 519 26.53 -10.43 6.35
CA VAL D 519 25.20 -10.98 6.49
C VAL D 519 25.11 -11.64 7.85
N LEU D 520 24.31 -11.05 8.74
CA LEU D 520 24.14 -11.54 10.10
C LEU D 520 22.90 -12.42 10.14
N SER D 521 23.10 -13.71 9.86
CA SER D 521 22.00 -14.67 9.94
C SER D 521 21.58 -14.86 11.39
N PHE D 522 20.27 -14.90 11.62
CA PHE D 522 19.71 -15.03 12.95
C PHE D 522 18.71 -16.17 12.98
N GLU D 523 18.23 -16.48 14.18
CA GLU D 523 17.23 -17.53 14.38
C GLU D 523 16.46 -17.17 15.64
N LEU D 524 15.23 -16.68 15.47
CA LEU D 524 14.45 -16.13 16.56
C LEU D 524 13.30 -17.03 17.01
N LEU D 525 13.31 -18.29 16.60
CA LEU D 525 12.27 -19.21 17.05
C LEU D 525 12.48 -19.55 18.54
N HIS D 526 11.52 -20.27 19.10
CA HIS D 526 11.58 -20.67 20.50
C HIS D 526 12.61 -21.77 20.66
N ALA D 527 13.82 -21.40 21.04
CA ALA D 527 14.92 -22.34 21.24
C ALA D 527 15.85 -21.77 22.30
N PRO D 528 16.72 -22.60 22.87
CA PRO D 528 17.66 -22.09 23.89
C PRO D 528 18.49 -20.95 23.33
N ALA D 529 18.59 -19.88 24.12
CA ALA D 529 19.26 -18.66 23.69
C ALA D 529 20.74 -18.70 24.03
N THR D 530 21.58 -18.31 23.08
CA THR D 530 23.01 -18.18 23.29
C THR D 530 23.50 -16.75 23.27
N VAL D 531 22.78 -15.85 22.61
CA VAL D 531 23.14 -14.43 22.53
C VAL D 531 21.90 -13.61 22.83
N CYS D 532 22.08 -12.53 23.60
CA CYS D 532 21.00 -11.62 23.93
C CYS D 532 21.54 -10.20 23.98
N GLY D 533 20.63 -9.24 24.14
CA GLY D 533 20.99 -7.85 24.22
C GLY D 533 21.51 -7.48 25.59
N PRO D 534 21.76 -6.19 25.81
CA PRO D 534 22.26 -5.72 27.10
C PRO D 534 21.19 -5.51 28.16
N LYS D 535 19.96 -5.98 27.93
CA LYS D 535 18.89 -5.80 28.89
C LYS D 535 19.24 -6.42 30.23
N LYS D 536 19.36 -5.59 31.26
CA LYS D 536 19.69 -6.10 32.59
C LYS D 536 18.54 -6.97 33.11
N SER D 537 18.90 -8.03 33.81
CA SER D 537 17.93 -8.99 34.33
C SER D 537 17.39 -8.50 35.67
N THR D 538 16.07 -8.50 35.80
CA THR D 538 15.41 -8.11 37.03
C THR D 538 15.15 -9.36 37.88
N ASN D 539 14.36 -9.20 38.94
CA ASN D 539 14.04 -10.31 39.84
C ASN D 539 12.84 -11.09 39.31
N LEU D 540 12.83 -12.39 39.61
CA LEU D 540 11.78 -13.28 39.14
C LEU D 540 10.63 -13.26 40.15
N VAL D 541 9.80 -12.23 40.02
CA VAL D 541 8.60 -12.15 40.85
C VAL D 541 7.63 -13.24 40.43
N LYS D 542 7.11 -13.97 41.41
CA LYS D 542 6.28 -15.14 41.15
C LYS D 542 4.95 -15.02 41.88
N ASN D 543 3.94 -15.70 41.34
CA ASN D 543 2.62 -15.77 41.96
C ASN D 543 1.94 -14.41 41.99
N LYS D 544 1.95 -13.72 40.85
CA LYS D 544 1.27 -12.42 40.74
C LYS D 544 1.19 -12.03 39.28
N CYS D 545 0.08 -11.39 38.93
CA CYS D 545 -0.16 -10.94 37.55
C CYS D 545 0.83 -9.83 37.21
N VAL D 546 1.83 -10.15 36.40
CA VAL D 546 2.86 -9.20 36.00
C VAL D 546 3.21 -9.42 34.53
N ASN D 547 3.79 -8.39 33.92
CA ASN D 547 4.34 -8.51 32.59
C ASN D 547 5.76 -9.08 32.68
N PHE D 548 6.13 -9.88 31.68
CA PHE D 548 7.42 -10.54 31.68
C PHE D 548 8.06 -10.42 30.30
N ASN D 549 9.39 -10.51 30.28
CA ASN D 549 10.18 -10.47 29.05
C ASN D 549 11.30 -11.49 29.19
N PHE D 550 11.05 -12.71 28.71
CA PHE D 550 12.05 -13.76 28.69
C PHE D 550 13.00 -13.56 27.52
N ASN D 551 13.72 -14.61 27.13
CA ASN D 551 14.76 -14.48 26.12
C ASN D 551 14.12 -14.23 24.76
N GLY D 552 13.61 -13.02 24.57
CA GLY D 552 12.98 -12.64 23.32
C GLY D 552 11.50 -12.91 23.24
N LEU D 553 10.81 -13.00 24.38
CA LEU D 553 9.39 -13.32 24.43
C LEU D 553 8.74 -12.45 25.50
N THR D 554 7.80 -11.61 25.09
CA THR D 554 7.03 -10.78 25.99
C THR D 554 5.62 -11.34 26.14
N GLY D 555 4.96 -10.96 27.22
CA GLY D 555 3.62 -11.43 27.47
C GLY D 555 3.08 -10.88 28.77
N THR D 556 2.01 -11.50 29.24
CA THR D 556 1.35 -11.07 30.47
C THR D 556 0.60 -12.26 31.07
N GLY D 557 0.81 -12.49 32.36
CA GLY D 557 0.13 -13.57 33.04
C GLY D 557 0.76 -13.83 34.39
N VAL D 558 0.29 -14.90 35.03
CA VAL D 558 0.77 -15.34 36.33
C VAL D 558 1.66 -16.55 36.13
N LEU D 559 2.79 -16.58 36.84
CA LEU D 559 3.76 -17.65 36.72
C LEU D 559 3.64 -18.60 37.92
N THR D 560 3.57 -19.89 37.63
CA THR D 560 3.45 -20.92 38.66
C THR D 560 4.28 -22.12 38.28
N GLU D 561 5.11 -22.59 39.21
CA GLU D 561 5.94 -23.77 38.96
C GLU D 561 5.05 -24.97 38.66
N SER D 562 5.61 -25.90 37.88
CA SER D 562 4.86 -27.09 37.46
C SER D 562 5.81 -28.28 37.42
N ASN D 563 5.27 -29.44 37.07
CA ASN D 563 6.02 -30.69 37.03
C ASN D 563 6.44 -31.08 35.62
N LYS D 564 6.17 -30.25 34.63
CA LYS D 564 6.55 -30.56 33.26
C LYS D 564 8.06 -30.73 33.16
N LYS D 565 8.50 -31.94 32.82
CA LYS D 565 9.92 -32.27 32.76
C LYS D 565 10.44 -31.97 31.36
N PHE D 566 10.82 -30.71 31.15
CA PHE D 566 11.42 -30.31 29.89
C PHE D 566 12.76 -31.03 29.71
N LEU D 567 13.25 -31.00 28.47
CA LEU D 567 14.53 -31.58 28.13
C LEU D 567 15.62 -30.52 28.08
N PRO D 568 16.89 -30.92 28.09
CA PRO D 568 17.97 -29.92 28.09
C PRO D 568 17.92 -28.96 26.91
N PHE D 569 17.35 -29.38 25.77
CA PHE D 569 17.26 -28.53 24.60
C PHE D 569 15.91 -27.83 24.46
N GLN D 570 14.86 -28.39 25.06
CA GLN D 570 13.53 -27.78 25.00
C GLN D 570 13.50 -26.60 25.96
N GLN D 571 13.61 -25.39 25.41
CA GLN D 571 13.58 -24.18 26.22
C GLN D 571 12.16 -23.74 26.55
N PHE D 572 11.31 -23.67 25.54
CA PHE D 572 9.93 -23.21 25.69
C PHE D 572 8.96 -24.33 25.37
N GLY D 573 7.76 -24.22 25.93
CA GLY D 573 6.67 -25.14 25.62
C GLY D 573 5.42 -24.36 25.27
N ARG D 574 4.62 -24.94 24.38
CA ARG D 574 3.42 -24.28 23.89
C ARG D 574 2.22 -25.20 24.04
N ASP D 575 1.04 -24.58 24.13
CA ASP D 575 -0.19 -25.27 24.47
C ASP D 575 -0.90 -25.74 23.21
N ILE D 576 -2.17 -26.16 23.37
CA ILE D 576 -2.94 -26.68 22.24
C ILE D 576 -2.95 -25.67 21.09
N ALA D 577 -3.11 -24.39 21.41
CA ALA D 577 -3.18 -23.33 20.41
C ALA D 577 -1.81 -22.80 20.01
N ASP D 578 -0.75 -23.56 20.27
CA ASP D 578 0.61 -23.15 19.92
C ASP D 578 0.96 -21.82 20.59
N THR D 579 0.50 -21.64 21.82
CA THR D 579 0.79 -20.45 22.61
C THR D 579 1.64 -20.84 23.81
N THR D 580 2.64 -20.02 24.12
CA THR D 580 3.58 -20.31 25.18
C THR D 580 2.87 -20.49 26.52
N ASP D 581 2.91 -21.70 27.07
CA ASP D 581 2.35 -22.00 28.37
C ASP D 581 3.40 -22.29 29.42
N ALA D 582 4.63 -22.59 29.03
CA ALA D 582 5.71 -22.85 29.97
C ALA D 582 7.01 -22.32 29.39
N VAL D 583 7.86 -21.79 30.26
CA VAL D 583 9.15 -21.23 29.85
C VAL D 583 10.19 -21.61 30.91
N ARG D 584 11.38 -21.96 30.43
CA ARG D 584 12.48 -22.32 31.32
C ARG D 584 13.24 -21.07 31.73
N ASP D 585 13.49 -20.93 33.02
CA ASP D 585 14.21 -19.77 33.53
C ASP D 585 15.59 -19.71 32.89
N PRO D 586 15.97 -18.59 32.27
CA PRO D 586 17.30 -18.54 31.65
C PRO D 586 18.45 -18.72 32.62
N GLN D 587 18.28 -18.35 33.89
CA GLN D 587 19.34 -18.43 34.87
C GLN D 587 19.20 -19.58 35.85
N THR D 588 18.06 -20.27 35.85
CA THR D 588 17.84 -21.39 36.75
C THR D 588 17.13 -22.51 35.99
N LEU D 589 17.23 -23.72 36.53
CA LEU D 589 16.63 -24.89 35.91
C LEU D 589 15.27 -25.17 36.54
N GLU D 590 14.32 -24.30 36.23
CA GLU D 590 12.96 -24.41 36.75
C GLU D 590 11.97 -24.20 35.63
N ILE D 591 10.88 -24.98 35.65
CA ILE D 591 9.81 -24.88 34.67
C ILE D 591 8.63 -24.19 35.34
N LEU D 592 8.08 -23.18 34.66
CA LEU D 592 7.01 -22.36 35.20
C LEU D 592 5.86 -22.32 34.21
N ASP D 593 4.66 -22.69 34.67
CA ASP D 593 3.48 -22.63 33.82
C ASP D 593 2.90 -21.22 33.82
N ILE D 594 2.41 -20.80 32.66
CA ILE D 594 1.87 -19.46 32.47
C ILE D 594 0.36 -19.57 32.31
N THR D 595 -0.37 -18.84 33.15
CA THR D 595 -1.81 -18.73 33.03
C THR D 595 -2.19 -17.26 32.94
N PRO D 596 -3.10 -16.89 32.05
CA PRO D 596 -3.45 -15.47 31.90
C PRO D 596 -4.13 -14.93 33.14
N CYS D 597 -3.91 -13.65 33.40
CA CYS D 597 -4.52 -13.02 34.57
C CYS D 597 -6.04 -13.14 34.49
N SER D 598 -6.67 -13.04 35.66
CA SER D 598 -8.11 -13.28 35.77
C SER D 598 -8.89 -12.41 34.81
N PHE D 599 -9.56 -13.04 33.84
CA PHE D 599 -10.45 -12.38 32.91
C PHE D 599 -11.88 -12.82 33.18
N GLY D 600 -12.82 -12.12 32.54
CA GLY D 600 -14.22 -12.45 32.69
C GLY D 600 -15.14 -11.41 32.09
N GLY D 601 -16.29 -11.85 31.58
CA GLY D 601 -17.24 -10.92 31.01
C GLY D 601 -18.12 -10.30 32.09
N VAL D 602 -18.46 -9.03 31.88
CA VAL D 602 -19.28 -8.27 32.82
C VAL D 602 -20.57 -7.85 32.12
N SER D 603 -21.68 -7.93 32.84
CA SER D 603 -22.98 -7.53 32.35
C SER D 603 -23.65 -6.64 33.37
N VAL D 604 -24.39 -5.64 32.90
CA VAL D 604 -25.00 -4.64 33.76
C VAL D 604 -26.50 -4.86 33.71
N ILE D 605 -27.03 -5.58 34.71
CA ILE D 605 -28.47 -5.80 34.82
C ILE D 605 -29.10 -4.51 35.31
N THR D 606 -29.76 -3.78 34.40
CA THR D 606 -30.34 -2.48 34.74
C THR D 606 -31.81 -2.48 34.34
N PRO D 607 -32.70 -1.99 35.20
CA PRO D 607 -34.09 -1.76 34.78
C PRO D 607 -34.19 -0.51 33.92
N GLY D 608 -35.41 -0.19 33.51
CA GLY D 608 -35.64 0.97 32.69
C GLY D 608 -35.08 2.24 33.29
N THR D 609 -34.23 2.94 32.52
CA THR D 609 -33.65 4.18 33.02
C THR D 609 -34.72 5.17 33.46
N ASN D 610 -35.88 5.15 32.80
CA ASN D 610 -36.98 6.00 33.22
C ASN D 610 -37.53 5.58 34.58
N THR D 611 -37.25 4.36 35.01
CA THR D 611 -37.72 3.87 36.31
C THR D 611 -36.71 4.13 37.42
N SER D 612 -35.42 3.97 37.13
CA SER D 612 -34.38 4.20 38.11
C SER D 612 -33.00 4.06 37.50
N ASN D 613 -31.97 4.34 38.29
CA ASN D 613 -30.58 4.19 37.86
C ASN D 613 -29.84 3.10 38.61
N GLN D 614 -30.45 2.50 39.63
CA GLN D 614 -29.79 1.41 40.36
C GLN D 614 -29.46 0.28 39.41
N VAL D 615 -28.21 -0.18 39.45
CA VAL D 615 -27.70 -1.17 38.52
C VAL D 615 -27.15 -2.35 39.30
N ALA D 616 -27.35 -3.55 38.76
CA ALA D 616 -26.78 -4.78 39.31
C ALA D 616 -25.84 -5.38 38.28
N VAL D 617 -24.56 -5.49 38.65
CA VAL D 617 -23.53 -5.96 37.73
C VAL D 617 -23.31 -7.44 37.97
N LEU D 618 -23.07 -8.18 36.88
CA LEU D 618 -22.79 -9.61 36.92
C LEU D 618 -21.47 -9.88 36.25
N TYR D 619 -20.61 -10.65 36.91
CA TYR D 619 -19.34 -11.08 36.35
C TYR D 619 -19.45 -12.54 35.93
N GLN D 620 -19.28 -12.78 34.63
CA GLN D 620 -19.53 -14.11 34.08
C GLN D 620 -18.35 -15.04 34.35
N GLY D 621 -18.68 -16.29 34.68
CA GLY D 621 -17.66 -17.30 34.89
C GLY D 621 -16.64 -16.96 35.94
N VAL D 622 -17.04 -16.25 36.99
CA VAL D 622 -16.14 -15.84 38.06
C VAL D 622 -16.82 -16.10 39.40
N ASN D 623 -16.01 -16.48 40.39
CA ASN D 623 -16.50 -16.75 41.73
C ASN D 623 -16.44 -15.49 42.57
N CYS D 624 -17.49 -15.26 43.37
CA CYS D 624 -17.55 -14.06 44.19
C CYS D 624 -16.29 -13.91 45.03
N THR D 625 -15.77 -15.02 45.54
CA THR D 625 -14.57 -14.98 46.38
C THR D 625 -13.30 -14.78 45.56
N GLU D 626 -13.37 -14.85 44.24
CA GLU D 626 -12.17 -14.71 43.42
C GLU D 626 -11.81 -13.24 43.22
N VAL D 627 -12.68 -12.49 42.55
CA VAL D 627 -12.48 -11.06 42.34
C VAL D 627 -13.85 -10.43 42.10
N PRO D 628 -14.54 -9.91 43.13
CA PRO D 628 -15.76 -9.16 42.86
C PRO D 628 -15.44 -7.89 42.08
N VAL D 629 -14.55 -7.06 42.62
CA VAL D 629 -13.98 -5.94 41.89
C VAL D 629 -12.47 -5.99 42.06
N ALA D 630 -12.00 -6.00 43.30
CA ALA D 630 -10.57 -6.12 43.61
C ALA D 630 -9.74 -5.08 42.87
N ILE D 631 -10.03 -3.80 43.11
CA ILE D 631 -9.24 -2.70 42.58
C ILE D 631 -9.12 -1.63 43.67
N HIS D 632 -7.89 -1.23 43.97
CA HIS D 632 -7.65 -0.18 44.95
C HIS D 632 -7.55 1.19 44.29
N ALA D 633 -8.53 1.51 43.46
CA ALA D 633 -8.64 2.80 42.76
C ALA D 633 -7.38 3.13 41.96
N ASP D 634 -6.52 2.16 41.70
CA ASP D 634 -5.26 2.38 40.99
C ASP D 634 -5.05 1.29 39.95
N GLN D 635 -6.07 1.01 39.16
CA GLN D 635 -6.03 -0.06 38.18
C GLN D 635 -6.70 0.44 36.89
N LEU D 636 -7.03 -0.49 36.00
CA LEU D 636 -7.55 -0.16 34.68
C LEU D 636 -8.64 0.90 34.77
N THR D 637 -8.63 1.81 33.80
CA THR D 637 -9.55 2.93 33.76
C THR D 637 -10.95 2.55 33.28
N PRO D 638 -11.10 1.73 32.22
CA PRO D 638 -12.44 1.51 31.67
C PRO D 638 -13.41 0.85 32.64
N THR D 639 -12.93 0.34 33.77
CA THR D 639 -13.77 -0.24 34.82
C THR D 639 -13.37 0.31 36.18
N TRP D 640 -13.16 1.63 36.25
CA TRP D 640 -12.70 2.28 37.47
C TRP D 640 -13.89 2.56 38.39
N ARG D 641 -14.44 1.48 38.92
CA ARG D 641 -15.56 1.55 39.85
C ARG D 641 -15.42 0.46 40.90
N VAL D 642 -15.99 0.71 42.07
CA VAL D 642 -15.91 -0.21 43.20
C VAL D 642 -17.31 -0.43 43.75
N TYR D 643 -17.70 -1.70 43.93
CA TYR D 643 -18.99 -2.04 44.51
C TYR D 643 -18.84 -3.20 45.50
N SER D 644 -17.70 -3.32 46.15
CA SER D 644 -17.46 -4.41 47.09
C SER D 644 -18.07 -4.16 48.46
N THR D 645 -18.77 -3.04 48.65
CA THR D 645 -19.39 -2.72 49.93
C THR D 645 -20.84 -3.19 49.94
N GLY D 646 -21.34 -3.46 51.14
CA GLY D 646 -22.71 -3.91 51.32
C GLY D 646 -22.88 -5.42 51.35
N SER D 647 -21.86 -6.18 50.97
CA SER D 647 -21.93 -7.65 50.99
C SER D 647 -23.12 -8.15 50.17
N ASN D 648 -23.32 -7.55 49.00
CA ASN D 648 -24.40 -7.93 48.10
C ASN D 648 -23.99 -9.03 47.13
N VAL D 649 -22.91 -9.73 47.40
CA VAL D 649 -22.42 -10.77 46.49
C VAL D 649 -23.29 -12.00 46.63
N PHE D 650 -23.72 -12.55 45.50
CA PHE D 650 -24.52 -13.78 45.47
C PHE D 650 -24.00 -14.65 44.34
N GLN D 651 -23.26 -15.69 44.70
CA GLN D 651 -22.60 -16.55 43.71
C GLN D 651 -23.65 -17.47 43.09
N THR D 652 -23.99 -17.19 41.83
CA THR D 652 -24.89 -18.04 41.07
C THR D 652 -24.09 -19.05 40.26
N ARG D 653 -24.81 -19.99 39.64
CA ARG D 653 -24.16 -20.99 38.80
C ARG D 653 -23.68 -20.44 37.47
N ALA D 654 -23.75 -19.11 37.27
CA ALA D 654 -23.26 -18.48 36.06
C ALA D 654 -22.30 -17.32 36.33
N GLY D 655 -22.24 -16.84 37.55
CA GLY D 655 -21.38 -15.73 37.88
C GLY D 655 -21.71 -15.17 39.24
N CYS D 656 -21.12 -14.01 39.54
CA CYS D 656 -21.34 -13.31 40.80
C CYS D 656 -22.25 -12.12 40.53
N LEU D 657 -23.49 -12.19 41.02
CA LEU D 657 -24.47 -11.13 40.82
C LEU D 657 -24.31 -10.11 41.93
N ILE D 658 -23.47 -9.12 41.69
CA ILE D 658 -23.23 -8.04 42.64
C ILE D 658 -24.31 -6.98 42.45
N GLY D 659 -24.81 -6.45 43.56
CA GLY D 659 -25.82 -5.42 43.51
C GLY D 659 -27.24 -5.93 43.55
N ALA D 660 -27.49 -7.05 44.23
CA ALA D 660 -28.83 -7.60 44.31
C ALA D 660 -28.93 -8.65 45.40
N GLU D 661 -29.90 -8.49 46.30
CA GLU D 661 -30.16 -9.46 47.36
C GLU D 661 -31.06 -10.57 46.84
N TYR D 662 -30.80 -11.79 47.30
CA TYR D 662 -31.54 -12.97 46.86
C TYR D 662 -32.70 -13.22 47.82
N VAL D 663 -33.91 -13.05 47.34
CA VAL D 663 -35.11 -13.36 48.10
C VAL D 663 -35.55 -14.78 47.78
N ASN D 664 -36.08 -15.47 48.78
CA ASN D 664 -36.52 -16.86 48.60
C ASN D 664 -37.92 -16.96 47.99
N ASN D 665 -38.57 -15.84 47.71
CA ASN D 665 -39.90 -15.86 47.11
C ASN D 665 -39.78 -15.90 45.60
N SER D 666 -40.27 -16.98 45.00
CA SER D 666 -40.18 -17.16 43.56
C SER D 666 -41.29 -16.39 42.85
N TYR D 667 -40.94 -15.71 41.77
CA TYR D 667 -41.89 -14.97 40.96
C TYR D 667 -41.56 -15.21 39.49
N GLU D 668 -42.38 -14.64 38.61
CA GLU D 668 -42.13 -14.76 37.18
C GLU D 668 -40.88 -13.99 36.79
N CYS D 669 -40.28 -14.41 35.68
CA CYS D 669 -39.03 -13.80 35.23
C CYS D 669 -39.30 -12.47 34.54
N ASP D 670 -38.50 -11.47 34.89
CA ASP D 670 -38.59 -10.15 34.28
C ASP D 670 -37.31 -9.78 33.55
N ILE D 671 -36.15 -10.02 34.15
CA ILE D 671 -34.86 -9.80 33.51
C ILE D 671 -34.05 -11.08 33.61
N PRO D 672 -33.95 -11.88 32.54
CA PRO D 672 -33.22 -13.14 32.65
C PRO D 672 -31.74 -12.91 32.92
N ILE D 673 -31.17 -13.77 33.77
CA ILE D 673 -29.78 -13.70 34.18
C ILE D 673 -29.03 -14.98 33.86
N GLY D 674 -29.59 -16.12 34.25
CA GLY D 674 -28.94 -17.40 34.02
C GLY D 674 -29.00 -18.29 35.25
N ALA D 675 -28.81 -19.59 35.05
CA ALA D 675 -28.85 -20.57 36.14
C ALA D 675 -30.17 -20.51 36.90
N GLY D 676 -31.26 -20.23 36.17
CA GLY D 676 -32.55 -20.11 36.81
C GLY D 676 -32.75 -18.85 37.62
N ILE D 677 -31.84 -17.89 37.51
CA ILE D 677 -31.90 -16.66 38.31
C ILE D 677 -32.59 -15.58 37.50
N CYS D 678 -33.56 -14.92 38.13
CA CYS D 678 -34.29 -13.80 37.52
C CYS D 678 -34.37 -12.66 38.52
N ALA D 679 -34.30 -11.44 38.01
CA ALA D 679 -34.29 -10.24 38.83
C ALA D 679 -35.34 -9.26 38.33
N SER D 680 -35.63 -8.27 39.16
CA SER D 680 -36.61 -7.24 38.83
C SER D 680 -36.46 -6.08 39.81
N TYR D 681 -36.83 -4.89 39.35
CA TYR D 681 -36.80 -3.69 40.19
C TYR D 681 -38.07 -3.62 41.04
N GLN D 682 -38.24 -4.63 41.87
CA GLN D 682 -39.44 -4.78 42.66
C GLN D 682 -39.55 -3.69 43.72
N THR D 683 -40.77 -3.43 44.16
CA THR D 683 -41.05 -2.44 45.19
C THR D 683 -41.53 -3.08 46.49
N GLN D 684 -40.98 -4.25 46.82
CA GLN D 684 -41.32 -4.97 48.04
C GLN D 684 -40.14 -5.03 49.00
N THR D 685 -39.36 -3.96 49.06
CA THR D 685 -38.19 -3.89 49.92
C THR D 685 -38.16 -2.58 50.70
N ALA D 695 -42.83 0.95 51.73
CA ALA D 695 -41.68 0.09 51.45
C ALA D 695 -40.89 0.63 50.27
N SER D 696 -39.57 0.51 50.34
CA SER D 696 -38.69 0.98 49.29
C SER D 696 -38.68 -0.02 48.14
N GLN D 697 -37.96 0.33 47.07
CA GLN D 697 -37.84 -0.52 45.88
C GLN D 697 -36.38 -0.66 45.52
N SER D 698 -35.97 -1.89 45.23
CA SER D 698 -34.58 -2.18 44.89
C SER D 698 -34.55 -3.48 44.08
N ILE D 699 -33.35 -3.86 43.65
CA ILE D 699 -33.17 -5.05 42.84
C ILE D 699 -33.18 -6.27 43.75
N ILE D 700 -33.92 -7.30 43.36
CA ILE D 700 -33.98 -8.55 44.10
C ILE D 700 -33.94 -9.70 43.10
N ALA D 701 -33.01 -10.62 43.30
CA ALA D 701 -32.89 -11.81 42.48
C ALA D 701 -33.63 -12.97 43.13
N TYR D 702 -33.99 -13.96 42.32
CA TYR D 702 -34.77 -15.08 42.79
C TYR D 702 -34.75 -16.18 41.73
N THR D 703 -35.29 -17.34 42.11
CA THR D 703 -35.43 -18.46 41.20
C THR D 703 -36.77 -18.38 40.49
N MET D 704 -36.74 -18.48 39.16
CA MET D 704 -37.97 -18.36 38.39
C MET D 704 -38.94 -19.47 38.76
N SER D 705 -40.21 -19.10 38.89
CA SER D 705 -41.28 -20.05 39.16
C SER D 705 -41.80 -20.63 37.85
N LEU D 706 -42.12 -21.92 37.86
CA LEU D 706 -42.65 -22.60 36.70
C LEU D 706 -44.17 -22.55 36.65
N GLY D 707 -44.78 -21.55 37.26
CA GLY D 707 -46.22 -21.41 37.28
C GLY D 707 -46.85 -21.94 38.56
N ALA D 708 -48.10 -21.57 38.77
CA ALA D 708 -48.82 -21.98 39.96
C ALA D 708 -48.95 -23.51 39.99
N GLU D 709 -48.70 -24.09 41.15
CA GLU D 709 -48.77 -25.53 41.31
C GLU D 709 -50.22 -26.01 41.17
N ASN D 710 -50.36 -27.31 40.91
CA ASN D 710 -51.67 -27.93 40.79
C ASN D 710 -51.52 -29.41 41.03
N SER D 711 -52.62 -30.05 41.44
CA SER D 711 -52.63 -31.48 41.75
C SER D 711 -53.99 -32.04 41.34
N VAL D 712 -54.02 -32.75 40.22
CA VAL D 712 -55.27 -33.35 39.76
C VAL D 712 -55.69 -34.43 40.75
N ALA D 713 -56.92 -34.31 41.25
CA ALA D 713 -57.44 -35.30 42.19
C ALA D 713 -57.81 -36.58 41.44
N TYR D 714 -56.80 -37.27 40.93
CA TYR D 714 -57.04 -38.48 40.16
C TYR D 714 -57.57 -39.60 41.05
N SER D 715 -58.37 -40.47 40.46
CA SER D 715 -58.92 -41.63 41.15
C SER D 715 -59.47 -42.60 40.11
N ASN D 716 -59.55 -43.87 40.50
CA ASN D 716 -60.02 -44.90 39.58
C ASN D 716 -61.47 -44.73 39.19
N ASN D 717 -62.23 -43.87 39.88
CA ASN D 717 -63.64 -43.71 39.59
C ASN D 717 -64.06 -42.24 39.66
N SER D 718 -63.15 -41.33 39.32
CA SER D 718 -63.42 -39.90 39.32
C SER D 718 -63.29 -39.36 37.90
N ILE D 719 -64.34 -38.71 37.41
CA ILE D 719 -64.36 -38.11 36.09
C ILE D 719 -64.94 -36.71 36.18
N ALA D 720 -64.26 -35.76 35.55
CA ALA D 720 -64.72 -34.37 35.50
C ALA D 720 -65.28 -34.06 34.13
N ILE D 721 -66.43 -33.38 34.12
CA ILE D 721 -67.10 -33.03 32.86
C ILE D 721 -67.56 -31.57 32.95
N PRO D 722 -67.43 -30.79 31.87
CA PRO D 722 -67.87 -29.39 31.95
C PRO D 722 -69.38 -29.27 31.96
N THR D 723 -69.86 -28.26 32.70
CA THR D 723 -71.27 -27.89 32.70
C THR D 723 -71.54 -26.61 31.93
N ASN D 724 -70.52 -25.81 31.67
CA ASN D 724 -70.63 -24.58 30.89
C ASN D 724 -69.41 -24.49 30.00
N PHE D 725 -69.20 -23.32 29.40
CA PHE D 725 -68.08 -23.13 28.49
C PHE D 725 -67.97 -21.64 28.18
N THR D 726 -67.01 -21.30 27.33
CA THR D 726 -66.75 -19.91 26.98
C THR D 726 -65.99 -19.86 25.67
N ILE D 727 -66.38 -18.93 24.80
CA ILE D 727 -65.73 -18.75 23.51
C ILE D 727 -64.63 -17.71 23.69
N SER D 728 -63.38 -18.15 23.53
CA SER D 728 -62.23 -17.28 23.66
C SER D 728 -61.66 -16.96 22.29
N VAL D 729 -60.98 -15.83 22.20
CA VAL D 729 -60.33 -15.39 20.97
C VAL D 729 -58.89 -14.98 21.31
N THR D 730 -57.96 -15.43 20.47
CA THR D 730 -56.54 -15.18 20.68
C THR D 730 -55.95 -14.56 19.43
N THR D 731 -55.04 -13.61 19.63
CA THR D 731 -54.37 -12.92 18.53
C THR D 731 -53.02 -13.59 18.28
N GLU D 732 -52.93 -14.30 17.16
CA GLU D 732 -51.70 -14.96 16.74
C GLU D 732 -51.13 -14.21 15.55
N ILE D 733 -49.98 -13.58 15.74
CA ILE D 733 -49.33 -12.78 14.72
C ILE D 733 -48.21 -13.60 14.10
N LEU D 734 -48.02 -13.43 12.78
CA LEU D 734 -46.99 -14.13 12.05
C LEU D 734 -46.45 -13.21 10.98
N PRO D 735 -45.14 -12.99 10.90
CA PRO D 735 -44.59 -12.24 9.77
C PRO D 735 -44.82 -12.97 8.47
N VAL D 736 -45.06 -12.20 7.41
CA VAL D 736 -45.29 -12.75 6.08
C VAL D 736 -44.35 -12.17 5.03
N SER D 737 -43.69 -11.05 5.28
CA SER D 737 -42.79 -10.46 4.30
C SER D 737 -41.81 -9.55 5.03
N MET D 738 -40.83 -9.06 4.28
CA MET D 738 -39.83 -8.15 4.79
C MET D 738 -39.53 -7.10 3.72
N THR D 739 -38.65 -6.16 4.06
CA THR D 739 -38.36 -5.06 3.17
C THR D 739 -37.52 -5.52 1.98
N LYS D 740 -37.95 -5.14 0.78
CA LYS D 740 -37.21 -5.47 -0.43
C LYS D 740 -36.11 -4.44 -0.67
N THR D 741 -35.02 -4.89 -1.29
CA THR D 741 -33.84 -4.06 -1.47
C THR D 741 -33.25 -4.28 -2.85
N SER D 742 -32.49 -3.29 -3.30
CA SER D 742 -31.77 -3.33 -4.56
C SER D 742 -30.57 -2.41 -4.46
N VAL D 743 -29.40 -2.85 -4.95
CA VAL D 743 -28.14 -2.09 -4.77
C VAL D 743 -27.28 -1.82 -6.00
N ASP D 744 -26.67 -0.64 -6.09
CA ASP D 744 -25.73 -0.38 -7.18
C ASP D 744 -24.33 -0.52 -6.58
N CYS D 745 -23.52 -1.40 -7.14
CA CYS D 745 -22.17 -1.61 -6.60
C CYS D 745 -21.34 -0.33 -6.60
N THR D 746 -21.30 0.36 -7.74
CA THR D 746 -20.48 1.57 -7.84
C THR D 746 -20.93 2.69 -6.92
N MET D 747 -22.24 2.88 -6.80
CA MET D 747 -22.76 3.93 -5.94
C MET D 747 -22.36 3.67 -4.49
N TYR D 748 -22.48 2.43 -4.06
CA TYR D 748 -22.10 2.09 -2.70
C TYR D 748 -20.61 2.27 -2.50
N ILE D 749 -19.81 1.67 -3.35
CA ILE D 749 -18.37 1.71 -3.15
C ILE D 749 -17.63 2.88 -3.74
N CYS D 750 -17.38 2.87 -5.04
CA CYS D 750 -16.54 3.88 -5.67
C CYS D 750 -16.97 5.29 -5.25
N GLY D 751 -18.20 5.66 -5.56
CA GLY D 751 -18.68 6.99 -5.27
C GLY D 751 -18.69 7.89 -6.50
N ASP D 752 -19.16 7.35 -7.62
CA ASP D 752 -19.26 8.10 -8.87
C ASP D 752 -17.88 8.57 -9.33
N SER D 753 -17.02 7.60 -9.59
CA SER D 753 -15.67 7.86 -10.08
C SER D 753 -15.34 6.84 -11.16
N THR D 754 -15.01 7.33 -12.36
CA THR D 754 -14.70 6.44 -13.47
C THR D 754 -13.41 5.67 -13.24
N GLU D 755 -12.46 6.27 -12.52
CA GLU D 755 -11.19 5.59 -12.28
C GLU D 755 -11.36 4.37 -11.40
N CYS D 756 -12.32 4.40 -10.47
CA CYS D 756 -12.61 3.27 -9.62
C CYS D 756 -13.58 2.28 -10.24
N SER D 757 -14.36 2.70 -11.24
CA SER D 757 -15.34 1.81 -11.85
C SER D 757 -14.68 0.60 -12.47
N ASN D 758 -13.84 0.82 -13.48
CA ASN D 758 -13.18 -0.30 -14.15
C ASN D 758 -12.43 -1.19 -13.17
N LEU D 759 -11.81 -0.60 -12.16
CA LEU D 759 -11.21 -1.40 -11.10
C LEU D 759 -12.26 -2.20 -10.34
N LEU D 760 -13.47 -1.66 -10.21
CA LEU D 760 -14.56 -2.43 -9.63
C LEU D 760 -15.10 -3.44 -10.63
N LEU D 761 -15.00 -3.14 -11.93
CA LEU D 761 -15.40 -4.10 -12.95
C LEU D 761 -14.48 -5.31 -12.99
N GLN D 762 -13.25 -5.18 -12.50
CA GLN D 762 -12.37 -6.33 -12.36
C GLN D 762 -13.00 -7.41 -11.48
N TYR D 763 -14.04 -7.08 -10.73
CA TYR D 763 -14.75 -8.10 -9.97
C TYR D 763 -15.89 -8.57 -10.83
N GLY D 764 -16.81 -7.65 -11.15
CA GLY D 764 -17.93 -7.98 -12.02
C GLY D 764 -18.91 -8.98 -11.43
N SER D 765 -18.68 -10.26 -11.66
CA SER D 765 -19.56 -11.31 -11.17
C SER D 765 -19.90 -11.17 -9.69
N PHE D 766 -18.91 -10.85 -8.85
CA PHE D 766 -19.15 -10.68 -7.42
C PHE D 766 -20.34 -9.78 -7.11
N CYS D 767 -20.37 -8.58 -7.68
CA CYS D 767 -21.49 -7.67 -7.45
C CYS D 767 -22.80 -8.23 -7.99
N THR D 768 -22.76 -8.82 -9.18
CA THR D 768 -23.98 -9.34 -9.80
C THR D 768 -24.60 -10.48 -9.01
N GLN D 769 -23.77 -11.32 -8.39
CA GLN D 769 -24.29 -12.39 -7.56
C GLN D 769 -25.18 -11.83 -6.47
N LEU D 770 -24.71 -10.78 -5.81
CA LEU D 770 -25.48 -10.17 -4.74
C LEU D 770 -26.78 -9.57 -5.27
N LYS D 771 -26.71 -8.88 -6.41
CA LYS D 771 -27.90 -8.29 -7.01
C LYS D 771 -28.95 -9.36 -7.29
N ARG D 772 -28.52 -10.48 -7.87
CA ARG D 772 -29.46 -11.56 -8.16
C ARG D 772 -30.05 -12.15 -6.89
N ALA D 773 -29.24 -12.25 -5.84
CA ALA D 773 -29.75 -12.78 -4.58
C ALA D 773 -30.79 -11.85 -3.98
N LEU D 774 -30.55 -10.54 -4.05
CA LEU D 774 -31.54 -9.59 -3.53
C LEU D 774 -32.82 -9.62 -4.35
N THR D 775 -32.71 -9.70 -5.68
CA THR D 775 -33.89 -9.82 -6.52
C THR D 775 -34.65 -11.10 -6.20
N GLY D 776 -33.93 -12.18 -5.92
CA GLY D 776 -34.59 -13.42 -5.53
C GLY D 776 -35.35 -13.26 -4.23
N ILE D 777 -34.71 -12.62 -3.23
CA ILE D 777 -35.40 -12.36 -1.97
C ILE D 777 -36.65 -11.54 -2.21
N ALA D 778 -36.58 -10.55 -3.10
CA ALA D 778 -37.73 -9.69 -3.35
C ALA D 778 -38.87 -10.47 -3.97
N VAL D 779 -38.61 -11.21 -5.05
CA VAL D 779 -39.65 -12.02 -5.67
C VAL D 779 -40.16 -13.05 -4.69
N GLU D 780 -39.32 -13.49 -3.75
CA GLU D 780 -39.77 -14.48 -2.77
C GLU D 780 -40.74 -13.85 -1.79
N GLN D 781 -40.47 -12.63 -1.35
CA GLN D 781 -41.43 -11.92 -0.49
C GLN D 781 -42.75 -11.72 -1.23
N ASP D 782 -42.69 -11.36 -2.51
CA ASP D 782 -43.91 -11.19 -3.29
C ASP D 782 -44.69 -12.51 -3.35
N LYS D 783 -44.00 -13.61 -3.64
CA LYS D 783 -44.65 -14.91 -3.72
C LYS D 783 -45.23 -15.30 -2.36
N ASN D 784 -44.53 -14.94 -1.28
CA ASN D 784 -45.04 -15.26 0.06
C ASN D 784 -46.36 -14.54 0.31
N THR D 785 -46.40 -13.25 0.02
CA THR D 785 -47.66 -12.50 0.16
C THR D 785 -48.74 -13.14 -0.68
N GLN D 786 -48.43 -13.47 -1.94
CA GLN D 786 -49.43 -14.05 -2.84
C GLN D 786 -49.98 -15.35 -2.26
N GLU D 787 -49.09 -16.23 -1.80
CA GLU D 787 -49.52 -17.54 -1.31
C GLU D 787 -50.22 -17.45 0.03
N VAL D 788 -49.94 -16.41 0.82
CA VAL D 788 -50.60 -16.28 2.12
C VAL D 788 -51.99 -15.70 1.97
N PHE D 789 -52.16 -14.71 1.08
CA PHE D 789 -53.45 -14.05 0.93
C PHE D 789 -54.23 -14.55 -0.29
N ALA D 790 -53.60 -14.58 -1.47
CA ALA D 790 -54.29 -14.94 -2.70
C ALA D 790 -54.42 -16.47 -2.83
N GLN D 791 -55.14 -17.04 -1.89
CA GLN D 791 -55.42 -18.47 -1.92
C GLN D 791 -56.70 -18.80 -2.69
N VAL D 792 -57.64 -17.87 -2.76
CA VAL D 792 -58.89 -18.04 -3.50
C VAL D 792 -58.89 -17.04 -4.65
N LYS D 793 -59.31 -17.50 -5.83
CA LYS D 793 -59.33 -16.66 -7.01
C LYS D 793 -60.64 -15.90 -7.18
N GLN D 794 -61.68 -16.26 -6.43
CA GLN D 794 -62.96 -15.57 -6.49
C GLN D 794 -63.03 -14.53 -5.37
N ILE D 795 -63.09 -13.26 -5.75
CA ILE D 795 -63.15 -12.17 -4.78
C ILE D 795 -64.59 -12.01 -4.30
N TYR D 796 -64.91 -12.66 -3.19
CA TYR D 796 -66.26 -12.59 -2.64
C TYR D 796 -66.53 -11.21 -2.05
N LYS D 797 -67.77 -10.77 -2.17
CA LYS D 797 -68.22 -9.49 -1.66
C LYS D 797 -69.14 -9.70 -0.46
N THR D 798 -68.96 -8.90 0.57
CA THR D 798 -69.80 -9.00 1.75
C THR D 798 -71.18 -8.45 1.43
N PRO D 799 -72.26 -9.15 1.77
CA PRO D 799 -73.60 -8.64 1.46
C PRO D 799 -74.07 -7.66 2.52
N PRO D 800 -75.20 -6.99 2.30
CA PRO D 800 -75.77 -6.16 3.35
C PRO D 800 -75.95 -6.93 4.65
N ILE D 801 -75.23 -6.52 5.69
CA ILE D 801 -75.19 -7.30 6.92
C ILE D 801 -76.60 -7.46 7.47
N LYS D 802 -77.04 -8.70 7.59
CA LYS D 802 -78.25 -9.06 8.31
C LYS D 802 -77.89 -9.83 9.56
N TYR D 803 -78.83 -9.86 10.51
CA TYR D 803 -78.62 -10.55 11.77
C TYR D 803 -78.08 -11.94 11.54
N PHE D 804 -76.84 -12.19 11.98
CA PHE D 804 -76.21 -13.51 11.83
C PHE D 804 -76.46 -14.37 13.06
N GLY D 805 -77.71 -14.48 13.48
CA GLY D 805 -78.05 -15.25 14.66
C GLY D 805 -77.50 -14.67 15.94
N GLY D 806 -76.88 -13.49 15.87
CA GLY D 806 -76.37 -12.83 17.05
C GLY D 806 -74.97 -12.27 16.88
N PHE D 807 -74.23 -12.80 15.91
CA PHE D 807 -72.83 -12.41 15.74
C PHE D 807 -72.73 -11.09 15.00
N ASN D 808 -71.85 -10.22 15.49
CA ASN D 808 -71.65 -8.88 14.93
C ASN D 808 -70.18 -8.77 14.51
N PHE D 809 -69.94 -8.79 13.20
CA PHE D 809 -68.59 -8.74 12.65
C PHE D 809 -68.17 -7.33 12.28
N SER D 810 -68.83 -6.31 12.81
CA SER D 810 -68.52 -4.93 12.44
C SER D 810 -67.08 -4.56 12.74
N GLN D 811 -66.41 -5.29 13.62
CA GLN D 811 -65.05 -4.96 14.01
C GLN D 811 -64.01 -5.52 13.05
N ILE D 812 -64.38 -6.46 12.19
CA ILE D 812 -63.46 -7.03 11.22
C ILE D 812 -63.91 -6.84 9.79
N LEU D 813 -65.14 -6.44 9.54
CA LEU D 813 -65.60 -6.17 8.19
C LEU D 813 -65.07 -4.83 7.70
N PRO D 814 -65.01 -4.62 6.39
CA PRO D 814 -64.53 -3.33 5.87
C PRO D 814 -65.56 -2.23 6.09
N ASP D 815 -65.09 -1.10 6.61
CA ASP D 815 -65.97 0.04 6.87
C ASP D 815 -65.89 1.00 5.69
N PRO D 816 -66.99 1.23 4.95
CA PRO D 816 -66.92 2.13 3.80
C PRO D 816 -66.85 3.61 4.18
N SER D 817 -66.88 3.95 5.47
CA SER D 817 -66.83 5.33 5.91
C SER D 817 -65.44 5.95 5.78
N LYS D 818 -64.47 5.26 5.19
CA LYS D 818 -63.12 5.79 5.04
C LYS D 818 -62.44 5.05 3.89
N PRO D 819 -61.41 5.64 3.29
CA PRO D 819 -60.71 4.96 2.20
C PRO D 819 -60.02 3.69 2.69
N SER D 820 -59.53 2.91 1.73
CA SER D 820 -58.86 1.64 1.88
C SER D 820 -59.85 0.51 2.19
N LYS D 821 -61.13 0.80 2.43
CA LYS D 821 -62.16 -0.20 2.63
C LYS D 821 -61.66 -1.35 3.52
N ARG D 822 -61.19 -0.99 4.70
CA ARG D 822 -60.68 -1.95 5.68
C ARG D 822 -61.44 -1.79 6.99
N SER D 823 -61.12 -2.67 7.93
CA SER D 823 -61.84 -2.76 9.19
C SER D 823 -61.14 -1.95 10.26
N PRO D 824 -61.83 -1.69 11.38
CA PRO D 824 -61.18 -0.93 12.47
C PRO D 824 -59.95 -1.62 13.03
N ILE D 825 -60.02 -2.94 13.24
CA ILE D 825 -58.87 -3.66 13.76
C ILE D 825 -57.69 -3.51 12.82
N GLU D 826 -57.94 -3.59 11.51
CA GLU D 826 -56.87 -3.41 10.54
C GLU D 826 -56.33 -1.98 10.58
N ASP D 827 -57.20 -1.01 10.81
CA ASP D 827 -56.75 0.38 10.96
C ASP D 827 -55.80 0.51 12.14
N LEU D 828 -56.17 -0.08 13.28
CA LEU D 828 -55.29 -0.06 14.45
C LEU D 828 -53.96 -0.73 14.13
N LEU D 829 -54.02 -1.93 13.55
CA LEU D 829 -52.79 -2.64 13.20
C LEU D 829 -51.88 -1.80 12.32
N PHE D 830 -52.47 -1.11 11.33
CA PHE D 830 -51.68 -0.26 10.45
C PHE D 830 -51.07 0.91 11.23
N ASN D 831 -51.84 1.49 12.15
CA ASN D 831 -51.34 2.62 12.92
C ASN D 831 -50.27 2.22 13.92
N LYS D 832 -50.21 0.94 14.32
CA LYS D 832 -49.22 0.52 15.30
C LYS D 832 -47.82 0.46 14.68
N VAL D 833 -47.70 -0.10 13.49
CA VAL D 833 -46.41 -0.30 12.84
C VAL D 833 -46.06 0.92 12.02
N THR D 834 -44.80 1.35 12.09
CA THR D 834 -44.29 2.48 11.33
C THR D 834 -43.10 2.01 10.51
N LEU D 835 -43.14 2.24 9.21
CA LEU D 835 -42.10 1.79 8.29
C LEU D 835 -41.15 2.95 7.98
N ALA D 836 -39.85 2.70 8.15
CA ALA D 836 -38.86 3.72 7.84
C ALA D 836 -38.91 4.09 6.36
N ASP D 837 -39.19 3.11 5.49
CA ASP D 837 -39.28 3.36 4.06
C ASP D 837 -40.22 2.32 3.46
N ALA D 838 -41.40 2.77 3.02
CA ALA D 838 -42.36 1.87 2.39
C ALA D 838 -42.06 1.61 0.92
N GLY D 839 -41.09 2.31 0.34
CA GLY D 839 -40.76 2.11 -1.06
C GLY D 839 -41.66 2.84 -2.02
N PHE D 840 -42.34 3.88 -1.57
CA PHE D 840 -43.28 4.61 -2.41
C PHE D 840 -42.58 5.77 -3.11
N ILE D 841 -43.35 6.53 -3.89
CA ILE D 841 -42.82 7.67 -4.61
C ILE D 841 -42.43 8.76 -3.62
N LYS D 842 -41.24 9.33 -3.80
CA LYS D 842 -40.75 10.42 -2.96
C LYS D 842 -40.37 11.59 -3.86
N GLN D 843 -40.90 12.77 -3.54
CA GLN D 843 -40.62 13.96 -4.34
C GLN D 843 -39.16 14.35 -4.22
N TYR D 844 -38.64 14.98 -5.28
CA TYR D 844 -37.25 15.40 -5.29
C TYR D 844 -36.96 16.39 -4.17
N GLY D 845 -37.98 17.14 -3.73
CA GLY D 845 -37.80 18.10 -2.65
C GLY D 845 -37.66 17.48 -1.28
N ASP D 846 -37.92 16.18 -1.14
CA ASP D 846 -37.86 15.53 0.16
C ASP D 846 -36.46 15.59 0.75
N CYS D 847 -35.49 15.02 0.05
CA CYS D 847 -34.10 15.01 0.48
C CYS D 847 -33.37 16.31 0.15
N LEU D 848 -34.10 17.36 -0.20
CA LEU D 848 -33.52 18.64 -0.59
C LEU D 848 -33.42 19.62 0.57
N GLY D 849 -33.72 19.18 1.78
CA GLY D 849 -33.64 20.05 2.93
C GLY D 849 -34.41 19.49 4.10
N ASP D 850 -34.23 20.14 5.24
CA ASP D 850 -34.89 19.74 6.49
C ASP D 850 -34.64 18.26 6.78
N ILE D 851 -33.36 17.94 6.92
CA ILE D 851 -32.92 16.57 7.18
C ILE D 851 -32.73 16.32 8.68
N ALA D 852 -33.26 17.20 9.53
CA ALA D 852 -33.14 17.01 10.97
C ALA D 852 -33.86 15.75 11.43
N ALA D 853 -34.93 15.36 10.72
CA ALA D 853 -35.66 14.16 11.07
C ALA D 853 -34.83 12.92 10.73
N ARG D 854 -35.41 11.74 11.02
CA ARG D 854 -34.74 10.47 10.80
C ARG D 854 -34.97 9.98 9.37
N ASP D 855 -34.59 10.83 8.42
CA ASP D 855 -34.69 10.50 6.99
C ASP D 855 -33.35 9.97 6.48
N LEU D 856 -32.90 8.88 7.10
CA LEU D 856 -31.69 8.20 6.65
C LEU D 856 -31.85 7.58 5.27
N ILE D 857 -33.07 7.53 4.74
CA ILE D 857 -33.29 6.94 3.42
C ILE D 857 -32.52 7.69 2.37
N CYS D 858 -32.34 9.01 2.55
CA CYS D 858 -31.53 9.77 1.61
C CYS D 858 -30.10 9.25 1.58
N ALA D 859 -29.51 9.07 2.76
CA ALA D 859 -28.14 8.56 2.83
C ALA D 859 -28.04 7.14 2.32
N GLN D 860 -29.10 6.34 2.49
CA GLN D 860 -29.07 4.97 2.01
C GLN D 860 -29.22 4.90 0.50
N LYS D 861 -29.96 5.84 -0.09
CA LYS D 861 -30.09 5.90 -1.54
C LYS D 861 -28.88 6.53 -2.21
N PHE D 862 -28.14 7.37 -1.49
CA PHE D 862 -26.90 7.91 -2.04
C PHE D 862 -25.85 6.83 -2.28
N ASN D 863 -26.13 5.58 -1.90
CA ASN D 863 -25.18 4.49 -2.06
C ASN D 863 -25.85 3.27 -2.69
N GLY D 864 -26.86 3.50 -3.51
CA GLY D 864 -27.49 2.41 -4.26
C GLY D 864 -28.60 1.72 -3.51
N LEU D 865 -28.52 1.68 -2.19
CA LEU D 865 -29.52 0.99 -1.39
C LEU D 865 -30.86 1.70 -1.53
N THR D 866 -31.86 1.00 -2.06
CA THR D 866 -33.18 1.59 -2.24
C THR D 866 -34.23 0.50 -2.03
N VAL D 867 -35.32 0.87 -1.37
CA VAL D 867 -36.41 -0.04 -1.07
C VAL D 867 -37.47 0.10 -2.15
N LEU D 868 -38.01 -1.03 -2.57
CA LEU D 868 -39.03 -1.08 -3.61
C LEU D 868 -40.41 -1.22 -2.99
N PRO D 869 -41.46 -0.83 -3.72
CA PRO D 869 -42.82 -1.05 -3.22
C PRO D 869 -43.27 -2.47 -3.49
N PRO D 870 -43.95 -3.11 -2.55
CA PRO D 870 -44.45 -4.46 -2.80
C PRO D 870 -45.44 -4.50 -3.95
N LEU D 871 -45.47 -5.63 -4.64
CA LEU D 871 -46.36 -5.79 -5.78
C LEU D 871 -47.81 -5.51 -5.38
N LEU D 872 -48.31 -6.23 -4.39
CA LEU D 872 -49.70 -6.11 -3.96
C LEU D 872 -49.81 -4.98 -2.94
N THR D 873 -50.51 -3.92 -3.31
CA THR D 873 -50.73 -2.82 -2.40
C THR D 873 -51.58 -3.27 -1.21
N ASP D 874 -51.57 -2.47 -0.15
CA ASP D 874 -52.35 -2.80 1.04
C ASP D 874 -53.82 -2.98 0.71
N GLU D 875 -54.32 -2.28 -0.30
CA GLU D 875 -55.72 -2.39 -0.66
C GLU D 875 -56.04 -3.78 -1.21
N MET D 876 -55.13 -4.36 -1.98
CA MET D 876 -55.36 -5.69 -2.52
C MET D 876 -55.35 -6.74 -1.41
N ILE D 877 -54.46 -6.60 -0.44
CA ILE D 877 -54.44 -7.50 0.69
C ILE D 877 -55.73 -7.37 1.50
N ALA D 878 -56.20 -6.12 1.66
CA ALA D 878 -57.46 -5.91 2.37
C ALA D 878 -58.62 -6.56 1.62
N GLN D 879 -58.62 -6.46 0.28
CA GLN D 879 -59.66 -7.09 -0.51
C GLN D 879 -59.62 -8.61 -0.34
N TYR D 880 -58.43 -9.20 -0.39
CA TYR D 880 -58.33 -10.64 -0.19
C TYR D 880 -58.83 -11.04 1.18
N THR D 881 -58.47 -10.29 2.21
CA THR D 881 -58.90 -10.62 3.57
C THR D 881 -60.42 -10.51 3.68
N SER D 882 -61.01 -9.45 3.14
CA SER D 882 -62.45 -9.29 3.18
C SER D 882 -63.15 -10.41 2.42
N ALA D 883 -62.57 -10.84 1.31
CA ALA D 883 -63.17 -11.92 0.53
C ALA D 883 -63.13 -13.22 1.33
N LEU D 884 -62.00 -13.53 1.95
CA LEU D 884 -61.92 -14.73 2.78
C LEU D 884 -62.91 -14.67 3.92
N LEU D 885 -63.04 -13.51 4.56
CA LEU D 885 -63.97 -13.36 5.68
C LEU D 885 -65.40 -13.57 5.22
N ALA D 886 -65.79 -12.94 4.11
CA ALA D 886 -67.13 -13.11 3.58
C ALA D 886 -67.40 -14.56 3.22
N GLY D 887 -66.43 -15.22 2.59
CA GLY D 887 -66.62 -16.62 2.23
C GLY D 887 -66.81 -17.51 3.44
N THR D 888 -66.00 -17.29 4.48
CA THR D 888 -66.09 -18.16 5.65
C THR D 888 -67.36 -17.87 6.46
N ILE D 889 -67.86 -16.64 6.43
CA ILE D 889 -69.07 -16.33 7.17
C ILE D 889 -70.34 -16.61 6.38
N THR D 890 -70.25 -16.80 5.06
CA THR D 890 -71.43 -17.09 4.26
C THR D 890 -71.53 -18.56 3.84
N SER D 891 -70.41 -19.27 3.72
CA SER D 891 -70.41 -20.64 3.24
C SER D 891 -69.75 -21.64 4.18
N GLY D 892 -68.69 -21.25 4.89
CA GLY D 892 -68.00 -22.18 5.78
C GLY D 892 -66.73 -22.72 5.18
N TRP D 893 -66.49 -24.02 5.33
CA TRP D 893 -65.28 -24.66 4.84
C TRP D 893 -65.40 -25.13 3.39
N THR D 894 -66.42 -24.67 2.67
CA THR D 894 -66.68 -25.17 1.32
C THR D 894 -65.99 -24.34 0.25
N PHE D 895 -65.76 -23.05 0.50
CA PHE D 895 -65.18 -22.19 -0.52
C PHE D 895 -63.70 -22.43 -0.72
N GLY D 896 -63.09 -23.32 0.06
CA GLY D 896 -61.70 -23.65 -0.11
C GLY D 896 -61.51 -24.87 -1.00
N ALA D 897 -62.48 -25.79 -0.93
CA ALA D 897 -62.44 -27.00 -1.74
C ALA D 897 -63.03 -26.80 -3.13
N GLY D 898 -63.93 -25.83 -3.31
CA GLY D 898 -64.56 -25.61 -4.59
C GLY D 898 -65.62 -24.53 -4.54
N PRO D 899 -66.80 -24.80 -5.11
CA PRO D 899 -67.82 -23.76 -5.18
C PRO D 899 -68.33 -23.36 -3.80
N ALA D 900 -68.73 -22.10 -3.70
CA ALA D 900 -69.24 -21.56 -2.44
C ALA D 900 -70.64 -22.10 -2.19
N LEU D 901 -70.80 -22.90 -1.14
CA LEU D 901 -72.09 -23.44 -0.74
C LEU D 901 -72.61 -22.62 0.43
N GLN D 902 -73.69 -21.88 0.21
CA GLN D 902 -74.23 -21.02 1.25
C GLN D 902 -74.92 -21.85 2.32
N ILE D 903 -74.88 -21.35 3.55
CA ILE D 903 -75.50 -22.00 4.70
C ILE D 903 -75.50 -21.00 5.86
N PRO D 904 -76.56 -20.93 6.65
CA PRO D 904 -76.58 -19.96 7.74
C PRO D 904 -75.40 -20.12 8.67
N PHE D 905 -74.90 -18.98 9.15
CA PHE D 905 -73.80 -19.01 10.12
C PHE D 905 -74.15 -19.81 11.37
N PRO D 906 -75.38 -19.77 11.89
CA PRO D 906 -75.70 -20.65 13.02
C PRO D 906 -75.47 -22.12 12.71
N MET D 907 -75.92 -22.58 11.54
CA MET D 907 -75.69 -23.98 11.17
C MET D 907 -74.22 -24.26 10.94
N GLN D 908 -73.48 -23.28 10.42
CA GLN D 908 -72.02 -23.43 10.30
C GLN D 908 -71.38 -23.68 11.65
N MET D 909 -71.73 -22.84 12.64
CA MET D 909 -71.17 -23.02 13.97
C MET D 909 -71.66 -24.32 14.61
N ALA D 910 -72.86 -24.75 14.26
CA ALA D 910 -73.35 -26.03 14.77
C ALA D 910 -72.49 -27.18 14.24
N TYR D 911 -72.13 -27.12 12.96
CA TYR D 911 -71.24 -28.15 12.41
C TYR D 911 -69.85 -28.05 13.02
N ARG D 912 -69.36 -26.82 13.24
CA ARG D 912 -68.09 -26.67 13.96
C ARG D 912 -68.15 -27.39 15.30
N PHE D 913 -69.20 -27.15 16.07
CA PHE D 913 -69.36 -27.79 17.38
C PHE D 913 -69.42 -29.31 17.24
N ASN D 914 -70.21 -29.81 16.29
CA ASN D 914 -70.27 -31.24 16.06
C ASN D 914 -68.89 -31.80 15.74
N GLY D 915 -68.03 -30.99 15.15
CA GLY D 915 -66.66 -31.40 14.86
C GLY D 915 -65.76 -31.48 16.07
N ILE D 916 -66.24 -31.11 17.25
CA ILE D 916 -65.42 -31.26 18.47
C ILE D 916 -66.23 -31.89 19.60
N GLY D 917 -67.26 -32.65 19.27
CA GLY D 917 -68.02 -33.34 20.29
C GLY D 917 -69.33 -32.68 20.70
N VAL D 918 -69.27 -31.38 21.02
CA VAL D 918 -70.47 -30.68 21.46
C VAL D 918 -71.56 -30.74 20.40
N THR D 919 -72.71 -31.31 20.75
CA THR D 919 -73.75 -31.46 19.73
C THR D 919 -74.43 -30.15 19.34
N GLN D 920 -75.17 -30.17 18.24
CA GLN D 920 -75.82 -28.95 17.76
C GLN D 920 -76.76 -28.31 18.76
N ASN D 921 -77.34 -29.10 19.66
CA ASN D 921 -78.27 -28.57 20.65
C ASN D 921 -77.57 -27.66 21.63
N VAL D 922 -76.31 -27.97 21.97
CA VAL D 922 -75.55 -27.11 22.86
C VAL D 922 -75.42 -25.71 22.28
N LEU D 923 -75.42 -25.59 20.96
CA LEU D 923 -75.34 -24.28 20.31
C LEU D 923 -76.71 -23.63 20.20
N TYR D 924 -77.69 -24.37 19.70
CA TYR D 924 -79.01 -23.77 19.48
C TYR D 924 -79.65 -23.33 20.79
N GLU D 925 -79.51 -24.13 21.85
CA GLU D 925 -80.12 -23.77 23.12
C GLU D 925 -79.33 -22.73 23.89
N ASN D 926 -78.15 -22.35 23.39
CA ASN D 926 -77.31 -21.32 24.02
C ASN D 926 -76.76 -20.39 22.95
N GLN D 927 -77.57 -20.10 21.93
CA GLN D 927 -77.09 -19.31 20.79
C GLN D 927 -76.84 -17.87 21.19
N LYS D 928 -77.77 -17.25 21.93
CA LYS D 928 -77.62 -15.86 22.30
C LYS D 928 -76.41 -15.67 23.21
N LEU D 929 -76.23 -16.57 24.18
CA LEU D 929 -75.08 -16.46 25.07
C LEU D 929 -73.78 -16.60 24.30
N ILE D 930 -73.73 -17.52 23.34
CA ILE D 930 -72.51 -17.73 22.56
C ILE D 930 -72.23 -16.51 21.69
N ALA D 931 -73.27 -15.92 21.11
CA ALA D 931 -73.06 -14.72 20.31
C ALA D 931 -72.55 -13.57 21.18
N ASN D 932 -73.13 -13.41 22.37
CA ASN D 932 -72.65 -12.36 23.28
C ASN D 932 -71.20 -12.59 23.66
N GLN D 933 -70.83 -13.84 23.94
CA GLN D 933 -69.45 -14.15 24.28
C GLN D 933 -68.52 -13.83 23.12
N PHE D 934 -68.90 -14.20 21.91
CA PHE D 934 -68.08 -13.89 20.74
C PHE D 934 -67.89 -12.39 20.59
N ASN D 935 -68.97 -11.62 20.70
CA ASN D 935 -68.86 -10.17 20.54
C ASN D 935 -67.99 -9.57 21.64
N SER D 936 -68.17 -10.02 22.88
CA SER D 936 -67.38 -9.49 23.98
C SER D 936 -65.90 -9.82 23.79
N ALA D 937 -65.59 -11.02 23.32
CA ALA D 937 -64.21 -11.39 23.10
C ALA D 937 -63.59 -10.57 21.98
N ILE D 938 -64.36 -10.32 20.91
CA ILE D 938 -63.85 -9.49 19.83
C ILE D 938 -63.55 -8.08 20.35
N GLY D 939 -64.48 -7.51 21.12
CA GLY D 939 -64.25 -6.18 21.66
C GLY D 939 -63.07 -6.13 22.60
N LYS D 940 -62.90 -7.17 23.42
CA LYS D 940 -61.78 -7.19 24.35
C LYS D 940 -60.46 -7.30 23.61
N ILE D 941 -60.42 -8.11 22.54
CA ILE D 941 -59.20 -8.21 21.73
C ILE D 941 -58.90 -6.87 21.08
N GLN D 942 -59.93 -6.18 20.60
CA GLN D 942 -59.74 -4.85 20.03
C GLN D 942 -59.13 -3.91 21.06
N ASP D 943 -59.72 -3.87 22.25
CA ASP D 943 -59.21 -2.98 23.29
C ASP D 943 -57.78 -3.32 23.67
N SER D 944 -57.46 -4.61 23.73
CA SER D 944 -56.10 -5.02 24.07
C SER D 944 -55.11 -4.57 23.01
N LEU D 945 -55.38 -4.91 21.75
CA LEU D 945 -54.50 -4.47 20.67
C LEU D 945 -54.39 -2.96 20.61
N SER D 946 -55.41 -2.24 21.08
CA SER D 946 -55.36 -0.78 21.07
C SER D 946 -54.47 -0.25 22.19
N SER D 947 -54.63 -0.79 23.41
CA SER D 947 -53.86 -0.29 24.54
C SER D 947 -52.49 -0.94 24.64
N THR D 948 -52.41 -2.25 24.41
CA THR D 948 -51.14 -2.95 24.50
C THR D 948 -50.21 -2.48 23.39
N PRO D 949 -49.07 -1.85 23.71
CA PRO D 949 -48.18 -1.35 22.65
C PRO D 949 -47.36 -2.45 22.00
N SER D 950 -47.14 -3.55 22.73
CA SER D 950 -46.31 -4.66 22.25
C SER D 950 -47.13 -5.71 21.51
N ALA D 951 -48.26 -5.35 20.93
CA ALA D 951 -49.08 -6.32 20.20
C ALA D 951 -48.35 -6.81 18.95
N LEU D 952 -47.91 -5.89 18.09
CA LEU D 952 -47.25 -6.21 16.84
C LEU D 952 -45.73 -6.20 16.97
N GLY D 953 -45.22 -6.59 18.14
CA GLY D 953 -43.80 -6.52 18.39
C GLY D 953 -42.97 -7.33 17.41
N LYS D 954 -43.52 -8.44 16.92
CA LYS D 954 -42.76 -9.27 15.98
C LYS D 954 -42.50 -8.51 14.68
N LEU D 955 -43.56 -7.94 14.08
CA LEU D 955 -43.40 -7.18 12.86
C LEU D 955 -42.56 -5.93 13.10
N GLN D 956 -42.74 -5.30 14.27
CA GLN D 956 -41.92 -4.14 14.59
C GLN D 956 -40.45 -4.50 14.64
N ASP D 957 -40.13 -5.64 15.26
CA ASP D 957 -38.74 -6.08 15.33
C ASP D 957 -38.21 -6.43 13.95
N VAL D 958 -39.04 -7.02 13.10
CA VAL D 958 -38.63 -7.30 11.73
C VAL D 958 -38.21 -6.02 11.02
N VAL D 959 -39.08 -5.02 11.03
CA VAL D 959 -38.78 -3.77 10.32
C VAL D 959 -37.59 -3.07 10.96
N ASN D 960 -37.48 -3.14 12.29
CA ASN D 960 -36.36 -2.50 12.96
C ASN D 960 -35.05 -3.17 12.62
N HIS D 961 -35.05 -4.50 12.51
CA HIS D 961 -33.85 -5.22 12.13
C HIS D 961 -33.43 -4.85 10.71
N ASN D 962 -34.39 -4.80 9.80
CA ASN D 962 -34.06 -4.41 8.43
C ASN D 962 -33.47 -3.01 8.39
N ALA D 963 -34.12 -2.06 9.06
CA ALA D 963 -33.64 -0.68 9.04
C ALA D 963 -32.27 -0.57 9.69
N GLN D 964 -32.04 -1.29 10.79
CA GLN D 964 -30.75 -1.21 11.47
C GLN D 964 -29.65 -1.84 10.62
N ALA D 965 -29.96 -2.93 9.92
CA ALA D 965 -28.98 -3.52 9.00
C ALA D 965 -28.61 -2.53 7.91
N LEU D 966 -29.61 -1.89 7.31
CA LEU D 966 -29.32 -0.88 6.29
C LEU D 966 -28.46 0.25 6.86
N ASN D 967 -28.80 0.73 8.06
CA ASN D 967 -28.09 1.85 8.65
C ASN D 967 -26.65 1.50 8.95
N THR D 968 -26.40 0.30 9.49
CA THR D 968 -25.03 -0.09 9.81
C THR D 968 -24.24 -0.34 8.53
N LEU D 969 -24.87 -0.91 7.51
CA LEU D 969 -24.20 -1.07 6.23
C LEU D 969 -23.80 0.28 5.65
N VAL D 970 -24.63 1.29 5.88
CA VAL D 970 -24.28 2.64 5.41
C VAL D 970 -23.12 3.19 6.23
N LYS D 971 -23.22 3.09 7.56
CA LYS D 971 -22.17 3.62 8.41
C LYS D 971 -20.83 2.97 8.12
N GLN D 972 -20.83 1.71 7.69
CA GLN D 972 -19.58 1.04 7.33
C GLN D 972 -18.79 1.84 6.31
N LEU D 973 -19.44 2.70 5.54
CA LEU D 973 -18.74 3.48 4.53
C LEU D 973 -17.78 4.47 5.18
N SER D 974 -18.17 5.07 6.31
CA SER D 974 -17.33 6.02 7.01
C SER D 974 -16.19 5.36 7.76
N SER D 975 -16.11 4.03 7.76
CA SER D 975 -15.06 3.33 8.46
C SER D 975 -13.80 3.24 7.60
N LYS D 976 -12.65 3.49 8.22
CA LYS D 976 -11.36 3.40 7.54
C LYS D 976 -10.96 1.94 7.49
N PHE D 977 -11.11 1.32 6.32
CA PHE D 977 -10.74 -0.08 6.12
C PHE D 977 -9.23 -0.21 5.91
N GLY D 978 -8.48 0.29 6.89
CA GLY D 978 -7.04 0.30 6.84
C GLY D 978 -6.43 1.36 5.95
N ALA D 979 -7.25 2.09 5.19
CA ALA D 979 -6.74 3.12 4.30
C ALA D 979 -6.50 4.42 5.07
N ILE D 980 -6.09 5.46 4.35
CA ILE D 980 -5.81 6.74 4.98
C ILE D 980 -7.07 7.59 5.07
N SER D 981 -8.02 7.41 4.16
CA SER D 981 -9.24 8.20 4.14
C SER D 981 -10.38 7.34 3.64
N SER D 982 -11.61 7.83 3.86
CA SER D 982 -12.81 7.12 3.44
C SER D 982 -13.23 7.41 2.01
N VAL D 983 -12.71 8.49 1.41
CA VAL D 983 -13.05 8.88 0.05
C VAL D 983 -11.92 8.48 -0.88
N LEU D 984 -12.27 7.90 -2.02
CA LEU D 984 -11.26 7.48 -2.99
C LEU D 984 -10.62 8.68 -3.68
N ASN D 985 -11.37 9.78 -3.82
CA ASN D 985 -10.83 10.97 -4.46
C ASN D 985 -9.64 11.52 -3.67
N ASP D 986 -9.70 11.43 -2.35
CA ASP D 986 -8.58 11.90 -1.52
C ASP D 986 -7.32 11.09 -1.81
N ILE D 987 -7.46 9.77 -1.88
CA ILE D 987 -6.31 8.93 -2.21
C ILE D 987 -5.80 9.26 -3.60
N LEU D 988 -6.70 9.42 -4.57
CA LEU D 988 -6.28 9.73 -5.93
C LEU D 988 -5.53 11.06 -5.99
N SER D 989 -5.91 12.01 -5.15
CA SER D 989 -5.28 13.33 -5.15
C SER D 989 -4.06 13.41 -4.25
N ARG D 990 -3.82 12.42 -3.40
CA ARG D 990 -2.70 12.45 -2.47
C ARG D 990 -1.69 11.34 -2.72
N LEU D 991 -2.14 10.13 -3.03
CA LEU D 991 -1.25 9.00 -3.25
C LEU D 991 -1.05 8.76 -4.74
N ASP D 992 0.01 8.02 -5.05
CA ASP D 992 0.36 7.73 -6.44
C ASP D 992 -0.40 6.52 -6.95
N PRO D 993 -0.59 6.41 -8.26
CA PRO D 993 -1.37 5.29 -8.81
C PRO D 993 -0.82 3.94 -8.39
N PRO D 994 0.50 3.74 -8.42
CA PRO D 994 1.04 2.42 -8.04
C PRO D 994 0.44 1.85 -6.76
N GLU D 995 0.36 2.66 -5.70
CA GLU D 995 -0.24 2.23 -4.44
C GLU D 995 -1.70 2.62 -4.33
N ALA D 996 -2.14 3.68 -5.02
CA ALA D 996 -3.55 4.04 -4.99
C ALA D 996 -4.42 2.93 -5.55
N GLU D 997 -3.92 2.19 -6.54
CA GLU D 997 -4.68 1.07 -7.07
C GLU D 997 -4.87 -0.01 -6.02
N VAL D 998 -3.81 -0.31 -5.26
CA VAL D 998 -3.93 -1.30 -4.20
C VAL D 998 -4.89 -0.81 -3.12
N GLN D 999 -4.84 0.47 -2.79
CA GLN D 999 -5.74 1.01 -1.78
C GLN D 999 -7.19 0.94 -2.25
N ILE D 1000 -7.44 1.26 -3.52
CA ILE D 1000 -8.78 1.17 -4.06
C ILE D 1000 -9.26 -0.27 -4.06
N ASP D 1001 -8.38 -1.21 -4.42
CA ASP D 1001 -8.74 -2.63 -4.33
C ASP D 1001 -9.09 -3.01 -2.91
N ARG D 1002 -8.35 -2.47 -1.93
CA ARG D 1002 -8.62 -2.76 -0.53
C ARG D 1002 -10.00 -2.27 -0.13
N LEU D 1003 -10.29 -1.00 -0.45
CA LEU D 1003 -11.61 -0.45 -0.13
C LEU D 1003 -12.72 -1.24 -0.80
N ILE D 1004 -12.51 -1.62 -2.06
CA ILE D 1004 -13.53 -2.34 -2.80
C ILE D 1004 -13.77 -3.70 -2.16
N THR D 1005 -12.70 -4.41 -1.82
CA THR D 1005 -12.87 -5.72 -1.17
C THR D 1005 -13.60 -5.56 0.15
N GLY D 1006 -13.24 -4.55 0.94
CA GLY D 1006 -13.91 -4.34 2.22
C GLY D 1006 -15.40 -4.10 2.06
N ARG D 1007 -15.76 -3.21 1.13
CA ARG D 1007 -17.17 -2.87 0.98
C ARG D 1007 -17.94 -4.01 0.31
N LEU D 1008 -17.30 -4.76 -0.57
CA LEU D 1008 -17.94 -5.95 -1.13
C LEU D 1008 -18.18 -6.98 -0.04
N GLN D 1009 -17.24 -7.15 0.89
CA GLN D 1009 -17.46 -8.07 1.99
C GLN D 1009 -18.58 -7.58 2.89
N SER D 1010 -18.67 -6.27 3.09
CA SER D 1010 -19.79 -5.72 3.85
C SER D 1010 -21.12 -6.07 3.18
N LEU D 1011 -21.20 -5.85 1.87
CA LEU D 1011 -22.42 -6.17 1.14
C LEU D 1011 -22.71 -7.66 1.20
N GLN D 1012 -21.68 -8.50 1.16
CA GLN D 1012 -21.89 -9.94 1.21
C GLN D 1012 -22.43 -10.36 2.58
N THR D 1013 -21.88 -9.79 3.65
CA THR D 1013 -22.41 -10.06 4.98
C THR D 1013 -23.86 -9.64 5.09
N TYR D 1014 -24.18 -8.45 4.57
CA TYR D 1014 -25.56 -7.98 4.59
C TYR D 1014 -26.47 -8.92 3.83
N VAL D 1015 -26.02 -9.37 2.65
CA VAL D 1015 -26.84 -10.26 1.82
C VAL D 1015 -27.05 -11.60 2.50
N THR D 1016 -26.02 -12.11 3.18
CA THR D 1016 -26.16 -13.39 3.88
C THR D 1016 -27.14 -13.27 5.04
N GLN D 1017 -27.02 -12.20 5.84
CA GLN D 1017 -27.96 -11.99 6.91
C GLN D 1017 -29.39 -11.85 6.38
N GLN D 1018 -29.54 -11.13 5.27
CA GLN D 1018 -30.87 -10.96 4.68
C GLN D 1018 -31.41 -12.28 4.15
N LEU D 1019 -30.53 -13.14 3.63
CA LEU D 1019 -30.96 -14.45 3.14
C LEU D 1019 -31.42 -15.33 4.29
N ILE D 1020 -30.71 -15.30 5.41
CA ILE D 1020 -31.13 -16.08 6.57
C ILE D 1020 -32.46 -15.57 7.09
N ARG D 1021 -32.60 -14.24 7.23
CA ARG D 1021 -33.87 -13.68 7.66
C ARG D 1021 -34.99 -14.00 6.66
N ALA D 1022 -34.66 -14.08 5.38
CA ALA D 1022 -35.67 -14.38 4.37
C ALA D 1022 -36.09 -15.84 4.47
N ALA D 1023 -35.16 -16.73 4.79
CA ALA D 1023 -35.55 -18.12 5.05
C ALA D 1023 -36.48 -18.20 6.26
N GLU D 1024 -36.16 -17.45 7.31
CA GLU D 1024 -37.06 -17.38 8.47
C GLU D 1024 -38.45 -16.92 8.07
N ILE D 1025 -38.51 -15.79 7.35
CA ILE D 1025 -39.81 -15.23 6.98
C ILE D 1025 -40.53 -16.14 6.01
N ARG D 1026 -39.80 -16.93 5.23
CA ARG D 1026 -40.45 -17.87 4.31
C ARG D 1026 -41.06 -19.03 5.07
N ALA D 1027 -40.34 -19.53 6.09
CA ALA D 1027 -40.95 -20.52 6.96
C ALA D 1027 -42.19 -19.96 7.64
N SER D 1028 -42.13 -18.70 8.09
CA SER D 1028 -43.29 -18.08 8.72
C SER D 1028 -44.44 -17.94 7.74
N ALA D 1029 -44.14 -17.60 6.49
CA ALA D 1029 -45.20 -17.42 5.50
C ALA D 1029 -45.84 -18.75 5.13
N ASN D 1030 -45.05 -19.81 5.03
CA ASN D 1030 -45.62 -21.13 4.80
C ASN D 1030 -46.49 -21.56 5.97
N LEU D 1031 -46.02 -21.29 7.20
CA LEU D 1031 -46.83 -21.60 8.37
C LEU D 1031 -48.14 -20.80 8.35
N ALA D 1032 -48.08 -19.55 7.91
CA ALA D 1032 -49.28 -18.72 7.86
C ALA D 1032 -50.25 -19.22 6.80
N ALA D 1033 -49.74 -19.64 5.65
CA ALA D 1033 -50.60 -20.20 4.61
C ALA D 1033 -51.26 -21.48 5.11
N THR D 1034 -50.50 -22.34 5.79
CA THR D 1034 -51.08 -23.56 6.34
C THR D 1034 -52.13 -23.23 7.40
N LYS D 1035 -51.84 -22.24 8.26
CA LYS D 1035 -52.80 -21.86 9.28
C LYS D 1035 -54.08 -21.32 8.66
N MET D 1036 -53.96 -20.53 7.60
CA MET D 1036 -55.13 -20.09 6.86
C MET D 1036 -55.91 -21.30 6.36
N SER D 1037 -55.27 -22.14 5.56
CA SER D 1037 -55.96 -23.28 4.96
C SER D 1037 -56.65 -24.15 6.00
N GLU D 1038 -56.08 -24.27 7.20
CA GLU D 1038 -56.63 -25.16 8.21
C GLU D 1038 -57.71 -24.47 9.05
N CYS D 1039 -57.35 -23.39 9.74
CA CYS D 1039 -58.29 -22.74 10.65
C CYS D 1039 -59.33 -21.93 9.90
N VAL D 1040 -58.89 -21.10 8.94
CA VAL D 1040 -59.80 -20.19 8.27
C VAL D 1040 -60.67 -20.95 7.27
N LEU D 1041 -60.07 -21.76 6.41
CA LEU D 1041 -60.80 -22.47 5.38
C LEU D 1041 -61.37 -23.80 5.86
N GLY D 1042 -61.14 -24.16 7.11
CA GLY D 1042 -61.67 -25.40 7.64
C GLY D 1042 -61.65 -25.42 9.14
N GLN D 1043 -61.98 -26.58 9.71
CA GLN D 1043 -61.94 -26.82 11.14
C GLN D 1043 -60.79 -27.76 11.43
N SER D 1044 -59.79 -27.28 12.17
CA SER D 1044 -58.57 -28.01 12.42
C SER D 1044 -58.68 -28.82 13.70
N LYS D 1045 -58.11 -30.03 13.69
CA LYS D 1045 -58.03 -30.87 14.87
C LYS D 1045 -56.69 -30.75 15.58
N ARG D 1046 -55.68 -30.18 14.93
CA ARG D 1046 -54.37 -30.06 15.54
C ARG D 1046 -54.44 -29.17 16.77
N VAL D 1047 -53.71 -29.55 17.82
CA VAL D 1047 -53.75 -28.83 19.08
C VAL D 1047 -52.68 -27.75 19.08
N ASP D 1048 -53.02 -26.59 19.65
CA ASP D 1048 -52.11 -25.46 19.78
C ASP D 1048 -51.67 -24.91 18.42
N PHE D 1049 -52.39 -25.26 17.35
CA PHE D 1049 -52.10 -24.74 16.03
C PHE D 1049 -53.07 -23.66 15.58
N CYS D 1050 -54.35 -23.78 15.92
CA CYS D 1050 -55.36 -22.79 15.59
C CYS D 1050 -55.90 -22.14 16.87
N GLY D 1051 -55.00 -21.82 17.78
CA GLY D 1051 -55.36 -21.19 19.04
C GLY D 1051 -55.48 -22.20 20.17
N LYS D 1052 -55.50 -21.68 21.39
CA LYS D 1052 -55.58 -22.52 22.58
C LYS D 1052 -57.01 -22.99 22.78
N GLY D 1053 -57.19 -24.31 22.82
CA GLY D 1053 -58.49 -24.91 22.96
C GLY D 1053 -59.00 -25.49 21.66
N TYR D 1054 -60.17 -26.11 21.75
CA TYR D 1054 -60.79 -26.71 20.58
C TYR D 1054 -61.16 -25.62 19.57
N HIS D 1055 -60.60 -25.72 18.37
CA HIS D 1055 -60.81 -24.71 17.34
C HIS D 1055 -62.19 -24.86 16.71
N LEU D 1056 -62.87 -23.72 16.55
CA LEU D 1056 -64.14 -23.65 15.85
C LEU D 1056 -64.02 -22.96 14.51
N MET D 1057 -63.37 -21.80 14.46
CA MET D 1057 -63.14 -21.08 13.22
C MET D 1057 -62.16 -19.95 13.52
N SER D 1058 -61.64 -19.35 12.45
CA SER D 1058 -60.67 -18.27 12.58
C SER D 1058 -60.96 -17.21 11.52
N PHE D 1059 -60.39 -16.03 11.74
CA PHE D 1059 -60.60 -14.89 10.85
C PHE D 1059 -59.26 -14.22 10.61
N PRO D 1060 -58.89 -13.94 9.35
CA PRO D 1060 -57.63 -13.25 9.09
C PRO D 1060 -57.79 -11.74 9.02
N GLN D 1061 -56.71 -11.04 9.36
CA GLN D 1061 -56.64 -9.59 9.29
C GLN D 1061 -55.33 -9.19 8.65
N SER D 1062 -55.40 -8.23 7.73
CA SER D 1062 -54.23 -7.81 6.97
C SER D 1062 -53.36 -6.92 7.85
N ALA D 1063 -52.24 -7.46 8.31
CA ALA D 1063 -51.27 -6.71 9.07
C ALA D 1063 -50.11 -6.28 8.18
N PRO D 1064 -49.46 -5.16 8.49
CA PRO D 1064 -48.33 -4.70 7.66
C PRO D 1064 -47.16 -5.68 7.76
N HIS D 1065 -46.74 -6.19 6.60
CA HIS D 1065 -45.64 -7.15 6.51
C HIS D 1065 -45.95 -8.43 7.28
N GLY D 1066 -47.20 -8.68 7.60
CA GLY D 1066 -47.55 -9.85 8.37
C GLY D 1066 -49.01 -10.18 8.26
N VAL D 1067 -49.52 -10.85 9.31
CA VAL D 1067 -50.91 -11.28 9.34
C VAL D 1067 -51.27 -11.57 10.78
N VAL D 1068 -52.53 -11.31 11.14
CA VAL D 1068 -53.05 -11.53 12.48
C VAL D 1068 -54.26 -12.43 12.37
N PHE D 1069 -54.22 -13.57 13.04
CA PHE D 1069 -55.32 -14.53 13.03
C PHE D 1069 -56.06 -14.46 14.35
N LEU D 1070 -57.38 -14.28 14.27
CA LEU D 1070 -58.25 -14.27 15.44
C LEU D 1070 -58.84 -15.67 15.57
N HIS D 1071 -58.25 -16.49 16.44
CA HIS D 1071 -58.63 -17.89 16.59
C HIS D 1071 -59.78 -17.98 17.57
N VAL D 1072 -60.96 -18.36 17.08
CA VAL D 1072 -62.11 -18.62 17.92
C VAL D 1072 -62.04 -20.07 18.39
N THR D 1073 -62.12 -20.28 19.70
CA THR D 1073 -61.97 -21.60 20.30
C THR D 1073 -63.10 -21.86 21.28
N TYR D 1074 -63.37 -23.14 21.50
CA TYR D 1074 -64.35 -23.59 22.48
C TYR D 1074 -63.62 -24.11 23.71
N VAL D 1075 -63.97 -23.56 24.87
CA VAL D 1075 -63.24 -23.86 26.11
C VAL D 1075 -64.25 -24.13 27.22
N PRO D 1076 -64.14 -25.25 27.92
CA PRO D 1076 -65.06 -25.53 29.04
C PRO D 1076 -64.74 -24.66 30.24
N ALA D 1077 -65.67 -24.67 31.20
CA ALA D 1077 -65.50 -23.93 32.43
C ALA D 1077 -66.42 -24.51 33.50
N GLN D 1078 -66.14 -24.15 34.74
CA GLN D 1078 -66.90 -24.59 35.91
C GLN D 1078 -67.26 -26.08 35.80
N GLU D 1079 -66.22 -26.91 35.73
CA GLU D 1079 -66.41 -28.34 35.67
C GLU D 1079 -66.94 -28.87 37.00
N LYS D 1080 -67.37 -30.12 36.99
CA LYS D 1080 -67.88 -30.79 38.18
C LYS D 1080 -67.41 -32.24 38.17
N ASN D 1081 -67.35 -32.82 39.37
CA ASN D 1081 -66.87 -34.19 39.56
C ASN D 1081 -68.05 -35.16 39.59
N PHE D 1082 -67.86 -36.32 38.98
CA PHE D 1082 -68.87 -37.37 38.97
C PHE D 1082 -68.18 -38.72 39.07
N THR D 1083 -68.97 -39.73 39.41
CA THR D 1083 -68.48 -41.10 39.48
C THR D 1083 -68.68 -41.80 38.15
N THR D 1084 -67.69 -42.59 37.75
CA THR D 1084 -67.67 -43.24 36.44
C THR D 1084 -67.67 -44.75 36.58
N ALA D 1085 -68.06 -45.41 35.48
CA ALA D 1085 -68.07 -46.86 35.40
C ALA D 1085 -67.80 -47.26 33.95
N PRO D 1086 -66.72 -47.99 33.66
CA PRO D 1086 -66.42 -48.31 32.25
C PRO D 1086 -67.54 -49.01 31.51
N ALA D 1087 -68.43 -49.72 32.22
CA ALA D 1087 -69.51 -50.44 31.56
C ALA D 1087 -70.69 -50.52 32.52
N ILE D 1088 -71.80 -51.03 31.99
CA ILE D 1088 -73.04 -51.21 32.75
C ILE D 1088 -73.53 -52.63 32.51
N CYS D 1089 -73.68 -53.40 33.58
CA CYS D 1089 -74.18 -54.77 33.50
C CYS D 1089 -75.67 -54.78 33.80
N HIS D 1090 -76.47 -55.21 32.83
CA HIS D 1090 -77.92 -55.29 32.99
C HIS D 1090 -78.41 -56.73 33.06
N ASP D 1091 -78.13 -57.54 32.03
CA ASP D 1091 -78.52 -58.94 32.00
C ASP D 1091 -77.34 -59.73 31.42
N GLY D 1092 -76.45 -60.18 32.28
CA GLY D 1092 -75.32 -61.00 31.88
C GLY D 1092 -74.53 -60.45 30.70
N LYS D 1093 -74.64 -59.14 30.47
CA LYS D 1093 -73.97 -58.50 29.34
C LYS D 1093 -73.55 -57.09 29.75
N ALA D 1094 -72.51 -56.59 29.09
CA ALA D 1094 -71.96 -55.28 29.38
C ALA D 1094 -72.40 -54.29 28.31
N HIS D 1095 -72.87 -53.13 28.74
CA HIS D 1095 -73.28 -52.06 27.85
C HIS D 1095 -72.24 -50.94 27.89
N PHE D 1096 -71.65 -50.65 26.74
CA PHE D 1096 -70.60 -49.65 26.63
C PHE D 1096 -71.14 -48.39 25.95
N PRO D 1097 -70.52 -47.24 26.21
CA PRO D 1097 -71.00 -46.00 25.59
C PRO D 1097 -70.72 -45.97 24.09
N ARG D 1098 -71.58 -45.27 23.36
CA ARG D 1098 -71.45 -45.17 21.91
C ARG D 1098 -70.59 -43.99 21.50
N GLU D 1099 -70.87 -42.79 22.03
CA GLU D 1099 -70.07 -41.61 21.70
C GLU D 1099 -69.83 -40.72 22.91
N GLY D 1100 -69.99 -41.24 24.12
CA GLY D 1100 -69.84 -40.44 25.33
C GLY D 1100 -69.28 -41.26 26.47
N VAL D 1101 -69.63 -40.87 27.69
CA VAL D 1101 -69.12 -41.50 28.90
C VAL D 1101 -70.23 -41.61 29.92
N PHE D 1102 -70.14 -42.63 30.78
CA PHE D 1102 -71.11 -42.82 31.84
C PHE D 1102 -70.79 -41.91 33.02
N VAL D 1103 -71.82 -41.64 33.83
CA VAL D 1103 -71.72 -40.77 34.99
C VAL D 1103 -72.70 -41.27 36.05
N SER D 1104 -72.59 -40.71 37.26
CA SER D 1104 -73.48 -41.07 38.36
C SER D 1104 -73.54 -39.91 39.33
N ASN D 1105 -74.74 -39.39 39.57
CA ASN D 1105 -74.96 -38.34 40.55
C ASN D 1105 -75.36 -38.88 41.91
N GLY D 1106 -75.24 -40.19 42.12
CA GLY D 1106 -75.64 -40.82 43.36
C GLY D 1106 -76.43 -42.10 43.13
N THR D 1107 -77.68 -42.12 43.61
CA THR D 1107 -78.51 -43.30 43.47
C THR D 1107 -78.95 -43.55 42.03
N HIS D 1108 -78.73 -42.60 41.12
CA HIS D 1108 -79.12 -42.73 39.73
C HIS D 1108 -77.89 -42.75 38.84
N TRP D 1109 -78.04 -43.34 37.66
CA TRP D 1109 -76.98 -43.42 36.66
C TRP D 1109 -77.48 -42.88 35.33
N PHE D 1110 -76.61 -42.15 34.63
CA PHE D 1110 -76.96 -41.56 33.36
C PHE D 1110 -75.75 -41.63 32.43
N VAL D 1111 -75.97 -41.23 31.18
CA VAL D 1111 -74.92 -41.17 30.17
C VAL D 1111 -74.85 -39.74 29.66
N THR D 1112 -73.65 -39.32 29.26
CA THR D 1112 -73.43 -37.95 28.81
C THR D 1112 -72.20 -37.93 27.91
N GLN D 1113 -71.98 -36.77 27.29
CA GLN D 1113 -70.82 -36.58 26.43
C GLN D 1113 -69.63 -36.09 27.22
N ARG D 1114 -68.48 -35.99 26.54
CA ARG D 1114 -67.23 -35.66 27.21
C ARG D 1114 -67.08 -34.16 27.45
N ASN D 1115 -67.04 -33.37 26.38
CA ASN D 1115 -66.75 -31.95 26.47
C ASN D 1115 -67.96 -31.12 26.90
N PHE D 1116 -69.03 -31.75 27.36
CA PHE D 1116 -70.20 -31.03 27.84
C PHE D 1116 -71.06 -31.96 28.67
N TYR D 1117 -71.82 -31.38 29.59
CA TYR D 1117 -72.67 -32.14 30.50
C TYR D 1117 -74.10 -32.10 29.97
N GLU D 1118 -74.63 -33.29 29.65
CA GLU D 1118 -75.99 -33.41 29.12
C GLU D 1118 -76.50 -34.80 29.45
N PRO D 1119 -76.93 -35.03 30.69
CA PRO D 1119 -77.29 -36.39 31.10
C PRO D 1119 -78.53 -36.90 30.37
N GLN D 1120 -78.54 -38.19 30.05
CA GLN D 1120 -79.68 -38.81 29.40
C GLN D 1120 -79.75 -40.15 30.10
N ILE D 1121 -80.92 -40.78 30.08
CA ILE D 1121 -81.03 -42.11 30.68
C ILE D 1121 -80.21 -43.15 29.92
N ILE D 1122 -79.76 -44.18 30.61
CA ILE D 1122 -79.04 -45.26 29.95
C ILE D 1122 -80.03 -46.01 29.06
N THR D 1123 -79.94 -45.82 27.75
CA THR D 1123 -80.88 -46.46 26.85
C THR D 1123 -80.17 -47.44 25.93
N THR D 1124 -80.93 -48.33 25.28
CA THR D 1124 -80.33 -49.32 24.39
C THR D 1124 -79.71 -48.68 23.17
N ASP D 1125 -80.29 -47.58 22.70
CA ASP D 1125 -79.74 -46.88 21.55
C ASP D 1125 -78.45 -46.18 21.94
N ASN D 1126 -78.38 -45.71 23.18
CA ASN D 1126 -77.18 -45.03 23.64
C ASN D 1126 -76.06 -46.00 23.95
N THR D 1127 -76.40 -47.24 24.31
CA THR D 1127 -75.37 -48.19 24.71
C THR D 1127 -75.31 -49.47 23.89
N PHE D 1128 -74.20 -49.70 23.20
CA PHE D 1128 -74.06 -50.95 22.47
C PHE D 1128 -73.65 -52.09 23.42
N VAL D 1129 -74.02 -53.32 23.09
CA VAL D 1129 -73.73 -54.44 23.97
C VAL D 1129 -72.78 -55.39 23.27
N SER D 1130 -71.69 -55.75 23.96
CA SER D 1130 -70.72 -56.70 23.42
C SER D 1130 -69.90 -57.25 24.58
N GLY D 1131 -70.02 -58.54 24.84
CA GLY D 1131 -69.27 -59.18 25.89
C GLY D 1131 -70.07 -59.31 27.19
N ASN D 1132 -69.59 -60.21 28.05
CA ASN D 1132 -70.23 -60.46 29.33
C ASN D 1132 -69.75 -59.44 30.36
N CYS D 1133 -70.10 -59.68 31.62
CA CYS D 1133 -69.77 -58.78 32.72
C CYS D 1133 -68.61 -59.29 33.57
N ASP D 1134 -67.91 -60.32 33.12
CA ASP D 1134 -66.82 -60.91 33.89
C ASP D 1134 -65.44 -60.40 33.49
N VAL D 1135 -65.29 -59.86 32.28
CA VAL D 1135 -63.98 -59.39 31.85
C VAL D 1135 -63.72 -57.97 32.31
N VAL D 1136 -64.76 -57.15 32.42
CA VAL D 1136 -64.59 -55.76 32.83
C VAL D 1136 -64.20 -55.71 34.31
N ILE D 1137 -63.41 -54.70 34.67
CA ILE D 1137 -62.90 -54.58 36.02
C ILE D 1137 -63.78 -53.67 36.86
N GLY D 1138 -64.37 -52.63 36.26
CA GLY D 1138 -65.14 -51.66 37.02
C GLY D 1138 -66.59 -51.58 36.60
N ILE D 1139 -67.12 -52.66 36.04
CA ILE D 1139 -68.50 -52.67 35.61
C ILE D 1139 -69.42 -52.64 36.83
N VAL D 1140 -70.56 -51.95 36.69
CA VAL D 1140 -71.51 -51.81 37.77
C VAL D 1140 -72.88 -52.28 37.28
N ASN D 1141 -73.66 -52.83 38.20
CA ASN D 1141 -74.98 -53.36 37.87
C ASN D 1141 -75.98 -52.22 37.81
N ASN D 1142 -76.59 -52.03 36.64
CA ASN D 1142 -77.59 -50.98 36.45
C ASN D 1142 -78.44 -51.34 35.25
N THR D 1143 -79.60 -50.70 35.15
CA THR D 1143 -80.58 -51.03 34.12
C THR D 1143 -80.31 -50.23 32.85
N VAL D 1144 -80.68 -50.84 31.72
CA VAL D 1144 -80.60 -50.21 30.41
C VAL D 1144 -82.01 -50.19 29.83
N TYR D 1145 -82.59 -49.00 29.72
CA TYR D 1145 -83.97 -48.88 29.30
C TYR D 1145 -84.14 -49.28 27.84
N ASP D 1146 -85.34 -49.75 27.51
CA ASP D 1146 -85.67 -50.19 26.15
C ASP D 1146 -86.94 -49.48 25.71
N PRO D 1147 -86.89 -48.62 24.68
CA PRO D 1147 -88.10 -47.89 24.27
C PRO D 1147 -89.13 -48.75 23.56
N LEU D 1148 -88.89 -50.05 23.38
CA LEU D 1148 -89.85 -50.94 22.74
C LEU D 1148 -90.75 -51.66 23.74
N GLN D 1149 -90.36 -51.71 25.01
CA GLN D 1149 -91.13 -52.37 26.06
C GLN D 1149 -92.47 -51.67 26.31
N PRO D 1150 -92.52 -50.33 26.30
CA PRO D 1150 -93.80 -49.65 26.59
C PRO D 1150 -94.95 -50.12 25.73
N GLU D 1151 -94.64 -50.68 24.57
CA GLU D 1151 -95.66 -51.20 23.66
C GLU D 1151 -96.57 -52.20 24.39
N SER E 2 31.84 -2.59 -39.13
CA SER E 2 32.52 -2.44 -40.44
C SER E 2 33.56 -1.31 -40.38
N ALA E 3 34.72 -1.56 -40.98
CA ALA E 3 35.78 -0.57 -40.98
C ALA E 3 35.57 0.45 -42.10
N LEU E 4 36.07 1.65 -41.87
CA LEU E 4 35.94 2.72 -42.86
C LEU E 4 36.78 2.43 -44.10
N THR E 5 36.32 2.94 -45.24
CA THR E 5 37.03 2.80 -46.50
C THR E 5 36.97 4.12 -47.24
N GLN E 6 37.99 4.37 -48.05
CA GLN E 6 38.11 5.59 -48.82
C GLN E 6 38.75 5.29 -50.16
N PRO E 7 38.62 6.17 -51.14
CA PRO E 7 39.29 5.97 -52.42
C PRO E 7 40.80 5.96 -52.23
N PRO E 8 41.53 5.20 -53.06
CA PRO E 8 42.99 5.21 -52.91
C PRO E 8 43.61 6.59 -52.99
N SER E 9 43.08 7.47 -53.83
CA SER E 9 43.62 8.82 -53.99
C SER E 9 42.69 9.61 -54.90
N ALA E 10 43.05 10.87 -55.12
CA ALA E 10 42.29 11.75 -56.00
C ALA E 10 43.24 12.78 -56.59
N SER E 11 42.80 13.39 -57.70
CA SER E 11 43.61 14.36 -58.41
C SER E 11 42.77 15.59 -58.73
N GLY E 12 43.46 16.67 -59.08
CA GLY E 12 42.78 17.89 -59.42
C GLY E 12 43.76 18.93 -59.95
N SER E 13 43.36 20.19 -59.83
CA SER E 13 44.19 21.31 -60.24
C SER E 13 43.73 22.56 -59.51
N PRO E 14 44.54 23.62 -59.49
CA PRO E 14 44.13 24.83 -58.78
C PRO E 14 42.83 25.39 -59.33
N GLY E 15 42.01 25.93 -58.42
CA GLY E 15 40.75 26.53 -58.77
C GLY E 15 39.60 25.56 -58.98
N GLN E 16 39.89 24.28 -59.22
CA GLN E 16 38.85 23.31 -59.45
C GLN E 16 38.26 22.82 -58.14
N SER E 17 36.96 22.54 -58.16
CA SER E 17 36.25 22.02 -57.00
C SER E 17 36.26 20.50 -57.06
N VAL E 18 36.86 19.87 -56.05
CA VAL E 18 36.96 18.41 -55.98
C VAL E 18 36.23 17.94 -54.74
N THR E 19 36.04 16.62 -54.66
CA THR E 19 35.30 16.01 -53.56
C THR E 19 35.91 14.64 -53.25
N ILE E 20 35.82 14.25 -51.99
CA ILE E 20 36.34 12.98 -51.50
C ILE E 20 35.22 12.26 -50.78
N SER E 21 35.20 10.93 -50.92
CA SER E 21 34.13 10.09 -50.38
C SER E 21 34.65 9.25 -49.21
N CYS E 22 33.70 8.55 -48.58
CA CYS E 22 33.99 7.73 -47.42
C CYS E 22 32.81 6.81 -47.13
N THR E 23 33.08 5.52 -46.93
CA THR E 23 32.04 4.53 -46.73
C THR E 23 32.44 3.58 -45.61
N GLY E 24 31.44 3.10 -44.88
CA GLY E 24 31.65 2.15 -43.81
C GLY E 24 31.34 2.71 -42.44
N ALA E 25 30.49 3.73 -42.39
CA ALA E 25 30.20 4.40 -41.12
C ALA E 25 29.32 3.51 -40.24
N SER E 26 29.04 4.01 -39.04
CA SER E 26 28.20 3.34 -38.06
C SER E 26 27.15 4.32 -37.54
N SER E 27 26.33 3.86 -36.61
CA SER E 27 25.25 4.68 -36.07
C SER E 27 24.99 4.28 -34.64
N ASP E 28 24.14 5.07 -33.97
CA ASP E 28 23.75 4.83 -32.60
C ASP E 28 22.49 5.64 -32.32
N VAL E 29 22.09 5.69 -31.05
CA VAL E 29 20.92 6.47 -30.65
C VAL E 29 21.18 7.97 -30.67
N GLY E 30 22.43 8.39 -30.76
CA GLY E 30 22.79 9.79 -30.75
C GLY E 30 22.73 10.49 -32.08
N GLY E 31 22.55 9.74 -33.17
CA GLY E 31 22.43 10.31 -34.49
C GLY E 31 23.26 9.55 -35.48
N TYR E 32 23.61 10.23 -36.58
CA TYR E 32 24.39 9.62 -37.65
C TYR E 32 25.46 10.56 -38.19
N ASN E 33 25.81 11.61 -37.45
CA ASN E 33 26.75 12.63 -37.90
C ASN E 33 28.15 12.43 -37.32
N TYR E 34 28.57 11.18 -37.12
CA TYR E 34 29.87 10.86 -36.55
C TYR E 34 30.85 10.64 -37.69
N VAL E 35 31.25 11.76 -38.32
CA VAL E 35 32.24 11.74 -39.38
C VAL E 35 33.12 12.97 -39.24
N SER E 36 34.43 12.77 -39.26
CA SER E 36 35.39 13.86 -39.12
C SER E 36 36.56 13.61 -40.05
N TRP E 37 37.04 14.69 -40.67
CA TRP E 37 38.15 14.63 -41.62
C TRP E 37 39.34 15.40 -41.05
N TYR E 38 40.52 14.79 -41.13
CA TYR E 38 41.76 15.41 -40.67
C TYR E 38 42.74 15.46 -41.83
N GLN E 39 43.37 16.62 -42.01
CA GLN E 39 44.36 16.82 -43.05
C GLN E 39 45.74 16.80 -42.41
N GLN E 40 46.58 15.85 -42.85
CA GLN E 40 47.93 15.69 -42.33
C GLN E 40 48.93 16.01 -43.43
N HIS E 41 49.68 17.09 -43.25
CA HIS E 41 50.70 17.46 -44.21
C HIS E 41 51.88 16.52 -44.13
N PRO E 42 52.79 16.55 -45.10
CA PRO E 42 53.96 15.67 -45.05
C PRO E 42 54.84 15.97 -43.85
N GLY E 43 54.98 14.97 -42.98
CA GLY E 43 55.92 15.07 -41.87
C GLY E 43 55.57 16.11 -40.83
N LYS E 44 54.33 16.09 -40.32
CA LYS E 44 53.95 16.98 -39.24
C LYS E 44 52.58 16.55 -38.72
N ALA E 45 52.19 17.15 -37.61
CA ALA E 45 50.99 16.71 -36.91
C ALA E 45 49.75 16.99 -37.76
N PRO E 46 48.75 16.11 -37.74
CA PRO E 46 47.51 16.39 -38.47
C PRO E 46 46.76 17.58 -37.90
N LYS E 47 45.65 17.96 -38.54
CA LYS E 47 44.80 19.03 -38.08
C LYS E 47 43.36 18.70 -38.40
N LEU E 48 42.45 19.04 -37.48
CA LEU E 48 41.05 18.79 -37.69
C LEU E 48 40.49 19.76 -38.72
N MET E 49 39.76 19.23 -39.68
CA MET E 49 39.18 20.03 -40.77
C MET E 49 37.66 20.03 -40.76
N ILE E 50 37.04 18.90 -40.47
CA ILE E 50 35.58 18.78 -40.51
C ILE E 50 35.11 17.95 -39.32
N TYR E 51 34.05 18.40 -38.67
CA TYR E 51 33.36 17.63 -37.66
C TYR E 51 31.88 18.02 -37.71
N GLU E 52 31.00 17.03 -37.56
CA GLU E 52 29.57 17.27 -37.71
C GLU E 52 29.30 17.82 -39.12
N VAL E 53 29.47 16.92 -40.09
CA VAL E 53 29.80 17.24 -41.48
C VAL E 53 29.06 18.48 -41.98
N ASN E 54 27.84 18.71 -41.49
CA ASN E 54 27.13 19.96 -41.78
C ASN E 54 27.70 21.14 -40.99
N LYS E 55 28.85 20.96 -40.35
CA LYS E 55 29.52 22.02 -39.61
C LYS E 55 31.02 21.80 -39.71
N ARG E 56 31.77 22.64 -39.00
CA ARG E 56 33.22 22.53 -38.95
C ARG E 56 33.73 23.37 -37.80
N PRO E 57 34.96 23.13 -37.36
CA PRO E 57 35.50 23.92 -36.23
C PRO E 57 35.57 25.40 -36.58
N SER E 58 35.81 26.20 -35.56
CA SER E 58 35.95 27.64 -35.75
C SER E 58 37.27 27.95 -36.44
N GLY E 59 37.28 29.08 -37.16
CA GLY E 59 38.46 29.52 -37.87
C GLY E 59 38.84 28.69 -39.08
N VAL E 60 38.12 27.62 -39.37
CA VAL E 60 38.47 26.77 -40.50
C VAL E 60 38.12 27.50 -41.80
N PRO E 61 39.03 27.56 -42.78
CA PRO E 61 38.69 28.23 -44.05
C PRO E 61 37.44 27.64 -44.68
N ASP E 62 36.71 28.49 -45.38
CA ASP E 62 35.48 28.07 -46.07
C ASP E 62 35.77 27.30 -47.35
N ARG E 63 37.04 27.06 -47.68
CA ARG E 63 37.38 26.31 -48.89
C ARG E 63 36.98 24.84 -48.80
N PHE E 64 36.55 24.36 -47.63
CA PHE E 64 36.19 22.97 -47.44
C PHE E 64 34.72 22.88 -47.03
N SER E 65 34.10 21.75 -47.35
CA SER E 65 32.72 21.50 -47.00
C SER E 65 32.49 20.00 -46.95
N GLY E 66 31.51 19.60 -46.14
CA GLY E 66 31.24 18.19 -45.94
C GLY E 66 29.75 17.91 -46.01
N SER E 67 29.43 16.65 -46.30
CA SER E 67 28.04 16.22 -46.42
C SER E 67 28.01 14.70 -46.32
N LYS E 68 26.83 14.18 -46.01
CA LYS E 68 26.63 12.74 -45.84
C LYS E 68 25.39 12.30 -46.59
N SER E 69 25.41 11.04 -47.02
CA SER E 69 24.28 10.46 -47.75
C SER E 69 24.29 8.96 -47.49
N GLY E 70 23.29 8.48 -46.74
CA GLY E 70 23.25 7.07 -46.40
C GLY E 70 24.48 6.66 -45.63
N ASN E 71 24.97 5.45 -45.90
CA ASN E 71 26.18 4.94 -45.29
C ASN E 71 27.44 5.53 -45.90
N THR E 72 27.32 6.54 -46.76
CA THR E 72 28.47 7.15 -47.44
C THR E 72 28.52 8.64 -47.11
N ALA E 73 29.73 9.15 -46.94
CA ALA E 73 29.96 10.56 -46.67
C ALA E 73 30.72 11.17 -47.85
N SER E 74 30.80 12.51 -47.83
CA SER E 74 31.49 13.24 -48.89
C SER E 74 32.16 14.47 -48.29
N LEU E 75 33.39 14.74 -48.74
CA LEU E 75 34.15 15.92 -48.34
C LEU E 75 34.35 16.80 -49.57
N THR E 76 33.65 17.93 -49.60
CA THR E 76 33.66 18.82 -50.75
C THR E 76 34.66 19.95 -50.51
N ILE E 77 35.45 20.24 -51.54
CA ILE E 77 36.43 21.33 -51.51
C ILE E 77 36.12 22.25 -52.68
N SER E 78 35.94 23.54 -52.38
CA SER E 78 35.57 24.50 -53.40
C SER E 78 36.72 24.87 -54.32
N GLY E 79 37.96 24.71 -53.87
CA GLY E 79 39.11 25.05 -54.69
C GLY E 79 40.42 24.53 -54.12
N LEU E 80 41.23 23.91 -54.98
CA LEU E 80 42.51 23.37 -54.56
C LEU E 80 43.61 24.43 -54.63
N GLN E 81 44.72 24.14 -53.96
CA GLN E 81 45.88 25.01 -53.95
C GLN E 81 47.14 24.16 -53.99
N ALA E 82 48.24 24.79 -54.41
CA ALA E 82 49.50 24.07 -54.52
C ALA E 82 49.93 23.49 -53.17
N ASP E 83 49.49 24.08 -52.06
CA ASP E 83 49.84 23.60 -50.74
C ASP E 83 48.81 22.64 -50.16
N ASP E 84 47.77 22.30 -50.91
CA ASP E 84 46.73 21.40 -50.42
C ASP E 84 47.10 19.92 -50.58
N GLU E 85 48.28 19.62 -51.12
CA GLU E 85 48.70 18.24 -51.29
C GLU E 85 48.96 17.62 -49.94
N ALA E 86 48.08 16.74 -49.49
CA ALA E 86 48.21 16.10 -48.18
C ALA E 86 47.22 14.95 -48.11
N ASP E 87 47.34 14.16 -47.05
CA ASP E 87 46.47 13.02 -46.82
C ASP E 87 45.20 13.46 -46.08
N TYR E 88 44.14 12.68 -46.24
CA TYR E 88 42.86 12.96 -45.60
C TYR E 88 42.26 11.65 -45.13
N TYR E 89 41.74 11.66 -43.90
CA TYR E 89 41.21 10.46 -43.26
C TYR E 89 39.85 10.77 -42.66
N CYS E 90 38.84 10.01 -43.03
CA CYS E 90 37.54 10.09 -42.41
C CYS E 90 37.48 9.14 -41.21
N CYS E 91 36.84 9.59 -40.14
CA CYS E 91 36.86 8.87 -38.87
C CYS E 91 35.47 8.88 -38.25
N SER E 92 35.09 7.76 -37.66
CA SER E 92 33.80 7.61 -37.00
C SER E 92 33.98 7.41 -35.51
N TYR E 93 33.15 8.09 -34.72
CA TYR E 93 33.16 8.00 -33.27
C TYR E 93 31.74 7.84 -32.75
N ALA E 94 31.01 6.89 -33.34
CA ALA E 94 29.61 6.70 -32.97
C ALA E 94 29.46 5.92 -31.67
N LEU E 95 29.96 4.70 -31.65
CA LEU E 95 29.81 3.81 -30.48
C LEU E 95 30.99 3.91 -29.53
N SER E 96 31.31 5.13 -29.12
CA SER E 96 32.39 5.39 -28.17
C SER E 96 33.71 4.77 -28.61
N ARG E 97 33.86 4.48 -29.89
CA ARG E 97 35.04 3.80 -30.42
C ARG E 97 35.50 4.55 -31.65
N VAL E 98 36.72 5.07 -31.60
CA VAL E 98 37.29 5.84 -32.71
C VAL E 98 37.89 4.86 -33.71
N VAL E 99 37.40 4.89 -34.94
CA VAL E 99 37.88 4.03 -36.02
C VAL E 99 38.25 4.94 -37.19
N PHE E 100 39.51 5.33 -37.26
CA PHE E 100 39.96 6.19 -38.34
C PHE E 100 39.79 5.49 -39.69
N GLY E 101 39.94 6.28 -40.76
CA GLY E 101 39.82 5.76 -42.09
C GLY E 101 41.13 5.24 -42.65
N GLY E 102 41.04 4.60 -43.83
CA GLY E 102 42.22 4.04 -44.46
C GLY E 102 43.16 5.07 -45.06
N GLY E 103 42.67 6.28 -45.31
CA GLY E 103 43.49 7.33 -45.87
C GLY E 103 43.42 7.41 -47.37
N THR E 104 43.36 8.62 -47.91
CA THR E 104 43.32 8.86 -49.34
C THR E 104 44.20 10.05 -49.67
N MET E 105 44.98 9.93 -50.74
CA MET E 105 45.94 10.96 -51.12
C MET E 105 45.28 11.99 -52.03
N LEU E 106 45.77 13.22 -51.94
CA LEU E 106 45.31 14.34 -52.75
C LEU E 106 46.50 14.96 -53.46
N THR E 107 46.38 15.13 -54.78
CA THR E 107 47.45 15.71 -55.58
C THR E 107 46.84 16.54 -56.71
N VAL E 108 47.70 17.27 -57.40
CA VAL E 108 47.31 18.09 -58.53
C VAL E 108 48.16 17.72 -59.74
N LEU E 109 47.71 18.18 -60.91
CA LEU E 109 48.44 17.90 -62.15
C LEU E 109 49.84 18.49 -62.09
N GLY E 110 50.83 17.69 -62.47
CA GLY E 110 52.22 18.12 -62.44
C GLY E 110 52.86 18.18 -63.82
N GLN E 111 54.14 17.85 -63.88
CA GLN E 111 54.87 17.90 -65.14
C GLN E 111 54.45 16.74 -66.05
N PRO E 112 54.35 16.96 -67.36
CA PRO E 112 53.98 15.85 -68.26
C PRO E 112 55.01 14.74 -68.26
N LYS E 113 54.73 13.67 -69.02
CA LYS E 113 55.60 12.51 -69.05
C LYS E 113 57.01 12.91 -69.50
N ALA E 114 57.96 12.00 -69.25
CA ALA E 114 59.35 12.22 -69.63
C ALA E 114 60.07 10.88 -69.62
N ALA E 115 61.15 10.80 -70.40
CA ALA E 115 61.90 9.56 -70.50
C ALA E 115 62.77 9.36 -69.26
N PRO E 116 62.94 8.11 -68.81
CA PRO E 116 63.76 7.87 -67.63
C PRO E 116 65.25 7.83 -67.96
N SER E 117 66.06 8.24 -66.98
CA SER E 117 67.50 8.20 -67.12
C SER E 117 68.04 6.83 -66.73
N VAL E 118 69.19 6.48 -67.30
CA VAL E 118 69.82 5.19 -67.04
C VAL E 118 71.33 5.37 -67.03
N THR E 119 71.99 4.65 -66.13
CA THR E 119 73.43 4.69 -66.01
C THR E 119 73.89 3.46 -65.24
N LEU E 120 74.99 2.87 -65.67
CA LEU E 120 75.53 1.67 -65.04
C LEU E 120 77.04 1.75 -64.96
N PHE E 121 77.61 1.08 -63.98
CA PHE E 121 79.04 1.05 -63.75
C PHE E 121 79.45 -0.37 -63.39
N PRO E 122 80.71 -0.72 -63.60
CA PRO E 122 81.18 -2.05 -63.18
C PRO E 122 81.41 -2.09 -61.69
N PRO E 123 81.69 -3.28 -61.12
CA PRO E 123 81.96 -3.36 -59.69
C PRO E 123 83.12 -2.47 -59.29
N SER E 124 82.99 -1.84 -58.12
CA SER E 124 84.02 -0.94 -57.64
C SER E 124 85.31 -1.70 -57.36
N SER E 125 86.42 -0.97 -57.34
CA SER E 125 87.72 -1.56 -57.10
C SER E 125 87.95 -1.91 -55.64
N GLU E 126 87.24 -1.27 -54.72
CA GLU E 126 87.41 -1.52 -53.30
C GLU E 126 86.52 -2.64 -52.78
N GLU E 127 85.47 -3.02 -53.52
CA GLU E 127 84.59 -4.10 -53.10
C GLU E 127 85.03 -5.45 -53.65
N LEU E 128 85.62 -5.48 -54.85
CA LEU E 128 86.11 -6.72 -55.43
C LEU E 128 87.25 -7.34 -54.63
N GLN E 129 87.88 -6.58 -53.74
CA GLN E 129 88.96 -7.09 -52.91
C GLN E 129 88.48 -8.00 -51.80
N ALA E 130 87.17 -8.14 -51.62
CA ALA E 130 86.60 -9.01 -50.59
C ALA E 130 85.49 -9.87 -51.17
N ASN E 131 84.77 -10.59 -50.30
CA ASN E 131 83.68 -11.45 -50.73
C ASN E 131 82.33 -10.74 -50.74
N LYS E 132 82.33 -9.42 -50.89
CA LYS E 132 81.10 -8.63 -50.92
C LYS E 132 81.15 -7.68 -52.10
N ALA E 133 80.28 -7.91 -53.08
CA ALA E 133 80.17 -7.06 -54.26
C ALA E 133 78.71 -6.67 -54.45
N THR E 134 78.49 -5.42 -54.88
CA THR E 134 77.14 -4.89 -55.05
C THR E 134 76.98 -4.36 -56.47
N LEU E 135 75.80 -4.63 -57.05
CA LEU E 135 75.43 -4.12 -58.37
C LEU E 135 74.26 -3.17 -58.21
N VAL E 136 74.47 -1.91 -58.59
CA VAL E 136 73.47 -0.86 -58.41
C VAL E 136 73.19 -0.22 -59.76
N CYS E 137 71.92 0.12 -59.99
CA CYS E 137 71.50 0.80 -61.21
C CYS E 137 70.68 2.03 -60.83
N LEU E 138 71.02 3.16 -61.45
CA LEU E 138 70.41 4.44 -61.12
C LEU E 138 69.37 4.81 -62.17
N ILE E 139 68.16 5.14 -61.71
CA ILE E 139 67.06 5.53 -62.59
C ILE E 139 66.29 6.66 -61.90
N SER E 140 65.94 7.68 -62.67
CA SER E 140 65.20 8.82 -62.16
C SER E 140 64.71 9.64 -63.35
N ASP E 141 64.12 10.79 -63.05
CA ASP E 141 63.62 11.74 -64.04
C ASP E 141 62.36 11.22 -64.74
N PHE E 142 61.63 10.31 -64.11
CA PHE E 142 60.38 9.80 -64.65
C PHE E 142 59.22 10.24 -63.76
N TYR E 143 58.12 10.63 -64.40
CA TYR E 143 56.95 11.15 -63.68
C TYR E 143 56.12 10.02 -63.07
N PRO E 144 55.85 8.95 -63.80
CA PRO E 144 55.03 7.87 -63.23
C PRO E 144 55.67 7.29 -61.97
N GLY E 145 54.83 7.06 -60.96
CA GLY E 145 55.31 6.54 -59.69
C GLY E 145 55.28 5.02 -59.63
N ALA E 146 55.61 4.36 -60.74
CA ALA E 146 55.63 2.90 -60.79
C ALA E 146 56.64 2.46 -61.83
N VAL E 147 57.59 1.62 -61.40
CA VAL E 147 58.63 1.12 -62.29
C VAL E 147 59.28 -0.07 -61.62
N THR E 148 59.78 -1.01 -62.43
CA THR E 148 60.45 -2.20 -61.95
C THR E 148 61.76 -2.37 -62.69
N VAL E 149 62.80 -2.81 -61.97
CA VAL E 149 64.14 -2.97 -62.51
C VAL E 149 64.43 -4.45 -62.63
N ALA E 150 65.15 -4.82 -63.70
CA ALA E 150 65.54 -6.20 -63.94
C ALA E 150 67.02 -6.25 -64.29
N TRP E 151 67.63 -7.41 -64.05
CA TRP E 151 69.04 -7.63 -64.31
C TRP E 151 69.22 -8.86 -65.18
N LYS E 152 70.32 -8.88 -65.94
CA LYS E 152 70.64 -10.01 -66.80
C LYS E 152 72.12 -9.96 -67.14
N ALA E 153 72.70 -11.15 -67.32
CA ALA E 153 74.11 -11.28 -67.67
C ALA E 153 74.26 -12.37 -68.71
N ASP E 154 74.98 -12.07 -69.79
CA ASP E 154 75.19 -13.04 -70.88
C ASP E 154 73.87 -13.54 -71.42
N SER E 155 72.88 -12.65 -71.49
CA SER E 155 71.54 -12.94 -71.98
C SER E 155 70.75 -13.86 -71.06
N SER E 156 71.25 -14.11 -69.84
CA SER E 156 70.55 -14.96 -68.89
C SER E 156 69.92 -14.07 -67.82
N PRO E 157 68.59 -13.92 -67.80
CA PRO E 157 67.98 -13.06 -66.78
C PRO E 157 68.30 -13.54 -65.36
N VAL E 158 68.25 -12.61 -64.42
CA VAL E 158 68.51 -12.88 -63.01
C VAL E 158 67.31 -12.41 -62.21
N LYS E 159 66.77 -13.31 -61.38
CA LYS E 159 65.59 -13.02 -60.58
C LYS E 159 65.77 -13.51 -59.15
N ALA E 160 66.95 -13.25 -58.57
CA ALA E 160 67.25 -13.67 -57.21
C ALA E 160 68.05 -12.59 -56.50
N GLY E 161 67.68 -12.31 -55.25
CA GLY E 161 68.38 -11.33 -54.46
C GLY E 161 68.34 -9.93 -55.05
N VAL E 162 67.18 -9.49 -55.50
CA VAL E 162 67.01 -8.17 -56.10
C VAL E 162 65.91 -7.42 -55.35
N GLU E 163 66.16 -6.15 -55.07
CA GLU E 163 65.18 -5.29 -54.40
C GLU E 163 65.20 -3.92 -55.06
N THR E 164 64.03 -3.28 -55.10
CA THR E 164 63.90 -1.99 -55.74
C THR E 164 62.79 -1.19 -55.06
N THR E 165 62.97 0.12 -55.01
CA THR E 165 61.97 1.03 -54.47
C THR E 165 61.94 2.29 -55.32
N THR E 166 60.80 2.97 -55.31
CA THR E 166 60.59 4.18 -56.12
C THR E 166 59.76 5.17 -55.33
N PRO E 167 60.32 5.74 -54.27
CA PRO E 167 59.62 6.79 -53.53
C PRO E 167 59.93 8.18 -54.10
N SER E 168 59.06 9.13 -53.74
CA SER E 168 59.25 10.51 -54.17
C SER E 168 60.44 11.12 -53.44
N LYS E 169 61.39 11.66 -54.21
CA LYS E 169 62.58 12.24 -53.62
C LYS E 169 62.31 13.61 -53.03
N GLN E 170 61.64 14.47 -53.78
CA GLN E 170 61.36 15.84 -53.35
C GLN E 170 60.30 16.41 -54.29
N SER E 171 60.09 17.72 -54.22
CA SER E 171 59.11 18.43 -55.03
C SER E 171 59.50 18.51 -56.51
N ASN E 172 60.54 17.82 -56.95
CA ASN E 172 60.94 17.85 -58.36
C ASN E 172 59.80 17.48 -59.30
N ASN E 173 58.75 16.84 -58.78
CA ASN E 173 57.55 16.42 -59.51
C ASN E 173 57.79 15.15 -60.31
N LYS E 174 58.95 14.52 -60.19
CA LYS E 174 59.25 13.27 -60.88
C LYS E 174 59.87 12.29 -59.89
N TYR E 175 59.41 11.04 -59.92
CA TYR E 175 59.89 10.03 -58.99
C TYR E 175 61.27 9.53 -59.42
N ALA E 176 61.89 8.78 -58.52
CA ALA E 176 63.21 8.19 -58.76
C ALA E 176 63.26 6.80 -58.15
N ALA E 177 63.86 5.87 -58.88
CA ALA E 177 63.94 4.48 -58.48
C ALA E 177 65.38 4.10 -58.15
N SER E 178 65.54 3.21 -57.18
CA SER E 178 66.85 2.72 -56.77
C SER E 178 66.79 1.21 -56.65
N SER E 179 67.66 0.53 -57.38
CA SER E 179 67.72 -0.93 -57.39
C SER E 179 69.09 -1.40 -56.93
N TYR E 180 69.12 -2.58 -56.34
CA TYR E 180 70.35 -3.16 -55.81
C TYR E 180 70.39 -4.65 -56.14
N LEU E 181 71.61 -5.19 -56.20
CA LEU E 181 71.83 -6.60 -56.46
C LEU E 181 73.19 -6.99 -55.89
N SER E 182 73.22 -8.16 -55.26
CA SER E 182 74.44 -8.66 -54.61
C SER E 182 74.89 -9.94 -55.29
N LEU E 183 76.19 -10.19 -55.22
CA LEU E 183 76.78 -11.39 -55.80
C LEU E 183 78.23 -11.47 -55.36
N THR E 184 78.86 -12.61 -55.64
CA THR E 184 80.25 -12.83 -55.27
C THR E 184 81.17 -12.31 -56.37
N PRO E 185 82.42 -11.98 -56.03
CA PRO E 185 83.34 -11.47 -57.06
C PRO E 185 83.65 -12.50 -58.13
N GLU E 186 83.68 -13.79 -57.79
CA GLU E 186 83.94 -14.82 -58.78
C GLU E 186 82.82 -14.90 -59.81
N GLN E 187 81.60 -14.54 -59.42
CA GLN E 187 80.47 -14.59 -60.34
C GLN E 187 80.54 -13.49 -61.38
N TRP E 188 81.27 -12.41 -61.12
CA TRP E 188 81.41 -11.32 -62.09
C TRP E 188 82.48 -11.65 -63.13
N LYS E 189 83.70 -11.96 -62.67
CA LYS E 189 84.79 -12.25 -63.59
C LYS E 189 84.53 -13.49 -64.43
N SER E 190 83.62 -14.37 -64.00
CA SER E 190 83.29 -15.58 -64.72
C SER E 190 82.15 -15.40 -65.71
N HIS E 191 81.61 -14.19 -65.85
CA HIS E 191 80.52 -13.92 -66.75
C HIS E 191 80.68 -12.52 -67.34
N ARG E 192 79.90 -12.24 -68.38
CA ARG E 192 79.95 -10.94 -69.02
C ARG E 192 79.41 -9.86 -68.08
N SER E 193 79.62 -8.60 -68.47
CA SER E 193 79.19 -7.48 -67.66
C SER E 193 77.67 -7.46 -67.54
N TYR E 194 77.18 -7.28 -66.31
CA TYR E 194 75.74 -7.21 -66.08
C TYR E 194 75.17 -5.94 -66.71
N SER E 195 73.93 -6.04 -67.18
CA SER E 195 73.21 -4.94 -67.79
C SER E 195 71.97 -4.62 -66.98
N CYS E 196 71.53 -3.36 -67.05
CA CYS E 196 70.36 -2.89 -66.33
C CYS E 196 69.23 -2.61 -67.31
N GLN E 197 68.02 -3.01 -66.93
CA GLN E 197 66.84 -2.81 -67.75
C GLN E 197 65.79 -2.07 -66.94
N VAL E 198 65.05 -1.18 -67.61
CA VAL E 198 64.06 -0.34 -66.95
C VAL E 198 62.65 -0.88 -67.16
N THR E 199 62.31 -1.28 -68.38
CA THR E 199 60.98 -1.80 -68.71
C THR E 199 59.89 -0.77 -68.36
N HIS E 200 60.24 0.52 -68.39
CA HIS E 200 59.26 1.54 -68.05
C HIS E 200 58.19 1.66 -69.13
N GLU E 201 58.60 1.73 -70.41
CA GLU E 201 57.67 1.82 -71.51
C GLU E 201 57.95 0.76 -72.58
N GLY E 202 58.84 -0.19 -72.32
CA GLY E 202 59.17 -1.21 -73.28
C GLY E 202 60.64 -1.60 -73.25
N SER E 203 61.20 -1.92 -74.40
CA SER E 203 62.61 -2.29 -74.48
C SER E 203 63.49 -1.10 -74.14
N THR E 204 64.69 -1.40 -73.63
CA THR E 204 65.65 -0.37 -73.25
C THR E 204 67.06 -0.90 -73.32
N GLN F 1 46.71 30.75 -24.01
CA GLN F 1 46.88 30.03 -25.30
C GLN F 1 47.21 28.57 -25.06
N MET F 2 46.38 27.67 -25.58
CA MET F 2 46.60 26.24 -25.41
C MET F 2 47.77 25.79 -26.27
N GLN F 3 48.54 24.85 -25.73
CA GLN F 3 49.70 24.32 -26.43
C GLN F 3 50.08 22.97 -25.84
N LEU F 4 50.67 22.11 -26.66
CA LEU F 4 51.08 20.78 -26.25
C LEU F 4 52.54 20.57 -26.62
N VAL F 5 53.20 19.70 -25.88
CA VAL F 5 54.60 19.35 -26.14
C VAL F 5 54.81 17.91 -25.67
N GLN F 6 55.37 17.08 -26.56
CA GLN F 6 55.64 15.69 -26.28
C GLN F 6 57.14 15.45 -26.18
N SER F 7 57.51 14.24 -25.77
CA SER F 7 58.91 13.87 -25.67
C SER F 7 59.57 13.87 -27.05
N GLY F 8 60.89 13.96 -27.03
CA GLY F 8 61.66 13.94 -28.26
C GLY F 8 61.75 12.55 -28.85
N ALA F 9 62.55 12.45 -29.92
CA ALA F 9 62.75 11.17 -30.59
C ALA F 9 63.37 10.17 -29.62
N GLU F 10 63.23 8.89 -29.97
CA GLU F 10 63.75 7.80 -29.16
C GLU F 10 64.19 6.66 -30.07
N VAL F 11 65.35 6.09 -29.75
CA VAL F 11 65.88 4.93 -30.47
C VAL F 11 66.52 4.02 -29.44
N LYS F 12 65.92 2.85 -29.22
CA LYS F 12 66.39 1.91 -28.21
C LYS F 12 66.17 0.49 -28.72
N LYS F 13 66.49 -0.48 -27.88
CA LYS F 13 66.34 -1.88 -28.22
C LYS F 13 65.06 -2.44 -27.61
N PRO F 14 64.61 -3.61 -28.06
CA PRO F 14 63.39 -4.20 -27.50
C PRO F 14 63.55 -4.58 -26.04
N GLY F 15 62.49 -5.09 -25.43
CA GLY F 15 62.52 -5.50 -24.05
C GLY F 15 62.29 -4.36 -23.09
N GLU F 16 62.95 -3.23 -23.33
CA GLU F 16 62.77 -2.07 -22.46
C GLU F 16 61.35 -1.55 -22.55
N SER F 17 60.84 -1.07 -21.42
CA SER F 17 59.48 -0.52 -21.34
C SER F 17 59.56 1.00 -21.49
N LEU F 18 59.58 1.44 -22.75
CA LEU F 18 59.65 2.86 -23.04
C LEU F 18 58.45 3.59 -22.46
N LYS F 19 58.63 4.89 -22.21
CA LYS F 19 57.57 5.71 -21.64
C LYS F 19 57.77 7.14 -22.12
N ILE F 20 56.98 7.56 -23.10
CA ILE F 20 57.05 8.91 -23.64
C ILE F 20 55.97 9.75 -22.98
N SER F 21 56.12 11.06 -23.08
CA SER F 21 55.25 12.01 -22.40
C SER F 21 54.55 12.92 -23.40
N CYS F 22 53.51 13.59 -22.91
CA CYS F 22 52.72 14.53 -23.71
C CYS F 22 52.21 15.61 -22.75
N LYS F 23 52.97 16.70 -22.66
CA LYS F 23 52.69 17.77 -21.72
C LYS F 23 51.93 18.89 -22.43
N GLY F 24 50.97 19.48 -21.73
CA GLY F 24 50.19 20.58 -22.27
C GLY F 24 49.99 21.71 -21.28
N SER F 25 49.58 22.87 -21.77
CA SER F 25 49.37 24.03 -20.91
C SER F 25 48.32 24.93 -21.55
N GLY F 26 47.83 25.89 -20.77
CA GLY F 26 46.84 26.82 -21.24
C GLY F 26 45.40 26.35 -21.14
N TYR F 27 45.16 25.22 -20.48
CA TYR F 27 43.81 24.70 -20.33
C TYR F 27 43.73 23.89 -19.05
N THR F 28 42.49 23.59 -18.64
CA THR F 28 42.23 22.81 -17.43
C THR F 28 42.45 21.34 -17.74
N PHE F 29 43.73 20.94 -17.70
CA PHE F 29 44.11 19.58 -18.05
C PHE F 29 43.32 18.53 -17.29
N SER F 30 42.75 18.89 -16.12
CA SER F 30 42.06 17.91 -15.30
C SER F 30 40.67 17.57 -15.84
N TYR F 31 40.11 18.41 -16.70
CA TYR F 31 38.74 18.22 -17.18
C TYR F 31 38.66 18.01 -18.69
N TYR F 32 39.77 17.71 -19.35
CA TYR F 32 39.80 17.48 -20.78
C TYR F 32 40.38 16.10 -21.06
N TRP F 33 39.61 15.26 -21.75
CA TRP F 33 40.09 13.94 -22.14
C TRP F 33 41.34 14.06 -23.00
N ILE F 34 42.33 13.21 -22.72
CA ILE F 34 43.55 13.13 -23.49
C ILE F 34 43.69 11.71 -24.03
N GLY F 35 44.41 11.56 -25.13
CA GLY F 35 44.61 10.26 -25.72
C GLY F 35 45.84 10.23 -26.58
N TRP F 36 45.99 9.11 -27.31
CA TRP F 36 47.12 8.91 -28.20
C TRP F 36 46.64 8.27 -29.49
N VAL F 37 47.42 8.46 -30.55
CA VAL F 37 47.11 7.94 -31.88
C VAL F 37 48.37 7.32 -32.46
N ARG F 38 48.21 6.19 -33.15
CA ARG F 38 49.33 5.48 -33.76
C ARG F 38 49.32 5.69 -35.26
N GLN F 39 50.51 5.78 -35.85
CA GLN F 39 50.65 5.95 -37.29
C GLN F 39 52.00 5.39 -37.70
N MET F 40 52.00 4.22 -38.33
CA MET F 40 53.23 3.61 -38.80
C MET F 40 53.70 4.29 -40.09
N PRO F 41 54.97 4.13 -40.44
CA PRO F 41 55.46 4.74 -41.68
C PRO F 41 54.66 4.27 -42.88
N GLY F 42 54.15 5.24 -43.65
CA GLY F 42 53.34 4.94 -44.81
C GLY F 42 51.90 4.55 -44.50
N LYS F 43 51.56 4.32 -43.23
CA LYS F 43 50.22 3.94 -42.84
C LYS F 43 49.46 5.17 -42.32
N GLY F 44 48.18 4.97 -42.08
CA GLY F 44 47.31 6.03 -41.58
C GLY F 44 47.29 6.09 -40.06
N LEU F 45 46.30 6.79 -39.54
CA LEU F 45 46.16 6.96 -38.11
C LEU F 45 45.43 5.78 -37.49
N GLU F 46 45.74 5.52 -36.22
CA GLU F 46 45.11 4.44 -35.47
C GLU F 46 44.93 4.87 -34.03
N TRP F 47 43.71 4.72 -33.53
CA TRP F 47 43.39 5.17 -32.17
C TRP F 47 44.00 4.22 -31.14
N MET F 48 44.74 4.79 -30.20
CA MET F 48 45.40 4.01 -29.16
C MET F 48 44.55 3.94 -27.89
N GLY F 49 44.25 5.09 -27.30
CA GLY F 49 43.47 5.13 -26.08
C GLY F 49 43.36 6.54 -25.57
N ILE F 50 42.45 6.73 -24.62
CA ILE F 50 42.17 8.04 -24.04
C ILE F 50 42.25 7.94 -22.52
N ILE F 51 42.49 9.09 -21.89
CA ILE F 51 42.59 9.19 -20.45
C ILE F 51 41.88 10.46 -19.99
N TYR F 52 41.27 10.39 -18.82
CA TYR F 52 40.63 11.54 -18.20
C TYR F 52 41.49 12.00 -17.02
N PRO F 53 42.35 13.00 -17.20
CA PRO F 53 43.29 13.37 -16.12
C PRO F 53 42.62 13.70 -14.81
N GLY F 54 41.33 14.04 -14.85
CA GLY F 54 40.61 14.31 -13.61
C GLY F 54 40.70 13.15 -12.63
N ASP F 55 40.74 11.93 -13.14
CA ASP F 55 40.82 10.74 -12.29
C ASP F 55 41.56 9.66 -13.06
N SER F 56 41.43 8.41 -12.62
CA SER F 56 42.08 7.28 -13.26
C SER F 56 41.24 6.67 -14.38
N ASP F 57 40.19 7.35 -14.83
CA ASP F 57 39.36 6.84 -15.91
C ASP F 57 40.16 6.82 -17.20
N THR F 58 40.32 5.64 -17.79
CA THR F 58 41.10 5.46 -18.99
C THR F 58 40.46 4.40 -19.87
N ARG F 59 40.23 4.76 -21.13
CA ARG F 59 39.72 3.84 -22.14
C ARG F 59 40.80 3.59 -23.18
N TYR F 60 41.04 2.31 -23.47
CA TYR F 60 42.08 1.91 -24.40
C TYR F 60 41.47 1.26 -25.62
N SER F 61 42.17 1.37 -26.75
CA SER F 61 41.70 0.74 -27.97
C SER F 61 41.60 -0.78 -27.77
N PRO F 62 40.65 -1.44 -28.42
CA PRO F 62 40.52 -2.89 -28.23
C PRO F 62 41.78 -3.65 -28.60
N SER F 63 42.42 -3.29 -29.71
CA SER F 63 43.66 -3.95 -30.11
C SER F 63 44.86 -3.50 -29.29
N PHE F 64 44.74 -2.42 -28.52
CA PHE F 64 45.82 -1.93 -27.67
C PHE F 64 45.39 -1.87 -26.21
N GLN F 65 44.57 -2.83 -25.76
CA GLN F 65 44.08 -2.82 -24.39
C GLN F 65 45.24 -2.93 -23.40
N GLY F 66 46.20 -3.81 -23.66
CA GLY F 66 47.28 -4.04 -22.74
C GLY F 66 48.65 -3.91 -23.37
N GLN F 67 48.68 -3.69 -24.69
CA GLN F 67 49.95 -3.52 -25.38
C GLN F 67 50.70 -2.29 -24.88
N VAL F 68 50.03 -1.37 -24.19
CA VAL F 68 50.64 -0.16 -23.67
C VAL F 68 49.79 0.35 -22.51
N THR F 69 50.39 1.16 -21.66
CA THR F 69 49.72 1.76 -20.52
C THR F 69 49.86 3.27 -20.60
N ILE F 70 48.75 3.98 -20.46
CA ILE F 70 48.72 5.43 -20.54
C ILE F 70 48.50 5.99 -19.15
N SER F 71 49.30 6.99 -18.77
CA SER F 71 49.19 7.62 -17.47
C SER F 71 49.37 9.11 -17.63
N ALA F 72 48.83 9.86 -16.67
CA ALA F 72 48.94 11.31 -16.65
C ALA F 72 49.07 11.78 -15.20
N ASP F 73 49.82 12.87 -15.02
CA ASP F 73 50.06 13.44 -13.70
C ASP F 73 49.26 14.73 -13.61
N LYS F 74 48.14 14.67 -12.88
CA LYS F 74 47.27 15.84 -12.76
C LYS F 74 47.94 17.00 -12.03
N SER F 75 48.96 16.72 -11.21
CA SER F 75 49.62 17.79 -10.46
C SER F 75 50.49 18.66 -11.36
N ILE F 76 50.86 18.17 -12.54
CA ILE F 76 51.68 18.93 -13.47
C ILE F 76 51.09 18.97 -14.87
N SER F 77 49.95 18.32 -15.11
CA SER F 77 49.30 18.32 -16.42
C SER F 77 50.24 17.77 -17.49
N THR F 78 50.62 16.51 -17.32
CA THR F 78 51.54 15.84 -18.25
C THR F 78 51.07 14.41 -18.44
N ALA F 79 50.76 14.04 -19.68
CA ALA F 79 50.35 12.69 -20.01
C ALA F 79 51.58 11.83 -20.32
N TYR F 80 51.39 10.51 -20.21
CA TYR F 80 52.48 9.57 -20.42
C TYR F 80 51.95 8.33 -21.12
N LEU F 81 52.80 7.76 -21.98
CA LEU F 81 52.48 6.53 -22.71
C LEU F 81 53.55 5.49 -22.35
N HIS F 82 53.32 4.76 -21.26
CA HIS F 82 54.25 3.77 -20.75
C HIS F 82 54.02 2.44 -21.44
N TRP F 83 55.10 1.84 -21.95
CA TRP F 83 55.03 0.55 -22.62
C TRP F 83 55.31 -0.57 -21.64
N SER F 84 55.27 -1.81 -22.16
CA SER F 84 55.54 -3.01 -21.37
C SER F 84 55.99 -4.10 -22.33
N SER F 85 57.27 -4.48 -22.24
CA SER F 85 57.85 -5.51 -23.10
C SER F 85 57.72 -5.12 -24.58
N LEU F 86 58.39 -4.02 -24.92
CA LEU F 86 58.35 -3.51 -26.28
C LEU F 86 58.71 -4.59 -27.28
N LYS F 87 58.21 -4.43 -28.50
CA LYS F 87 58.50 -5.33 -29.61
C LYS F 87 59.03 -4.53 -30.78
N ALA F 88 59.84 -5.19 -31.62
CA ALA F 88 60.46 -4.52 -32.75
C ALA F 88 59.45 -3.93 -33.71
N SER F 89 58.22 -4.44 -33.71
CA SER F 89 57.19 -3.97 -34.63
C SER F 89 56.48 -2.72 -34.14
N ASP F 90 56.78 -2.25 -32.93
CA ASP F 90 56.10 -1.10 -32.36
C ASP F 90 56.65 0.22 -32.88
N THR F 91 57.64 0.20 -33.76
CA THR F 91 58.20 1.43 -34.29
C THR F 91 57.16 2.16 -35.13
N ALA F 92 56.85 3.40 -34.75
CA ALA F 92 55.87 4.21 -35.45
C ALA F 92 55.83 5.58 -34.79
N MET F 93 55.20 6.53 -35.49
CA MET F 93 54.97 7.85 -34.95
C MET F 93 53.71 7.84 -34.09
N TYR F 94 53.76 8.54 -32.95
CA TYR F 94 52.66 8.56 -31.99
C TYR F 94 52.30 10.00 -31.70
N TYR F 95 51.03 10.34 -31.92
CA TYR F 95 50.50 11.67 -31.64
C TYR F 95 49.51 11.59 -30.48
N CYS F 96 49.62 12.53 -29.55
CA CYS F 96 48.63 12.69 -28.50
C CYS F 96 47.68 13.82 -28.87
N ALA F 97 46.46 13.74 -28.36
CA ALA F 97 45.40 14.68 -28.74
C ALA F 97 44.50 14.92 -27.54
N ARG F 98 43.52 15.80 -27.73
CA ARG F 98 42.56 16.13 -26.69
C ARG F 98 41.31 16.67 -27.36
N GLN F 99 40.26 16.87 -26.57
CA GLN F 99 39.03 17.46 -27.04
C GLN F 99 39.01 18.95 -26.76
N GLY F 100 38.58 19.73 -27.74
CA GLY F 100 38.48 21.16 -27.60
C GLY F 100 37.20 21.58 -26.92
N ASP F 101 36.93 22.89 -26.98
CA ASP F 101 35.72 23.44 -26.39
C ASP F 101 34.48 23.15 -27.22
N LEU F 102 34.61 22.39 -28.31
CA LEU F 102 33.47 22.07 -29.17
C LEU F 102 33.59 20.61 -29.61
N GLY F 103 32.46 20.07 -30.07
CA GLY F 103 32.42 18.70 -30.53
C GLY F 103 32.19 17.70 -29.42
N ASP F 104 32.08 16.44 -29.82
CA ASP F 104 31.87 15.37 -28.88
C ASP F 104 33.08 15.24 -27.95
N TRP F 105 32.93 14.37 -26.94
CA TRP F 105 33.98 14.21 -25.93
C TRP F 105 35.20 13.47 -26.46
N ILE F 106 35.12 12.84 -27.64
CA ILE F 106 36.25 12.13 -28.21
C ILE F 106 36.50 12.59 -29.63
N LEU F 107 36.15 13.84 -29.93
CA LEU F 107 36.36 14.35 -31.28
C LEU F 107 37.85 14.46 -31.62
N LEU F 108 38.70 14.64 -30.62
CA LEU F 108 40.13 14.79 -30.82
C LEU F 108 40.42 16.01 -31.72
N GLY F 109 39.96 17.17 -31.25
CA GLY F 109 40.10 18.38 -32.04
C GLY F 109 41.51 18.90 -32.12
N TYR F 110 42.25 18.89 -31.01
CA TYR F 110 43.61 19.37 -30.97
C TYR F 110 44.57 18.19 -30.90
N TRP F 111 45.74 18.36 -31.50
CA TRP F 111 46.73 17.29 -31.61
C TRP F 111 48.08 17.80 -31.11
N GLY F 112 48.95 16.87 -30.76
CA GLY F 112 50.30 17.17 -30.34
C GLY F 112 51.26 17.21 -31.51
N GLN F 113 52.55 17.34 -31.18
CA GLN F 113 53.56 17.44 -32.21
C GLN F 113 53.96 16.07 -32.76
N GLY F 114 53.93 15.04 -31.93
CA GLY F 114 54.30 13.71 -32.34
C GLY F 114 55.61 13.26 -31.72
N THR F 115 55.80 11.95 -31.65
CA THR F 115 57.00 11.35 -31.07
C THR F 115 57.38 10.14 -31.91
N LEU F 116 58.53 10.22 -32.57
CA LEU F 116 59.02 9.10 -33.36
C LEU F 116 59.62 8.04 -32.45
N VAL F 117 59.35 6.77 -32.77
CA VAL F 117 59.79 5.64 -31.96
C VAL F 117 60.36 4.58 -32.89
N THR F 118 61.59 4.14 -32.59
CA THR F 118 62.21 3.01 -33.28
C THR F 118 62.81 2.11 -32.21
N VAL F 119 62.32 0.87 -32.14
CA VAL F 119 62.70 -0.04 -31.07
C VAL F 119 63.25 -1.33 -31.66
N SER F 120 63.83 -1.24 -32.86
CA SER F 120 64.42 -2.42 -33.48
C SER F 120 65.56 -2.96 -32.61
N SER F 121 65.94 -4.20 -32.89
CA SER F 121 67.03 -4.87 -32.18
C SER F 121 68.37 -4.71 -32.88
N ALA F 122 68.55 -3.61 -33.63
CA ALA F 122 69.77 -3.36 -34.38
C ALA F 122 70.48 -2.15 -33.81
N SER F 123 71.75 -2.32 -33.47
CA SER F 123 72.56 -1.23 -32.95
C SER F 123 72.84 -0.22 -34.07
N THR F 124 73.57 0.84 -33.72
CA THR F 124 73.89 1.92 -34.65
C THR F 124 75.10 1.50 -35.49
N LYS F 125 74.83 0.70 -36.52
CA LYS F 125 75.88 0.28 -37.43
C LYS F 125 76.34 1.45 -38.30
N GLY F 126 77.62 1.47 -38.61
CA GLY F 126 78.19 2.52 -39.44
C GLY F 126 78.16 2.16 -40.91
N PRO F 127 78.06 3.17 -41.77
CA PRO F 127 77.98 2.91 -43.21
C PRO F 127 79.33 2.54 -43.81
N SER F 128 79.27 1.78 -44.90
CA SER F 128 80.45 1.38 -45.65
C SER F 128 80.35 1.98 -47.06
N VAL F 129 81.42 2.65 -47.48
CA VAL F 129 81.43 3.40 -48.73
C VAL F 129 82.30 2.66 -49.74
N PHE F 130 81.80 2.56 -50.98
CA PHE F 130 82.54 1.99 -52.09
C PHE F 130 82.49 2.98 -53.25
N PRO F 131 83.61 3.27 -53.90
CA PRO F 131 83.60 4.26 -54.99
C PRO F 131 82.99 3.69 -56.27
N LEU F 132 81.94 4.33 -56.75
CA LEU F 132 81.32 3.96 -58.02
C LEU F 132 82.05 4.69 -59.16
N ALA F 133 83.30 4.29 -59.34
CA ALA F 133 84.14 4.91 -60.35
C ALA F 133 83.56 4.68 -61.74
N PRO F 134 83.84 5.58 -62.69
CA PRO F 134 83.31 5.40 -64.04
C PRO F 134 84.07 4.32 -64.81
N SER F 135 83.42 3.80 -65.84
CA SER F 135 84.01 2.78 -66.68
C SER F 135 85.05 3.41 -67.59
N SER F 136 86.31 2.98 -67.43
CA SER F 136 87.39 3.53 -68.24
C SER F 136 87.31 3.08 -69.70
N LYS F 137 86.50 2.06 -70.00
CA LYS F 137 86.34 1.56 -71.35
C LYS F 137 85.25 2.28 -72.14
N SER F 138 84.41 3.07 -71.47
CA SER F 138 83.31 3.80 -72.10
C SER F 138 83.30 5.24 -71.61
N THR F 139 84.47 5.87 -71.60
CA THR F 139 84.59 7.25 -71.14
C THR F 139 83.98 8.26 -72.10
N SER F 140 83.40 7.82 -73.22
CA SER F 140 82.77 8.75 -74.15
C SER F 140 81.63 9.50 -73.47
N GLY F 141 81.30 10.66 -74.04
CA GLY F 141 80.24 11.47 -73.47
C GLY F 141 80.63 12.04 -72.12
N THR F 142 79.64 12.14 -71.24
CA THR F 142 79.84 12.67 -69.89
C THR F 142 80.12 11.52 -68.93
N ALA F 143 81.16 11.68 -68.11
CA ALA F 143 81.53 10.68 -67.13
C ALA F 143 80.79 10.95 -65.82
N ALA F 144 80.24 9.88 -65.23
CA ALA F 144 79.48 9.98 -63.98
C ALA F 144 80.28 9.32 -62.86
N LEU F 145 80.48 10.07 -61.78
CA LEU F 145 81.19 9.59 -60.60
C LEU F 145 80.25 9.54 -59.41
N GLY F 146 80.50 8.60 -58.50
CA GLY F 146 79.66 8.46 -57.32
C GLY F 146 80.27 7.47 -56.35
N CYS F 147 79.58 7.31 -55.23
CA CYS F 147 79.99 6.38 -54.18
C CYS F 147 78.79 5.59 -53.70
N LEU F 148 79.02 4.33 -53.34
CA LEU F 148 77.97 3.43 -52.88
C LEU F 148 78.08 3.27 -51.37
N VAL F 149 77.06 3.74 -50.66
CA VAL F 149 76.98 3.61 -49.20
C VAL F 149 76.09 2.43 -48.88
N LYS F 150 76.51 1.61 -47.91
CA LYS F 150 75.81 0.36 -47.63
C LYS F 150 76.08 -0.06 -46.19
N ASP F 151 75.22 -0.94 -45.68
CA ASP F 151 75.38 -1.54 -44.36
C ASP F 151 75.35 -0.49 -43.25
N TYR F 152 74.21 0.19 -43.15
CA TYR F 152 73.95 1.11 -42.05
C TYR F 152 72.48 1.01 -41.66
N PHE F 153 72.23 0.73 -40.38
CA PHE F 153 70.87 0.60 -39.88
C PHE F 153 70.22 1.96 -39.64
N PRO F 154 70.85 2.87 -38.91
CA PRO F 154 70.16 4.12 -38.56
C PRO F 154 69.90 4.99 -39.77
N GLU F 155 68.95 5.91 -39.60
CA GLU F 155 68.54 6.85 -40.64
C GLU F 155 69.52 8.00 -40.83
N PRO F 156 70.10 8.55 -39.76
CA PRO F 156 70.95 9.75 -39.92
C PRO F 156 72.07 9.60 -40.94
N VAL F 157 72.34 8.40 -41.44
CA VAL F 157 73.34 8.20 -42.49
C VAL F 157 73.05 9.14 -43.66
N THR F 158 74.02 9.97 -43.99
CA THR F 158 73.89 10.94 -45.09
C THR F 158 75.21 11.00 -45.84
N VAL F 159 75.17 11.63 -47.02
CA VAL F 159 76.32 11.74 -47.90
C VAL F 159 76.45 13.18 -48.38
N SER F 160 77.70 13.60 -48.62
CA SER F 160 77.99 14.92 -49.14
C SER F 160 79.21 14.82 -50.05
N TRP F 161 79.51 15.91 -50.74
CA TRP F 161 80.60 15.97 -51.70
C TRP F 161 81.53 17.13 -51.35
N ASN F 162 82.83 16.86 -51.35
CA ASN F 162 83.86 17.87 -51.11
C ASN F 162 83.62 18.59 -49.78
N SER F 163 83.10 17.85 -48.80
CA SER F 163 82.83 18.34 -47.45
C SER F 163 81.84 19.50 -47.43
N GLY F 164 81.11 19.72 -48.52
CA GLY F 164 80.12 20.79 -48.56
C GLY F 164 80.06 21.49 -49.90
N ALA F 165 81.11 21.38 -50.70
CA ALA F 165 81.16 22.02 -52.00
C ALA F 165 80.47 21.15 -53.04
N LEU F 166 80.42 21.63 -54.28
CA LEU F 166 79.79 20.93 -55.39
C LEU F 166 78.32 20.62 -55.06
N THR F 167 77.55 21.69 -54.89
CA THR F 167 76.12 21.53 -54.60
C THR F 167 75.33 21.17 -55.85
N SER F 168 75.72 21.71 -57.00
CA SER F 168 75.03 21.43 -58.25
C SER F 168 75.61 20.19 -58.91
N GLY F 169 74.78 19.53 -59.73
CA GLY F 169 75.17 18.32 -60.42
C GLY F 169 75.10 17.05 -59.60
N VAL F 170 74.86 17.14 -58.31
CA VAL F 170 74.77 15.97 -57.44
C VAL F 170 73.34 15.48 -57.42
N HIS F 171 73.17 14.17 -57.35
CA HIS F 171 71.85 13.53 -57.31
C HIS F 171 71.89 12.39 -56.31
N THR F 172 71.17 12.54 -55.21
CA THR F 172 71.09 11.52 -54.17
C THR F 172 69.77 10.77 -54.32
N PHE F 173 69.86 9.46 -54.48
CA PHE F 173 68.70 8.61 -54.67
C PHE F 173 68.20 8.06 -53.35
N PRO F 174 66.92 7.70 -53.25
CA PRO F 174 66.39 7.15 -52.00
C PRO F 174 67.13 5.87 -51.61
N ALA F 175 67.02 5.54 -50.32
CA ALA F 175 67.62 4.34 -49.79
C ALA F 175 66.69 3.15 -49.98
N VAL F 176 67.22 1.95 -49.74
CA VAL F 176 66.48 0.71 -49.88
C VAL F 176 66.73 -0.16 -48.65
N LEU F 177 65.70 -0.91 -48.27
CA LEU F 177 65.80 -1.81 -47.12
C LEU F 177 66.39 -3.14 -47.56
N GLN F 178 67.36 -3.64 -46.81
CA GLN F 178 68.02 -4.89 -47.10
C GLN F 178 67.38 -6.03 -46.32
N SER F 179 67.66 -7.26 -46.76
CA SER F 179 67.12 -8.43 -46.08
C SER F 179 67.66 -8.56 -44.66
N SER F 180 68.88 -8.08 -44.41
CA SER F 180 69.48 -8.15 -43.09
C SER F 180 69.05 -7.02 -42.18
N GLY F 181 68.16 -6.13 -42.63
CA GLY F 181 67.67 -5.04 -41.84
C GLY F 181 68.41 -3.73 -42.04
N LEU F 182 69.56 -3.75 -42.71
CA LEU F 182 70.33 -2.55 -42.95
C LEU F 182 69.80 -1.82 -44.19
N TYR F 183 70.38 -0.65 -44.46
CA TYR F 183 69.96 0.20 -45.56
C TYR F 183 71.15 0.53 -46.44
N SER F 184 70.87 1.04 -47.63
CA SER F 184 71.91 1.41 -48.59
C SER F 184 71.36 2.44 -49.54
N LEU F 185 72.22 3.41 -49.92
CA LEU F 185 71.86 4.44 -50.87
C LEU F 185 73.04 4.71 -51.78
N SER F 186 72.76 5.32 -52.92
CA SER F 186 73.78 5.60 -53.93
C SER F 186 73.62 7.02 -54.43
N SER F 187 74.75 7.73 -54.52
CA SER F 187 74.79 9.09 -55.06
C SER F 187 75.85 9.16 -56.14
N VAL F 188 75.61 10.04 -57.12
CA VAL F 188 76.51 10.21 -58.26
C VAL F 188 76.57 11.69 -58.63
N VAL F 189 77.50 12.01 -59.52
CA VAL F 189 77.65 13.37 -60.05
C VAL F 189 78.18 13.26 -61.47
N THR F 190 77.52 13.92 -62.41
CA THR F 190 77.85 13.85 -63.82
C THR F 190 78.70 15.07 -64.19
N VAL F 191 79.88 14.83 -64.75
CA VAL F 191 80.78 15.90 -65.17
C VAL F 191 81.38 15.53 -66.52
N PRO F 192 81.91 16.52 -67.24
CA PRO F 192 82.54 16.22 -68.53
C PRO F 192 83.65 15.20 -68.40
N SER F 193 83.78 14.35 -69.42
CA SER F 193 84.83 13.33 -69.40
C SER F 193 86.22 13.94 -69.43
N SER F 194 86.37 15.09 -70.09
CA SER F 194 87.67 15.75 -70.15
C SER F 194 88.04 16.42 -68.83
N SER F 195 87.09 16.60 -67.91
CA SER F 195 87.33 17.24 -66.63
C SER F 195 87.42 16.25 -65.49
N LEU F 196 87.77 14.99 -65.77
CA LEU F 196 87.91 13.99 -64.71
C LEU F 196 88.97 14.44 -63.72
N GLY F 197 88.70 14.22 -62.44
CA GLY F 197 89.61 14.65 -61.39
C GLY F 197 89.93 16.13 -61.45
N THR F 198 88.91 16.98 -61.41
CA THR F 198 89.11 18.42 -61.54
C THR F 198 89.96 18.94 -60.39
N GLN F 199 89.41 18.94 -59.18
CA GLN F 199 90.17 19.31 -57.99
C GLN F 199 90.37 18.12 -57.06
N THR F 200 89.29 17.47 -56.62
CA THR F 200 89.42 16.24 -55.84
C THR F 200 88.42 15.15 -56.22
N TYR F 201 87.20 15.48 -56.63
CA TYR F 201 86.13 14.50 -56.83
C TYR F 201 86.15 13.44 -55.73
N ILE F 202 85.91 13.90 -54.50
CA ILE F 202 85.93 13.06 -53.32
C ILE F 202 84.53 13.02 -52.71
N CYS F 203 84.17 11.86 -52.16
CA CYS F 203 82.91 11.70 -51.46
C CYS F 203 83.09 11.99 -49.98
N ASN F 204 81.97 12.24 -49.31
CA ASN F 204 81.98 12.53 -47.87
C ASN F 204 80.72 11.93 -47.25
N VAL F 205 80.90 10.98 -46.35
CA VAL F 205 79.81 10.32 -45.65
C VAL F 205 79.99 10.53 -44.15
N ASN F 206 78.91 10.92 -43.48
CA ASN F 206 78.94 11.21 -42.06
C ASN F 206 77.88 10.37 -41.35
N HIS F 207 78.15 10.06 -40.08
CA HIS F 207 77.23 9.27 -39.28
C HIS F 207 77.49 9.56 -37.81
N LYS F 208 76.58 10.28 -37.17
CA LYS F 208 76.74 10.68 -35.77
C LYS F 208 76.42 9.52 -34.83
N PRO F 209 75.33 8.77 -35.06
CA PRO F 209 75.07 7.61 -34.20
C PRO F 209 76.29 6.72 -34.01
N SER F 210 76.91 6.27 -35.09
CA SER F 210 78.15 5.51 -35.00
C SER F 210 79.37 6.40 -34.88
N ASN F 211 79.24 7.69 -35.15
CA ASN F 211 80.36 8.63 -35.06
C ASN F 211 81.48 8.24 -36.02
N THR F 212 81.10 7.87 -37.24
CA THR F 212 82.04 7.42 -38.26
C THR F 212 82.09 8.46 -39.38
N LYS F 213 83.24 9.08 -39.56
CA LYS F 213 83.48 10.03 -40.63
C LYS F 213 84.23 9.32 -41.75
N VAL F 214 83.57 9.10 -42.88
CA VAL F 214 84.13 8.36 -44.00
C VAL F 214 84.28 9.34 -45.17
N ASP F 215 85.52 9.76 -45.43
CA ASP F 215 85.84 10.61 -46.56
C ASP F 215 86.65 9.78 -47.55
N LYS F 216 85.99 9.30 -48.60
CA LYS F 216 86.60 8.40 -49.57
C LYS F 216 86.48 9.00 -50.96
N LYS F 217 87.53 8.83 -51.76
CA LYS F 217 87.55 9.36 -53.12
C LYS F 217 86.89 8.36 -54.08
N VAL F 218 86.85 8.74 -55.35
CA VAL F 218 86.27 7.89 -56.39
C VAL F 218 86.87 8.26 -57.74
N SER G 2 46.28 -7.73 24.29
CA SER G 2 47.48 -7.72 25.17
C SER G 2 48.71 -7.21 24.42
N ALA G 3 49.63 -6.60 25.15
CA ALA G 3 50.85 -6.08 24.55
C ALA G 3 51.81 -7.22 24.20
N LEU G 4 52.72 -6.94 23.28
CA LEU G 4 53.70 -7.93 22.86
C LEU G 4 54.77 -8.10 23.93
N THR G 5 55.43 -9.26 23.88
CA THR G 5 56.50 -9.59 24.81
C THR G 5 57.62 -10.29 24.04
N GLN G 6 58.86 -10.00 24.43
CA GLN G 6 60.04 -10.58 23.81
C GLN G 6 61.07 -10.89 24.89
N PRO G 7 61.97 -11.85 24.63
CA PRO G 7 63.00 -12.17 25.62
C PRO G 7 63.89 -10.96 25.88
N PRO G 8 64.60 -10.93 27.02
CA PRO G 8 65.52 -9.80 27.26
C PRO G 8 66.57 -9.65 26.19
N SER G 9 67.26 -10.73 25.84
CA SER G 9 68.31 -10.70 24.83
C SER G 9 68.65 -12.12 24.43
N ALA G 10 69.36 -12.23 23.31
CA ALA G 10 69.80 -13.52 22.78
C ALA G 10 71.30 -13.47 22.52
N SER G 11 71.93 -14.65 22.59
CA SER G 11 73.37 -14.75 22.41
C SER G 11 73.69 -16.03 21.65
N GLY G 12 74.88 -16.05 21.05
CA GLY G 12 75.31 -17.21 20.29
C GLY G 12 76.68 -16.94 19.69
N SER G 13 77.34 -18.05 19.32
CA SER G 13 78.66 -17.97 18.72
C SER G 13 78.56 -17.84 17.21
N PRO G 14 79.60 -17.31 16.57
CA PRO G 14 79.55 -17.18 15.10
C PRO G 14 79.35 -18.53 14.42
N GLY G 15 78.59 -18.52 13.33
CA GLY G 15 78.34 -19.71 12.55
C GLY G 15 77.14 -20.52 13.01
N GLN G 16 76.81 -20.45 14.30
CA GLN G 16 75.68 -21.21 14.83
C GLN G 16 74.38 -20.41 14.67
N SER G 17 73.28 -21.15 14.61
CA SER G 17 71.97 -20.53 14.42
C SER G 17 71.38 -20.07 15.75
N VAL G 18 70.53 -19.05 15.68
CA VAL G 18 69.84 -18.51 16.83
C VAL G 18 68.43 -18.13 16.43
N THR G 19 67.56 -17.97 17.43
CA THR G 19 66.16 -17.67 17.20
C THR G 19 65.69 -16.64 18.22
N ILE G 20 64.84 -15.72 17.76
CA ILE G 20 64.23 -14.71 18.61
C ILE G 20 62.72 -14.82 18.47
N SER G 21 62.01 -14.79 19.60
CA SER G 21 60.57 -15.01 19.62
C SER G 21 59.85 -13.73 20.03
N CYS G 22 58.54 -13.73 19.78
CA CYS G 22 57.70 -12.58 20.11
C CYS G 22 56.25 -13.05 20.10
N THR G 23 55.54 -12.84 21.21
CA THR G 23 54.18 -13.33 21.38
C THR G 23 53.21 -12.16 21.52
N GLY G 24 51.95 -12.42 21.21
CA GLY G 24 50.90 -11.42 21.35
C GLY G 24 50.26 -11.03 20.04
N ALA G 25 50.20 -11.97 19.10
CA ALA G 25 49.60 -11.70 17.80
C ALA G 25 48.08 -11.80 17.88
N SER G 26 47.42 -11.44 16.77
CA SER G 26 45.97 -11.48 16.67
C SER G 26 45.59 -11.94 15.27
N SER G 27 44.30 -12.23 15.10
CA SER G 27 43.79 -12.74 13.83
C SER G 27 42.43 -12.11 13.54
N ASP G 28 42.07 -12.12 12.27
CA ASP G 28 40.77 -11.63 11.83
C ASP G 28 40.12 -12.64 10.88
N VAL G 29 39.01 -12.25 10.24
CA VAL G 29 38.29 -13.15 9.34
C VAL G 29 38.84 -13.02 7.93
N GLY G 30 39.98 -12.34 7.79
CA GLY G 30 40.57 -12.13 6.48
C GLY G 30 41.92 -12.80 6.31
N GLY G 31 42.69 -12.89 7.40
CA GLY G 31 44.02 -13.47 7.32
C GLY G 31 44.55 -13.78 8.70
N TYR G 32 45.73 -14.41 8.71
CA TYR G 32 46.39 -14.77 9.95
C TYR G 32 47.89 -14.51 9.92
N ASN G 33 48.40 -13.81 8.91
CA ASN G 33 49.84 -13.61 8.74
C ASN G 33 50.23 -12.14 8.87
N TYR G 34 49.33 -11.29 9.36
CA TYR G 34 49.60 -9.85 9.49
C TYR G 34 50.52 -9.63 10.69
N VAL G 35 51.80 -9.96 10.48
CA VAL G 35 52.82 -9.81 11.51
C VAL G 35 54.10 -9.31 10.82
N SER G 36 54.85 -8.48 11.53
CA SER G 36 56.06 -7.86 10.99
C SER G 36 57.15 -7.79 12.04
N TRP G 37 58.39 -7.94 11.59
CA TRP G 37 59.57 -7.80 12.43
C TRP G 37 60.40 -6.63 11.92
N TYR G 38 61.33 -6.17 12.75
CA TYR G 38 62.09 -4.96 12.45
C TYR G 38 63.53 -5.12 12.91
N GLN G 39 64.40 -4.29 12.35
CA GLN G 39 65.82 -4.26 12.70
C GLN G 39 66.27 -2.81 12.75
N GLN G 40 67.24 -2.54 13.62
CA GLN G 40 67.75 -1.18 13.77
C GLN G 40 69.17 -1.24 14.31
N HIS G 41 70.13 -0.62 13.58
CA HIS G 41 71.50 -0.57 14.05
C HIS G 41 71.75 0.73 14.82
N PRO G 42 72.72 0.75 15.73
CA PRO G 42 73.00 1.98 16.49
C PRO G 42 73.45 3.10 15.56
N GLY G 43 72.75 4.23 15.64
CA GLY G 43 73.14 5.41 14.90
C GLY G 43 72.48 5.58 13.54
N LYS G 44 71.38 4.88 13.28
CA LYS G 44 70.66 5.04 12.02
C LYS G 44 69.21 4.67 12.24
N ALA G 45 68.41 4.86 11.19
CA ALA G 45 66.98 4.59 11.27
C ALA G 45 66.72 3.09 11.30
N PRO G 46 65.56 2.67 11.82
CA PRO G 46 65.23 1.24 11.83
C PRO G 46 65.09 0.66 10.43
N LYS G 47 64.83 -0.64 10.34
CA LYS G 47 64.69 -1.32 9.06
C LYS G 47 63.72 -2.47 9.22
N LEU G 48 62.83 -2.63 8.24
CA LEU G 48 61.87 -3.72 8.27
C LEU G 48 62.56 -5.04 7.99
N MET G 49 62.02 -6.10 8.58
CA MET G 49 62.58 -7.44 8.41
C MET G 49 61.56 -8.47 7.94
N ILE G 50 60.31 -8.37 8.39
CA ILE G 50 59.30 -9.38 8.08
C ILE G 50 57.97 -8.70 7.83
N TYR G 51 57.16 -9.34 6.99
CA TYR G 51 55.78 -8.92 6.73
C TYR G 51 55.07 -10.07 6.03
N GLU G 52 53.83 -10.35 6.43
CA GLU G 52 53.05 -11.39 5.77
C GLU G 52 53.86 -12.68 5.68
N VAL G 53 54.09 -13.26 6.87
CA VAL G 53 55.18 -14.20 7.12
C VAL G 53 55.37 -15.19 5.98
N ASN G 54 54.30 -15.51 5.26
CA ASN G 54 54.46 -16.31 4.05
C ASN G 54 55.33 -15.62 3.00
N LYS G 55 55.64 -14.33 3.20
CA LYS G 55 56.56 -13.59 2.35
C LYS G 55 57.40 -12.68 3.23
N ARG G 56 58.30 -11.92 2.61
CA ARG G 56 59.10 -10.95 3.33
C ARG G 56 59.49 -9.85 2.34
N PRO G 57 59.92 -8.69 2.83
CA PRO G 57 60.22 -7.58 1.92
C PRO G 57 61.15 -7.99 0.80
N SER G 58 60.80 -7.58 -0.42
CA SER G 58 61.60 -7.94 -1.59
C SER G 58 63.04 -7.46 -1.43
N GLY G 59 63.98 -8.40 -1.42
CA GLY G 59 65.38 -8.04 -1.25
C GLY G 59 65.93 -8.20 0.15
N VAL G 60 65.08 -8.54 1.12
CA VAL G 60 65.52 -8.70 2.50
C VAL G 60 66.32 -10.00 2.67
N PRO G 61 67.45 -9.93 3.41
CA PRO G 61 68.30 -11.11 3.64
C PRO G 61 67.60 -12.43 3.93
N ASP G 62 68.09 -13.52 3.33
CA ASP G 62 67.50 -14.83 3.55
C ASP G 62 67.87 -15.42 4.90
N ARG G 63 68.94 -14.90 5.49
CA ARG G 63 69.34 -15.37 6.81
C ARG G 63 68.20 -15.15 7.76
N PHE G 64 67.66 -13.94 7.78
CA PHE G 64 66.54 -13.63 8.65
C PHE G 64 65.28 -14.36 8.19
N SER G 65 64.96 -15.46 8.86
CA SER G 65 63.79 -16.24 8.51
C SER G 65 62.73 -16.05 9.58
N GLY G 66 61.74 -15.22 9.31
CA GLY G 66 60.72 -14.94 10.29
C GLY G 66 59.37 -15.53 9.96
N SER G 67 59.01 -16.60 10.65
CA SER G 67 57.72 -17.24 10.44
C SER G 67 56.86 -17.04 11.68
N LYS G 68 55.61 -17.47 11.59
CA LYS G 68 54.63 -17.30 12.65
C LYS G 68 54.16 -18.67 13.15
N SER G 69 53.91 -18.76 14.46
CA SER G 69 53.42 -19.99 15.08
C SER G 69 52.32 -19.59 16.06
N GLY G 70 51.09 -19.56 15.57
CA GLY G 70 49.98 -19.15 16.42
C GLY G 70 50.16 -17.72 16.90
N ASN G 71 49.98 -17.53 18.20
CA ASN G 71 50.14 -16.21 18.80
C ASN G 71 51.59 -15.77 18.94
N THR G 72 52.54 -16.59 18.49
CA THR G 72 53.97 -16.29 18.62
C THR G 72 54.66 -16.49 17.29
N ALA G 73 55.65 -15.65 17.02
CA ALA G 73 56.48 -15.75 15.83
C ALA G 73 57.94 -15.93 16.24
N SER G 74 58.75 -16.41 15.30
CA SER G 74 60.15 -16.70 15.56
C SER G 74 61.00 -16.11 14.44
N LEU G 75 62.03 -15.37 14.81
CA LEU G 75 62.98 -14.79 13.86
C LEU G 75 64.29 -15.55 13.99
N THR G 76 64.58 -16.41 13.02
CA THR G 76 65.76 -17.25 13.02
C THR G 76 66.80 -16.69 12.06
N ILE G 77 68.07 -17.00 12.35
CA ILE G 77 69.20 -16.56 11.54
C ILE G 77 69.97 -17.78 11.09
N SER G 78 70.39 -17.78 9.81
CA SER G 78 71.13 -18.91 9.28
C SER G 78 72.50 -19.04 9.96
N GLY G 79 73.23 -17.94 10.07
CA GLY G 79 74.54 -17.96 10.71
C GLY G 79 74.88 -16.62 11.34
N LEU G 80 75.46 -16.66 12.54
CA LEU G 80 75.81 -15.44 13.24
C LEU G 80 77.09 -14.84 12.64
N GLN G 81 77.25 -13.53 12.85
CA GLN G 81 78.41 -12.80 12.36
C GLN G 81 78.70 -11.66 13.32
N ALA G 82 79.89 -11.07 13.16
CA ALA G 82 80.29 -9.98 14.03
C ALA G 82 79.41 -8.74 13.84
N ASP G 83 78.84 -8.57 12.64
CA ASP G 83 78.02 -7.40 12.34
C ASP G 83 76.54 -7.64 12.61
N ASP G 84 76.17 -8.80 13.16
CA ASP G 84 74.77 -9.10 13.43
C ASP G 84 74.25 -8.39 14.68
N GLU G 85 75.12 -7.72 15.44
CA GLU G 85 74.68 -7.01 16.64
C GLU G 85 73.84 -5.81 16.24
N ALA G 86 72.56 -5.85 16.59
CA ALA G 86 71.64 -4.76 16.27
C ALA G 86 70.36 -4.95 17.07
N ASP G 87 69.51 -3.94 17.03
CA ASP G 87 68.22 -3.98 17.71
C ASP G 87 67.17 -4.64 16.81
N TYR G 88 66.22 -5.31 17.44
CA TYR G 88 65.16 -6.00 16.73
C TYR G 88 63.86 -5.89 17.51
N TYR G 89 62.75 -5.87 16.79
CA TYR G 89 61.43 -5.70 17.39
C TYR G 89 60.44 -6.57 16.63
N CYS G 90 59.16 -6.43 16.99
CA CYS G 90 58.08 -7.11 16.29
C CYS G 90 56.85 -6.20 16.32
N CYS G 91 55.74 -6.70 15.78
CA CYS G 91 54.51 -5.92 15.74
C CYS G 91 53.34 -6.83 15.38
N SER G 92 52.17 -6.50 15.91
CA SER G 92 50.92 -7.18 15.60
C SER G 92 49.93 -6.13 15.12
N TYR G 93 49.45 -6.27 13.89
CA TYR G 93 48.66 -5.22 13.25
C TYR G 93 47.50 -5.80 12.45
N ALA G 94 46.93 -6.93 12.89
CA ALA G 94 45.85 -7.56 12.15
C ALA G 94 44.62 -6.66 12.08
N LEU G 95 44.01 -6.38 13.22
CA LEU G 95 42.72 -5.68 13.27
C LEU G 95 42.91 -4.16 13.14
N SER G 96 43.50 -3.77 12.01
CA SER G 96 43.60 -2.36 11.62
C SER G 96 44.20 -1.50 12.71
N ARG G 97 45.16 -2.05 13.46
CA ARG G 97 45.82 -1.28 14.52
C ARG G 97 47.11 -1.99 14.90
N VAL G 98 48.23 -1.28 14.80
CA VAL G 98 49.54 -1.85 15.09
C VAL G 98 49.78 -1.88 16.60
N VAL G 99 50.53 -2.88 17.04
CA VAL G 99 50.94 -3.01 18.44
C VAL G 99 52.37 -3.56 18.44
N PHE G 100 53.31 -2.75 18.91
CA PHE G 100 54.72 -3.11 18.92
C PHE G 100 55.16 -3.58 20.30
N GLY G 101 56.29 -4.28 20.34
CA GLY G 101 56.83 -4.80 21.58
C GLY G 101 57.93 -3.92 22.14
N GLY G 102 58.50 -4.38 23.26
CA GLY G 102 59.55 -3.63 23.92
C GLY G 102 60.91 -3.75 23.26
N GLY G 103 61.13 -4.79 22.47
CA GLY G 103 62.38 -4.98 21.78
C GLY G 103 63.31 -5.93 22.52
N THR G 104 64.29 -6.45 21.78
CA THR G 104 65.27 -7.36 22.34
C THR G 104 66.60 -7.16 21.63
N MET G 105 67.68 -7.35 22.38
CA MET G 105 69.04 -7.16 21.88
C MET G 105 69.62 -8.49 21.42
N LEU G 106 70.34 -8.46 20.30
CA LEU G 106 71.03 -9.63 19.77
C LEU G 106 72.53 -9.37 19.81
N THR G 107 73.27 -10.29 20.42
CA THR G 107 74.72 -10.17 20.55
C THR G 107 75.38 -11.47 20.11
N VAL G 108 76.70 -11.41 19.98
CA VAL G 108 77.50 -12.56 19.55
C VAL G 108 78.62 -12.78 20.55
N LEU G 109 79.08 -14.03 20.63
CA LEU G 109 80.15 -14.41 21.53
C LEU G 109 81.45 -14.64 20.75
N GLY G 110 82.48 -15.07 21.46
CA GLY G 110 83.77 -15.35 20.86
C GLY G 110 84.82 -14.29 21.04
N GLN G 111 84.49 -13.18 21.71
CA GLN G 111 85.49 -12.13 21.90
C GLN G 111 86.39 -12.46 23.08
N PRO G 112 87.67 -12.14 23.01
CA PRO G 112 88.58 -12.43 24.13
C PRO G 112 88.48 -11.39 25.22
N LYS G 113 88.77 -11.84 26.44
CA LYS G 113 88.75 -10.97 27.62
C LYS G 113 90.16 -10.53 27.96
N ALA G 114 90.26 -9.36 28.59
CA ALA G 114 91.54 -8.80 28.99
C ALA G 114 91.30 -7.70 30.02
N ALA G 115 92.38 -7.32 30.70
CA ALA G 115 92.28 -6.29 31.72
C ALA G 115 92.00 -4.93 31.07
N PRO G 116 91.12 -4.12 31.64
CA PRO G 116 90.83 -2.81 31.04
C PRO G 116 91.89 -1.78 31.40
N SER G 117 91.97 -0.75 30.56
CA SER G 117 92.87 0.36 30.79
C SER G 117 92.27 1.30 31.85
N VAL G 118 93.06 1.62 32.86
CA VAL G 118 92.62 2.46 33.97
C VAL G 118 93.47 3.72 34.00
N THR G 119 92.84 4.83 34.40
CA THR G 119 93.52 6.11 34.51
C THR G 119 92.89 6.89 35.65
N LEU G 120 93.73 7.65 36.36
CA LEU G 120 93.28 8.44 37.51
C LEU G 120 93.96 9.80 37.46
N PHE G 121 93.18 10.84 37.79
CA PHE G 121 93.68 12.21 37.82
C PHE G 121 93.29 12.87 39.13
N PRO G 122 94.16 13.68 39.72
CA PRO G 122 93.80 14.40 40.95
C PRO G 122 92.95 15.61 40.62
N PRO G 123 92.48 16.34 41.63
CA PRO G 123 91.69 17.55 41.35
C PRO G 123 92.49 18.53 40.51
N SER G 124 91.79 19.21 39.60
CA SER G 124 92.44 20.16 38.71
C SER G 124 93.11 21.28 39.51
N SER G 125 94.14 21.88 38.93
CA SER G 125 94.85 22.95 39.59
C SER G 125 94.03 24.25 39.64
N GLU G 126 93.06 24.41 38.74
CA GLU G 126 92.25 25.62 38.71
C GLU G 126 91.04 25.53 39.63
N GLU G 127 90.43 24.36 39.74
CA GLU G 127 89.26 24.21 40.61
C GLU G 127 89.64 24.35 42.08
N LEU G 128 90.84 23.92 42.46
CA LEU G 128 91.27 24.08 43.84
C LEU G 128 91.32 25.54 44.26
N GLN G 129 91.48 26.47 43.31
CA GLN G 129 91.46 27.89 43.63
C GLN G 129 90.06 28.36 44.04
N ALA G 130 89.04 27.54 43.87
CA ALA G 130 87.68 27.89 44.25
C ALA G 130 87.10 26.82 45.18
N ASN G 131 85.81 26.93 45.48
CA ASN G 131 85.13 25.99 46.37
C ASN G 131 84.59 24.77 45.63
N LYS G 132 85.21 24.41 44.50
CA LYS G 132 84.80 23.26 43.71
C LYS G 132 85.98 22.33 43.51
N ALA G 133 85.72 21.03 43.56
CA ALA G 133 86.75 20.03 43.36
C ALA G 133 86.09 18.70 43.03
N THR G 134 86.69 17.95 42.11
CA THR G 134 86.13 16.69 41.67
C THR G 134 87.25 15.81 41.13
N LEU G 135 87.15 14.51 41.41
CA LEU G 135 88.10 13.52 40.91
C LEU G 135 87.60 12.92 39.60
N VAL G 136 88.53 12.29 38.88
CA VAL G 136 88.22 11.70 37.58
C VAL G 136 88.89 10.34 37.51
N CYS G 137 88.10 9.29 37.30
CA CYS G 137 88.60 7.93 37.11
C CYS G 137 87.94 7.35 35.87
N LEU G 138 88.76 6.92 34.92
CA LEU G 138 88.27 6.48 33.61
C LEU G 138 88.66 5.03 33.38
N ILE G 139 87.77 4.30 32.71
CA ILE G 139 87.99 2.90 32.38
C ILE G 139 87.53 2.67 30.95
N SER G 140 88.17 1.70 30.28
CA SER G 140 87.83 1.37 28.90
C SER G 140 88.52 0.05 28.55
N ASP G 141 88.31 -0.39 27.31
CA ASP G 141 88.93 -1.61 26.79
C ASP G 141 88.46 -2.84 27.58
N PHE G 142 87.15 -3.03 27.61
CA PHE G 142 86.55 -4.18 28.25
C PHE G 142 85.33 -4.62 27.45
N TYR G 143 85.21 -5.94 27.27
CA TYR G 143 84.11 -6.51 26.49
C TYR G 143 82.82 -6.57 27.30
N PRO G 144 82.85 -7.02 28.56
CA PRO G 144 81.60 -7.11 29.33
C PRO G 144 80.89 -5.77 29.39
N GLY G 145 79.56 -5.83 29.37
CA GLY G 145 78.75 -4.63 29.42
C GLY G 145 78.28 -4.29 30.82
N ALA G 146 79.09 -4.62 31.84
CA ALA G 146 78.75 -4.35 33.22
C ALA G 146 80.01 -4.01 33.98
N VAL G 147 79.98 -2.88 34.70
CA VAL G 147 81.12 -2.43 35.48
C VAL G 147 80.63 -1.37 36.46
N THR G 148 81.27 -1.30 37.63
CA THR G 148 80.92 -0.34 38.65
C THR G 148 82.19 0.14 39.33
N VAL G 149 82.29 1.46 39.53
CA VAL G 149 83.47 2.07 40.13
C VAL G 149 83.20 2.33 41.60
N ALA G 150 84.21 2.09 42.43
CA ALA G 150 84.11 2.30 43.88
C ALA G 150 85.25 3.22 44.31
N TRP G 151 84.91 4.21 45.15
CA TRP G 151 85.88 5.18 45.64
C TRP G 151 86.14 4.95 47.13
N LYS G 152 87.36 5.26 47.55
CA LYS G 152 87.75 5.12 48.93
C LYS G 152 88.86 6.11 49.24
N ALA G 153 88.92 6.54 50.50
CA ALA G 153 89.92 7.48 50.97
C ALA G 153 90.52 6.98 52.28
N ASP G 154 91.83 6.79 52.30
CA ASP G 154 92.54 6.28 53.48
C ASP G 154 91.93 4.95 53.93
N SER G 155 91.63 4.08 52.97
CA SER G 155 91.05 2.76 53.20
C SER G 155 89.60 2.82 53.66
N SER G 156 88.99 4.00 53.67
CA SER G 156 87.59 4.15 54.06
C SER G 156 86.75 4.40 52.82
N PRO G 157 85.78 3.54 52.51
CA PRO G 157 84.95 3.78 51.32
C PRO G 157 84.22 5.11 51.38
N VAL G 158 83.84 5.60 50.20
CA VAL G 158 83.11 6.86 50.05
C VAL G 158 81.86 6.57 49.22
N LYS G 159 80.71 7.02 49.70
CA LYS G 159 79.44 6.78 49.04
C LYS G 159 78.60 8.06 49.02
N ALA G 160 79.23 9.19 48.67
CA ALA G 160 78.54 10.47 48.62
C ALA G 160 79.06 11.28 47.43
N GLY G 161 78.13 11.81 46.66
CA GLY G 161 78.51 12.63 45.52
C GLY G 161 79.33 11.90 44.48
N VAL G 162 78.87 10.72 44.06
CA VAL G 162 79.57 9.89 43.08
C VAL G 162 78.61 9.54 41.96
N GLU G 163 79.09 9.67 40.72
CA GLU G 163 78.33 9.32 39.53
C GLU G 163 79.20 8.51 38.59
N THR G 164 78.62 7.51 37.94
CA THR G 164 79.36 6.63 37.05
C THR G 164 78.44 6.16 35.94
N THR G 165 79.03 5.98 34.75
CA THR G 165 78.31 5.48 33.59
C THR G 165 79.20 4.48 32.85
N THR G 166 78.59 3.71 31.96
CA THR G 166 79.29 2.71 31.16
C THR G 166 78.80 2.78 29.72
N PRO G 167 79.10 3.86 29.02
CA PRO G 167 78.69 3.99 27.62
C PRO G 167 79.71 3.33 26.68
N SER G 168 79.36 3.36 25.39
CA SER G 168 80.21 2.82 24.35
C SER G 168 80.90 3.95 23.59
N LYS G 169 82.21 3.81 23.39
CA LYS G 169 82.97 4.86 22.70
C LYS G 169 82.49 5.02 21.27
N GLN G 170 82.63 3.98 20.46
CA GLN G 170 82.31 4.03 19.04
C GLN G 170 82.06 2.60 18.57
N SER G 171 82.07 2.39 17.25
CA SER G 171 81.81 1.09 16.66
C SER G 171 82.97 0.11 16.90
N ASN G 172 83.94 0.51 17.71
CA ASN G 172 85.07 -0.37 18.04
C ASN G 172 84.64 -1.70 18.64
N ASN G 173 83.39 -1.82 19.08
CA ASN G 173 82.79 -3.03 19.64
C ASN G 173 83.17 -3.22 21.11
N LYS G 174 83.91 -2.30 21.71
CA LYS G 174 84.27 -2.36 23.12
C LYS G 174 83.72 -1.14 23.83
N TYR G 175 83.17 -1.36 25.03
CA TYR G 175 82.54 -0.30 25.79
C TYR G 175 83.57 0.47 26.60
N ALA G 176 83.11 1.51 27.29
CA ALA G 176 83.96 2.32 28.15
C ALA G 176 83.17 2.73 29.39
N ALA G 177 83.87 3.31 30.36
CA ALA G 177 83.24 3.74 31.59
C ALA G 177 84.05 4.86 32.21
N SER G 178 83.35 5.78 32.87
CA SER G 178 83.97 6.91 33.54
C SER G 178 83.19 7.22 34.81
N SER G 179 83.89 7.76 35.80
CA SER G 179 83.29 8.09 37.08
C SER G 179 83.90 9.37 37.61
N TYR G 180 83.19 10.01 38.54
CA TYR G 180 83.62 11.26 39.15
C TYR G 180 83.21 11.26 40.62
N LEU G 181 83.92 12.06 41.40
CA LEU G 181 83.66 12.18 42.84
C LEU G 181 83.86 13.64 43.23
N SER G 182 82.77 14.38 43.37
CA SER G 182 82.82 15.78 43.74
C SER G 182 82.93 15.93 45.25
N LEU G 183 83.60 16.99 45.67
CA LEU G 183 83.81 17.26 47.09
C LEU G 183 84.39 18.67 47.22
N THR G 184 84.41 19.16 48.46
CA THR G 184 84.95 20.48 48.75
C THR G 184 86.47 20.43 48.87
N PRO G 185 87.14 21.56 48.65
CA PRO G 185 88.61 21.56 48.77
C PRO G 185 89.09 21.18 50.16
N GLU G 186 88.31 21.46 51.21
CA GLU G 186 88.71 21.07 52.55
C GLU G 186 88.64 19.56 52.73
N GLN G 187 87.61 18.92 52.19
CA GLN G 187 87.49 17.47 52.30
C GLN G 187 88.63 16.76 51.59
N TRP G 188 89.14 17.35 50.51
CA TRP G 188 90.25 16.75 49.78
C TRP G 188 91.50 16.65 50.66
N LYS G 189 91.85 17.75 51.33
CA LYS G 189 93.05 17.79 52.15
C LYS G 189 92.84 17.21 53.54
N SER G 190 91.60 16.91 53.94
CA SER G 190 91.33 16.35 55.25
C SER G 190 91.65 14.86 55.33
N HIS G 191 91.90 14.20 54.21
CA HIS G 191 92.21 12.78 54.18
C HIS G 191 93.36 12.54 53.22
N ARG G 192 93.89 11.32 53.26
CA ARG G 192 95.00 10.94 52.40
C ARG G 192 94.56 10.93 50.94
N SER G 193 95.51 10.67 50.04
CA SER G 193 95.22 10.66 48.62
C SER G 193 94.13 9.64 48.30
N TYR G 194 93.11 10.09 47.57
CA TYR G 194 92.02 9.21 47.19
C TYR G 194 92.50 8.13 46.22
N SER G 195 91.68 7.09 46.07
CA SER G 195 91.99 5.98 45.18
C SER G 195 90.73 5.57 44.44
N CYS G 196 90.92 4.86 43.33
CA CYS G 196 89.83 4.39 42.49
C CYS G 196 89.91 2.87 42.37
N GLN G 197 88.74 2.23 42.30
CA GLN G 197 88.64 0.78 42.15
C GLN G 197 87.65 0.47 41.03
N VAL G 198 88.01 -0.50 40.20
CA VAL G 198 87.21 -0.84 39.03
C VAL G 198 86.32 -2.05 39.30
N THR G 199 86.87 -3.10 39.91
CA THR G 199 86.12 -4.31 40.22
C THR G 199 85.51 -4.94 38.97
N HIS G 200 86.21 -4.86 37.85
CA HIS G 200 85.70 -5.45 36.61
C HIS G 200 85.61 -6.97 36.73
N GLU G 201 86.75 -7.62 37.00
CA GLU G 201 86.80 -9.07 37.18
C GLU G 201 87.56 -9.46 38.44
N GLY G 202 87.70 -8.54 39.39
CA GLY G 202 88.42 -8.82 40.62
C GLY G 202 89.18 -7.61 41.14
N SER G 203 90.37 -7.84 41.70
CA SER G 203 91.18 -6.74 42.23
C SER G 203 91.73 -5.92 41.08
N THR G 204 91.25 -4.69 40.95
CA THR G 204 91.70 -3.80 39.89
C THR G 204 91.53 -2.34 40.30
N GLN H 1 64.83 8.48 -6.26
CA GLN H 1 65.05 7.69 -5.02
C GLN H 1 64.10 8.16 -3.91
N MET H 2 63.37 7.21 -3.33
CA MET H 2 62.43 7.51 -2.27
C MET H 2 63.17 7.64 -0.94
N GLN H 3 62.83 8.68 -0.19
CA GLN H 3 63.46 8.92 1.10
C GLN H 3 62.59 9.87 1.92
N LEU H 4 62.62 9.68 3.23
CA LEU H 4 61.86 10.52 4.16
C LEU H 4 62.83 11.33 5.01
N VAL H 5 62.32 12.45 5.53
CA VAL H 5 63.12 13.37 6.33
C VAL H 5 62.23 13.97 7.42
N GLN H 6 62.85 14.39 8.51
CA GLN H 6 62.16 15.00 9.64
C GLN H 6 62.89 16.26 10.06
N SER H 7 62.27 17.01 10.96
CA SER H 7 62.85 18.25 11.44
C SER H 7 64.04 17.97 12.36
N GLY H 8 64.86 19.01 12.56
CA GLY H 8 66.01 18.90 13.42
C GLY H 8 65.63 18.86 14.89
N ALA H 9 66.65 18.70 15.73
CA ALA H 9 66.43 18.62 17.17
C ALA H 9 65.96 19.96 17.72
N GLU H 10 65.35 19.91 18.90
CA GLU H 10 64.85 21.09 19.58
C GLU H 10 65.05 20.93 21.08
N VAL H 11 65.13 22.06 21.77
CA VAL H 11 65.31 22.09 23.22
C VAL H 11 64.31 23.08 23.79
N LYS H 12 63.55 22.64 24.80
CA LYS H 12 62.54 23.48 25.42
C LYS H 12 62.41 23.06 26.89
N LYS H 13 61.75 23.92 27.67
CA LYS H 13 61.52 23.65 29.07
C LYS H 13 60.20 22.92 29.26
N PRO H 14 60.01 22.25 30.39
CA PRO H 14 58.74 21.54 30.62
C PRO H 14 57.54 22.48 30.53
N GLY H 15 56.53 22.06 29.78
CA GLY H 15 55.32 22.83 29.63
C GLY H 15 55.25 23.72 28.42
N GLU H 16 56.26 23.67 27.53
CA GLU H 16 56.28 24.49 26.33
C GLU H 16 55.78 23.69 25.14
N SER H 17 55.16 24.39 24.20
CA SER H 17 54.62 23.73 23.01
C SER H 17 55.77 23.28 22.10
N LEU H 18 55.41 22.42 21.15
CA LEU H 18 56.39 21.89 20.21
C LEU H 18 55.64 21.21 19.06
N LYS H 19 56.26 21.21 17.89
CA LYS H 19 55.67 20.59 16.71
C LYS H 19 56.76 20.26 15.72
N ILE H 20 57.03 18.98 15.50
CA ILE H 20 58.02 18.52 14.55
C ILE H 20 57.30 18.04 13.30
N SER H 21 58.07 17.92 12.21
CA SER H 21 57.52 17.59 10.90
C SER H 21 58.19 16.33 10.35
N CYS H 22 57.49 15.70 9.41
CA CYS H 22 58.00 14.53 8.69
C CYS H 22 57.60 14.67 7.24
N LYS H 23 58.59 14.62 6.34
CA LYS H 23 58.36 14.83 4.92
C LYS H 23 58.93 13.68 4.12
N GLY H 24 58.23 13.32 3.03
CA GLY H 24 58.68 12.30 2.11
C GLY H 24 58.69 12.81 0.68
N SER H 25 59.10 11.92 -0.22
CA SER H 25 59.18 12.25 -1.64
C SER H 25 59.52 10.98 -2.41
N GLY H 26 59.46 11.08 -3.73
CA GLY H 26 59.79 9.98 -4.61
C GLY H 26 58.60 9.24 -5.18
N TYR H 27 57.38 9.58 -4.78
CA TYR H 27 56.18 8.90 -5.26
C TYR H 27 55.00 9.85 -5.13
N THR H 28 53.83 9.36 -5.54
CA THR H 28 52.58 10.13 -5.45
C THR H 28 52.13 10.12 -4.00
N PHE H 29 52.73 11.01 -3.20
CA PHE H 29 52.46 11.10 -1.77
C PHE H 29 51.17 11.90 -1.56
N SER H 30 50.06 11.30 -1.96
CA SER H 30 48.75 11.88 -1.74
C SER H 30 47.70 10.87 -1.28
N TYR H 31 48.06 9.59 -1.14
CA TYR H 31 47.10 8.57 -0.72
C TYR H 31 47.70 7.58 0.27
N TYR H 32 48.81 7.93 0.92
CA TYR H 32 49.48 7.05 1.87
C TYR H 32 49.19 7.49 3.30
N TRP H 33 49.54 6.61 4.24
CA TRP H 33 49.41 6.87 5.66
C TRP H 33 50.74 7.29 6.26
N ILE H 34 50.66 7.92 7.43
CA ILE H 34 51.86 8.38 8.14
C ILE H 34 51.59 8.25 9.64
N GLY H 35 52.59 7.77 10.36
CA GLY H 35 52.49 7.65 11.81
C GLY H 35 53.80 8.01 12.47
N TRP H 36 53.72 8.28 13.77
CA TRP H 36 54.88 8.67 14.55
C TRP H 36 55.19 7.60 15.60
N VAL H 37 56.43 7.62 16.07
CA VAL H 37 56.92 6.64 17.03
C VAL H 37 57.69 7.38 18.12
N ARG H 38 57.75 6.77 19.30
CA ARG H 38 58.45 7.33 20.44
C ARG H 38 59.53 6.35 20.91
N GLN H 39 60.66 6.90 21.36
CA GLN H 39 61.76 6.08 21.86
C GLN H 39 62.48 6.88 22.94
N MET H 40 62.14 6.62 24.20
CA MET H 40 62.75 7.32 25.31
C MET H 40 64.16 6.79 25.57
N PRO H 41 64.98 7.54 26.32
CA PRO H 41 66.33 7.05 26.64
C PRO H 41 66.31 5.69 27.31
N GLY H 42 67.00 4.72 26.71
CA GLY H 42 67.02 3.37 27.21
C GLY H 42 65.82 2.52 26.83
N LYS H 43 64.79 3.12 26.26
CA LYS H 43 63.60 2.40 25.85
C LYS H 43 63.62 2.15 24.34
N GLY H 44 62.72 1.27 23.89
CA GLY H 44 62.61 0.94 22.49
C GLY H 44 61.60 1.80 21.76
N LEU H 45 61.35 1.43 20.52
CA LEU H 45 60.38 2.15 19.69
C LEU H 45 58.98 1.96 20.25
N GLU H 46 58.23 3.05 20.37
CA GLU H 46 56.87 3.03 20.88
C GLU H 46 55.98 3.84 19.93
N TRP H 47 55.19 3.14 19.12
CA TRP H 47 54.30 3.79 18.18
C TRP H 47 53.25 4.61 18.94
N MET H 48 52.79 5.69 18.29
CA MET H 48 51.86 6.63 18.91
C MET H 48 50.58 6.84 18.11
N GLY H 49 50.63 6.85 16.79
CA GLY H 49 49.43 7.07 16.00
C GLY H 49 49.74 7.01 14.52
N ILE H 50 48.67 7.03 13.74
CA ILE H 50 48.74 7.04 12.28
C ILE H 50 47.70 8.02 11.75
N ILE H 51 47.93 8.53 10.54
CA ILE H 51 47.05 9.51 9.92
C ILE H 51 46.99 9.23 8.43
N TYR H 52 46.12 9.97 7.73
CA TYR H 52 45.92 9.84 6.30
C TYR H 52 45.47 11.19 5.74
N PRO H 53 46.37 11.96 5.12
CA PRO H 53 46.00 13.33 4.71
C PRO H 53 44.87 13.40 3.69
N GLY H 54 44.49 12.28 3.07
CA GLY H 54 43.46 12.33 2.04
C GLY H 54 42.15 12.91 2.55
N ASP H 55 41.86 12.77 3.84
CA ASP H 55 40.67 13.34 4.43
C ASP H 55 40.96 13.66 5.90
N SER H 56 39.97 14.24 6.57
CA SER H 56 40.12 14.64 7.98
C SER H 56 39.92 13.42 8.87
N ASP H 57 40.96 12.57 8.90
CA ASP H 57 40.97 11.36 9.70
C ASP H 57 42.28 11.30 10.47
N THR H 58 42.19 11.23 11.80
CA THR H 58 43.37 11.16 12.66
C THR H 58 43.10 10.21 13.81
N ARG H 59 44.14 9.48 14.22
CA ARG H 59 44.03 8.52 15.31
C ARG H 59 45.35 8.49 16.07
N TYR H 60 45.27 8.07 17.33
CA TYR H 60 46.44 7.96 18.19
C TYR H 60 46.38 6.62 18.92
N SER H 61 47.33 6.43 19.83
CA SER H 61 47.36 5.23 20.66
C SER H 61 46.42 5.39 21.85
N PRO H 62 45.81 4.30 22.31
CA PRO H 62 44.90 4.42 23.47
C PRO H 62 45.54 5.06 24.69
N SER H 63 46.86 5.03 24.81
CA SER H 63 47.53 5.67 25.92
C SER H 63 47.82 7.14 25.68
N PHE H 64 47.79 7.58 24.41
CA PHE H 64 48.10 8.96 24.06
C PHE H 64 46.95 9.63 23.31
N GLN H 65 45.71 9.16 23.51
CA GLN H 65 44.57 9.77 22.84
C GLN H 65 44.43 11.24 23.21
N GLY H 66 44.48 11.55 24.51
CA GLY H 66 44.30 12.90 24.99
C GLY H 66 45.57 13.54 25.50
N GLN H 67 46.70 13.22 24.86
CA GLN H 67 47.99 13.78 25.25
C GLN H 67 48.83 14.26 24.07
N VAL H 68 48.40 14.02 22.83
CA VAL H 68 49.16 14.44 21.65
C VAL H 68 48.21 14.53 20.47
N THR H 69 48.55 15.39 19.51
CA THR H 69 47.79 15.55 18.29
C THR H 69 48.72 15.43 17.10
N ILE H 70 48.12 15.20 15.93
CA ILE H 70 48.87 15.03 14.69
C ILE H 70 48.20 15.85 13.59
N SER H 71 49.01 16.50 12.76
CA SER H 71 48.52 17.29 11.65
C SER H 71 49.43 17.07 10.45
N ALA H 72 48.84 17.11 9.27
CA ALA H 72 49.58 16.87 8.04
C ALA H 72 48.94 17.65 6.90
N ASP H 73 49.64 17.69 5.78
CA ASP H 73 49.20 18.40 4.58
C ASP H 73 48.92 17.39 3.46
N LYS H 74 48.34 17.90 2.38
CA LYS H 74 47.93 17.07 1.25
C LYS H 74 48.93 17.07 0.10
N SER H 75 49.35 18.24 -0.37
CA SER H 75 50.19 18.33 -1.55
C SER H 75 51.68 18.34 -1.24
N ILE H 76 52.13 19.11 -0.25
CA ILE H 76 53.56 19.20 0.06
C ILE H 76 54.12 17.90 0.62
N SER H 77 53.27 16.92 0.92
CA SER H 77 53.73 15.61 1.41
C SER H 77 54.51 15.76 2.71
N THR H 78 53.91 16.47 3.67
CA THR H 78 54.54 16.74 4.95
C THR H 78 53.55 16.48 6.07
N ALA H 79 53.98 15.70 7.06
CA ALA H 79 53.20 15.44 8.26
C ALA H 79 53.79 16.23 9.44
N TYR H 80 52.98 16.38 10.48
CA TYR H 80 53.39 17.11 11.66
C TYR H 80 52.87 16.42 12.91
N LEU H 81 53.63 16.52 13.99
CA LEU H 81 53.26 15.97 15.29
C LEU H 81 53.19 17.14 16.28
N HIS H 82 51.99 17.66 16.49
CA HIS H 82 51.78 18.85 17.28
C HIS H 82 51.62 18.50 18.75
N TRP H 83 52.27 19.27 19.61
CA TRP H 83 52.17 19.11 21.05
C TRP H 83 51.63 20.38 21.70
N SER H 84 51.26 20.27 22.97
CA SER H 84 50.76 21.40 23.74
C SER H 84 51.06 21.12 25.21
N SER H 85 51.83 22.02 25.84
CA SER H 85 52.23 21.87 27.24
C SER H 85 53.00 20.55 27.44
N LEU H 86 54.15 20.48 26.78
CA LEU H 86 54.99 19.29 26.86
C LEU H 86 55.24 18.89 28.30
N LYS H 87 55.16 17.59 28.56
CA LYS H 87 55.45 17.05 29.88
C LYS H 87 56.93 16.67 29.98
N ALA H 88 57.35 16.31 31.20
CA ALA H 88 58.74 15.95 31.42
C ALA H 88 59.10 14.64 30.73
N SER H 89 58.11 13.80 30.44
CA SER H 89 58.33 12.50 29.81
C SER H 89 58.31 12.56 28.29
N ASP H 90 58.19 13.76 27.70
CA ASP H 90 58.16 13.88 26.25
C ASP H 90 59.54 13.81 25.61
N THR H 91 60.61 14.02 26.36
CA THR H 91 61.96 13.92 25.83
C THR H 91 62.19 12.51 25.30
N ALA H 92 62.37 12.39 23.99
CA ALA H 92 62.55 11.09 23.35
C ALA H 92 62.83 11.32 21.87
N MET H 93 63.37 10.29 21.23
CA MET H 93 63.65 10.32 19.80
C MET H 93 62.41 9.86 19.05
N TYR H 94 61.91 10.71 18.15
CA TYR H 94 60.69 10.44 17.40
C TYR H 94 61.04 10.06 15.96
N TYR H 95 60.19 9.22 15.37
CA TYR H 95 60.42 8.69 14.03
C TYR H 95 59.12 8.71 13.24
N CYS H 96 59.22 8.47 11.93
CA CYS H 96 58.06 8.31 11.07
C CYS H 96 58.41 7.32 9.97
N ALA H 97 57.41 6.58 9.52
CA ALA H 97 57.62 5.52 8.54
C ALA H 97 56.43 5.45 7.59
N ARG H 98 56.57 4.61 6.57
CA ARG H 98 55.55 4.43 5.55
C ARG H 98 55.51 2.97 5.14
N GLN H 99 54.42 2.59 4.46
CA GLN H 99 54.29 1.24 3.95
C GLN H 99 55.20 1.05 2.73
N GLY H 100 55.80 -0.12 2.62
CA GLY H 100 56.66 -0.42 1.51
C GLY H 100 55.89 -0.62 0.21
N ASP H 101 56.66 -0.90 -0.85
CA ASP H 101 56.06 -1.13 -2.16
C ASP H 101 55.19 -2.39 -2.19
N LEU H 102 55.25 -3.23 -1.15
CA LEU H 102 54.45 -4.43 -1.08
C LEU H 102 54.07 -4.69 0.38
N GLY H 103 52.91 -5.32 0.56
CA GLY H 103 52.46 -5.70 1.88
C GLY H 103 51.27 -4.92 2.39
N ASP H 104 51.29 -4.54 3.66
CA ASP H 104 50.16 -3.93 4.32
C ASP H 104 50.28 -2.40 4.24
N TRP H 105 49.40 -1.69 4.93
CA TRP H 105 49.32 -0.24 4.84
C TRP H 105 49.96 0.48 6.02
N ILE H 106 50.15 -0.20 7.15
CA ILE H 106 50.87 0.36 8.29
C ILE H 106 52.05 -0.56 8.60
N LEU H 107 52.59 -1.19 7.56
CA LEU H 107 53.72 -2.10 7.76
C LEU H 107 54.98 -1.35 8.17
N LEU H 108 55.11 -0.08 7.79
CA LEU H 108 56.27 0.73 8.13
C LEU H 108 57.55 0.12 7.57
N GLY H 109 57.59 0.01 6.24
CA GLY H 109 58.73 -0.60 5.58
C GLY H 109 59.96 0.29 5.47
N TYR H 110 59.78 1.60 5.58
CA TYR H 110 60.89 2.55 5.52
C TYR H 110 60.75 3.55 6.66
N TRP H 111 61.89 3.94 7.23
CA TRP H 111 61.92 4.83 8.37
C TRP H 111 62.72 6.09 8.05
N GLY H 112 62.36 7.18 8.73
CA GLY H 112 63.05 8.44 8.57
C GLY H 112 64.24 8.57 9.51
N GLN H 113 64.91 9.72 9.41
CA GLN H 113 66.10 9.96 10.22
C GLN H 113 65.74 10.11 11.69
N GLY H 114 64.65 10.82 11.98
CA GLY H 114 64.21 11.01 13.35
C GLY H 114 64.50 12.42 13.85
N THR H 115 63.76 12.81 14.89
CA THR H 115 63.90 14.11 15.53
C THR H 115 64.06 13.93 17.02
N LEU H 116 65.04 14.60 17.61
CA LEU H 116 65.34 14.49 19.03
C LEU H 116 64.80 15.69 19.79
N VAL H 117 64.29 15.45 20.99
CA VAL H 117 63.78 16.50 21.87
C VAL H 117 64.25 16.24 23.28
N THR H 118 64.71 17.28 23.96
CA THR H 118 65.20 17.19 25.33
C THR H 118 64.63 18.33 26.15
N VAL H 119 64.29 18.05 27.40
CA VAL H 119 63.71 19.02 28.31
C VAL H 119 64.34 18.86 29.69
N SER H 120 64.32 19.96 30.44
CA SER H 120 64.86 19.97 31.79
C SER H 120 64.50 21.31 32.44
N SER H 121 64.55 21.33 33.78
CA SER H 121 64.24 22.54 34.51
C SER H 121 65.41 23.52 34.58
N ALA H 122 66.64 23.03 34.43
CA ALA H 122 67.79 23.91 34.49
C ALA H 122 67.89 24.76 33.23
N SER H 123 68.27 26.03 33.42
CA SER H 123 68.42 26.94 32.31
C SER H 123 69.76 26.72 31.59
N THR H 124 69.80 27.15 30.33
CA THR H 124 71.02 26.99 29.54
C THR H 124 72.16 27.80 30.16
N LYS H 125 73.33 27.17 30.23
CA LYS H 125 74.51 27.81 30.80
C LYS H 125 75.75 27.17 30.20
N GLY H 126 76.68 28.01 29.77
CA GLY H 126 77.89 27.54 29.12
C GLY H 126 78.67 26.55 29.97
N PRO H 127 79.59 25.82 29.35
CA PRO H 127 80.35 24.82 30.09
C PRO H 127 81.54 25.43 30.83
N SER H 128 82.00 24.70 31.84
CA SER H 128 83.17 25.06 32.61
C SER H 128 84.23 23.99 32.45
N VAL H 129 85.42 24.39 32.01
CA VAL H 129 86.52 23.47 31.73
C VAL H 129 87.54 23.56 32.86
N PHE H 130 88.15 22.42 33.19
CA PHE H 130 89.18 22.35 34.20
C PHE H 130 90.26 21.41 33.69
N PRO H 131 91.53 21.83 33.69
CA PRO H 131 92.58 20.96 33.16
C PRO H 131 92.98 19.87 34.15
N LEU H 132 93.39 18.73 33.60
CA LEU H 132 93.84 17.59 34.38
C LEU H 132 95.37 17.57 34.37
N ALA H 133 95.97 17.76 35.54
CA ALA H 133 97.41 17.81 35.63
C ALA H 133 98.00 16.43 35.35
N PRO H 134 99.23 16.38 34.83
CA PRO H 134 99.86 15.10 34.52
C PRO H 134 100.35 14.41 35.80
N SER H 135 100.93 13.23 35.62
CA SER H 135 101.48 12.45 36.73
C SER H 135 102.90 12.90 37.04
N SER H 136 103.02 14.18 37.40
CA SER H 136 104.34 14.73 37.71
C SER H 136 104.95 14.08 38.95
N LYS H 137 104.10 13.65 39.91
CA LYS H 137 104.62 13.01 41.11
C LYS H 137 105.13 11.61 40.84
N SER H 138 104.76 10.99 39.72
CA SER H 138 105.23 9.66 39.37
C SER H 138 105.35 9.59 37.85
N THR H 139 106.55 9.82 37.34
CA THR H 139 106.81 9.82 35.91
C THR H 139 107.14 8.44 35.36
N SER H 140 107.05 7.40 36.19
CA SER H 140 107.35 6.05 35.73
C SER H 140 106.32 5.62 34.68
N GLY H 141 106.81 4.97 33.62
CA GLY H 141 105.93 4.53 32.57
C GLY H 141 105.51 5.67 31.65
N THR H 142 104.32 5.54 31.08
CA THR H 142 103.78 6.55 30.19
C THR H 142 103.01 7.60 30.99
N ALA H 143 102.88 8.79 30.39
CA ALA H 143 102.16 9.90 30.98
C ALA H 143 100.85 10.13 30.25
N ALA H 144 99.92 10.80 30.94
CA ALA H 144 98.60 11.08 30.38
C ALA H 144 98.15 12.47 30.84
N LEU H 145 97.52 13.20 29.92
CA LEU H 145 96.99 14.52 30.21
C LEU H 145 95.54 14.58 29.72
N GLY H 146 94.81 15.59 30.20
CA GLY H 146 93.44 15.75 29.81
C GLY H 146 92.83 17.01 30.39
N CYS H 147 91.55 17.22 30.08
CA CYS H 147 90.78 18.33 30.60
C CYS H 147 89.38 17.84 30.94
N LEU H 148 88.76 18.51 31.91
CA LEU H 148 87.44 18.12 32.41
C LEU H 148 86.47 19.25 32.10
N VAL H 149 85.45 18.94 31.30
CA VAL H 149 84.36 19.87 31.00
C VAL H 149 83.19 19.54 31.91
N LYS H 150 82.58 20.56 32.51
CA LYS H 150 81.57 20.36 33.53
C LYS H 150 80.61 21.55 33.53
N ASP H 151 79.47 21.35 34.19
CA ASP H 151 78.49 22.41 34.41
C ASP H 151 77.93 22.93 33.08
N TYR H 152 77.27 22.04 32.35
CA TYR H 152 76.59 22.40 31.11
C TYR H 152 75.37 21.53 30.93
N PHE H 153 74.22 22.15 30.71
CA PHE H 153 72.98 21.43 30.45
C PHE H 153 72.94 20.93 29.01
N PRO H 154 73.15 21.80 28.01
CA PRO H 154 73.07 21.33 26.61
C PRO H 154 74.06 20.21 26.35
N GLU H 155 73.54 19.06 25.93
CA GLU H 155 74.39 17.90 25.68
C GLU H 155 75.42 18.14 24.59
N PRO H 156 75.11 18.81 23.47
CA PRO H 156 76.11 18.98 22.41
C PRO H 156 77.40 19.61 22.92
N VAL H 157 78.49 18.84 22.89
CA VAL H 157 79.80 19.33 23.30
C VAL H 157 80.85 18.55 22.52
N THR H 158 81.94 19.23 22.17
CA THR H 158 83.03 18.61 21.45
C THR H 158 84.35 19.18 21.96
N VAL H 159 85.35 18.30 22.07
CA VAL H 159 86.67 18.68 22.56
C VAL H 159 87.71 18.25 21.52
N SER H 160 88.76 19.06 21.40
CA SER H 160 89.84 18.80 20.45
C SER H 160 91.15 19.21 21.09
N TRP H 161 92.24 18.84 20.43
CA TRP H 161 93.60 19.12 20.91
C TRP H 161 94.42 19.71 19.78
N ASN H 162 95.22 20.73 20.12
CA ASN H 162 96.10 21.39 19.15
C ASN H 162 95.33 21.85 17.93
N SER H 163 94.14 22.41 18.16
CA SER H 163 93.25 22.95 17.14
C SER H 163 92.64 21.88 16.25
N GLY H 164 92.86 20.60 16.55
CA GLY H 164 92.26 19.52 15.79
C GLY H 164 93.24 18.43 15.39
N ALA H 165 94.47 18.52 15.87
CA ALA H 165 95.49 17.53 15.56
C ALA H 165 95.32 16.33 16.49
N LEU H 166 96.30 15.43 16.48
CA LEU H 166 96.27 14.21 17.29
C LEU H 166 95.04 13.37 16.96
N THR H 167 94.98 12.92 15.70
CA THR H 167 93.85 12.11 15.25
C THR H 167 93.81 10.78 16.00
N SER H 168 94.95 10.29 16.45
CA SER H 168 95.02 9.03 17.19
C SER H 168 95.56 9.29 18.59
N GLY H 169 95.35 8.32 19.48
CA GLY H 169 95.80 8.43 20.84
C GLY H 169 94.99 9.36 21.71
N VAL H 170 93.84 9.84 21.22
CA VAL H 170 92.99 10.76 21.97
C VAL H 170 91.56 10.22 21.95
N HIS H 171 90.85 10.39 23.05
CA HIS H 171 89.47 9.94 23.16
C HIS H 171 88.74 10.83 24.15
N THR H 172 87.50 11.17 23.83
CA THR H 172 86.64 11.99 24.68
C THR H 172 85.48 11.13 25.13
N PHE H 173 85.42 10.84 26.44
CA PHE H 173 84.38 9.98 26.96
C PHE H 173 83.04 10.70 26.94
N PRO H 174 81.94 9.97 26.75
CA PRO H 174 80.62 10.62 26.74
C PRO H 174 80.33 11.32 28.05
N ALA H 175 79.25 12.10 28.06
CA ALA H 175 78.87 12.88 29.22
C ALA H 175 78.15 12.00 30.25
N VAL H 176 77.99 12.54 31.44
CA VAL H 176 77.31 11.87 32.54
C VAL H 176 76.35 12.85 33.18
N LEU H 177 75.17 12.34 33.55
CA LEU H 177 74.12 13.16 34.15
C LEU H 177 74.44 13.40 35.62
N GLN H 178 74.35 14.65 36.04
CA GLN H 178 74.61 15.04 37.42
C GLN H 178 73.30 15.17 38.20
N SER H 179 73.44 15.21 39.52
CA SER H 179 72.26 15.34 40.38
C SER H 179 71.59 16.69 40.20
N SER H 180 72.34 17.73 39.87
CA SER H 180 71.80 19.08 39.69
C SER H 180 71.17 19.29 38.32
N GLY H 181 71.05 18.25 37.50
CA GLY H 181 70.45 18.36 36.19
C GLY H 181 71.42 18.71 35.08
N LEU H 182 72.69 18.95 35.39
CA LEU H 182 73.68 19.29 34.39
C LEU H 182 74.42 18.03 33.94
N TYR H 183 75.39 18.21 33.04
CA TYR H 183 76.17 17.12 32.49
C TYR H 183 77.65 17.42 32.65
N SER H 184 78.48 16.42 32.36
CA SER H 184 79.92 16.56 32.48
C SER H 184 80.60 15.44 31.73
N LEU H 185 81.66 15.78 31.00
CA LEU H 185 82.46 14.80 30.27
C LEU H 185 83.94 15.10 30.52
N SER H 186 84.79 14.23 30.00
CA SER H 186 86.23 14.38 30.18
C SER H 186 86.95 13.84 28.95
N SER H 187 88.08 14.47 28.63
CA SER H 187 88.94 14.05 27.53
C SER H 187 90.34 13.83 28.06
N VAL H 188 91.02 12.83 27.49
CA VAL H 188 92.37 12.45 27.91
C VAL H 188 93.22 12.16 26.68
N VAL H 189 94.53 12.28 26.86
CA VAL H 189 95.50 12.00 25.80
C VAL H 189 96.69 11.30 26.43
N THR H 190 97.26 10.33 25.73
CA THR H 190 98.38 9.54 26.19
C THR H 190 99.59 9.82 25.32
N VAL H 191 100.71 10.15 25.95
CA VAL H 191 101.96 10.43 25.24
C VAL H 191 103.13 9.97 26.10
N PRO H 192 104.32 9.80 25.54
CA PRO H 192 105.46 9.38 26.35
C PRO H 192 105.71 10.34 27.51
N SER H 193 106.31 9.81 28.58
CA SER H 193 106.58 10.63 29.75
C SER H 193 107.56 11.76 29.44
N SER H 194 108.50 11.53 28.53
CA SER H 194 109.49 12.53 28.16
C SER H 194 108.96 13.53 27.14
N SER H 195 107.72 13.38 26.69
CA SER H 195 107.13 14.26 25.68
C SER H 195 106.20 15.30 26.29
N LEU H 196 106.25 15.51 27.60
CA LEU H 196 105.41 16.51 28.24
C LEU H 196 105.69 17.89 27.66
N GLY H 197 104.63 18.60 27.28
CA GLY H 197 104.78 19.92 26.67
C GLY H 197 105.61 19.90 25.40
N THR H 198 105.26 19.03 24.45
CA THR H 198 106.04 18.86 23.24
C THR H 198 106.04 20.13 22.39
N GLN H 199 104.89 20.47 21.82
CA GLN H 199 104.72 21.70 21.07
C GLN H 199 103.78 22.65 21.80
N THR H 200 102.57 22.23 22.11
CA THR H 200 101.67 23.08 22.89
C THR H 200 100.97 22.33 24.02
N TYR H 201 100.47 21.12 23.76
CA TYR H 201 99.63 20.39 24.71
C TYR H 201 98.60 21.31 25.36
N ILE H 202 97.66 21.76 24.54
CA ILE H 202 96.59 22.64 24.98
C ILE H 202 95.26 22.00 24.61
N CYS H 203 94.28 22.11 25.49
CA CYS H 203 92.94 21.62 25.24
C CYS H 203 92.15 22.62 24.41
N ASN H 204 91.11 22.12 23.74
CA ASN H 204 90.25 22.96 22.92
C ASN H 204 88.83 22.44 23.01
N VAL H 205 87.92 23.26 23.52
CA VAL H 205 86.52 22.89 23.70
C VAL H 205 85.65 23.90 22.96
N ASN H 206 84.57 23.40 22.37
CA ASN H 206 83.62 24.22 21.64
C ASN H 206 82.21 23.89 22.10
N HIS H 207 81.33 24.89 22.02
CA HIS H 207 79.94 24.72 22.45
C HIS H 207 79.06 25.61 21.57
N LYS H 208 78.29 24.98 20.69
CA LYS H 208 77.39 25.71 19.79
C LYS H 208 76.15 26.20 20.52
N PRO H 209 75.54 25.41 21.41
CA PRO H 209 74.32 25.86 22.10
C PRO H 209 74.47 27.22 22.78
N SER H 210 75.71 27.59 23.13
CA SER H 210 75.98 28.87 23.76
C SER H 210 77.04 29.68 23.01
N ASN H 211 77.62 29.15 21.94
CA ASN H 211 78.63 29.86 21.15
C ASN H 211 79.81 30.28 22.02
N THR H 212 80.12 29.48 23.04
CA THR H 212 81.23 29.77 23.94
C THR H 212 82.47 29.03 23.49
N LYS H 213 83.55 29.79 23.24
CA LYS H 213 84.84 29.23 22.85
C LYS H 213 85.77 29.25 24.05
N VAL H 214 86.41 28.11 24.32
CA VAL H 214 87.29 27.97 25.47
C VAL H 214 88.59 27.32 24.99
N ASP H 215 89.70 28.03 25.14
CA ASP H 215 91.03 27.52 24.83
C ASP H 215 91.85 27.54 26.11
N LYS H 216 92.07 26.36 26.69
CA LYS H 216 92.73 26.25 27.98
C LYS H 216 93.84 25.22 27.89
N LYS H 217 94.98 25.52 28.48
CA LYS H 217 96.14 24.65 28.48
C LYS H 217 96.34 24.03 29.87
N VAL H 218 97.39 23.23 29.99
CA VAL H 218 97.71 22.56 31.25
C VAL H 218 99.20 22.68 31.53
N THR I 33 29.01 -59.81 3.32
CA THR I 33 29.31 -58.45 3.89
C THR I 33 28.05 -57.61 3.96
N GLN I 34 27.20 -57.72 2.93
CA GLN I 34 25.98 -56.96 2.84
C GLN I 34 24.77 -57.83 3.14
N SER I 35 23.71 -57.19 3.62
CA SER I 35 22.45 -57.88 3.91
C SER I 35 21.35 -56.82 3.96
N TYR I 36 20.11 -57.30 3.92
CA TYR I 36 18.94 -56.43 3.86
C TYR I 36 17.99 -56.78 4.98
N THR I 37 17.52 -55.76 5.71
CA THR I 37 16.54 -55.92 6.77
C THR I 37 15.59 -54.73 6.73
N ASN I 38 14.53 -54.80 7.52
CA ASN I 38 13.49 -53.77 7.54
C ASN I 38 13.48 -53.05 8.88
N SER I 39 13.23 -51.75 8.83
CA SER I 39 13.04 -50.92 10.02
C SER I 39 11.55 -50.68 10.17
N PHE I 40 10.91 -51.45 11.04
CA PHE I 40 9.46 -51.37 11.19
C PHE I 40 8.95 -49.97 11.47
N THR I 41 9.39 -49.36 12.57
CA THR I 41 8.92 -48.05 12.95
C THR I 41 10.06 -47.21 13.48
N ARG I 42 11.21 -47.29 12.83
CA ARG I 42 12.39 -46.56 13.30
C ARG I 42 12.69 -45.30 12.50
N GLY I 43 13.50 -44.41 13.06
CA GLY I 43 13.87 -43.19 12.36
C GLY I 43 12.99 -42.01 12.71
N VAL I 44 12.73 -41.83 14.01
CA VAL I 44 11.89 -40.71 14.46
C VAL I 44 12.65 -39.79 15.41
N TYR I 45 12.54 -38.47 15.21
CA TYR I 45 13.23 -37.50 16.02
C TYR I 45 12.40 -36.23 16.13
N TYR I 46 12.59 -35.51 17.23
CA TYR I 46 11.83 -34.29 17.48
C TYR I 46 12.14 -33.26 16.40
N PRO I 47 11.13 -32.73 15.70
CA PRO I 47 11.44 -31.76 14.63
C PRO I 47 12.13 -30.50 15.14
N ASP I 48 11.54 -29.82 16.11
CA ASP I 48 12.07 -28.58 16.63
C ASP I 48 12.21 -28.66 18.14
N LYS I 49 13.01 -27.74 18.69
CA LYS I 49 13.27 -27.70 20.13
C LYS I 49 12.09 -27.06 20.87
N VAL I 50 10.97 -27.79 20.90
CA VAL I 50 9.74 -27.33 21.53
C VAL I 50 9.16 -28.47 22.36
N PHE I 51 8.51 -28.10 23.44
CA PHE I 51 7.88 -29.05 24.36
C PHE I 51 6.38 -29.07 24.14
N ARG I 52 5.81 -30.27 24.09
CA ARG I 52 4.38 -30.43 23.88
C ARG I 52 3.91 -31.66 24.63
N SER I 53 2.67 -31.61 25.11
CA SER I 53 2.12 -32.71 25.90
C SER I 53 0.63 -32.85 25.57
N SER I 54 0.20 -34.09 25.36
CA SER I 54 -1.21 -34.40 25.11
C SER I 54 -1.71 -33.69 23.85
N VAL I 55 -0.99 -33.92 22.75
CA VAL I 55 -1.35 -33.33 21.46
C VAL I 55 -0.91 -34.28 20.35
N LEU I 56 -1.64 -34.24 19.24
CA LEU I 56 -1.28 -34.96 18.03
C LEU I 56 -0.82 -33.91 17.02
N HIS I 57 0.46 -33.58 17.09
CA HIS I 57 1.06 -32.57 16.22
C HIS I 57 1.59 -33.23 14.95
N SER I 58 1.45 -32.51 13.84
CA SER I 58 1.92 -32.97 12.54
C SER I 58 3.18 -32.22 12.13
N THR I 59 4.08 -32.93 11.46
CA THR I 59 5.34 -32.36 11.00
C THR I 59 5.65 -32.85 9.60
N HIS I 60 6.69 -32.28 9.01
CA HIS I 60 7.14 -32.67 7.67
C HIS I 60 8.63 -32.41 7.60
N ASP I 61 9.43 -33.48 7.68
CA ASP I 61 10.87 -33.37 7.68
C ASP I 61 11.45 -34.69 7.20
N LEU I 62 12.76 -34.69 6.93
CA LEU I 62 13.44 -35.88 6.46
C LEU I 62 13.44 -36.94 7.55
N PHE I 63 12.77 -38.05 7.29
CA PHE I 63 12.73 -39.19 8.20
C PHE I 63 13.06 -40.46 7.42
N LEU I 64 13.37 -41.51 8.18
CA LEU I 64 13.49 -42.84 7.60
C LEU I 64 12.10 -43.45 7.47
N PRO I 65 11.59 -43.68 6.25
CA PRO I 65 10.24 -44.22 6.11
C PRO I 65 10.06 -45.49 6.92
N PHE I 66 8.81 -45.76 7.28
CA PHE I 66 8.50 -46.92 8.10
C PHE I 66 8.33 -48.17 7.24
N PHE I 67 8.71 -49.31 7.82
CA PHE I 67 8.61 -50.60 7.14
C PHE I 67 9.40 -50.60 5.83
N SER I 68 10.50 -49.87 5.80
CA SER I 68 11.38 -49.82 4.65
C SER I 68 12.60 -50.70 4.88
N ASN I 69 13.21 -51.16 3.79
CA ASN I 69 14.38 -52.02 3.88
C ASN I 69 15.63 -51.19 4.13
N VAL I 70 16.45 -51.66 5.07
CA VAL I 70 17.74 -51.04 5.38
C VAL I 70 18.83 -52.07 5.14
N THR I 71 19.99 -51.60 4.72
CA THR I 71 21.12 -52.46 4.40
C THR I 71 21.91 -52.78 5.67
N TRP I 72 22.01 -54.07 5.99
CA TRP I 72 22.76 -54.53 7.15
C TRP I 72 24.15 -54.96 6.67
N PHE I 73 25.17 -54.25 7.14
CA PHE I 73 26.55 -54.51 6.75
C PHE I 73 27.23 -55.34 7.82
N HIS I 74 27.95 -56.39 7.39
CA HIS I 74 28.63 -57.31 8.29
C HIS I 74 30.14 -57.16 8.24
N ALA I 75 30.64 -56.06 7.66
CA ALA I 75 32.07 -55.83 7.57
C ALA I 75 32.68 -55.65 8.96
N LYS I 85 33.59 -60.68 9.15
CA LYS I 85 34.05 -59.33 8.85
C LYS I 85 34.89 -59.31 7.57
N ARG I 86 34.90 -58.18 6.89
CA ARG I 86 35.71 -58.01 5.69
C ARG I 86 35.82 -56.54 5.32
N PHE I 87 37.04 -56.06 5.11
CA PHE I 87 37.26 -54.68 4.70
C PHE I 87 37.04 -54.57 3.20
N ASP I 88 37.40 -53.42 2.63
CA ASP I 88 37.22 -53.16 1.19
C ASP I 88 35.74 -53.03 0.85
N ASN I 89 34.95 -52.47 1.78
CA ASN I 89 33.54 -52.27 1.56
C ASN I 89 33.30 -50.88 0.98
N PRO I 90 32.76 -50.74 -0.23
CA PRO I 90 32.61 -49.40 -0.82
C PRO I 90 31.76 -48.51 0.06
N ALA I 91 32.00 -47.20 -0.05
CA ALA I 91 31.24 -46.22 0.71
C ALA I 91 29.80 -46.18 0.21
N LEU I 92 28.91 -45.66 1.06
CA LEU I 92 27.50 -45.55 0.74
C LEU I 92 27.11 -44.11 0.48
N PRO I 93 26.04 -43.88 -0.29
CA PRO I 93 25.62 -42.52 -0.60
C PRO I 93 24.92 -41.86 0.59
N PHE I 94 24.55 -40.60 0.41
CA PHE I 94 23.92 -39.78 1.43
C PHE I 94 22.70 -39.07 0.87
N ASN I 95 21.87 -39.80 0.13
CA ASN I 95 20.71 -39.20 -0.51
C ASN I 95 19.68 -38.73 0.53
N ASP I 96 19.55 -37.42 0.68
CA ASP I 96 18.59 -36.82 1.60
C ASP I 96 18.78 -37.31 3.03
N GLY I 97 20.02 -37.62 3.40
CA GLY I 97 20.33 -38.06 4.75
C GLY I 97 20.30 -39.57 4.88
N VAL I 98 20.93 -40.04 5.96
CA VAL I 98 21.04 -41.47 6.26
C VAL I 98 20.72 -41.68 7.74
N TYR I 99 20.81 -42.94 8.16
CA TYR I 99 20.48 -43.34 9.52
C TYR I 99 21.43 -44.46 9.92
N PHE I 100 22.51 -44.10 10.61
CA PHE I 100 23.51 -45.07 11.03
C PHE I 100 23.07 -45.70 12.36
N ALA I 101 23.46 -46.95 12.55
CA ALA I 101 23.08 -47.68 13.74
C ALA I 101 23.96 -48.91 13.87
N SER I 102 24.37 -49.21 15.10
CA SER I 102 25.19 -50.39 15.38
C SER I 102 24.86 -50.89 16.77
N THR I 103 25.18 -52.16 17.02
CA THR I 103 24.89 -52.80 18.30
C THR I 103 26.15 -53.39 18.94
N GLU I 104 27.33 -53.02 18.44
CA GLU I 104 28.57 -53.54 19.00
C GLU I 104 28.72 -53.08 20.44
N LYS I 105 28.91 -54.03 21.35
CA LYS I 105 29.07 -53.70 22.77
C LYS I 105 30.48 -53.27 23.12
N SER I 106 31.43 -53.41 22.21
CA SER I 106 32.81 -53.00 22.43
C SER I 106 33.07 -51.57 21.98
N ASN I 107 32.08 -50.90 21.40
CA ASN I 107 32.21 -49.51 20.96
C ASN I 107 33.38 -49.35 19.99
N ILE I 108 33.25 -50.02 18.84
CA ILE I 108 34.29 -49.96 17.82
C ILE I 108 34.03 -48.82 16.84
N ILE I 109 32.79 -48.67 16.39
CA ILE I 109 32.44 -47.61 15.44
C ILE I 109 32.49 -46.28 16.20
N ARG I 110 33.47 -45.44 15.87
CA ARG I 110 33.65 -44.17 16.57
C ARG I 110 34.01 -43.05 15.61
N GLY I 111 33.49 -43.08 14.39
CA GLY I 111 33.78 -42.04 13.43
C GLY I 111 33.14 -42.33 12.09
N TRP I 112 33.00 -41.27 11.31
CA TRP I 112 32.45 -41.37 9.96
C TRP I 112 33.12 -40.31 9.09
N ILE I 113 32.80 -40.34 7.80
CA ILE I 113 33.31 -39.37 6.85
C ILE I 113 32.23 -39.06 5.82
N PHE I 114 32.17 -37.81 5.38
CA PHE I 114 31.12 -37.39 4.47
C PHE I 114 31.82 -36.58 3.41
N GLY I 115 31.09 -36.14 2.40
CA GLY I 115 31.68 -35.33 1.35
C GLY I 115 31.15 -35.70 -0.01
N THR I 116 31.58 -34.97 -1.03
CA THR I 116 31.11 -35.24 -2.39
C THR I 116 31.62 -36.59 -2.87
N THR I 117 32.91 -36.67 -3.13
CA THR I 117 33.49 -37.91 -3.60
C THR I 117 34.58 -38.36 -2.66
N LEU I 118 34.54 -37.88 -1.42
CA LEU I 118 35.52 -38.26 -0.40
C LEU I 118 36.97 -38.20 -0.87
N ASP I 119 37.36 -37.11 -1.51
CA ASP I 119 38.73 -36.97 -2.01
C ASP I 119 39.27 -35.58 -1.75
N SER I 120 40.48 -35.31 -2.20
CA SER I 120 41.02 -33.98 -2.04
C SER I 120 40.45 -33.07 -3.10
N LYS I 121 39.89 -33.65 -4.15
CA LYS I 121 39.37 -32.83 -5.24
C LYS I 121 38.29 -31.86 -4.76
N THR I 122 37.59 -32.21 -3.70
CA THR I 122 36.52 -31.36 -3.16
C THR I 122 36.57 -31.41 -1.63
N GLN I 123 35.70 -30.61 -1.02
CA GLN I 123 35.64 -30.57 0.44
C GLN I 123 34.95 -31.82 0.98
N SER I 124 35.44 -32.29 2.12
CA SER I 124 34.89 -33.47 2.78
C SER I 124 34.87 -33.23 4.28
N LEU I 125 33.94 -33.92 4.95
CA LEU I 125 33.78 -33.82 6.39
C LEU I 125 34.35 -35.06 7.06
N LEU I 126 35.15 -34.85 8.11
CA LEU I 126 35.78 -35.95 8.84
C LEU I 126 35.29 -35.91 10.28
N ILE I 127 34.52 -36.94 10.67
CA ILE I 127 34.01 -37.08 12.02
C ILE I 127 34.67 -38.32 12.62
N VAL I 128 35.57 -38.11 13.58
CA VAL I 128 36.26 -39.19 14.27
C VAL I 128 36.23 -38.90 15.76
N ASN I 129 35.75 -39.87 16.53
CA ASN I 129 35.57 -39.73 17.98
C ASN I 129 36.59 -40.58 18.71
N ASN I 130 36.54 -40.51 20.04
CA ASN I 130 37.42 -41.27 20.90
C ASN I 130 36.66 -41.61 22.17
N ALA I 131 37.38 -42.10 23.19
CA ALA I 131 36.74 -42.40 24.47
C ALA I 131 36.06 -41.16 25.03
N THR I 132 36.77 -40.04 25.04
CA THR I 132 36.23 -38.78 25.53
C THR I 132 36.40 -37.64 24.54
N ASN I 133 37.49 -37.60 23.79
CA ASN I 133 37.77 -36.52 22.86
C ASN I 133 37.18 -36.81 21.49
N VAL I 134 36.82 -35.73 20.79
CA VAL I 134 36.22 -35.82 19.47
C VAL I 134 36.93 -34.83 18.54
N VAL I 135 36.92 -35.15 17.25
CA VAL I 135 37.55 -34.31 16.24
C VAL I 135 36.61 -34.23 15.03
N ILE I 136 36.22 -33.02 14.67
CA ILE I 136 35.36 -32.78 13.51
C ILE I 136 36.03 -31.69 12.68
N LYS I 137 36.33 -31.99 11.41
CA LYS I 137 37.07 -31.08 10.56
C LYS I 137 36.54 -31.17 9.13
N VAL I 138 36.59 -30.04 8.44
CA VAL I 138 36.26 -29.95 7.02
C VAL I 138 37.55 -29.60 6.29
N CYS I 139 38.04 -30.55 5.48
CA CYS I 139 39.32 -30.37 4.82
C CYS I 139 39.34 -31.22 3.56
N GLU I 140 40.29 -30.93 2.67
CA GLU I 140 40.47 -31.70 1.44
C GLU I 140 41.21 -33.01 1.75
N PHE I 141 40.58 -33.80 2.61
CA PHE I 141 41.19 -35.05 3.05
C PHE I 141 41.41 -35.99 1.86
N GLN I 142 42.57 -36.63 1.84
CA GLN I 142 42.86 -37.66 0.84
C GLN I 142 42.54 -39.04 1.40
N PHE I 143 41.25 -39.25 1.66
CA PHE I 143 40.78 -40.52 2.21
C PHE I 143 41.25 -41.68 1.33
N CYS I 144 41.88 -42.67 1.97
CA CYS I 144 42.31 -43.85 1.26
C CYS I 144 41.10 -44.59 0.68
N ASN I 145 41.37 -45.55 -0.22
CA ASN I 145 40.31 -46.36 -0.79
C ASN I 145 39.57 -47.19 0.25
N ASP I 146 40.13 -47.31 1.45
CA ASP I 146 39.50 -48.09 2.52
C ASP I 146 40.08 -47.66 3.86
N PRO I 147 39.68 -46.52 4.41
CA PRO I 147 40.28 -46.03 5.65
C PRO I 147 39.92 -46.90 6.84
N PHE I 148 40.64 -46.67 7.93
CA PHE I 148 40.41 -47.39 9.18
C PHE I 148 41.23 -46.73 10.27
N LEU I 149 40.78 -46.88 11.51
CA LEU I 149 41.42 -46.27 12.66
C LEU I 149 42.33 -47.27 13.36
N ASP I 150 43.58 -46.88 13.56
CA ASP I 150 44.57 -47.72 14.21
C ASP I 150 44.61 -47.44 15.70
N VAL I 151 45.05 -48.43 16.46
CA VAL I 151 45.13 -48.33 17.92
C VAL I 151 46.22 -49.27 18.40
N TYR I 152 46.97 -48.83 19.41
CA TYR I 152 48.08 -49.59 19.98
C TYR I 152 47.68 -50.05 21.38
N GLN I 153 47.30 -51.32 21.48
CA GLN I 153 46.92 -51.90 22.76
C GLN I 153 48.08 -52.69 23.38
N TRP I 159 46.05 -48.78 23.73
CA TRP I 159 45.31 -48.12 24.78
C TRP I 159 45.54 -46.60 24.74
N MET I 160 46.60 -46.19 24.06
CA MET I 160 46.91 -44.78 23.90
C MET I 160 47.69 -44.58 22.61
N GLU I 161 47.81 -43.31 22.20
CA GLU I 161 48.57 -42.92 21.03
C GLU I 161 48.00 -43.58 19.77
N SER I 162 46.73 -43.25 19.49
CA SER I 162 46.09 -43.72 18.27
C SER I 162 46.60 -42.94 17.07
N GLU I 163 46.45 -43.54 15.89
CA GLU I 163 46.92 -42.95 14.64
C GLU I 163 45.73 -42.74 13.69
N PHE I 164 45.76 -41.61 12.98
CA PHE I 164 44.71 -41.26 12.03
C PHE I 164 45.18 -41.65 10.64
N ARG I 165 45.14 -42.95 10.34
CA ARG I 165 45.53 -43.49 9.05
C ARG I 165 44.39 -43.49 8.04
N VAL I 166 43.33 -42.72 8.30
CA VAL I 166 42.18 -42.72 7.40
C VAL I 166 42.42 -41.83 6.19
N TYR I 167 43.16 -40.73 6.36
CA TYR I 167 43.44 -39.79 5.29
C TYR I 167 44.94 -39.69 5.08
N SER I 168 45.34 -39.49 3.82
CA SER I 168 46.75 -39.41 3.47
C SER I 168 47.28 -37.99 3.49
N SER I 169 46.44 -36.99 3.20
CA SER I 169 46.88 -35.60 3.17
C SER I 169 45.69 -34.70 3.47
N ALA I 170 45.99 -33.55 4.09
CA ALA I 170 44.96 -32.57 4.43
C ALA I 170 45.65 -31.23 4.63
N ASN I 171 45.30 -30.25 3.81
CA ASN I 171 45.99 -28.96 3.79
C ASN I 171 45.11 -27.80 4.20
N ASN I 172 43.95 -27.63 3.58
CA ASN I 172 43.12 -26.45 3.85
C ASN I 172 42.59 -26.47 5.28
N CYS I 173 41.75 -27.46 5.60
CA CYS I 173 41.26 -27.66 6.96
C CYS I 173 40.73 -26.35 7.55
N THR I 174 39.68 -25.82 6.91
CA THR I 174 39.11 -24.55 7.31
C THR I 174 38.17 -24.66 8.50
N PHE I 175 37.87 -25.88 8.97
CA PHE I 175 36.94 -26.08 10.06
C PHE I 175 37.54 -27.02 11.09
N GLU I 176 37.34 -26.69 12.37
CA GLU I 176 37.82 -27.52 13.47
C GLU I 176 36.89 -27.31 14.65
N TYR I 177 36.21 -28.38 15.06
CA TYR I 177 35.22 -28.31 16.14
C TYR I 177 35.40 -29.50 17.06
N VAL I 178 35.38 -29.23 18.36
CA VAL I 178 35.53 -30.27 19.38
C VAL I 178 34.61 -29.94 20.54
N SER I 179 34.00 -30.98 21.12
CA SER I 179 33.11 -30.84 22.26
C SER I 179 33.62 -31.59 23.48
N GLN I 180 34.06 -32.84 23.30
CA GLN I 180 34.61 -33.67 24.36
C GLN I 180 33.80 -33.54 25.65
N PRO I 181 32.58 -34.10 25.69
CA PRO I 181 31.71 -34.05 26.86
C PRO I 181 32.41 -34.47 28.14
N GLU I 187 32.76 -38.40 22.65
CA GLU I 187 31.39 -37.95 22.44
C GLU I 187 30.59 -38.98 21.67
N GLY I 188 29.27 -39.00 21.90
CA GLY I 188 28.40 -39.91 21.18
C GLY I 188 28.47 -41.34 21.67
N LYS I 189 28.64 -41.55 22.97
CA LYS I 189 28.73 -42.89 23.54
C LYS I 189 27.40 -43.31 24.16
N GLU I 190 26.88 -42.51 25.08
CA GLU I 190 25.61 -42.73 25.75
C GLU I 190 25.60 -44.00 26.60
N GLY I 191 26.78 -44.53 26.94
CA GLY I 191 26.85 -45.71 27.78
C GLY I 191 27.43 -46.91 27.06
N ASN I 192 28.09 -47.80 27.80
CA ASN I 192 28.68 -49.01 27.24
C ASN I 192 27.87 -50.25 27.53
N PHE I 193 26.71 -50.13 28.18
CA PHE I 193 25.87 -51.28 28.51
C PHE I 193 24.47 -51.10 27.94
N ASN I 195 21.99 -51.75 24.14
CA ASN I 195 23.29 -51.73 23.48
C ASN I 195 23.22 -50.96 22.16
N LEU I 196 22.03 -50.87 21.59
CA LEU I 196 21.85 -50.18 20.33
C LEU I 196 21.91 -48.67 20.55
N ARG I 197 22.56 -47.97 19.62
CA ARG I 197 22.66 -46.52 19.65
C ARG I 197 22.29 -46.00 18.27
N GLU I 198 21.07 -45.49 18.14
CA GLU I 198 20.58 -44.99 16.87
C GLU I 198 21.03 -43.56 16.65
N PHE I 199 21.44 -43.25 15.42
CA PHE I 199 21.89 -41.91 15.04
C PHE I 199 21.22 -41.50 13.74
N VAL I 200 20.97 -40.20 13.63
CA VAL I 200 20.38 -39.61 12.43
C VAL I 200 21.29 -38.48 11.96
N PHE I 201 21.55 -38.44 10.67
CA PHE I 201 22.43 -37.44 10.06
C PHE I 201 21.67 -36.72 8.96
N LYS I 202 21.72 -35.38 8.97
CA LYS I 202 20.99 -34.57 8.02
C LYS I 202 21.89 -33.48 7.49
N ASN I 203 21.68 -33.10 6.24
CA ASN I 203 22.44 -32.03 5.59
C ASN I 203 21.46 -31.20 4.76
N ILE I 204 21.08 -30.03 5.28
CA ILE I 204 20.13 -29.15 4.62
C ILE I 204 20.59 -27.71 4.81
N ASP I 205 20.54 -26.92 3.73
CA ASP I 205 20.92 -25.51 3.78
C ASP I 205 22.33 -25.33 4.32
N GLY I 206 23.23 -26.24 3.94
CA GLY I 206 24.60 -26.17 4.39
C GLY I 206 24.83 -26.49 5.85
N TYR I 207 23.78 -26.79 6.61
CA TYR I 207 23.89 -27.12 8.01
C TYR I 207 23.79 -28.64 8.19
N PHE I 208 24.44 -29.14 9.24
CA PHE I 208 24.49 -30.58 9.52
C PHE I 208 23.85 -30.81 10.88
N LYS I 209 22.63 -31.35 10.88
CA LYS I 209 21.90 -31.67 12.10
C LYS I 209 22.15 -33.12 12.48
N ILE I 210 22.27 -33.37 13.78
CA ILE I 210 22.59 -34.70 14.30
C ILE I 210 21.65 -35.03 15.45
N TYR I 211 21.32 -36.32 15.56
CA TYR I 211 20.46 -36.81 16.62
C TYR I 211 21.00 -38.15 17.10
N SER I 212 20.60 -38.55 18.29
CA SER I 212 21.11 -39.78 18.88
C SER I 212 20.16 -40.28 19.95
N LYS I 213 20.22 -41.58 20.20
CA LYS I 213 19.42 -42.22 21.24
C LYS I 213 19.93 -43.62 21.52
N HIS I 214 20.15 -43.94 22.79
CA HIS I 214 20.62 -45.27 23.19
C HIS I 214 19.42 -46.18 23.39
N THR I 215 19.36 -47.25 22.60
CA THR I 215 18.26 -48.21 22.66
C THR I 215 18.77 -49.53 23.19
N PRO I 216 18.19 -50.09 24.25
CA PRO I 216 18.63 -51.41 24.73
C PRO I 216 18.46 -52.49 23.67
N ILE I 217 19.19 -53.57 23.84
CA ILE I 217 19.13 -54.74 22.96
C ILE I 217 18.62 -55.91 23.80
N ASN I 218 17.38 -56.33 23.53
CA ASN I 218 16.76 -57.44 24.25
C ASN I 218 15.99 -58.35 23.30
N LEU I 219 16.44 -58.48 22.06
CA LEU I 219 15.74 -59.26 21.05
C LEU I 219 16.77 -59.92 20.15
N GLU I 220 16.29 -60.62 19.13
CA GLU I 220 17.17 -61.30 18.18
C GLU I 220 18.04 -60.31 17.42
N ARG I 221 18.91 -60.82 16.55
CA ARG I 221 19.87 -59.98 15.82
C ARG I 221 19.13 -59.20 14.75
N ASP I 222 18.44 -58.15 15.18
CA ASP I 222 17.73 -57.26 14.27
C ASP I 222 17.21 -56.08 15.10
N LEU I 223 16.75 -55.06 14.39
CA LEU I 223 16.22 -53.88 15.07
C LEU I 223 14.91 -54.23 15.76
N PRO I 224 14.75 -53.93 17.05
CA PRO I 224 13.53 -54.33 17.76
C PRO I 224 12.32 -53.53 17.33
N GLN I 225 11.16 -53.94 17.83
CA GLN I 225 9.91 -53.27 17.54
C GLN I 225 9.77 -52.05 18.45
N GLY I 226 8.59 -51.44 18.45
CA GLY I 226 8.32 -50.31 19.32
C GLY I 226 8.70 -48.99 18.69
N PHE I 227 8.59 -47.95 19.50
CA PHE I 227 8.88 -46.59 19.09
C PHE I 227 9.96 -45.99 20.00
N SER I 228 10.61 -44.95 19.50
CA SER I 228 11.65 -44.25 20.24
C SER I 228 12.00 -42.98 19.51
N ALA I 229 12.14 -41.89 20.27
CA ALA I 229 12.46 -40.58 19.72
C ALA I 229 13.94 -40.27 19.93
N LEU I 230 14.57 -39.70 18.91
CA LEU I 230 15.99 -39.36 18.96
C LEU I 230 16.14 -37.87 19.29
N GLU I 231 16.89 -37.59 20.35
CA GLU I 231 17.05 -36.21 20.80
C GLU I 231 18.10 -35.48 19.97
N PRO I 232 17.93 -34.19 19.71
CA PRO I 232 18.96 -33.45 18.99
C PRO I 232 20.29 -33.46 19.73
N LEU I 233 21.37 -33.37 18.95
CA LEU I 233 22.72 -33.35 19.51
C LEU I 233 23.45 -32.06 19.19
N VAL I 234 23.58 -31.70 17.91
CA VAL I 234 24.31 -30.50 17.52
C VAL I 234 23.88 -30.13 16.11
N ASP I 235 24.05 -28.85 15.76
CA ASP I 235 23.74 -28.36 14.42
C ASP I 235 24.81 -27.34 14.06
N LEU I 236 25.63 -27.65 13.06
CA LEU I 236 26.74 -26.80 12.66
C LEU I 236 26.79 -26.68 11.16
N PRO I 237 27.31 -25.55 10.64
CA PRO I 237 27.42 -25.39 9.19
C PRO I 237 28.73 -25.94 8.64
N ILE I 238 28.64 -26.54 7.45
CA ILE I 238 29.81 -27.06 6.77
C ILE I 238 29.88 -26.47 5.38
N GLY I 239 28.76 -26.44 4.67
CA GLY I 239 28.73 -25.95 3.30
C GLY I 239 29.39 -26.91 2.34
N ILE I 240 28.88 -28.15 2.29
CA ILE I 240 29.48 -29.21 1.48
C ILE I 240 28.37 -29.89 0.68
N ASN I 241 28.75 -30.39 -0.49
CA ASN I 241 27.84 -31.15 -1.34
C ASN I 241 28.00 -32.65 -1.03
N ILE I 242 27.59 -33.01 0.19
CA ILE I 242 27.75 -34.37 0.65
C ILE I 242 26.84 -35.28 -0.17
N THR I 243 27.44 -36.30 -0.80
CA THR I 243 26.69 -37.32 -1.53
C THR I 243 27.17 -38.73 -1.23
N ARG I 244 28.33 -38.91 -0.61
CA ARG I 244 28.87 -40.22 -0.27
C ARG I 244 29.45 -40.17 1.13
N PHE I 245 29.23 -41.25 1.88
CA PHE I 245 29.74 -41.35 3.24
C PHE I 245 30.22 -42.77 3.49
N GLN I 246 31.24 -42.90 4.35
CA GLN I 246 31.82 -44.18 4.69
C GLN I 246 32.00 -44.24 6.21
N THR I 247 32.15 -45.46 6.71
CA THR I 247 32.22 -45.71 8.14
C THR I 247 33.66 -45.99 8.56
N LEU I 248 34.02 -45.49 9.74
CA LEU I 248 35.34 -45.71 10.33
C LEU I 248 35.21 -46.61 11.55
N LEU I 249 36.21 -47.45 11.77
CA LEU I 249 36.19 -48.39 12.88
C LEU I 249 37.61 -48.63 13.37
N ALA I 250 37.73 -48.89 14.67
CA ALA I 250 39.03 -49.16 15.27
C ALA I 250 39.41 -50.61 15.00
N LEU I 251 40.58 -50.80 14.37
CA LEU I 251 41.03 -52.15 14.03
C LEU I 251 41.27 -52.97 15.28
N HIS I 252 42.21 -52.52 16.12
CA HIS I 252 42.54 -53.22 17.38
C HIS I 252 42.98 -54.65 17.10
N ARG I 253 43.96 -54.79 16.19
CA ARG I 253 44.50 -56.08 15.81
C ARG I 253 45.62 -56.55 16.75
N SER I 254 45.84 -55.85 17.87
CA SER I 254 46.91 -56.10 18.82
C SER I 254 48.28 -55.76 18.26
N TYR I 255 48.37 -55.29 17.03
CA TYR I 255 49.64 -54.91 16.42
C TYR I 255 49.39 -53.78 15.44
N LEU I 256 50.46 -53.03 15.15
CA LEU I 256 50.35 -51.95 14.19
C LEU I 256 49.86 -52.48 12.84
N THR I 257 49.28 -51.58 12.05
CA THR I 257 48.73 -51.94 10.75
C THR I 257 49.17 -50.92 9.70
N PRO I 258 49.47 -51.37 8.49
CA PRO I 258 49.84 -50.41 7.43
C PRO I 258 48.71 -49.43 7.16
N VAL I 259 49.02 -48.43 6.32
CA VAL I 259 48.05 -47.40 5.97
C VAL I 259 47.22 -47.77 4.75
N ASP I 260 47.70 -48.68 3.90
CA ASP I 260 46.97 -49.04 2.70
C ASP I 260 45.70 -49.79 3.05
N SER I 261 44.93 -50.14 2.03
CA SER I 261 43.66 -50.83 2.21
C SER I 261 43.89 -52.31 2.51
N SER I 262 42.79 -53.04 2.67
CA SER I 262 42.83 -54.48 2.93
C SER I 262 43.63 -54.78 4.19
N SER I 263 43.13 -54.27 5.31
CA SER I 263 43.76 -54.47 6.61
C SER I 263 43.26 -55.78 7.23
N GLY I 264 43.59 -55.99 8.51
CA GLY I 264 43.24 -57.23 9.18
C GLY I 264 41.78 -57.30 9.60
N TRP I 265 40.88 -57.43 8.63
CA TRP I 265 39.47 -57.56 8.93
C TRP I 265 39.17 -58.71 9.89
N THR I 266 40.07 -59.70 9.97
CA THR I 266 39.84 -60.82 10.88
C THR I 266 39.71 -60.36 12.32
N ALA I 267 40.40 -59.28 12.69
CA ALA I 267 40.34 -58.76 14.05
C ALA I 267 39.19 -57.78 14.20
N ALA I 271 28.54 -54.98 11.31
CA ALA I 271 27.23 -55.04 11.96
C ALA I 271 26.68 -53.64 12.17
N TYR I 272 26.57 -52.87 11.09
CA TYR I 272 26.06 -51.51 11.15
C TYR I 272 25.00 -51.32 10.06
N TYR I 273 23.85 -50.78 10.46
CA TYR I 273 22.76 -50.53 9.53
C TYR I 273 22.88 -49.12 8.93
N VAL I 274 22.40 -49.00 7.70
CA VAL I 274 22.39 -47.72 7.00
C VAL I 274 21.05 -47.58 6.29
N GLY I 275 20.16 -46.76 6.83
CA GLY I 275 18.87 -46.48 6.23
C GLY I 275 18.83 -45.04 5.72
N TYR I 276 18.20 -44.85 4.57
CA TYR I 276 18.14 -43.54 3.93
C TYR I 276 16.87 -42.81 4.33
N LEU I 277 16.96 -41.49 4.36
CA LEU I 277 15.84 -40.63 4.75
C LEU I 277 15.16 -40.06 3.52
N GLN I 278 13.89 -39.68 3.71
CA GLN I 278 13.07 -39.10 2.65
C GLN I 278 12.16 -38.05 3.26
N PRO I 279 11.76 -37.04 2.49
CA PRO I 279 10.82 -36.02 2.99
C PRO I 279 9.41 -36.55 2.99
N ARG I 280 8.90 -36.86 4.19
CA ARG I 280 7.58 -37.46 4.33
C ARG I 280 6.88 -36.84 5.53
N THR I 281 5.59 -36.53 5.37
CA THR I 281 4.82 -35.99 6.48
C THR I 281 4.56 -37.06 7.52
N PHE I 282 4.58 -36.66 8.79
CA PHE I 282 4.40 -37.58 9.91
C PHE I 282 3.41 -36.98 10.90
N LEU I 283 2.94 -37.84 11.80
CA LEU I 283 2.06 -37.45 12.90
C LEU I 283 2.65 -37.99 14.20
N LEU I 284 2.75 -37.14 15.21
CA LEU I 284 3.42 -37.47 16.45
C LEU I 284 2.46 -37.36 17.61
N LYS I 285 2.57 -38.29 18.56
CA LYS I 285 1.73 -38.34 19.75
C LYS I 285 2.60 -37.96 20.94
N TYR I 286 2.69 -36.66 21.21
CA TYR I 286 3.45 -36.17 22.36
C TYR I 286 2.76 -36.62 23.64
N ASN I 287 3.36 -37.59 24.33
CA ASN I 287 2.77 -38.13 25.54
C ASN I 287 2.59 -37.04 26.60
N GLU I 288 1.77 -37.35 27.60
CA GLU I 288 1.54 -36.41 28.69
C GLU I 288 2.84 -35.94 29.32
N ASN I 289 3.85 -36.79 29.36
CA ASN I 289 5.12 -36.48 30.00
C ASN I 289 6.13 -35.87 29.04
N GLY I 290 5.71 -35.51 27.83
CA GLY I 290 6.59 -34.88 26.88
C GLY I 290 7.33 -35.82 25.95
N THR I 291 7.03 -37.11 25.98
CA THR I 291 7.71 -38.10 25.16
C THR I 291 6.86 -38.44 23.94
N ILE I 292 7.39 -39.32 23.10
CA ILE I 292 6.71 -39.80 21.90
C ILE I 292 6.53 -41.31 22.05
N THR I 293 5.29 -41.74 22.20
CA THR I 293 4.97 -43.16 22.33
C THR I 293 4.33 -43.74 21.08
N ASP I 294 4.06 -42.93 20.07
CA ASP I 294 3.45 -43.42 18.84
C ASP I 294 3.65 -42.37 17.75
N ALA I 295 3.56 -42.81 16.51
CA ALA I 295 3.73 -41.93 15.36
C ALA I 295 3.07 -42.56 14.15
N VAL I 296 2.98 -41.78 13.07
CA VAL I 296 2.38 -42.23 11.83
C VAL I 296 3.16 -41.62 10.67
N ASP I 297 3.21 -42.35 9.55
CA ASP I 297 3.86 -41.90 8.32
C ASP I 297 2.77 -41.70 7.27
N CYS I 298 2.55 -40.46 6.86
CA CYS I 298 1.41 -40.09 6.03
C CYS I 298 1.53 -40.59 4.60
N ALA I 299 2.50 -41.45 4.26
CA ALA I 299 2.58 -42.00 2.91
C ALA I 299 2.88 -43.49 2.90
N LEU I 300 2.69 -44.19 4.02
CA LEU I 300 2.98 -45.62 4.05
C LEU I 300 1.84 -46.42 3.43
N ASP I 301 0.62 -45.92 3.53
CA ASP I 301 -0.54 -46.60 3.00
C ASP I 301 -1.74 -45.65 3.09
N PRO I 302 -2.84 -45.96 2.41
CA PRO I 302 -4.02 -45.08 2.49
C PRO I 302 -4.47 -44.80 3.91
N LEU I 303 -4.35 -45.79 4.81
CA LEU I 303 -4.82 -45.59 6.18
C LEU I 303 -4.03 -44.51 6.89
N SER I 304 -2.72 -44.45 6.65
CA SER I 304 -1.89 -43.45 7.34
C SER I 304 -2.21 -42.04 6.88
N GLU I 305 -2.39 -41.86 5.56
CA GLU I 305 -2.78 -40.54 5.06
C GLU I 305 -4.18 -40.17 5.55
N THR I 306 -5.08 -41.15 5.63
CA THR I 306 -6.39 -40.90 6.21
C THR I 306 -6.28 -40.42 7.65
N LYS I 307 -5.40 -41.06 8.43
CA LYS I 307 -5.17 -40.61 9.80
C LYS I 307 -4.63 -39.18 9.83
N CYS I 308 -3.61 -38.90 9.00
CA CYS I 308 -3.03 -37.57 9.00
C CYS I 308 -4.04 -36.52 8.60
N THR I 309 -5.03 -36.89 7.79
CA THR I 309 -6.08 -35.94 7.44
C THR I 309 -7.10 -35.80 8.57
N LEU I 310 -7.39 -36.90 9.27
CA LEU I 310 -8.28 -36.86 10.42
C LEU I 310 -7.59 -36.37 11.68
N LYS I 311 -6.27 -36.49 11.76
CA LYS I 311 -5.52 -36.17 12.97
C LYS I 311 -5.96 -37.06 14.13
N SER I 312 -6.01 -38.36 13.88
CA SER I 312 -6.42 -39.33 14.89
C SER I 312 -5.81 -40.68 14.56
N PHE I 313 -5.68 -41.51 15.59
CA PHE I 313 -5.12 -42.85 15.46
C PHE I 313 -6.19 -43.93 15.43
N THR I 314 -7.47 -43.57 15.49
CA THR I 314 -8.57 -44.53 15.48
C THR I 314 -9.63 -44.03 14.51
N VAL I 315 -9.63 -44.59 13.31
CA VAL I 315 -10.60 -44.23 12.27
C VAL I 315 -11.80 -45.17 12.40
N GLU I 316 -12.99 -44.60 12.37
CA GLU I 316 -14.21 -45.38 12.47
C GLU I 316 -14.57 -45.95 11.09
N LYS I 317 -15.76 -46.52 10.97
CA LYS I 317 -16.15 -47.22 9.76
C LYS I 317 -16.73 -46.25 8.73
N GLY I 318 -16.32 -46.42 7.48
CA GLY I 318 -16.90 -45.66 6.39
C GLY I 318 -15.89 -45.13 5.39
N ILE I 319 -16.20 -43.96 4.83
CA ILE I 319 -15.37 -43.30 3.83
C ILE I 319 -14.79 -42.06 4.49
N TYR I 320 -14.50 -42.18 5.79
CA TYR I 320 -14.30 -41.05 6.69
C TYR I 320 -13.46 -39.93 6.09
N GLN I 321 -12.60 -40.23 5.13
CA GLN I 321 -11.75 -39.21 4.54
C GLN I 321 -11.66 -39.39 3.03
N THR I 322 -11.76 -38.27 2.33
CA THR I 322 -11.33 -38.18 0.93
C THR I 322 -9.85 -37.78 0.98
N SER I 323 -8.99 -38.79 1.00
CA SER I 323 -7.60 -38.59 1.39
C SER I 323 -6.97 -37.42 0.64
N ASN I 324 -6.86 -37.52 -0.66
CA ASN I 324 -6.19 -36.50 -1.48
C ASN I 324 -6.52 -36.79 -2.93
N PHE I 325 -5.84 -36.08 -3.84
CA PHE I 325 -6.03 -36.25 -5.27
C PHE I 325 -4.77 -36.83 -5.90
N ARG I 326 -4.95 -37.50 -7.03
CA ARG I 326 -3.88 -38.19 -7.74
C ARG I 326 -3.44 -37.32 -8.91
N VAL I 327 -2.36 -36.59 -8.71
CA VAL I 327 -1.79 -35.73 -9.76
C VAL I 327 -0.69 -36.53 -10.46
N GLN I 328 -0.96 -36.94 -11.69
CA GLN I 328 0.06 -37.59 -12.49
C GLN I 328 1.25 -36.65 -12.65
N PRO I 329 2.48 -37.10 -12.40
CA PRO I 329 3.61 -36.18 -12.42
C PRO I 329 4.09 -35.87 -13.83
N THR I 330 4.73 -34.71 -13.95
CA THR I 330 5.42 -34.34 -15.17
C THR I 330 6.74 -35.10 -15.27
N GLU I 331 6.88 -35.94 -16.30
CA GLU I 331 8.06 -36.78 -16.41
C GLU I 331 9.18 -36.13 -17.21
N SER I 332 8.85 -35.30 -18.21
CA SER I 332 9.83 -34.64 -19.03
C SER I 332 9.58 -33.14 -19.04
N ILE I 333 10.65 -32.38 -19.23
CA ILE I 333 10.60 -30.93 -19.31
C ILE I 333 10.87 -30.53 -20.75
N VAL I 334 10.23 -29.44 -21.17
CA VAL I 334 10.32 -28.98 -22.55
C VAL I 334 10.52 -27.46 -22.55
N ARG I 335 11.43 -27.01 -23.41
CA ARG I 335 11.66 -25.59 -23.65
C ARG I 335 11.64 -25.38 -25.16
N PHE I 336 10.67 -24.61 -25.64
CA PHE I 336 10.44 -24.44 -27.07
C PHE I 336 10.42 -22.96 -27.44
N PRO I 337 11.53 -22.25 -27.23
CA PRO I 337 11.60 -20.86 -27.68
C PRO I 337 11.82 -20.76 -29.18
N ASN I 338 12.03 -19.56 -29.69
CA ASN I 338 12.20 -19.33 -31.12
C ASN I 338 13.69 -19.40 -31.48
N ILE I 339 14.02 -19.01 -32.71
CA ILE I 339 15.39 -19.00 -33.22
C ILE I 339 15.63 -17.65 -33.88
N THR I 340 16.78 -17.07 -33.61
CA THR I 340 17.15 -15.77 -34.18
C THR I 340 18.61 -15.49 -33.83
N ASN I 341 19.07 -14.30 -34.18
CA ASN I 341 20.47 -13.90 -34.00
C ASN I 341 20.61 -13.05 -32.74
N LEU I 342 21.82 -12.53 -32.54
CA LEU I 342 22.10 -11.68 -31.38
C LEU I 342 21.35 -10.36 -31.50
N CYS I 343 21.47 -9.55 -30.46
CA CYS I 343 20.74 -8.29 -30.35
C CYS I 343 21.69 -7.10 -30.34
N PRO I 344 21.22 -5.92 -30.75
CA PRO I 344 22.06 -4.72 -30.63
C PRO I 344 22.24 -4.31 -29.17
N PHE I 345 23.06 -5.07 -28.45
CA PHE I 345 23.20 -4.84 -27.01
C PHE I 345 23.67 -3.43 -26.73
N HIS I 346 24.88 -3.08 -27.18
CA HIS I 346 25.53 -1.82 -26.83
C HIS I 346 25.48 -0.80 -27.95
N GLU I 347 24.46 -0.90 -28.83
CA GLU I 347 24.21 0.15 -29.80
C GLU I 347 23.55 1.36 -29.16
N VAL I 348 23.18 1.27 -27.89
CA VAL I 348 22.61 2.41 -27.16
C VAL I 348 23.37 2.72 -25.88
N PHE I 349 24.07 1.76 -25.28
CA PHE I 349 24.83 2.01 -24.06
C PHE I 349 26.23 2.52 -24.35
N ASN I 350 26.90 1.96 -25.36
CA ASN I 350 28.24 2.40 -25.73
C ASN I 350 28.23 3.63 -26.64
N ALA I 351 27.08 4.28 -26.80
CA ALA I 351 27.02 5.46 -27.64
C ALA I 351 27.79 6.62 -27.00
N THR I 352 28.08 7.63 -27.82
CA THR I 352 28.85 8.77 -27.34
C THR I 352 27.95 9.81 -26.68
N THR I 353 26.86 10.19 -27.34
CA THR I 353 26.03 11.30 -26.89
C THR I 353 24.57 10.93 -27.11
N PHE I 354 23.81 10.87 -26.03
CA PHE I 354 22.37 10.66 -26.12
C PHE I 354 21.68 11.94 -26.58
N ALA I 355 20.36 11.89 -26.63
CA ALA I 355 19.56 13.04 -27.01
C ALA I 355 19.01 13.74 -25.76
N SER I 356 18.28 14.83 -25.97
CA SER I 356 17.69 15.57 -24.87
C SER I 356 16.50 14.81 -24.31
N VAL I 357 15.95 15.35 -23.21
CA VAL I 357 14.80 14.70 -22.57
C VAL I 357 13.54 14.93 -23.38
N TYR I 358 13.48 16.03 -24.14
CA TYR I 358 12.31 16.33 -24.95
C TYR I 358 12.37 15.66 -26.31
N ALA I 359 13.56 15.36 -26.81
CA ALA I 359 13.76 14.72 -28.10
C ALA I 359 14.43 13.35 -27.93
N TRP I 360 14.04 12.62 -26.89
CA TRP I 360 14.58 11.29 -26.67
C TRP I 360 14.35 10.42 -27.91
N ASN I 361 15.32 9.54 -28.17
CA ASN I 361 15.33 8.73 -29.38
C ASN I 361 14.91 7.30 -29.01
N ARG I 362 13.75 6.89 -29.50
CA ARG I 362 13.28 5.53 -29.28
C ARG I 362 14.00 4.59 -30.26
N LYS I 363 14.60 3.53 -29.71
CA LYS I 363 15.34 2.56 -30.50
C LYS I 363 14.57 1.23 -30.46
N ARG I 364 13.74 1.00 -31.48
CA ARG I 364 13.00 -0.25 -31.58
C ARG I 364 13.95 -1.41 -31.77
N ILE I 365 13.64 -2.53 -31.13
CA ILE I 365 14.48 -3.73 -31.18
C ILE I 365 13.57 -4.92 -31.35
N SER I 366 13.82 -5.73 -32.38
CA SER I 366 13.06 -6.94 -32.63
C SER I 366 13.91 -7.90 -33.44
N ASN I 367 13.47 -9.16 -33.50
CA ASN I 367 14.18 -10.20 -34.22
C ASN I 367 15.60 -10.36 -33.68
N CYS I 368 15.69 -10.76 -32.41
CA CYS I 368 16.96 -10.87 -31.74
C CYS I 368 16.78 -11.74 -30.49
N VAL I 369 17.88 -11.95 -29.78
CA VAL I 369 17.89 -12.61 -28.48
C VAL I 369 18.77 -11.78 -27.56
N ALA I 370 18.16 -11.13 -26.57
CA ALA I 370 18.84 -10.19 -25.70
C ALA I 370 19.21 -10.87 -24.38
N ASP I 371 20.51 -10.97 -24.11
CA ASP I 371 21.01 -11.50 -22.85
C ASP I 371 21.28 -10.31 -21.94
N TYR I 372 20.25 -9.91 -21.20
CA TYR I 372 20.33 -8.71 -20.38
C TYR I 372 21.52 -8.72 -19.43
N SER I 373 22.09 -9.89 -19.15
CA SER I 373 23.28 -9.95 -18.31
C SER I 373 24.44 -9.17 -18.93
N VAL I 374 24.43 -9.01 -20.25
CA VAL I 374 25.51 -8.29 -20.92
C VAL I 374 25.39 -6.79 -20.76
N ILE I 375 24.38 -6.30 -20.05
CA ILE I 375 24.25 -4.88 -19.81
C ILE I 375 24.94 -4.48 -18.51
N TYR I 376 25.02 -5.39 -17.54
CA TYR I 376 25.62 -5.07 -16.26
C TYR I 376 27.12 -4.80 -16.37
N ASN I 377 27.78 -5.42 -17.35
CA ASN I 377 29.22 -5.21 -17.49
C ASN I 377 29.58 -3.80 -17.94
N PHE I 378 28.59 -2.97 -18.23
CA PHE I 378 28.81 -1.58 -18.60
C PHE I 378 28.77 -0.72 -17.34
N ALA I 379 28.69 0.60 -17.52
CA ALA I 379 28.80 1.55 -16.41
C ALA I 379 27.94 1.14 -15.23
N PRO I 380 28.27 1.56 -14.01
CA PRO I 380 27.52 1.11 -12.84
C PRO I 380 26.03 1.41 -12.97
N PHE I 381 25.22 0.56 -12.35
CA PHE I 381 23.77 0.72 -12.33
C PHE I 381 23.32 0.81 -10.87
N PHE I 382 23.32 2.04 -10.35
CA PHE I 382 22.81 2.27 -9.00
C PHE I 382 21.31 2.06 -8.92
N ALA I 383 20.60 2.10 -10.05
CA ALA I 383 19.16 1.90 -10.09
C ALA I 383 18.83 1.06 -11.31
N PHE I 384 18.40 -0.17 -11.09
CA PHE I 384 17.98 -1.10 -12.14
C PHE I 384 16.58 -1.60 -11.85
N LYS I 385 15.68 -0.66 -11.53
CA LYS I 385 14.34 -1.03 -11.07
C LYS I 385 13.47 -1.44 -12.24
N CYS I 386 12.76 -2.56 -12.06
CA CYS I 386 11.75 -3.03 -13.00
C CYS I 386 10.40 -2.99 -12.29
N TYR I 387 9.45 -2.26 -12.87
CA TYR I 387 8.18 -2.00 -12.19
C TYR I 387 7.11 -3.04 -12.51
N GLY I 388 7.27 -3.82 -13.56
CA GLY I 388 6.30 -4.83 -13.91
C GLY I 388 6.82 -6.24 -13.71
N VAL I 389 8.14 -6.39 -13.74
CA VAL I 389 8.82 -7.67 -13.59
C VAL I 389 10.05 -7.46 -12.71
N SER I 390 10.81 -8.53 -12.53
CA SER I 390 12.06 -8.48 -11.79
C SER I 390 13.23 -8.32 -12.74
N PRO I 391 14.38 -7.86 -12.24
CA PRO I 391 15.55 -7.69 -13.11
C PRO I 391 16.26 -9.00 -13.42
N THR I 392 15.63 -10.13 -13.09
CA THR I 392 16.23 -11.45 -13.28
C THR I 392 15.44 -12.35 -14.22
N LYS I 393 14.12 -12.19 -14.28
CA LYS I 393 13.28 -13.06 -15.09
C LYS I 393 13.22 -12.63 -16.56
N LEU I 394 14.16 -11.78 -17.00
CA LEU I 394 14.13 -11.32 -18.39
C LEU I 394 14.71 -12.38 -19.33
N ASN I 395 15.76 -13.06 -18.91
CA ASN I 395 16.41 -14.07 -19.74
C ASN I 395 15.61 -15.37 -19.81
N ASP I 396 14.42 -15.41 -19.19
CA ASP I 396 13.57 -16.58 -19.23
C ASP I 396 12.23 -16.33 -19.93
N LEU I 397 11.91 -15.07 -20.21
CA LEU I 397 10.66 -14.71 -20.86
C LEU I 397 10.90 -14.17 -22.26
N CYS I 398 9.85 -14.21 -23.08
CA CYS I 398 9.84 -13.58 -24.39
C CYS I 398 9.06 -12.27 -24.32
N PHE I 399 9.12 -11.51 -25.41
CA PHE I 399 8.51 -10.19 -25.46
C PHE I 399 7.87 -9.97 -26.83
N THR I 400 6.80 -9.18 -26.84
CA THR I 400 6.13 -8.84 -28.10
C THR I 400 6.86 -7.71 -28.82
N ASN I 401 6.96 -6.55 -28.18
CA ASN I 401 7.64 -5.40 -28.75
C ASN I 401 8.39 -4.67 -27.65
N VAL I 402 9.70 -4.54 -27.82
CA VAL I 402 10.56 -3.90 -26.83
C VAL I 402 11.17 -2.65 -27.43
N TYR I 403 11.21 -1.58 -26.65
CA TYR I 403 11.79 -0.31 -27.07
C TYR I 403 12.77 0.17 -26.02
N ALA I 404 13.64 1.09 -26.43
CA ALA I 404 14.68 1.63 -25.55
C ALA I 404 14.72 3.14 -25.72
N ASP I 405 14.36 3.86 -24.67
CA ASP I 405 14.40 5.32 -24.67
C ASP I 405 15.64 5.81 -23.97
N SER I 406 16.31 6.78 -24.57
CA SER I 406 17.59 7.28 -24.09
C SER I 406 17.53 8.80 -23.96
N PHE I 407 18.02 9.32 -22.84
CA PHE I 407 18.04 10.75 -22.61
C PHE I 407 18.87 11.05 -21.37
N VAL I 408 19.48 12.23 -21.35
CA VAL I 408 20.29 12.68 -20.24
C VAL I 408 19.51 13.69 -19.42
N ILE I 409 19.72 13.66 -18.10
CA ILE I 409 19.11 14.59 -17.17
C ILE I 409 20.17 15.04 -16.17
N ARG I 410 19.79 15.99 -15.31
CA ARG I 410 20.73 16.63 -14.40
C ARG I 410 20.85 15.90 -13.07
N GLY I 411 20.52 14.62 -13.02
CA GLY I 411 20.75 13.83 -11.82
C GLY I 411 19.63 13.88 -10.82
N ASN I 412 19.40 15.04 -10.22
CA ASN I 412 18.40 15.16 -9.17
C ASN I 412 16.99 14.87 -9.66
N GLU I 413 16.78 14.71 -10.96
CA GLU I 413 15.46 14.43 -11.51
C GLU I 413 15.31 12.98 -11.92
N VAL I 414 16.27 12.11 -11.57
CA VAL I 414 16.15 10.69 -11.92
C VAL I 414 14.94 10.08 -11.24
N SER I 415 14.50 10.65 -10.11
CA SER I 415 13.38 10.09 -9.38
C SER I 415 12.07 10.27 -10.11
N GLN I 416 11.99 11.22 -11.05
CA GLN I 416 10.76 11.47 -11.78
C GLN I 416 10.50 10.43 -12.88
N ILE I 417 11.48 9.60 -13.21
CA ILE I 417 11.32 8.61 -14.29
C ILE I 417 10.75 7.36 -13.61
N ALA I 418 9.43 7.36 -13.45
CA ALA I 418 8.74 6.22 -12.85
C ALA I 418 7.23 6.46 -12.89
N PRO I 419 6.42 5.41 -12.72
CA PRO I 419 4.97 5.62 -12.70
C PRO I 419 4.55 6.58 -11.60
N GLY I 420 3.52 7.36 -11.88
CA GLY I 420 2.97 8.28 -10.91
C GLY I 420 3.86 9.46 -10.57
N GLN I 421 5.04 9.57 -11.17
CA GLN I 421 5.94 10.66 -10.86
C GLN I 421 5.43 11.97 -11.47
N THR I 422 5.77 13.07 -10.81
CA THR I 422 5.40 14.40 -11.26
C THR I 422 6.65 15.29 -11.24
N GLY I 423 6.60 16.34 -12.04
CA GLY I 423 7.71 17.26 -12.15
C GLY I 423 7.84 17.78 -13.57
N ASN I 424 8.85 18.63 -13.75
CA ASN I 424 9.08 19.22 -15.07
C ASN I 424 9.26 18.13 -16.12
N ILE I 425 10.15 17.17 -15.86
CA ILE I 425 10.40 16.10 -16.83
C ILE I 425 9.15 15.25 -17.01
N ALA I 426 8.50 14.89 -15.90
CA ALA I 426 7.35 14.01 -15.98
C ALA I 426 6.15 14.69 -16.60
N ASP I 427 6.10 16.02 -16.58
CA ASP I 427 4.92 16.74 -17.05
C ASP I 427 5.08 17.32 -18.45
N TYR I 428 6.31 17.63 -18.87
CA TYR I 428 6.52 18.32 -20.12
C TYR I 428 7.45 17.58 -21.10
N ASN I 429 8.30 16.69 -20.62
CA ASN I 429 9.30 16.05 -21.47
C ASN I 429 9.10 14.56 -21.63
N TYR I 430 9.06 13.79 -20.54
CA TYR I 430 8.98 12.34 -20.64
C TYR I 430 8.12 11.82 -19.49
N LYS I 431 6.99 11.21 -19.84
CA LYS I 431 6.04 10.69 -18.86
C LYS I 431 5.81 9.21 -19.13
N LEU I 432 5.65 8.43 -18.06
CA LEU I 432 5.39 7.01 -18.15
C LEU I 432 4.01 6.69 -17.59
N PRO I 433 3.31 5.71 -18.14
CA PRO I 433 1.97 5.37 -17.64
C PRO I 433 2.05 4.60 -16.32
N ASP I 434 0.89 4.46 -15.70
CA ASP I 434 0.79 3.72 -14.44
C ASP I 434 0.89 2.22 -14.66
N ASP I 435 0.46 1.74 -15.83
CA ASP I 435 0.54 0.33 -16.18
C ASP I 435 1.87 -0.04 -16.83
N PHE I 436 2.91 0.75 -16.57
CA PHE I 436 4.20 0.51 -17.21
C PHE I 436 4.72 -0.87 -16.86
N THR I 437 5.39 -1.50 -17.83
CA THR I 437 6.01 -2.81 -17.65
C THR I 437 7.38 -2.74 -18.32
N GLY I 438 8.38 -2.35 -17.53
CA GLY I 438 9.72 -2.21 -18.06
C GLY I 438 10.72 -2.03 -16.93
N CYS I 439 11.92 -1.62 -17.32
CA CYS I 439 13.01 -1.40 -16.37
C CYS I 439 13.68 -0.08 -16.67
N VAL I 440 14.07 0.63 -15.61
CA VAL I 440 14.73 1.93 -15.71
C VAL I 440 16.17 1.77 -15.24
N ILE I 441 17.10 2.31 -16.01
CA ILE I 441 18.52 2.25 -15.70
C ILE I 441 19.09 3.66 -15.78
N ALA I 442 20.12 3.92 -14.97
CA ALA I 442 20.75 5.23 -14.96
C ALA I 442 22.18 5.09 -14.45
N TRP I 443 22.98 6.11 -14.72
CA TRP I 443 24.36 6.16 -14.26
C TRP I 443 24.93 7.54 -14.61
N ASN I 444 26.00 7.89 -13.91
CA ASN I 444 26.61 9.20 -14.10
C ASN I 444 27.48 9.20 -15.35
N SER I 445 27.44 10.32 -16.07
CA SER I 445 28.21 10.52 -17.29
C SER I 445 28.85 11.89 -17.31
N ASN I 446 29.39 12.30 -16.16
CA ASN I 446 29.99 13.63 -16.07
C ASN I 446 31.16 13.78 -17.03
N LYS I 447 31.97 12.72 -17.18
CA LYS I 447 33.12 12.77 -18.07
C LYS I 447 32.75 12.62 -19.54
N LEU I 448 31.47 12.45 -19.85
CA LEU I 448 31.00 12.28 -21.21
C LEU I 448 30.12 13.43 -21.69
N ASP I 449 29.06 13.74 -20.93
CA ASP I 449 28.08 14.74 -21.33
C ASP I 449 28.24 16.05 -20.58
N SER I 450 29.48 16.47 -20.32
CA SER I 450 29.75 17.74 -19.67
C SER I 450 31.06 18.30 -20.20
N LYS I 451 31.22 19.62 -20.05
CA LYS I 451 32.42 20.30 -20.49
C LYS I 451 32.66 21.49 -19.56
N PRO I 452 33.92 21.82 -19.27
CA PRO I 452 34.17 22.97 -18.40
C PRO I 452 33.74 24.29 -19.00
N SER I 453 33.79 24.41 -20.34
CA SER I 453 33.33 25.62 -20.99
C SER I 453 31.82 25.77 -20.97
N GLY I 454 31.10 24.76 -20.51
CA GLY I 454 29.65 24.83 -20.45
C GLY I 454 28.99 24.23 -21.67
N ASN I 455 28.29 23.12 -21.49
CA ASN I 455 27.60 22.46 -22.59
C ASN I 455 26.15 22.93 -22.65
N TYR I 456 25.68 23.21 -23.86
CA TYR I 456 24.33 23.72 -24.08
C TYR I 456 23.62 22.98 -25.20
N ASN I 457 23.81 21.66 -25.26
CA ASN I 457 23.14 20.83 -26.26
C ASN I 457 21.93 20.10 -25.71
N TYR I 458 21.79 20.01 -24.39
CA TYR I 458 20.65 19.34 -23.76
C TYR I 458 19.64 20.37 -23.28
N LEU I 459 18.36 20.03 -23.42
CA LEU I 459 17.27 20.93 -23.06
C LEU I 459 16.25 20.16 -22.24
N TYR I 460 15.36 20.90 -21.56
CA TYR I 460 14.37 20.28 -20.70
C TYR I 460 12.99 20.91 -20.79
N ARG I 461 12.77 21.90 -21.66
CA ARG I 461 11.44 22.45 -21.90
C ARG I 461 10.81 22.97 -20.60
N LEU I 462 11.43 24.02 -20.06
CA LEU I 462 11.02 24.57 -18.78
C LEU I 462 9.50 24.72 -18.68
N LEU I 463 8.87 25.28 -19.70
CA LEU I 463 7.44 25.58 -19.67
C LEU I 463 6.72 24.84 -20.79
N ARG I 464 5.39 24.81 -20.66
CA ARG I 464 4.53 24.20 -21.66
C ARG I 464 3.09 24.60 -21.35
N LYS I 465 2.22 24.45 -22.35
CA LYS I 465 0.81 24.79 -22.16
C LYS I 465 0.16 23.87 -21.13
N SER I 466 0.37 22.56 -21.25
CA SER I 466 -0.25 21.60 -20.37
C SER I 466 0.71 20.43 -20.17
N LYS I 467 0.26 19.42 -19.44
CA LYS I 467 1.08 18.26 -19.16
C LYS I 467 1.12 17.33 -20.36
N LEU I 468 2.33 16.96 -20.78
CA LEU I 468 2.50 16.01 -21.88
C LEU I 468 2.01 14.64 -21.46
N LYS I 469 1.44 13.92 -22.42
CA LYS I 469 0.93 12.58 -22.17
C LYS I 469 2.06 11.55 -22.24
N PRO I 470 1.84 10.36 -21.69
CA PRO I 470 2.91 9.35 -21.70
C PRO I 470 3.32 8.96 -23.11
N PHE I 471 4.61 8.68 -23.27
CA PHE I 471 5.18 8.18 -24.51
C PHE I 471 4.95 9.13 -25.68
N GLU I 472 4.81 10.42 -25.40
CA GLU I 472 4.64 11.43 -26.44
C GLU I 472 5.85 12.36 -26.47
N ARG I 473 5.97 13.08 -27.58
CA ARG I 473 7.10 13.96 -27.84
C ARG I 473 6.57 15.30 -28.36
N ASP I 474 7.16 16.38 -27.86
CA ASP I 474 6.72 17.74 -28.17
C ASP I 474 7.90 18.62 -28.53
N ILE I 475 8.74 18.14 -29.45
CA ILE I 475 9.97 18.84 -29.81
C ILE I 475 9.66 20.13 -30.57
N SER I 476 8.39 20.39 -30.83
CA SER I 476 8.00 21.63 -31.48
C SER I 476 8.59 22.83 -30.75
N THR I 477 9.08 23.80 -31.52
CA THR I 477 9.71 25.00 -30.97
C THR I 477 8.71 26.15 -30.83
N GLU I 478 7.43 25.84 -30.64
CA GLU I 478 6.41 26.88 -30.49
C GLU I 478 6.67 27.66 -29.21
N ILE I 479 6.83 28.98 -29.35
CA ILE I 479 7.09 29.83 -28.20
C ILE I 479 5.80 29.97 -27.39
N TYR I 480 5.87 29.62 -26.11
CA TYR I 480 4.69 29.71 -25.25
C TYR I 480 4.24 31.16 -25.13
N GLN I 481 2.93 31.36 -25.00
CA GLN I 481 2.33 32.67 -24.89
C GLN I 481 1.42 32.70 -23.67
N ALA I 482 1.79 33.51 -22.67
CA ALA I 482 0.99 33.64 -21.46
C ALA I 482 0.00 34.80 -21.53
N GLY I 483 0.22 35.75 -22.44
CA GLY I 483 -0.66 36.89 -22.58
C GLY I 483 -1.71 36.69 -23.65
N ASN I 484 -2.36 37.79 -24.01
CA ASN I 484 -3.40 37.77 -25.02
C ASN I 484 -2.91 38.25 -26.39
N LYS I 485 -1.97 39.19 -26.42
CA LYS I 485 -1.49 39.70 -27.69
C LYS I 485 -0.59 38.66 -28.36
N PRO I 486 -0.67 38.50 -29.68
CA PRO I 486 0.22 37.56 -30.36
C PRO I 486 1.68 37.90 -30.13
N CYS I 487 2.51 36.86 -30.05
CA CYS I 487 3.93 37.05 -29.86
C CYS I 487 4.58 37.51 -31.16
N ASN I 488 5.69 38.24 -31.03
CA ASN I 488 6.40 38.81 -32.18
C ASN I 488 7.48 37.88 -32.71
N GLY I 489 7.34 36.58 -32.53
CA GLY I 489 8.32 35.63 -32.99
C GLY I 489 9.50 35.44 -32.05
N VAL I 490 9.65 36.29 -31.05
CA VAL I 490 10.75 36.20 -30.09
C VAL I 490 10.18 36.38 -28.69
N ALA I 491 10.94 35.91 -27.70
CA ALA I 491 10.52 36.00 -26.31
C ALA I 491 10.18 37.45 -25.96
N GLY I 492 9.14 37.61 -25.15
CA GLY I 492 8.72 38.93 -24.72
C GLY I 492 8.11 38.90 -23.33
N PRO I 493 7.49 40.01 -22.94
CA PRO I 493 6.88 40.06 -21.60
C PRO I 493 5.81 39.02 -21.38
N ASN I 494 5.14 38.57 -22.44
CA ASN I 494 4.08 37.58 -22.35
C ASN I 494 4.46 36.22 -22.92
N CYS I 495 5.41 36.16 -23.83
CA CYS I 495 5.90 34.90 -24.40
C CYS I 495 7.36 34.70 -24.02
N TYR I 496 7.71 33.47 -23.68
CA TYR I 496 9.04 33.12 -23.22
C TYR I 496 9.57 31.94 -24.01
N SER I 497 10.90 31.87 -24.10
CA SER I 497 11.54 30.75 -24.78
C SER I 497 11.52 29.53 -23.88
N PRO I 498 10.85 28.44 -24.28
CA PRO I 498 10.73 27.29 -23.38
C PRO I 498 11.97 26.41 -23.37
N LEU I 499 12.67 26.36 -24.50
CA LEU I 499 13.79 25.45 -24.68
C LEU I 499 14.99 25.96 -23.89
N GLN I 500 14.89 25.81 -22.57
CA GLN I 500 16.02 26.10 -21.69
C GLN I 500 17.07 25.01 -21.83
N SER I 501 18.17 25.16 -21.09
CA SER I 501 19.30 24.25 -21.22
C SER I 501 19.98 24.08 -19.88
N TYR I 502 20.73 22.98 -19.76
CA TYR I 502 21.52 22.67 -18.57
C TYR I 502 22.98 22.99 -18.86
N GLY I 503 23.55 23.92 -18.10
CA GLY I 503 24.95 24.25 -18.26
C GLY I 503 25.84 23.29 -17.49
N PHE I 504 25.88 22.03 -17.92
CA PHE I 504 26.67 21.03 -17.21
C PHE I 504 28.14 21.43 -17.16
N ARG I 505 28.77 21.16 -16.02
CA ARG I 505 30.18 21.45 -15.82
C ARG I 505 30.76 20.40 -14.91
N PRO I 506 32.00 19.96 -15.13
CA PRO I 506 32.59 18.94 -14.25
C PRO I 506 32.65 19.37 -12.79
N THR I 507 32.62 20.67 -12.51
CA THR I 507 32.72 21.14 -11.13
C THR I 507 31.41 20.96 -10.36
N TYR I 508 30.30 20.77 -11.06
CA TYR I 508 29.02 20.61 -10.37
C TYR I 508 29.04 19.40 -9.45
N GLY I 509 28.09 19.38 -8.51
CA GLY I 509 27.98 18.30 -7.57
C GLY I 509 26.86 17.33 -7.92
N VAL I 510 26.83 16.23 -7.17
CA VAL I 510 25.79 15.22 -7.33
C VAL I 510 24.44 15.91 -7.24
N GLY I 511 23.48 15.46 -8.05
CA GLY I 511 22.21 16.14 -8.19
C GLY I 511 22.17 17.18 -9.29
N HIS I 512 23.34 17.61 -9.78
CA HIS I 512 23.42 18.52 -10.91
C HIS I 512 24.27 17.97 -12.05
N GLN I 513 25.13 16.99 -11.80
CA GLN I 513 25.92 16.40 -12.87
C GLN I 513 25.02 15.64 -13.83
N PRO I 514 25.45 15.45 -15.08
CA PRO I 514 24.60 14.79 -16.06
C PRO I 514 24.56 13.29 -15.86
N TYR I 515 23.35 12.73 -15.79
CA TYR I 515 23.13 11.30 -15.68
C TYR I 515 22.38 10.82 -16.91
N ARG I 516 22.83 9.71 -17.48
CA ARG I 516 22.14 9.08 -18.59
C ARG I 516 21.07 8.14 -18.07
N VAL I 517 19.91 8.15 -18.71
CA VAL I 517 18.78 7.32 -18.31
C VAL I 517 18.32 6.51 -19.52
N VAL I 518 18.11 5.22 -19.31
CA VAL I 518 17.62 4.31 -20.33
C VAL I 518 16.35 3.65 -19.80
N VAL I 519 15.29 3.70 -20.59
CA VAL I 519 13.99 3.15 -20.22
C VAL I 519 13.66 2.05 -21.21
N LEU I 520 13.75 0.80 -20.76
CA LEU I 520 13.45 -0.35 -21.59
C LEU I 520 12.04 -0.83 -21.27
N SER I 521 11.16 -0.76 -22.26
CA SER I 521 9.76 -1.12 -22.10
C SER I 521 9.44 -2.31 -22.99
N PHE I 522 8.58 -3.20 -22.49
CA PHE I 522 8.20 -4.39 -23.23
C PHE I 522 6.77 -4.78 -22.86
N GLU I 523 6.07 -5.37 -23.81
CA GLU I 523 4.69 -5.80 -23.63
C GLU I 523 4.67 -7.32 -23.57
N LEU I 524 4.36 -7.86 -22.39
CA LEU I 524 4.33 -9.30 -22.17
C LEU I 524 2.99 -9.92 -22.52
N LEU I 525 2.15 -9.21 -23.28
CA LEU I 525 0.87 -9.75 -23.69
C LEU I 525 1.07 -11.03 -24.50
N HIS I 526 0.02 -11.85 -24.55
CA HIS I 526 0.06 -13.09 -25.31
C HIS I 526 -0.01 -12.80 -26.80
N ALA I 527 1.02 -12.16 -27.33
CA ALA I 527 1.11 -11.79 -28.74
C ALA I 527 2.37 -12.39 -29.35
N PRO I 528 2.47 -12.42 -30.67
CA PRO I 528 3.68 -12.97 -31.30
C PRO I 528 4.95 -12.33 -30.74
N ALA I 529 5.93 -13.17 -30.43
CA ALA I 529 7.14 -12.74 -29.78
C ALA I 529 8.25 -12.50 -30.80
N THR I 530 9.20 -11.65 -30.42
CA THR I 530 10.34 -11.34 -31.27
C THR I 530 11.67 -11.39 -30.53
N VAL I 531 11.69 -11.26 -29.21
CA VAL I 531 12.90 -11.37 -28.41
C VAL I 531 12.63 -12.33 -27.26
N CYS I 532 13.52 -13.29 -27.06
CA CYS I 532 13.33 -14.32 -26.04
C CYS I 532 14.52 -14.55 -25.12
N GLY I 533 15.74 -14.29 -25.57
CA GLY I 533 16.91 -14.52 -24.76
C GLY I 533 17.75 -15.68 -25.26
N PRO I 534 18.84 -15.97 -24.55
CA PRO I 534 19.75 -17.03 -24.98
C PRO I 534 19.27 -18.42 -24.61
N LYS I 535 18.00 -18.54 -24.24
CA LYS I 535 17.43 -19.82 -23.84
C LYS I 535 17.69 -20.89 -24.89
N LYS I 536 17.66 -22.16 -24.48
CA LYS I 536 17.84 -23.28 -25.38
C LYS I 536 16.49 -23.89 -25.74
N SER I 537 16.49 -24.74 -26.75
CA SER I 537 15.28 -25.36 -27.27
C SER I 537 15.42 -26.88 -27.23
N THR I 538 14.45 -27.54 -26.63
CA THR I 538 14.40 -28.98 -26.54
C THR I 538 13.39 -29.54 -27.53
N ASN I 539 13.58 -30.81 -27.90
CA ASN I 539 12.70 -31.46 -28.85
C ASN I 539 11.27 -31.48 -28.33
N LEU I 540 10.33 -31.63 -29.25
CA LEU I 540 8.92 -31.61 -28.92
C LEU I 540 8.46 -33.00 -28.49
N VAL I 541 7.68 -33.05 -27.41
CA VAL I 541 7.08 -34.28 -26.93
C VAL I 541 5.57 -34.06 -26.83
N LYS I 542 4.80 -35.11 -27.06
CA LYS I 542 3.35 -34.98 -27.14
C LYS I 542 2.70 -36.27 -26.66
N ASN I 543 1.43 -36.17 -26.28
CA ASN I 543 0.62 -37.28 -25.82
C ASN I 543 1.09 -37.84 -24.48
N LYS I 544 1.81 -37.04 -23.69
CA LYS I 544 2.29 -37.48 -22.39
C LYS I 544 2.42 -36.27 -21.48
N CYS I 545 2.21 -36.49 -20.18
CA CYS I 545 2.30 -35.42 -19.21
C CYS I 545 3.74 -34.93 -19.11
N VAL I 546 3.95 -33.66 -19.43
CA VAL I 546 5.28 -33.08 -19.47
C VAL I 546 5.17 -31.59 -19.18
N ASN I 547 6.24 -31.03 -18.62
CA ASN I 547 6.34 -29.59 -18.45
C ASN I 547 6.70 -28.95 -19.79
N PHE I 548 6.14 -27.76 -20.02
CA PHE I 548 6.41 -27.01 -21.24
C PHE I 548 6.77 -25.58 -20.89
N ASN I 549 7.67 -25.01 -21.68
CA ASN I 549 8.09 -23.62 -21.53
C ASN I 549 8.08 -23.00 -22.93
N PHE I 550 6.92 -22.51 -23.33
CA PHE I 550 6.78 -21.78 -24.58
C PHE I 550 7.28 -20.36 -24.39
N ASN I 551 6.93 -19.45 -25.30
CA ASN I 551 7.51 -18.11 -25.28
C ASN I 551 6.95 -17.37 -24.07
N GLY I 552 7.50 -17.70 -22.90
CA GLY I 552 7.15 -17.10 -21.65
C GLY I 552 6.09 -17.87 -20.87
N LEU I 553 5.39 -18.78 -21.53
CA LEU I 553 4.29 -19.52 -20.90
C LEU I 553 4.79 -20.86 -20.40
N THR I 554 4.61 -21.12 -19.11
CA THR I 554 4.97 -22.39 -18.49
C THR I 554 3.72 -23.06 -17.94
N GLY I 555 3.82 -24.36 -17.72
CA GLY I 555 2.72 -25.10 -17.15
C GLY I 555 2.87 -26.59 -17.43
N THR I 556 1.90 -27.33 -16.92
CA THR I 556 1.83 -28.77 -17.07
C THR I 556 0.61 -29.16 -17.89
N GLY I 557 0.76 -30.21 -18.69
CA GLY I 557 -0.35 -30.69 -19.49
C GLY I 557 0.11 -31.64 -20.57
N VAL I 558 -0.86 -32.17 -21.30
CA VAL I 558 -0.64 -33.10 -22.40
C VAL I 558 -1.09 -32.42 -23.68
N LEU I 559 -0.15 -32.21 -24.60
CA LEU I 559 -0.49 -31.63 -25.90
C LEU I 559 -1.17 -32.66 -26.79
N THR I 560 -2.07 -32.18 -27.64
CA THR I 560 -2.83 -33.07 -28.52
C THR I 560 -2.95 -32.59 -29.95
N GLU I 561 -2.51 -31.37 -30.27
CA GLU I 561 -2.56 -30.85 -31.65
C GLU I 561 -4.01 -30.84 -32.16
N SER I 562 -4.83 -30.00 -31.53
CA SER I 562 -6.23 -29.89 -31.90
C SER I 562 -6.36 -29.15 -33.23
N ASN I 563 -7.59 -28.88 -33.64
CA ASN I 563 -7.88 -28.29 -34.94
C ASN I 563 -8.19 -26.80 -34.86
N LYS I 564 -7.85 -26.15 -33.76
CA LYS I 564 -8.08 -24.71 -33.63
C LYS I 564 -7.35 -23.97 -34.75
N LYS I 565 -8.11 -23.19 -35.51
CA LYS I 565 -7.57 -22.43 -36.65
C LYS I 565 -7.43 -20.97 -36.22
N PHE I 566 -6.24 -20.63 -35.74
CA PHE I 566 -5.97 -19.26 -35.30
C PHE I 566 -5.84 -18.34 -36.50
N LEU I 567 -5.56 -17.08 -36.22
CA LEU I 567 -5.31 -16.05 -37.22
C LEU I 567 -3.83 -15.71 -37.27
N PRO I 568 -3.39 -14.98 -38.30
CA PRO I 568 -1.96 -14.69 -38.43
C PRO I 568 -1.38 -13.89 -37.27
N PHE I 569 -2.21 -13.29 -36.41
CA PHE I 569 -1.72 -12.49 -35.31
C PHE I 569 -2.01 -13.11 -33.95
N GLN I 570 -2.60 -14.30 -33.90
CA GLN I 570 -2.91 -14.98 -32.66
C GLN I 570 -1.84 -16.02 -32.35
N GLN I 571 -1.47 -16.13 -31.07
CA GLN I 571 -0.48 -17.09 -30.62
C GLN I 571 -0.92 -17.92 -29.43
N PHE I 572 -1.90 -17.45 -28.65
CA PHE I 572 -2.35 -18.17 -27.47
C PHE I 572 -3.88 -18.11 -27.41
N GLY I 573 -4.46 -19.09 -26.75
CA GLY I 573 -5.89 -19.13 -26.54
C GLY I 573 -6.21 -19.41 -25.08
N ARG I 574 -7.16 -18.64 -24.55
CA ARG I 574 -7.54 -18.72 -23.15
C ARG I 574 -8.99 -19.17 -23.03
N ASP I 575 -9.26 -19.94 -21.98
CA ASP I 575 -10.60 -20.46 -21.73
C ASP I 575 -11.40 -19.45 -20.90
N ILE I 576 -12.55 -19.89 -20.39
CA ILE I 576 -13.40 -18.99 -19.60
C ILE I 576 -12.63 -18.44 -18.41
N ALA I 577 -11.80 -19.27 -17.78
CA ALA I 577 -11.05 -18.88 -16.60
C ALA I 577 -9.73 -18.20 -16.94
N ASP I 578 -9.57 -17.70 -18.16
CA ASP I 578 -8.34 -17.07 -18.63
C ASP I 578 -7.15 -18.02 -18.53
N THR I 579 -7.40 -19.32 -18.53
CA THR I 579 -6.35 -20.33 -18.49
C THR I 579 -5.99 -20.71 -19.92
N THR I 580 -4.71 -20.59 -20.27
CA THR I 580 -4.27 -20.90 -21.62
C THR I 580 -4.51 -22.37 -21.93
N ASP I 581 -5.17 -22.63 -23.06
CA ASP I 581 -5.45 -23.99 -23.51
C ASP I 581 -4.92 -24.29 -24.91
N ALA I 582 -4.39 -23.28 -25.62
CA ALA I 582 -3.83 -23.48 -26.95
C ALA I 582 -2.61 -22.60 -27.11
N VAL I 583 -1.67 -23.07 -27.92
CA VAL I 583 -0.41 -22.37 -28.14
C VAL I 583 0.07 -22.65 -29.55
N ARG I 584 0.77 -21.67 -30.12
CA ARG I 584 1.38 -21.81 -31.44
C ARG I 584 2.87 -22.07 -31.27
N ASP I 585 3.41 -22.93 -32.11
CA ASP I 585 4.82 -23.29 -32.01
C ASP I 585 5.68 -22.16 -32.57
N PRO I 586 6.67 -21.66 -31.81
CA PRO I 586 7.53 -20.61 -32.35
C PRO I 586 8.38 -21.06 -33.53
N GLN I 587 8.66 -22.35 -33.66
CA GLN I 587 9.50 -22.86 -34.73
C GLN I 587 8.72 -23.49 -35.88
N THR I 588 7.40 -23.60 -35.75
CA THR I 588 6.56 -24.14 -36.81
C THR I 588 5.23 -23.41 -36.77
N LEU I 589 4.29 -23.87 -37.60
CA LEU I 589 2.96 -23.27 -37.69
C LEU I 589 1.89 -24.17 -37.07
N GLU I 590 2.27 -25.11 -36.23
CA GLU I 590 1.32 -26.04 -35.65
C GLU I 590 0.61 -25.41 -34.45
N ILE I 591 -0.64 -25.82 -34.26
CA ILE I 591 -1.48 -25.32 -33.17
C ILE I 591 -1.69 -26.48 -32.19
N LEU I 592 -1.06 -26.38 -31.03
CA LEU I 592 -1.16 -27.40 -30.00
C LEU I 592 -2.27 -27.05 -29.02
N ASP I 593 -2.86 -28.07 -28.42
CA ASP I 593 -3.93 -27.90 -27.44
C ASP I 593 -3.45 -28.43 -26.09
N ILE I 594 -3.47 -27.57 -25.09
CA ILE I 594 -3.01 -27.92 -23.74
C ILE I 594 -4.19 -28.42 -22.93
N THR I 595 -4.01 -29.54 -22.26
CA THR I 595 -5.02 -30.12 -21.39
C THR I 595 -4.35 -30.63 -20.12
N PRO I 596 -5.06 -30.61 -18.99
CA PRO I 596 -4.44 -31.05 -17.74
C PRO I 596 -4.21 -32.55 -17.72
N CYS I 597 -3.12 -32.95 -17.07
CA CYS I 597 -2.77 -34.35 -16.98
C CYS I 597 -3.82 -35.11 -16.19
N SER I 598 -3.68 -36.43 -16.18
CA SER I 598 -4.60 -37.29 -15.44
C SER I 598 -4.74 -36.80 -14.01
N PHE I 599 -5.98 -36.55 -13.59
CA PHE I 599 -6.25 -35.94 -12.30
C PHE I 599 -7.58 -36.47 -11.79
N GLY I 600 -7.67 -36.61 -10.47
CA GLY I 600 -8.89 -37.09 -9.85
C GLY I 600 -8.73 -37.32 -8.36
N GLY I 601 -9.85 -37.41 -7.65
CA GLY I 601 -9.82 -37.63 -6.23
C GLY I 601 -9.92 -39.10 -5.88
N VAL I 602 -9.50 -39.43 -4.66
CA VAL I 602 -9.48 -40.80 -4.19
C VAL I 602 -9.85 -40.82 -2.71
N SER I 603 -10.84 -41.63 -2.37
CA SER I 603 -11.23 -41.86 -0.99
C SER I 603 -10.75 -43.24 -0.55
N VAL I 604 -10.78 -43.47 0.76
CA VAL I 604 -10.28 -44.70 1.36
C VAL I 604 -11.41 -45.29 2.18
N ILE I 605 -12.12 -46.26 1.62
CA ILE I 605 -13.12 -47.00 2.39
C ILE I 605 -12.40 -47.87 3.41
N THR I 606 -12.81 -47.76 4.68
CA THR I 606 -12.15 -48.45 5.76
C THR I 606 -13.17 -48.89 6.80
N PRO I 607 -13.17 -50.16 7.21
CA PRO I 607 -13.99 -50.55 8.36
C PRO I 607 -13.42 -50.01 9.66
N GLY I 608 -14.06 -50.33 10.78
CA GLY I 608 -13.57 -49.87 12.06
C GLY I 608 -12.15 -50.34 12.33
N THR I 609 -11.24 -49.39 12.56
CA THR I 609 -9.86 -49.76 12.90
C THR I 609 -9.83 -50.76 14.05
N ASN I 610 -10.78 -50.67 14.98
CA ASN I 610 -10.88 -51.66 16.04
C ASN I 610 -11.14 -53.05 15.49
N THR I 611 -11.77 -53.14 14.31
CA THR I 611 -12.10 -54.41 13.70
C THR I 611 -10.94 -54.94 12.86
N SER I 612 -10.45 -54.14 11.91
CA SER I 612 -9.37 -54.58 11.03
C SER I 612 -8.68 -53.35 10.47
N ASN I 613 -7.48 -53.58 9.94
CA ASN I 613 -6.68 -52.52 9.33
C ASN I 613 -6.73 -52.53 7.81
N GLN I 614 -7.41 -53.50 7.21
CA GLN I 614 -7.55 -53.54 5.76
C GLN I 614 -8.30 -52.30 5.28
N VAL I 615 -7.94 -51.84 4.08
CA VAL I 615 -8.53 -50.63 3.51
C VAL I 615 -8.73 -50.82 2.02
N ALA I 616 -9.84 -50.27 1.52
CA ALA I 616 -10.15 -50.26 0.10
C ALA I 616 -9.99 -48.85 -0.44
N VAL I 617 -9.66 -48.76 -1.73
CA VAL I 617 -9.40 -47.49 -2.39
C VAL I 617 -10.45 -47.29 -3.47
N LEU I 618 -10.95 -46.06 -3.58
CA LEU I 618 -11.96 -45.68 -4.56
C LEU I 618 -11.45 -44.49 -5.36
N TYR I 619 -11.22 -44.69 -6.64
CA TYR I 619 -10.84 -43.62 -7.55
C TYR I 619 -12.10 -43.09 -8.22
N GLN I 620 -12.51 -41.89 -7.83
CA GLN I 620 -13.78 -41.34 -8.26
C GLN I 620 -13.73 -40.93 -9.72
N GLY I 621 -14.61 -41.52 -10.54
CA GLY I 621 -14.79 -41.13 -11.92
C GLY I 621 -13.82 -41.76 -12.90
N VAL I 622 -12.64 -42.16 -12.45
CA VAL I 622 -11.64 -42.73 -13.33
C VAL I 622 -11.98 -44.18 -13.64
N ASN I 623 -11.78 -44.59 -14.88
CA ASN I 623 -12.01 -45.97 -15.27
C ASN I 623 -10.89 -46.85 -14.72
N CYS I 624 -11.25 -48.06 -14.31
CA CYS I 624 -10.25 -48.98 -13.75
C CYS I 624 -9.06 -49.16 -14.69
N THR I 625 -9.29 -49.08 -16.00
CA THR I 625 -8.22 -49.24 -16.96
C THR I 625 -7.42 -47.97 -17.19
N GLU I 626 -7.85 -46.84 -16.61
CA GLU I 626 -7.15 -45.59 -16.83
C GLU I 626 -5.87 -45.52 -16.01
N VAL I 627 -6.01 -45.57 -14.68
CA VAL I 627 -4.86 -45.49 -13.78
C VAL I 627 -5.11 -46.38 -12.57
N PRO I 628 -4.97 -47.69 -12.70
CA PRO I 628 -4.97 -48.53 -11.48
C PRO I 628 -3.77 -48.26 -10.60
N VAL I 629 -2.57 -48.30 -11.17
CA VAL I 629 -1.34 -47.91 -10.47
C VAL I 629 -0.58 -46.94 -11.35
N ALA I 630 -0.22 -47.37 -12.56
CA ALA I 630 0.35 -46.49 -13.59
C ALA I 630 1.62 -45.78 -13.10
N ILE I 631 2.38 -46.43 -12.23
CA ILE I 631 3.67 -45.90 -11.79
C ILE I 631 4.68 -47.03 -11.73
N HIS I 632 5.94 -46.69 -11.99
CA HIS I 632 7.06 -47.61 -11.89
C HIS I 632 7.98 -47.22 -10.74
N ALA I 633 7.41 -46.77 -9.63
CA ALA I 633 8.14 -46.30 -8.46
C ALA I 633 8.95 -45.04 -8.76
N ASP I 634 8.61 -44.33 -9.83
CA ASP I 634 9.31 -43.10 -10.21
C ASP I 634 8.29 -42.05 -10.65
N GLN I 635 7.24 -41.89 -9.85
CA GLN I 635 6.16 -40.97 -10.18
C GLN I 635 5.73 -40.27 -8.88
N LEU I 636 4.55 -39.66 -8.91
CA LEU I 636 4.08 -38.81 -7.82
C LEU I 636 4.40 -39.40 -6.46
N THR I 637 5.10 -38.62 -5.64
CA THR I 637 5.59 -39.06 -4.33
C THR I 637 4.52 -39.03 -3.25
N PRO I 638 3.71 -37.96 -3.13
CA PRO I 638 2.78 -37.91 -1.98
C PRO I 638 1.82 -39.08 -1.93
N THR I 639 1.15 -39.37 -3.04
CA THR I 639 0.26 -40.53 -3.14
C THR I 639 1.07 -41.72 -3.67
N TRP I 640 1.96 -42.21 -2.81
CA TRP I 640 2.88 -43.29 -3.16
C TRP I 640 2.30 -44.67 -2.94
N ARG I 641 1.02 -44.78 -2.62
CA ARG I 641 0.42 -46.08 -2.36
C ARG I 641 0.12 -46.80 -3.67
N VAL I 642 0.10 -48.12 -3.60
CA VAL I 642 -0.11 -48.94 -4.79
C VAL I 642 -0.84 -50.22 -4.39
N TYR I 643 -1.91 -50.52 -5.13
CA TYR I 643 -2.58 -51.82 -5.07
C TYR I 643 -2.73 -52.30 -6.51
N SER I 644 -1.84 -53.19 -6.93
CA SER I 644 -1.68 -53.50 -8.35
C SER I 644 -2.77 -54.44 -8.86
N THR I 645 -2.84 -55.65 -8.30
CA THR I 645 -3.75 -56.67 -8.81
C THR I 645 -4.44 -57.35 -7.64
N GLY I 646 -5.13 -58.45 -7.94
CA GLY I 646 -5.88 -59.18 -6.94
C GLY I 646 -7.22 -59.65 -7.47
N SER I 647 -7.60 -59.14 -8.64
CA SER I 647 -8.86 -59.44 -9.32
C SER I 647 -10.05 -58.83 -8.61
N ASN I 648 -9.87 -58.18 -7.46
CA ASN I 648 -10.96 -57.57 -6.71
C ASN I 648 -11.12 -56.09 -7.07
N VAL I 649 -11.23 -55.80 -8.35
CA VAL I 649 -11.44 -54.44 -8.84
C VAL I 649 -12.77 -54.40 -9.59
N PHE I 650 -13.62 -53.44 -9.20
CA PHE I 650 -14.92 -53.26 -9.81
C PHE I 650 -15.06 -51.81 -10.22
N GLN I 651 -15.47 -51.58 -11.47
CA GLN I 651 -15.64 -50.23 -12.01
C GLN I 651 -17.07 -49.80 -11.74
N THR I 652 -17.30 -49.19 -10.58
CA THR I 652 -18.60 -48.62 -10.28
C THR I 652 -18.92 -47.49 -11.24
N ARG I 653 -20.21 -47.18 -11.36
CA ARG I 653 -20.62 -46.05 -12.20
C ARG I 653 -20.04 -44.74 -11.70
N ALA I 654 -19.52 -44.71 -10.47
CA ALA I 654 -18.90 -43.52 -9.90
C ALA I 654 -17.38 -43.55 -9.95
N GLY I 655 -16.78 -44.72 -10.11
CA GLY I 655 -15.34 -44.82 -10.14
C GLY I 655 -14.90 -46.27 -10.01
N CYS I 656 -13.60 -46.44 -9.79
CA CYS I 656 -12.99 -47.75 -9.63
C CYS I 656 -12.77 -48.00 -8.14
N LEU I 657 -13.27 -49.14 -7.65
CA LEU I 657 -13.14 -49.53 -6.25
C LEU I 657 -12.08 -50.61 -6.16
N ILE I 658 -10.86 -50.22 -5.80
CA ILE I 658 -9.75 -51.15 -5.63
C ILE I 658 -9.75 -51.65 -4.20
N GLY I 659 -9.57 -52.96 -4.04
CA GLY I 659 -9.56 -53.57 -2.73
C GLY I 659 -10.90 -54.10 -2.26
N ALA I 660 -11.82 -54.38 -3.18
CA ALA I 660 -13.14 -54.88 -2.81
C ALA I 660 -13.59 -55.90 -3.84
N GLU I 661 -14.02 -57.06 -3.37
CA GLU I 661 -14.52 -58.13 -4.23
C GLU I 661 -16.01 -57.91 -4.46
N TYR I 662 -16.37 -57.52 -5.67
CA TYR I 662 -17.77 -57.26 -6.01
C TYR I 662 -18.53 -58.57 -6.00
N VAL I 663 -19.32 -58.81 -4.95
CA VAL I 663 -20.13 -60.00 -4.85
C VAL I 663 -21.42 -59.79 -5.64
N ASN I 664 -22.17 -60.87 -5.85
CA ASN I 664 -23.43 -60.79 -6.60
C ASN I 664 -24.64 -60.64 -5.69
N ASN I 665 -24.54 -61.00 -4.42
CA ASN I 665 -25.66 -60.88 -3.52
C ASN I 665 -25.91 -59.41 -3.17
N SER I 666 -27.02 -59.16 -2.49
CA SER I 666 -27.41 -57.81 -2.08
C SER I 666 -27.86 -57.84 -0.63
N TYR I 667 -27.36 -56.90 0.16
CA TYR I 667 -27.71 -56.76 1.56
C TYR I 667 -27.97 -55.29 1.87
N GLU I 668 -28.22 -55.00 3.14
CA GLU I 668 -28.44 -53.63 3.56
C GLU I 668 -27.13 -52.85 3.48
N CYS I 669 -27.23 -51.60 3.03
CA CYS I 669 -26.03 -50.77 2.86
C CYS I 669 -25.36 -50.51 4.20
N ASP I 670 -24.03 -50.61 4.21
CA ASP I 670 -23.23 -50.34 5.39
C ASP I 670 -22.30 -49.15 5.21
N ILE I 671 -21.54 -49.13 4.13
CA ILE I 671 -20.65 -48.02 3.80
C ILE I 671 -21.02 -47.49 2.42
N PRO I 672 -21.74 -46.37 2.32
CA PRO I 672 -22.19 -45.90 1.00
C PRO I 672 -21.02 -45.39 0.17
N ILE I 673 -20.78 -46.06 -0.96
CA ILE I 673 -19.72 -45.65 -1.89
C ILE I 673 -20.32 -44.75 -2.95
N GLY I 674 -21.28 -45.26 -3.70
CA GLY I 674 -21.95 -44.48 -4.73
C GLY I 674 -22.58 -45.33 -5.81
N ALA I 675 -23.75 -44.89 -6.28
CA ALA I 675 -24.46 -45.57 -7.36
C ALA I 675 -24.81 -47.01 -6.97
N GLY I 676 -25.53 -47.13 -5.86
CA GLY I 676 -26.01 -48.41 -5.40
C GLY I 676 -24.98 -49.31 -4.77
N ILE I 677 -23.70 -48.94 -4.81
CA ILE I 677 -22.63 -49.79 -4.32
C ILE I 677 -22.33 -49.42 -2.86
N CYS I 678 -22.33 -50.43 -2.00
CA CYS I 678 -21.97 -50.25 -0.60
C CYS I 678 -21.02 -51.36 -0.18
N ALA I 679 -20.07 -51.03 0.69
CA ALA I 679 -19.05 -51.96 1.14
C ALA I 679 -19.30 -52.35 2.59
N SER I 680 -18.84 -53.54 2.96
CA SER I 680 -19.01 -54.04 4.31
C SER I 680 -17.95 -55.11 4.59
N TYR I 681 -17.59 -55.24 5.85
CA TYR I 681 -16.61 -56.24 6.29
C TYR I 681 -17.29 -57.54 6.69
N GLN I 682 -18.09 -58.08 5.78
CA GLN I 682 -18.87 -59.27 6.07
C GLN I 682 -17.97 -60.45 6.40
N THR I 683 -18.47 -61.34 7.25
CA THR I 683 -17.73 -62.52 7.69
C THR I 683 -18.16 -63.78 6.94
N GLN I 684 -18.53 -63.63 5.66
CA GLN I 684 -18.95 -64.75 4.83
C GLN I 684 -18.00 -65.01 3.67
N THR I 685 -16.77 -64.49 3.76
CA THR I 685 -15.79 -64.67 2.69
C THR I 685 -14.77 -65.73 3.07
N ALA I 695 -15.55 -70.12 7.31
CA ALA I 695 -15.47 -68.94 6.47
C ALA I 695 -14.57 -67.88 7.10
N SER I 696 -14.30 -66.80 6.37
CA SER I 696 -13.46 -65.72 6.86
C SER I 696 -14.18 -64.39 6.72
N GLN I 697 -13.47 -63.30 7.01
CA GLN I 697 -14.03 -61.95 6.93
C GLN I 697 -13.09 -61.07 6.11
N SER I 698 -13.66 -60.35 5.15
CA SER I 698 -12.88 -59.47 4.29
C SER I 698 -13.80 -58.41 3.71
N ILE I 699 -13.19 -57.41 3.07
CA ILE I 699 -13.94 -56.32 2.47
C ILE I 699 -14.54 -56.80 1.15
N ILE I 700 -15.75 -56.34 0.85
CA ILE I 700 -16.47 -56.71 -0.34
C ILE I 700 -17.26 -55.50 -0.84
N ALA I 701 -17.95 -55.69 -1.96
CA ALA I 701 -18.80 -54.66 -2.55
C ALA I 701 -20.06 -55.32 -3.06
N TYR I 702 -21.22 -54.75 -2.72
CA TYR I 702 -22.49 -55.34 -3.08
C TYR I 702 -23.50 -54.25 -3.39
N THR I 703 -24.44 -54.57 -4.28
CA THR I 703 -25.51 -53.65 -4.60
C THR I 703 -26.46 -53.53 -3.41
N MET I 704 -26.72 -52.29 -3.00
CA MET I 704 -27.59 -52.07 -1.85
C MET I 704 -28.98 -52.64 -2.12
N SER I 705 -29.52 -53.33 -1.13
CA SER I 705 -30.84 -53.93 -1.24
C SER I 705 -31.90 -52.92 -0.81
N LEU I 706 -32.88 -52.70 -1.67
CA LEU I 706 -33.95 -51.77 -1.38
C LEU I 706 -34.98 -52.33 -0.39
N GLY I 707 -34.77 -53.54 0.09
CA GLY I 707 -35.68 -54.17 1.03
C GLY I 707 -36.21 -55.50 0.51
N ALA I 708 -36.79 -56.26 1.43
CA ALA I 708 -37.35 -57.55 1.09
C ALA I 708 -38.60 -57.39 0.25
N GLU I 709 -38.88 -58.40 -0.56
CA GLU I 709 -40.03 -58.40 -1.45
C GLU I 709 -41.27 -58.92 -0.74
N ASN I 710 -42.44 -58.50 -1.23
CA ASN I 710 -43.71 -58.93 -0.66
C ASN I 710 -44.77 -58.84 -1.74
N SER I 711 -45.18 -59.98 -2.27
CA SER I 711 -46.19 -60.03 -3.34
C SER I 711 -47.56 -59.94 -2.69
N VAL I 712 -48.13 -58.73 -2.64
CA VAL I 712 -49.45 -58.55 -2.06
C VAL I 712 -50.45 -59.41 -2.82
N ALA I 713 -51.35 -60.06 -2.08
CA ALA I 713 -52.35 -60.95 -2.67
C ALA I 713 -53.64 -60.17 -2.92
N TYR I 714 -53.60 -59.34 -3.95
CA TYR I 714 -54.76 -58.56 -4.33
C TYR I 714 -55.75 -59.41 -5.12
N SER I 715 -57.02 -59.07 -5.01
CA SER I 715 -58.09 -59.77 -5.71
C SER I 715 -59.34 -58.91 -5.67
N ASN I 716 -60.41 -59.41 -6.29
CA ASN I 716 -61.66 -58.70 -6.32
C ASN I 716 -62.50 -58.95 -5.07
N ASN I 717 -62.15 -59.95 -4.27
CA ASN I 717 -62.92 -60.26 -3.06
C ASN I 717 -62.02 -60.64 -1.88
N SER I 718 -60.75 -60.26 -1.91
CA SER I 718 -59.80 -60.62 -0.85
C SER I 718 -59.54 -59.41 0.04
N ILE I 719 -59.68 -59.59 1.34
CA ILE I 719 -59.42 -58.55 2.33
C ILE I 719 -58.83 -59.19 3.57
N ALA I 720 -57.84 -58.53 4.15
CA ALA I 720 -57.18 -59.01 5.36
C ALA I 720 -57.63 -58.19 6.56
N ILE I 721 -58.04 -58.88 7.62
CA ILE I 721 -58.49 -58.25 8.85
C ILE I 721 -57.64 -58.78 10.00
N PRO I 722 -56.98 -57.93 10.79
CA PRO I 722 -56.18 -58.44 11.90
C PRO I 722 -57.04 -59.17 12.93
N THR I 723 -56.35 -59.93 13.79
CA THR I 723 -57.00 -60.63 14.88
C THR I 723 -56.35 -60.36 16.23
N ASN I 724 -55.19 -59.70 16.27
CA ASN I 724 -54.52 -59.37 17.52
C ASN I 724 -53.61 -58.17 17.26
N PHE I 725 -53.31 -57.45 18.33
CA PHE I 725 -52.52 -56.23 18.25
C PHE I 725 -51.29 -56.37 19.15
N THR I 726 -50.33 -55.47 18.92
CA THR I 726 -49.08 -55.48 19.66
C THR I 726 -48.64 -54.03 19.85
N ILE I 727 -48.88 -53.48 21.04
CA ILE I 727 -48.48 -52.11 21.31
C ILE I 727 -46.99 -51.97 21.13
N SER I 728 -46.56 -50.78 20.72
CA SER I 728 -45.17 -50.51 20.42
C SER I 728 -44.80 -49.11 20.91
N VAL I 729 -43.58 -48.98 21.43
CA VAL I 729 -43.04 -47.71 21.87
C VAL I 729 -41.80 -47.43 21.06
N THR I 730 -41.79 -46.29 20.37
CA THR I 730 -40.67 -45.88 19.54
C THR I 730 -40.12 -44.54 20.04
N THR I 731 -38.84 -44.32 19.78
CA THR I 731 -38.17 -43.10 20.18
C THR I 731 -37.99 -42.19 18.97
N GLU I 732 -38.08 -40.88 19.22
CA GLU I 732 -37.91 -39.87 18.18
C GLU I 732 -37.22 -38.68 18.85
N ILE I 733 -35.91 -38.63 18.73
CA ILE I 733 -35.11 -37.59 19.36
C ILE I 733 -35.05 -36.38 18.44
N LEU I 734 -35.41 -35.22 18.98
CA LEU I 734 -35.45 -33.98 18.20
C LEU I 734 -34.63 -32.93 18.93
N PRO I 735 -33.59 -32.38 18.30
CA PRO I 735 -32.83 -31.31 18.97
C PRO I 735 -33.70 -30.08 19.21
N VAL I 736 -33.44 -29.42 20.34
CA VAL I 736 -34.19 -28.23 20.70
C VAL I 736 -33.31 -27.01 20.94
N SER I 737 -32.03 -27.17 21.24
CA SER I 737 -31.17 -26.04 21.56
C SER I 737 -29.73 -26.40 21.21
N MET I 738 -28.83 -25.47 21.53
CA MET I 738 -27.42 -25.62 21.23
C MET I 738 -26.62 -24.78 22.21
N THR I 739 -25.30 -24.86 22.12
CA THR I 739 -24.44 -24.07 22.99
C THR I 739 -24.59 -22.60 22.69
N LYS I 740 -24.78 -21.79 23.73
CA LYS I 740 -24.95 -20.35 23.60
C LYS I 740 -23.61 -19.69 23.84
N THR I 741 -22.91 -19.35 22.75
CA THR I 741 -21.59 -18.75 22.85
C THR I 741 -21.69 -17.22 22.84
N SER I 742 -20.63 -16.59 23.32
CA SER I 742 -20.53 -15.13 23.32
C SER I 742 -19.06 -14.79 23.21
N VAL I 743 -18.63 -14.41 22.01
CA VAL I 743 -17.22 -14.17 21.70
C VAL I 743 -16.94 -12.68 21.83
N ASP I 744 -15.87 -12.36 22.55
CA ASP I 744 -15.40 -10.99 22.67
C ASP I 744 -14.41 -10.68 21.55
N CYS I 745 -14.62 -9.56 20.86
CA CYS I 745 -13.81 -9.24 19.69
C CYS I 745 -12.34 -9.06 20.07
N THR I 746 -12.07 -8.16 21.03
CA THR I 746 -10.69 -7.84 21.36
C THR I 746 -9.99 -9.03 22.02
N MET I 747 -10.69 -9.75 22.89
CA MET I 747 -10.07 -10.86 23.60
C MET I 747 -9.67 -11.99 22.67
N TYR I 748 -10.20 -12.01 21.45
CA TYR I 748 -9.86 -13.03 20.47
C TYR I 748 -8.96 -12.52 19.35
N ILE I 749 -9.04 -11.24 19.01
CA ILE I 749 -8.23 -10.69 17.95
C ILE I 749 -6.91 -10.13 18.48
N CYS I 750 -6.98 -9.27 19.48
CA CYS I 750 -5.80 -8.66 20.07
C CYS I 750 -5.24 -9.51 21.21
N GLY I 751 -6.08 -9.83 22.20
CA GLY I 751 -5.64 -10.63 23.32
C GLY I 751 -4.67 -9.91 24.23
N ASP I 752 -5.16 -8.89 24.94
CA ASP I 752 -4.34 -8.12 25.88
C ASP I 752 -3.15 -7.49 25.17
N SER I 753 -3.46 -6.60 24.23
CA SER I 753 -2.44 -5.86 23.49
C SER I 753 -2.89 -4.41 23.34
N THR I 754 -1.95 -3.49 23.57
CA THR I 754 -2.27 -2.07 23.52
C THR I 754 -2.20 -1.54 22.08
N GLU I 755 -1.12 -1.86 21.37
CA GLU I 755 -1.03 -1.46 19.97
C GLU I 755 -2.21 -1.99 19.19
N CYS I 756 -2.56 -3.26 19.41
CA CYS I 756 -3.80 -3.81 18.90
C CYS I 756 -4.95 -3.35 19.78
N SER I 757 -6.17 -3.51 19.27
CA SER I 757 -7.43 -3.07 19.87
C SER I 757 -7.61 -1.57 19.73
N ASN I 758 -6.61 -0.84 19.25
CA ASN I 758 -6.74 0.57 18.89
C ASN I 758 -6.99 0.76 17.41
N LEU I 759 -6.26 0.05 16.57
CA LEU I 759 -6.60 -0.01 15.15
C LEU I 759 -7.92 -0.73 14.94
N LEU I 760 -8.22 -1.72 15.79
CA LEU I 760 -9.50 -2.41 15.70
C LEU I 760 -10.68 -1.47 15.90
N LEU I 761 -10.45 -0.31 16.52
CA LEU I 761 -11.52 0.67 16.68
C LEU I 761 -12.13 1.07 15.34
N GLN I 762 -11.38 0.89 14.25
CA GLN I 762 -11.90 1.16 12.91
C GLN I 762 -12.85 0.08 12.42
N TYR I 763 -12.99 -1.02 13.15
CA TYR I 763 -13.88 -2.12 12.78
C TYR I 763 -14.94 -2.38 13.85
N GLY I 764 -15.14 -1.43 14.76
CA GLY I 764 -16.12 -1.62 15.82
C GLY I 764 -17.52 -1.91 15.32
N SER I 765 -17.80 -1.58 14.05
CA SER I 765 -19.13 -1.83 13.51
C SER I 765 -19.40 -3.32 13.35
N PHE I 766 -18.39 -4.07 12.90
CA PHE I 766 -18.57 -5.50 12.70
C PHE I 766 -18.69 -6.23 14.03
N CYS I 767 -17.82 -5.91 14.99
CA CYS I 767 -17.85 -6.58 16.28
C CYS I 767 -19.24 -6.46 16.92
N THR I 768 -19.85 -5.28 16.82
CA THR I 768 -21.18 -5.10 17.39
C THR I 768 -22.20 -6.00 16.70
N GLN I 769 -22.15 -6.10 15.38
CA GLN I 769 -23.08 -6.98 14.66
C GLN I 769 -22.89 -8.42 15.09
N LEU I 770 -21.65 -8.88 15.21
CA LEU I 770 -21.39 -10.26 15.59
C LEU I 770 -21.91 -10.53 17.01
N LYS I 771 -21.63 -9.62 17.94
CA LYS I 771 -22.08 -9.80 19.31
C LYS I 771 -23.61 -9.82 19.37
N ARG I 772 -24.27 -8.95 18.61
CA ARG I 772 -25.72 -8.92 18.62
C ARG I 772 -26.30 -10.20 18.01
N ALA I 773 -25.66 -10.71 16.97
CA ALA I 773 -26.11 -11.97 16.38
C ALA I 773 -25.98 -13.12 17.38
N LEU I 774 -24.86 -13.16 18.10
CA LEU I 774 -24.68 -14.21 19.10
C LEU I 774 -25.73 -14.11 20.21
N THR I 775 -25.98 -12.90 20.69
CA THR I 775 -26.98 -12.71 21.73
C THR I 775 -28.37 -13.10 21.21
N GLY I 776 -28.61 -12.86 19.93
CA GLY I 776 -29.87 -13.25 19.33
C GLY I 776 -29.99 -14.76 19.30
N ILE I 777 -28.90 -15.45 18.98
CA ILE I 777 -28.92 -16.91 18.99
C ILE I 777 -29.21 -17.37 20.41
N ALA I 778 -28.56 -16.75 21.39
CA ALA I 778 -28.77 -17.12 22.79
C ALA I 778 -30.23 -17.06 23.19
N VAL I 779 -30.88 -15.94 22.91
CA VAL I 779 -32.27 -15.79 23.30
C VAL I 779 -33.21 -16.61 22.42
N GLU I 780 -32.75 -16.97 21.22
CA GLU I 780 -33.56 -17.82 20.36
C GLU I 780 -33.59 -19.19 21.00
N GLN I 781 -32.44 -19.64 21.52
CA GLN I 781 -32.37 -20.94 22.18
C GLN I 781 -33.21 -20.95 23.44
N ASP I 782 -33.21 -19.84 24.17
CA ASP I 782 -34.03 -19.76 25.37
C ASP I 782 -35.49 -19.86 24.98
N LYS I 783 -35.88 -19.10 23.95
CA LYS I 783 -37.26 -19.13 23.48
C LYS I 783 -37.61 -20.51 22.96
N ASN I 784 -36.68 -21.19 22.29
CA ASN I 784 -36.93 -22.53 21.80
C ASN I 784 -37.31 -23.41 22.97
N THR I 785 -36.40 -23.57 23.92
CA THR I 785 -36.67 -24.39 25.10
C THR I 785 -38.00 -24.04 25.75
N GLN I 786 -38.29 -22.74 25.84
CA GLN I 786 -39.52 -22.32 26.48
C GLN I 786 -40.74 -22.82 25.73
N GLU I 787 -40.82 -22.52 24.44
CA GLU I 787 -41.96 -22.95 23.63
C GLU I 787 -42.12 -24.46 23.65
N VAL I 788 -41.03 -25.19 23.80
CA VAL I 788 -41.13 -26.66 23.77
C VAL I 788 -41.63 -27.19 25.11
N PHE I 789 -41.12 -26.65 26.21
CA PHE I 789 -41.42 -27.21 27.53
C PHE I 789 -42.35 -26.36 28.37
N ALA I 790 -42.51 -25.07 28.07
CA ALA I 790 -43.30 -24.16 28.89
C ALA I 790 -44.70 -23.94 28.33
N GLN I 791 -45.30 -24.98 27.75
CA GLN I 791 -46.64 -24.82 27.19
C GLN I 791 -47.70 -24.72 28.28
N VAL I 792 -47.69 -25.66 29.22
CA VAL I 792 -48.65 -25.65 30.32
C VAL I 792 -48.21 -24.61 31.35
N LYS I 793 -49.15 -23.79 31.79
CA LYS I 793 -48.87 -22.74 32.77
C LYS I 793 -49.08 -23.21 34.20
N GLN I 794 -49.54 -24.43 34.42
CA GLN I 794 -49.72 -24.99 35.74
C GLN I 794 -48.92 -26.27 35.87
N ILE I 795 -48.22 -26.41 37.00
CA ILE I 795 -47.36 -27.58 37.25
C ILE I 795 -48.24 -28.65 37.90
N TYR I 796 -48.65 -29.64 37.10
CA TYR I 796 -49.49 -30.72 37.60
C TYR I 796 -48.61 -31.74 38.31
N LYS I 797 -48.87 -31.94 39.60
CA LYS I 797 -48.11 -32.88 40.40
C LYS I 797 -48.73 -34.27 40.31
N THR I 798 -47.89 -35.28 40.29
CA THR I 798 -48.37 -36.65 40.27
C THR I 798 -48.63 -37.13 41.70
N PRO I 799 -49.74 -37.79 41.97
CA PRO I 799 -50.05 -38.20 43.34
C PRO I 799 -49.32 -39.48 43.69
N PRO I 800 -49.45 -39.95 44.93
CA PRO I 800 -48.96 -41.30 45.26
C PRO I 800 -49.46 -42.31 44.24
N ILE I 801 -48.53 -43.01 43.58
CA ILE I 801 -48.87 -43.82 42.43
C ILE I 801 -49.85 -44.90 42.84
N LYS I 802 -51.07 -44.80 42.32
CA LYS I 802 -52.08 -45.83 42.48
C LYS I 802 -52.21 -46.60 41.18
N TYR I 803 -52.86 -47.77 41.27
CA TYR I 803 -53.04 -48.63 40.11
C TYR I 803 -53.59 -47.83 38.92
N PHE I 804 -52.78 -47.71 37.87
CA PHE I 804 -53.22 -47.07 36.63
C PHE I 804 -53.77 -48.10 35.65
N GLY I 805 -54.69 -48.93 36.12
CA GLY I 805 -55.25 -49.97 35.30
C GLY I 805 -54.24 -51.00 34.86
N GLY I 806 -53.08 -51.02 35.51
CA GLY I 806 -52.02 -51.96 35.21
C GLY I 806 -50.79 -51.35 34.57
N PHE I 807 -50.85 -50.10 34.15
CA PHE I 807 -49.71 -49.47 33.46
C PHE I 807 -48.66 -49.05 34.48
N ASN I 808 -47.40 -49.31 34.13
CA ASN I 808 -46.26 -49.03 35.01
C ASN I 808 -45.49 -47.86 34.42
N PHE I 809 -45.71 -46.67 34.99
CA PHE I 809 -45.02 -45.46 34.57
C PHE I 809 -43.76 -45.19 35.39
N SER I 810 -43.14 -46.24 35.94
CA SER I 810 -41.99 -46.05 36.82
C SER I 810 -40.83 -45.40 36.07
N GLN I 811 -40.63 -45.78 34.82
CA GLN I 811 -39.48 -45.30 34.06
C GLN I 811 -39.66 -43.89 33.54
N ILE I 812 -40.90 -43.42 33.41
CA ILE I 812 -41.17 -42.08 32.90
C ILE I 812 -41.47 -41.07 34.01
N LEU I 813 -41.90 -41.53 35.18
CA LEU I 813 -42.14 -40.65 36.31
C LEU I 813 -40.82 -40.34 37.02
N PRO I 814 -40.75 -39.19 37.70
CA PRO I 814 -39.51 -38.84 38.40
C PRO I 814 -39.29 -39.71 39.62
N ASP I 815 -38.04 -40.15 39.80
CA ASP I 815 -37.67 -40.98 40.93
C ASP I 815 -36.99 -40.13 41.98
N PRO I 816 -37.55 -39.98 43.19
CA PRO I 816 -36.92 -39.13 44.20
C PRO I 816 -35.71 -39.75 44.88
N SER I 817 -35.39 -41.02 44.58
CA SER I 817 -34.27 -41.68 45.22
C SER I 817 -32.91 -41.12 44.82
N LYS I 818 -32.87 -40.15 43.90
CA LYS I 818 -31.63 -39.56 43.44
C LYS I 818 -31.85 -38.07 43.23
N PRO I 819 -30.79 -37.27 43.28
CA PRO I 819 -30.95 -35.83 43.04
C PRO I 819 -31.38 -35.55 41.60
N SER I 820 -31.84 -34.33 41.40
CA SER I 820 -32.36 -33.79 40.14
C SER I 820 -33.77 -34.32 39.85
N LYS I 821 -34.29 -35.27 40.62
CA LYS I 821 -35.67 -35.73 40.50
C LYS I 821 -36.03 -36.07 39.06
N ARG I 822 -35.06 -36.57 38.30
CA ARG I 822 -35.30 -36.95 36.92
C ARG I 822 -35.51 -38.46 36.81
N SER I 823 -36.43 -38.85 35.94
CA SER I 823 -36.80 -40.25 35.80
C SER I 823 -35.61 -41.07 35.33
N PRO I 824 -35.70 -42.40 35.44
CA PRO I 824 -34.56 -43.22 34.99
C PRO I 824 -34.18 -43.01 33.54
N ILE I 825 -35.17 -42.95 32.66
CA ILE I 825 -34.88 -42.72 31.25
C ILE I 825 -34.14 -41.40 31.07
N GLU I 826 -34.50 -40.39 31.86
CA GLU I 826 -33.80 -39.11 31.79
C GLU I 826 -32.35 -39.27 32.23
N ASP I 827 -32.10 -40.08 33.26
CA ASP I 827 -30.74 -40.33 33.69
C ASP I 827 -29.94 -41.02 32.59
N LEU I 828 -30.54 -42.00 31.93
CA LEU I 828 -29.85 -42.70 30.85
C LEU I 828 -29.56 -41.74 29.69
N LEU I 829 -30.52 -40.90 29.34
CA LEU I 829 -30.32 -39.96 28.25
C LEU I 829 -29.25 -38.93 28.59
N PHE I 830 -29.16 -38.56 29.87
CA PHE I 830 -28.13 -37.61 30.29
C PHE I 830 -26.75 -38.27 30.31
N ASN I 831 -26.69 -39.55 30.66
CA ASN I 831 -25.40 -40.23 30.69
C ASN I 831 -24.89 -40.53 29.29
N LYS I 832 -25.80 -40.88 28.38
CA LYS I 832 -25.41 -41.19 27.01
C LYS I 832 -24.96 -39.96 26.23
N VAL I 833 -25.19 -38.76 26.75
CA VAL I 833 -24.78 -37.51 26.10
C VAL I 833 -23.88 -36.76 27.07
N THR I 834 -22.64 -36.54 26.67
CA THR I 834 -21.66 -35.84 27.50
C THR I 834 -21.52 -34.41 26.98
N LEU I 835 -21.82 -33.44 27.84
CA LEU I 835 -21.72 -32.04 27.47
C LEU I 835 -20.28 -31.56 27.64
N ALA I 836 -19.76 -30.86 26.62
CA ALA I 836 -18.41 -30.34 26.71
C ALA I 836 -18.32 -29.23 27.74
N ASP I 837 -19.31 -28.33 27.76
CA ASP I 837 -19.34 -27.25 28.76
C ASP I 837 -20.77 -26.78 28.87
N ALA I 838 -21.40 -27.05 30.02
CA ALA I 838 -22.78 -26.63 30.26
C ALA I 838 -22.89 -25.16 30.66
N GLY I 839 -21.78 -24.41 30.61
CA GLY I 839 -21.79 -23.01 31.00
C GLY I 839 -21.62 -22.76 32.48
N PHE I 840 -21.70 -23.79 33.32
CA PHE I 840 -21.56 -23.60 34.74
C PHE I 840 -20.16 -23.08 35.07
N ILE I 841 -20.04 -22.47 36.25
CA ILE I 841 -18.79 -21.86 36.66
C ILE I 841 -17.76 -22.94 36.95
N LYS I 842 -16.51 -22.66 36.62
CA LYS I 842 -15.38 -23.53 36.95
C LYS I 842 -14.32 -22.69 37.65
N GLN I 843 -13.83 -23.18 38.78
CA GLN I 843 -12.85 -22.44 39.57
C GLN I 843 -11.67 -22.02 38.70
N TYR I 844 -11.21 -20.80 38.90
CA TYR I 844 -10.09 -20.28 38.11
C TYR I 844 -8.87 -21.19 38.22
N GLY I 845 -8.64 -21.76 39.40
CA GLY I 845 -7.51 -22.65 39.58
C GLY I 845 -7.62 -23.95 38.80
N ASP I 846 -8.81 -24.27 38.28
CA ASP I 846 -8.98 -25.50 37.53
C ASP I 846 -8.09 -25.54 36.30
N CYS I 847 -7.75 -24.38 35.74
CA CYS I 847 -6.88 -24.29 34.58
C CYS I 847 -5.42 -24.11 34.94
N LEU I 848 -5.10 -23.94 36.23
CA LEU I 848 -3.72 -23.75 36.67
C LEU I 848 -3.11 -25.10 36.98
N GLY I 849 -2.17 -25.53 36.12
CA GLY I 849 -1.48 -26.78 36.34
C GLY I 849 -2.36 -27.99 36.16
N ASP I 850 -1.74 -29.15 35.97
CA ASP I 850 -2.48 -30.41 35.79
C ASP I 850 -3.45 -30.29 34.62
N ILE I 851 -2.92 -29.90 33.47
CA ILE I 851 -3.72 -29.75 32.26
C ILE I 851 -3.50 -30.93 31.31
N ALA I 852 -3.05 -32.08 31.82
CA ALA I 852 -2.83 -33.24 30.97
C ALA I 852 -4.13 -33.71 30.33
N ALA I 853 -5.27 -33.43 30.95
CA ALA I 853 -6.56 -33.82 30.41
C ALA I 853 -6.88 -32.97 29.18
N ARG I 854 -8.01 -33.29 28.54
CA ARG I 854 -8.45 -32.56 27.35
C ARG I 854 -9.28 -31.34 27.76
N ASP I 855 -8.59 -30.40 28.42
CA ASP I 855 -9.23 -29.19 28.92
C ASP I 855 -9.15 -28.07 27.87
N LEU I 856 -9.75 -28.34 26.71
CA LEU I 856 -9.84 -27.32 25.68
C LEU I 856 -10.70 -26.14 26.10
N ILE I 857 -11.54 -26.32 27.13
CA ILE I 857 -12.37 -25.23 27.61
C ILE I 857 -11.50 -24.07 28.09
N CYS I 858 -10.45 -24.39 28.86
CA CYS I 858 -9.54 -23.34 29.31
C CYS I 858 -8.89 -22.64 28.14
N ALA I 859 -8.48 -23.40 27.12
CA ALA I 859 -7.79 -22.81 25.98
C ALA I 859 -8.71 -21.87 25.22
N GLN I 860 -9.98 -22.24 25.05
CA GLN I 860 -10.90 -21.37 24.34
C GLN I 860 -11.31 -20.18 25.19
N LYS I 861 -11.33 -20.33 26.52
CA LYS I 861 -11.66 -19.20 27.38
C LYS I 861 -10.54 -18.18 27.40
N PHE I 862 -9.29 -18.63 27.40
CA PHE I 862 -8.16 -17.71 27.45
C PHE I 862 -8.11 -16.79 26.22
N ASN I 863 -8.87 -17.09 25.17
CA ASN I 863 -8.87 -16.28 23.96
C ASN I 863 -10.17 -15.53 23.74
N GLY I 864 -11.03 -15.46 24.75
CA GLY I 864 -12.27 -14.72 24.66
C GLY I 864 -13.47 -15.55 24.29
N LEU I 865 -13.28 -16.82 23.90
CA LEU I 865 -14.39 -17.69 23.53
C LEU I 865 -14.96 -18.30 24.79
N THR I 866 -16.07 -17.74 25.27
CA THR I 866 -16.74 -18.21 26.46
C THR I 866 -18.14 -18.70 26.09
N VAL I 867 -18.73 -19.47 27.00
CA VAL I 867 -20.03 -20.09 26.80
C VAL I 867 -20.96 -19.58 27.89
N LEU I 868 -22.18 -19.19 27.50
CA LEU I 868 -23.16 -18.73 28.46
C LEU I 868 -24.08 -19.88 28.86
N PRO I 869 -24.34 -20.08 30.15
CA PRO I 869 -25.17 -21.22 30.55
C PRO I 869 -26.62 -20.99 30.20
N PRO I 870 -27.40 -22.05 30.01
CA PRO I 870 -28.83 -21.87 29.73
C PRO I 870 -29.57 -21.30 30.91
N LEU I 871 -30.63 -20.55 30.61
CA LEU I 871 -31.47 -19.98 31.66
C LEU I 871 -32.17 -21.07 32.45
N LEU I 872 -32.95 -21.90 31.77
CA LEU I 872 -33.66 -22.99 32.42
C LEU I 872 -32.71 -24.15 32.67
N THR I 873 -32.49 -24.47 33.93
CA THR I 873 -31.64 -25.60 34.29
C THR I 873 -32.37 -26.91 34.04
N ASP I 874 -31.58 -27.99 33.95
CA ASP I 874 -32.16 -29.31 33.69
C ASP I 874 -33.28 -29.64 34.67
N GLU I 875 -33.19 -29.12 35.90
CA GLU I 875 -34.22 -29.40 36.89
C GLU I 875 -35.56 -28.81 36.46
N MET I 876 -35.55 -27.60 35.89
CA MET I 876 -36.79 -26.99 35.46
C MET I 876 -37.39 -27.74 34.27
N ILE I 877 -36.53 -28.22 33.37
CA ILE I 877 -37.03 -29.00 32.24
C ILE I 877 -37.63 -30.31 32.72
N ALA I 878 -36.98 -30.95 33.69
CA ALA I 878 -37.52 -32.17 34.27
C ALA I 878 -38.85 -31.91 34.96
N GLN I 879 -38.98 -30.76 35.62
CA GLN I 879 -40.23 -30.42 36.27
C GLN I 879 -41.34 -30.19 35.24
N TYR I 880 -41.04 -29.49 34.16
CA TYR I 880 -42.02 -29.31 33.10
C TYR I 880 -42.44 -30.66 32.51
N THR I 881 -41.47 -31.54 32.27
CA THR I 881 -41.78 -32.85 31.72
C THR I 881 -42.67 -33.64 32.67
N SER I 882 -42.36 -33.61 33.96
CA SER I 882 -43.16 -34.33 34.94
C SER I 882 -44.57 -33.74 35.01
N ALA I 883 -44.69 -32.42 34.88
CA ALA I 883 -46.01 -31.80 34.88
C ALA I 883 -46.83 -32.25 33.68
N LEU I 884 -46.21 -32.22 32.50
CA LEU I 884 -46.92 -32.68 31.30
C LEU I 884 -47.33 -34.14 31.44
N LEU I 885 -46.44 -34.98 31.98
CA LEU I 885 -46.76 -36.38 32.15
C LEU I 885 -47.91 -36.58 33.12
N ALA I 886 -47.88 -35.87 34.26
CA ALA I 886 -48.96 -35.98 35.22
C ALA I 886 -50.27 -35.54 34.60
N GLY I 887 -50.26 -34.44 33.85
CA GLY I 887 -51.48 -33.98 33.20
C GLY I 887 -52.03 -34.99 32.24
N THR I 888 -51.17 -35.55 31.38
CA THR I 888 -51.64 -36.47 30.36
C THR I 888 -52.03 -37.83 30.93
N ILE I 889 -51.53 -38.19 32.11
CA ILE I 889 -51.93 -39.45 32.73
C ILE I 889 -53.11 -39.29 33.69
N THR I 890 -53.43 -38.07 34.11
CA THR I 890 -54.55 -37.85 35.01
C THR I 890 -55.78 -37.30 34.31
N SER I 891 -55.63 -36.65 33.16
CA SER I 891 -56.75 -36.01 32.49
C SER I 891 -56.80 -36.23 30.99
N GLY I 892 -55.81 -36.91 30.41
CA GLY I 892 -55.80 -37.11 28.97
C GLY I 892 -55.37 -35.85 28.25
N TRP I 893 -56.19 -35.39 27.30
CA TRP I 893 -55.89 -34.20 26.52
C TRP I 893 -56.63 -32.97 27.01
N THR I 894 -57.49 -33.11 28.02
CA THR I 894 -58.31 -31.97 28.44
C THR I 894 -57.48 -30.86 29.05
N PHE I 895 -56.30 -31.18 29.59
CA PHE I 895 -55.48 -30.16 30.25
C PHE I 895 -54.70 -29.31 29.27
N GLY I 896 -54.79 -29.58 27.97
CA GLY I 896 -54.16 -28.74 26.97
C GLY I 896 -55.12 -27.74 26.38
N ALA I 897 -56.40 -28.11 26.33
CA ALA I 897 -57.45 -27.24 25.81
C ALA I 897 -58.05 -26.33 26.87
N GLY I 898 -57.75 -26.56 28.14
CA GLY I 898 -58.29 -25.76 29.21
C GLY I 898 -58.03 -26.37 30.57
N PRO I 899 -59.05 -26.41 31.42
CA PRO I 899 -58.85 -26.97 32.77
C PRO I 899 -58.68 -28.48 32.73
N ALA I 900 -57.78 -28.98 33.57
CA ALA I 900 -57.52 -30.40 33.66
C ALA I 900 -58.75 -31.12 34.22
N LEU I 901 -59.33 -31.99 33.42
CA LEU I 901 -60.49 -32.78 33.81
C LEU I 901 -60.04 -34.22 34.08
N GLN I 902 -60.14 -34.65 35.34
CA GLN I 902 -59.66 -35.97 35.70
C GLN I 902 -60.47 -37.05 34.99
N ILE I 903 -59.81 -38.18 34.75
CA ILE I 903 -60.44 -39.33 34.12
C ILE I 903 -59.54 -40.55 34.31
N PRO I 904 -60.10 -41.73 34.58
CA PRO I 904 -59.25 -42.91 34.72
C PRO I 904 -58.41 -43.15 33.47
N PHE I 905 -57.32 -43.87 33.65
CA PHE I 905 -56.41 -44.16 32.55
C PHE I 905 -56.98 -45.23 31.63
N PRO I 906 -57.63 -46.27 32.16
CA PRO I 906 -58.26 -47.25 31.26
C PRO I 906 -59.26 -46.62 30.31
N MET I 907 -60.09 -45.72 30.81
CA MET I 907 -61.06 -45.06 29.94
C MET I 907 -60.37 -44.15 28.93
N GLN I 908 -59.32 -43.46 29.36
CA GLN I 908 -58.55 -42.63 28.43
C GLN I 908 -57.99 -43.48 27.29
N MET I 909 -57.42 -44.63 27.62
CA MET I 909 -56.87 -45.50 26.58
C MET I 909 -57.97 -46.06 25.71
N ALA I 910 -59.15 -46.35 26.29
CA ALA I 910 -60.28 -46.79 25.48
C ALA I 910 -60.68 -45.73 24.48
N TYR I 911 -60.58 -44.45 24.87
CA TYR I 911 -60.93 -43.38 23.94
C TYR I 911 -59.86 -43.19 22.89
N ARG I 912 -58.59 -43.34 23.28
CA ARG I 912 -57.53 -43.33 22.27
C ARG I 912 -57.75 -44.44 21.25
N PHE I 913 -58.25 -45.59 21.71
CA PHE I 913 -58.57 -46.69 20.80
C PHE I 913 -59.74 -46.32 19.89
N ASN I 914 -60.85 -45.88 20.47
CA ASN I 914 -62.01 -45.49 19.68
C ASN I 914 -61.67 -44.40 18.67
N GLY I 915 -60.64 -43.59 18.95
CA GLY I 915 -60.21 -42.59 18.00
C GLY I 915 -59.55 -43.14 16.75
N ILE I 916 -59.15 -44.41 16.76
CA ILE I 916 -58.51 -45.03 15.61
C ILE I 916 -59.41 -46.15 15.09
N GLY I 917 -60.71 -46.03 15.30
CA GLY I 917 -61.65 -46.98 14.75
C GLY I 917 -61.68 -48.32 15.46
N VAL I 918 -61.39 -48.35 16.75
CA VAL I 918 -61.40 -49.58 17.54
C VAL I 918 -62.31 -49.36 18.73
N THR I 919 -63.41 -50.09 18.78
CA THR I 919 -64.37 -49.95 19.86
C THR I 919 -63.69 -50.11 21.21
N GLN I 920 -64.29 -49.51 22.23
CA GLN I 920 -63.71 -49.53 23.57
C GLN I 920 -63.75 -50.91 24.20
N ASN I 921 -64.66 -51.78 23.76
CA ASN I 921 -64.74 -53.12 24.34
C ASN I 921 -63.50 -53.93 24.00
N VAL I 922 -62.91 -53.71 22.83
CA VAL I 922 -61.69 -54.42 22.46
C VAL I 922 -60.59 -54.16 23.47
N LEU I 923 -60.58 -52.99 24.08
CA LEU I 923 -59.60 -52.66 25.10
C LEU I 923 -60.05 -53.10 26.49
N TYR I 924 -61.33 -52.91 26.82
CA TYR I 924 -61.81 -53.32 28.13
C TYR I 924 -61.71 -54.82 28.32
N GLU I 925 -61.67 -55.59 27.23
CA GLU I 925 -61.52 -57.04 27.31
C GLU I 925 -60.07 -57.49 27.21
N ASN I 926 -59.13 -56.55 27.02
CA ASN I 926 -57.71 -56.88 26.97
C ASN I 926 -56.88 -55.88 27.78
N GLN I 927 -57.45 -55.39 28.88
CA GLN I 927 -56.74 -54.38 29.68
C GLN I 927 -55.41 -54.91 30.18
N LYS I 928 -55.41 -56.10 30.78
CA LYS I 928 -54.19 -56.65 31.35
C LYS I 928 -53.14 -56.87 30.28
N LEU I 929 -53.53 -57.42 29.13
CA LEU I 929 -52.56 -57.68 28.06
C LEU I 929 -51.96 -56.38 27.53
N ILE I 930 -52.79 -55.36 27.34
CA ILE I 930 -52.29 -54.08 26.85
C ILE I 930 -51.34 -53.47 27.87
N ALA I 931 -51.68 -53.55 29.15
CA ALA I 931 -50.80 -53.00 30.18
C ALA I 931 -49.48 -53.74 30.21
N ASN I 932 -49.51 -55.07 30.08
CA ASN I 932 -48.28 -55.85 30.08
C ASN I 932 -47.42 -55.50 28.87
N GLN I 933 -48.04 -55.35 27.70
CA GLN I 933 -47.28 -54.96 26.52
C GLN I 933 -46.64 -53.58 26.70
N PHE I 934 -47.38 -52.64 27.27
CA PHE I 934 -46.81 -51.31 27.51
C PHE I 934 -45.64 -51.38 28.47
N ASN I 935 -45.79 -52.15 29.56
CA ASN I 935 -44.70 -52.26 30.51
C ASN I 935 -43.48 -52.92 29.89
N SER I 936 -43.69 -53.95 29.07
CA SER I 936 -42.57 -54.61 28.41
C SER I 936 -41.86 -53.66 27.46
N ALA I 937 -42.63 -52.88 26.69
CA ALA I 937 -42.02 -51.92 25.78
C ALA I 937 -41.23 -50.87 26.55
N ILE I 938 -41.78 -50.39 27.68
CA ILE I 938 -41.07 -49.40 28.48
C ILE I 938 -39.77 -49.98 29.01
N GLY I 939 -39.81 -51.24 29.46
CA GLY I 939 -38.59 -51.87 29.95
C GLY I 939 -37.58 -52.11 28.85
N LYS I 940 -38.04 -52.33 27.63
CA LYS I 940 -37.14 -52.57 26.51
C LYS I 940 -36.54 -51.28 25.97
N ILE I 941 -37.24 -50.15 26.14
CA ILE I 941 -36.75 -48.88 25.61
C ILE I 941 -35.45 -48.50 26.29
N GLN I 942 -35.39 -48.62 27.62
CA GLN I 942 -34.18 -48.25 28.34
C GLN I 942 -33.00 -49.11 27.92
N ASP I 943 -33.24 -50.41 27.74
CA ASP I 943 -32.17 -51.31 27.30
C ASP I 943 -31.70 -50.93 25.89
N SER I 944 -32.63 -50.66 24.99
CA SER I 944 -32.26 -50.31 23.63
C SER I 944 -31.50 -48.99 23.57
N LEU I 945 -31.81 -48.07 24.48
CA LEU I 945 -31.12 -46.78 24.49
C LEU I 945 -29.74 -46.90 25.15
N SER I 946 -29.60 -47.78 26.14
CA SER I 946 -28.32 -47.92 26.82
C SER I 946 -27.35 -48.76 26.01
N SER I 947 -27.84 -49.76 25.28
CA SER I 947 -26.95 -50.63 24.52
C SER I 947 -26.43 -49.94 23.27
N THR I 948 -27.31 -49.36 22.48
CA THR I 948 -26.89 -48.72 21.24
C THR I 948 -25.92 -47.58 21.55
N PRO I 949 -24.75 -47.53 20.89
CA PRO I 949 -23.80 -46.46 21.18
C PRO I 949 -24.19 -45.13 20.55
N SER I 950 -24.93 -45.18 19.45
CA SER I 950 -25.32 -44.01 18.69
C SER I 950 -26.83 -43.81 18.73
N ALA I 951 -27.44 -44.02 19.90
CA ALA I 951 -28.88 -43.81 20.04
C ALA I 951 -29.20 -42.32 20.06
N LEU I 952 -28.48 -41.56 20.88
CA LEU I 952 -28.67 -40.11 20.99
C LEU I 952 -27.72 -39.33 20.10
N GLY I 953 -27.36 -39.88 18.94
CA GLY I 953 -26.45 -39.19 18.06
C GLY I 953 -27.00 -37.87 17.55
N LYS I 954 -28.31 -37.79 17.33
CA LYS I 954 -28.90 -36.55 16.86
C LYS I 954 -28.59 -35.40 17.80
N LEU I 955 -28.55 -35.66 19.10
CA LEU I 955 -28.20 -34.64 20.08
C LEU I 955 -26.70 -34.52 20.27
N GLN I 956 -25.98 -35.64 20.25
CA GLN I 956 -24.53 -35.60 20.46
C GLN I 956 -23.84 -34.78 19.37
N ASP I 957 -24.31 -34.92 18.12
CA ASP I 957 -23.69 -34.19 17.01
C ASP I 957 -23.79 -32.68 17.22
N VAL I 958 -24.82 -32.23 17.93
CA VAL I 958 -24.97 -30.79 18.17
C VAL I 958 -23.76 -30.25 18.93
N VAL I 959 -23.52 -30.79 20.13
CA VAL I 959 -22.40 -30.32 20.94
C VAL I 959 -21.09 -30.67 20.26
N ASN I 960 -21.04 -31.77 19.51
CA ASN I 960 -19.82 -32.11 18.79
C ASN I 960 -19.46 -31.01 17.79
N HIS I 961 -20.44 -30.58 16.99
CA HIS I 961 -20.19 -29.53 16.01
C HIS I 961 -19.87 -28.22 16.69
N ASN I 962 -20.55 -27.90 17.79
CA ASN I 962 -20.26 -26.67 18.51
C ASN I 962 -18.82 -26.64 18.99
N ALA I 963 -18.39 -27.72 19.67
CA ALA I 963 -17.03 -27.78 20.17
C ALA I 963 -16.01 -27.80 19.04
N GLN I 964 -16.35 -28.44 17.91
CA GLN I 964 -15.43 -28.47 16.78
C GLN I 964 -15.25 -27.08 16.19
N ALA I 965 -16.34 -26.32 16.08
CA ALA I 965 -16.24 -24.95 15.60
C ALA I 965 -15.41 -24.11 16.55
N LEU I 966 -15.64 -24.27 17.86
CA LEU I 966 -14.85 -23.52 18.84
C LEU I 966 -13.37 -23.85 18.72
N ASN I 967 -13.04 -25.13 18.64
CA ASN I 967 -11.63 -25.53 18.57
C ASN I 967 -11.00 -25.08 17.26
N THR I 968 -11.77 -25.07 16.17
CA THR I 968 -11.23 -24.57 14.91
C THR I 968 -10.95 -23.08 14.99
N LEU I 969 -11.88 -22.32 15.59
CA LEU I 969 -11.64 -20.90 15.78
C LEU I 969 -10.43 -20.67 16.67
N VAL I 970 -10.19 -21.54 17.64
CA VAL I 970 -9.00 -21.42 18.48
C VAL I 970 -7.75 -21.67 17.65
N LYS I 971 -7.69 -22.82 16.98
CA LYS I 971 -6.53 -23.16 16.18
C LYS I 971 -6.25 -22.13 15.10
N GLN I 972 -7.27 -21.40 14.65
CA GLN I 972 -7.06 -20.34 13.68
C GLN I 972 -6.10 -19.28 14.18
N LEU I 973 -5.80 -19.23 15.48
CA LEU I 973 -4.87 -18.24 15.99
C LEU I 973 -3.46 -18.48 15.48
N SER I 974 -3.05 -19.74 15.40
CA SER I 974 -1.74 -20.07 14.85
C SER I 974 -1.67 -19.90 13.34
N SER I 975 -2.77 -19.53 12.70
CA SER I 975 -2.80 -19.35 11.25
C SER I 975 -2.12 -18.03 10.92
N LYS I 976 -0.95 -18.10 10.30
CA LYS I 976 -0.21 -16.91 9.88
C LYS I 976 -0.89 -16.36 8.64
N PHE I 977 -1.81 -15.43 8.84
CA PHE I 977 -2.55 -14.85 7.72
C PHE I 977 -1.65 -13.92 6.93
N GLY I 978 -0.63 -14.48 6.29
CA GLY I 978 0.34 -13.70 5.57
C GLY I 978 1.35 -12.99 6.45
N ALA I 979 1.17 -12.99 7.76
CA ALA I 979 2.07 -12.29 8.65
C ALA I 979 3.32 -13.13 8.93
N ILE I 980 4.35 -12.47 9.43
CA ILE I 980 5.60 -13.15 9.73
C ILE I 980 5.44 -14.14 10.87
N SER I 981 4.37 -14.03 11.65
CA SER I 981 4.15 -14.93 12.78
C SER I 981 2.69 -14.85 13.19
N SER I 982 2.33 -15.67 14.17
CA SER I 982 0.99 -15.69 14.74
C SER I 982 0.89 -14.97 16.07
N VAL I 983 2.02 -14.66 16.71
CA VAL I 983 2.04 -13.98 18.00
C VAL I 983 2.21 -12.49 17.75
N LEU I 984 1.29 -11.69 18.27
CA LEU I 984 1.38 -10.24 18.09
C LEU I 984 2.56 -9.66 18.84
N ASN I 985 2.86 -10.22 20.02
CA ASN I 985 3.94 -9.69 20.83
C ASN I 985 5.28 -9.84 20.11
N ASP I 986 5.50 -10.99 19.47
CA ASP I 986 6.73 -11.18 18.70
C ASP I 986 6.84 -10.16 17.57
N ILE I 987 5.72 -9.88 16.90
CA ILE I 987 5.74 -8.91 15.82
C ILE I 987 6.07 -7.52 16.37
N LEU I 988 5.48 -7.17 17.50
CA LEU I 988 5.77 -5.87 18.11
C LEU I 988 7.23 -5.77 18.52
N SER I 989 7.82 -6.88 18.97
CA SER I 989 9.20 -6.86 19.42
C SER I 989 10.20 -6.96 18.28
N ARG I 990 9.77 -7.40 17.10
CA ARG I 990 10.66 -7.60 15.97
C ARG I 990 10.57 -6.49 14.92
N LEU I 991 9.42 -5.83 14.80
CA LEU I 991 9.20 -4.84 13.76
C LEU I 991 8.84 -3.49 14.38
N ASP I 992 9.29 -2.43 13.72
CA ASP I 992 8.92 -1.08 14.09
C ASP I 992 7.44 -0.85 13.77
N PRO I 993 6.86 0.24 14.25
CA PRO I 993 5.42 0.46 14.06
C PRO I 993 5.00 0.39 12.61
N PRO I 994 5.77 1.00 11.67
CA PRO I 994 5.35 1.00 10.27
C PRO I 994 4.89 -0.36 9.75
N GLU I 995 5.76 -1.37 9.83
CA GLU I 995 5.42 -2.70 9.34
C GLU I 995 4.64 -3.53 10.37
N ALA I 996 4.85 -3.25 11.65
CA ALA I 996 4.07 -3.93 12.69
C ALA I 996 2.59 -3.69 12.49
N GLU I 997 2.21 -2.47 12.11
CA GLU I 997 0.81 -2.17 11.86
C GLU I 997 0.27 -2.98 10.69
N VAL I 998 1.07 -3.15 9.65
CA VAL I 998 0.63 -3.92 8.49
C VAL I 998 0.41 -5.38 8.89
N GLN I 999 1.37 -5.94 9.62
CA GLN I 999 1.23 -7.33 10.06
C GLN I 999 0.00 -7.50 10.95
N ILE I 1000 -0.18 -6.59 11.90
CA ILE I 1000 -1.31 -6.68 12.81
C ILE I 1000 -2.61 -6.51 12.05
N ASP I 1001 -2.62 -5.68 11.00
CA ASP I 1001 -3.82 -5.51 10.21
C ASP I 1001 -4.15 -6.78 9.43
N ARG I 1002 -3.13 -7.45 8.90
CA ARG I 1002 -3.36 -8.72 8.25
C ARG I 1002 -3.97 -9.72 9.23
N LEU I 1003 -3.39 -9.81 10.42
CA LEU I 1003 -3.92 -10.73 11.43
C LEU I 1003 -5.36 -10.37 11.79
N ILE I 1004 -5.65 -9.07 11.94
CA ILE I 1004 -6.99 -8.64 12.31
C ILE I 1004 -7.99 -9.01 11.22
N THR I 1005 -7.62 -8.78 9.95
CA THR I 1005 -8.50 -9.15 8.86
C THR I 1005 -8.77 -10.65 8.86
N GLY I 1006 -7.71 -11.45 9.02
CA GLY I 1006 -7.90 -12.89 9.05
C GLY I 1006 -8.83 -13.33 10.15
N ARG I 1007 -8.62 -12.81 11.36
CA ARG I 1007 -9.41 -13.24 12.49
C ARG I 1007 -10.84 -12.71 12.42
N LEU I 1008 -11.04 -11.53 11.83
CA LEU I 1008 -12.40 -11.04 11.62
C LEU I 1008 -13.13 -11.90 10.61
N GLN I 1009 -12.44 -12.32 9.54
CA GLN I 1009 -13.07 -13.24 8.59
C GLN I 1009 -13.39 -14.56 9.27
N SER I 1010 -12.51 -15.03 10.15
CA SER I 1010 -12.78 -16.27 10.88
C SER I 1010 -14.02 -16.12 11.76
N LEU I 1011 -14.12 -15.02 12.48
CA LEU I 1011 -15.28 -14.81 13.34
C LEU I 1011 -16.55 -14.67 12.52
N GLN I 1012 -16.45 -14.05 11.34
CA GLN I 1012 -17.62 -13.93 10.48
C GLN I 1012 -18.07 -15.29 9.97
N THR I 1013 -17.12 -16.14 9.59
CA THR I 1013 -17.46 -17.51 9.18
C THR I 1013 -18.12 -18.25 10.34
N TYR I 1014 -17.56 -18.13 11.54
CA TYR I 1014 -18.15 -18.78 12.69
C TYR I 1014 -19.58 -18.31 12.92
N VAL I 1015 -19.81 -17.01 12.85
CA VAL I 1015 -21.14 -16.47 13.11
C VAL I 1015 -22.12 -16.91 12.03
N THR I 1016 -21.67 -16.94 10.77
CA THR I 1016 -22.54 -17.38 9.69
C THR I 1016 -22.93 -18.85 9.89
N GLN I 1017 -21.96 -19.70 10.22
CA GLN I 1017 -22.29 -21.11 10.45
C GLN I 1017 -23.19 -21.27 11.66
N GLN I 1018 -22.96 -20.47 12.70
CA GLN I 1018 -23.80 -20.54 13.89
C GLN I 1018 -25.24 -20.16 13.57
N LEU I 1019 -25.43 -19.14 12.73
CA LEU I 1019 -26.78 -18.75 12.34
C LEU I 1019 -27.43 -19.82 11.47
N ILE I 1020 -26.66 -20.40 10.54
CA ILE I 1020 -27.19 -21.44 9.69
C ILE I 1020 -27.67 -22.62 10.53
N ARG I 1021 -26.90 -23.00 11.54
CA ARG I 1021 -27.28 -24.10 12.42
C ARG I 1021 -28.40 -23.71 13.38
N ALA I 1022 -28.45 -22.45 13.81
CA ALA I 1022 -29.53 -22.00 14.67
C ALA I 1022 -30.86 -22.05 13.93
N ALA I 1023 -30.83 -21.79 12.62
CA ALA I 1023 -32.05 -21.95 11.83
C ALA I 1023 -32.58 -23.38 11.92
N GLU I 1024 -31.68 -24.37 11.79
CA GLU I 1024 -32.10 -25.76 11.86
C GLU I 1024 -32.56 -26.13 13.26
N ILE I 1025 -31.87 -25.63 14.28
CA ILE I 1025 -32.28 -25.92 15.66
C ILE I 1025 -33.65 -25.33 15.94
N ARG I 1026 -33.92 -24.13 15.42
CA ARG I 1026 -35.21 -23.51 15.60
C ARG I 1026 -36.31 -24.26 14.85
N ALA I 1027 -36.00 -24.74 13.65
CA ALA I 1027 -36.97 -25.54 12.92
C ALA I 1027 -37.28 -26.82 13.68
N SER I 1028 -36.25 -27.48 14.23
CA SER I 1028 -36.47 -28.68 15.01
C SER I 1028 -37.25 -28.37 16.28
N ALA I 1029 -37.02 -27.20 16.87
CA ALA I 1029 -37.75 -26.82 18.08
C ALA I 1029 -39.22 -26.58 17.78
N ASN I 1030 -39.51 -25.94 16.65
CA ASN I 1030 -40.90 -25.77 16.25
C ASN I 1030 -41.56 -27.11 15.97
N LEU I 1031 -40.85 -28.00 15.28
CA LEU I 1031 -41.37 -29.34 15.06
C LEU I 1031 -41.63 -30.05 16.38
N ALA I 1032 -40.76 -29.86 17.36
CA ALA I 1032 -40.91 -30.53 18.65
C ALA I 1032 -42.09 -29.95 19.43
N ALA I 1033 -42.28 -28.64 19.36
CA ALA I 1033 -43.44 -28.03 20.00
C ALA I 1033 -44.73 -28.54 19.37
N THR I 1034 -44.78 -28.59 18.04
CA THR I 1034 -45.94 -29.13 17.36
C THR I 1034 -46.17 -30.58 17.75
N LYS I 1035 -45.10 -31.36 17.83
CA LYS I 1035 -45.22 -32.78 18.17
C LYS I 1035 -45.75 -32.95 19.59
N MET I 1036 -45.20 -32.18 20.53
CA MET I 1036 -45.74 -32.18 21.89
C MET I 1036 -47.24 -31.90 21.85
N SER I 1037 -47.62 -30.75 21.28
CA SER I 1037 -49.02 -30.34 21.31
C SER I 1037 -49.93 -31.38 20.67
N GLU I 1038 -49.47 -32.05 19.62
CA GLU I 1038 -50.34 -32.92 18.85
C GLU I 1038 -50.39 -34.35 19.37
N CYS I 1039 -49.25 -34.91 19.76
CA CYS I 1039 -49.19 -36.29 20.23
C CYS I 1039 -49.34 -36.40 21.75
N VAL I 1040 -48.67 -35.53 22.50
CA VAL I 1040 -48.73 -35.60 23.96
C VAL I 1040 -50.03 -35.00 24.47
N LEU I 1041 -50.27 -33.73 24.17
CA LEU I 1041 -51.48 -33.05 24.62
C LEU I 1041 -52.71 -33.42 23.81
N GLY I 1042 -52.58 -34.32 22.85
CA GLY I 1042 -53.72 -34.71 22.05
C GLY I 1042 -53.43 -35.96 21.25
N GLN I 1043 -54.40 -36.32 20.41
CA GLN I 1043 -54.32 -37.50 19.56
C GLN I 1043 -54.39 -37.06 18.10
N SER I 1044 -53.29 -37.22 17.39
CA SER I 1044 -53.19 -36.80 16.00
C SER I 1044 -53.30 -38.01 15.08
N LYS I 1045 -54.22 -37.94 14.12
CA LYS I 1045 -54.41 -39.01 13.15
C LYS I 1045 -53.39 -38.98 12.02
N ARG I 1046 -52.46 -38.03 12.05
CA ARG I 1046 -51.45 -37.94 11.01
C ARG I 1046 -50.58 -39.19 10.97
N VAL I 1047 -50.17 -39.58 9.78
CA VAL I 1047 -49.39 -40.80 9.59
C VAL I 1047 -47.90 -40.45 9.68
N ASP I 1048 -47.15 -41.27 10.40
CA ASP I 1048 -45.70 -41.15 10.56
C ASP I 1048 -45.29 -39.89 11.30
N PHE I 1049 -46.25 -39.11 11.80
CA PHE I 1049 -45.90 -37.92 12.57
C PHE I 1049 -45.59 -38.28 14.01
N CYS I 1050 -46.56 -38.87 14.71
CA CYS I 1050 -46.35 -39.34 16.07
C CYS I 1050 -45.86 -40.80 16.06
N GLY I 1051 -44.77 -41.00 15.33
CA GLY I 1051 -44.19 -42.32 15.17
C GLY I 1051 -44.87 -43.12 14.08
N LYS I 1052 -44.37 -44.34 13.89
CA LYS I 1052 -44.87 -45.24 12.86
C LYS I 1052 -45.96 -46.12 13.45
N GLY I 1053 -47.20 -45.90 13.03
CA GLY I 1053 -48.34 -46.66 13.50
C GLY I 1053 -49.45 -45.77 13.98
N TYR I 1054 -50.58 -46.40 14.28
CA TYR I 1054 -51.74 -45.69 14.78
C TYR I 1054 -51.42 -45.05 16.13
N HIS I 1055 -51.47 -43.73 16.19
CA HIS I 1055 -51.08 -43.02 17.39
C HIS I 1055 -52.17 -43.09 18.45
N LEU I 1056 -51.76 -43.36 19.69
CA LEU I 1056 -52.65 -43.34 20.84
C LEU I 1056 -52.23 -42.27 21.85
N MET I 1057 -50.96 -42.25 22.24
CA MET I 1057 -50.47 -41.27 23.20
C MET I 1057 -48.96 -41.29 23.18
N SER I 1058 -48.37 -40.17 23.56
CA SER I 1058 -46.93 -40.00 23.58
C SER I 1058 -46.50 -39.42 24.93
N PHE I 1059 -45.26 -39.73 25.31
CA PHE I 1059 -44.71 -39.28 26.59
C PHE I 1059 -43.40 -38.55 26.33
N PRO I 1060 -43.23 -37.34 26.87
CA PRO I 1060 -41.97 -36.62 26.70
C PRO I 1060 -40.96 -36.93 27.79
N GLN I 1061 -39.69 -36.79 27.43
CA GLN I 1061 -38.58 -37.01 28.34
C GLN I 1061 -37.48 -36.02 28.02
N SER I 1062 -37.04 -35.28 29.03
CA SER I 1062 -36.02 -34.26 28.83
C SER I 1062 -34.69 -34.91 28.44
N ALA I 1063 -33.83 -34.11 27.82
CA ALA I 1063 -32.52 -34.56 27.40
C ALA I 1063 -31.63 -33.34 27.23
N PRO I 1064 -30.31 -33.50 27.34
CA PRO I 1064 -29.41 -32.35 27.19
C PRO I 1064 -29.45 -31.81 25.78
N HIS I 1065 -29.78 -30.51 25.67
CA HIS I 1065 -29.84 -29.82 24.39
C HIS I 1065 -30.87 -30.41 23.44
N GLY I 1066 -31.87 -31.11 23.98
CA GLY I 1066 -32.89 -31.69 23.13
C GLY I 1066 -33.96 -32.37 23.94
N VAL I 1067 -34.79 -33.15 23.24
CA VAL I 1067 -35.90 -33.87 23.83
C VAL I 1067 -36.00 -35.24 23.18
N VAL I 1068 -36.58 -36.18 23.92
CA VAL I 1068 -36.73 -37.57 23.47
C VAL I 1068 -38.19 -37.95 23.63
N PHE I 1069 -38.89 -38.09 22.51
CA PHE I 1069 -40.31 -38.45 22.52
C PHE I 1069 -40.48 -39.95 22.51
N LEU I 1070 -41.41 -40.44 23.31
CA LEU I 1070 -41.80 -41.85 23.33
C LEU I 1070 -43.21 -41.96 22.77
N HIS I 1071 -43.36 -42.73 21.69
CA HIS I 1071 -44.61 -42.83 20.95
C HIS I 1071 -45.23 -44.20 21.17
N VAL I 1072 -46.36 -44.22 21.86
CA VAL I 1072 -47.14 -45.45 21.99
C VAL I 1072 -48.04 -45.59 20.78
N THR I 1073 -47.95 -46.74 20.09
CA THR I 1073 -48.66 -46.96 18.84
C THR I 1073 -49.41 -48.27 18.89
N TYR I 1074 -50.47 -48.35 18.09
CA TYR I 1074 -51.28 -49.56 17.93
C TYR I 1074 -50.92 -50.18 16.59
N VAL I 1075 -50.38 -51.39 16.63
CA VAL I 1075 -49.90 -52.07 15.41
C VAL I 1075 -50.52 -53.46 15.34
N PRO I 1076 -51.41 -53.74 14.40
CA PRO I 1076 -51.99 -55.08 14.30
C PRO I 1076 -50.96 -56.10 13.81
N ALA I 1077 -51.37 -57.36 13.83
CA ALA I 1077 -50.51 -58.46 13.41
C ALA I 1077 -51.37 -59.70 13.20
N GLN I 1078 -50.73 -60.78 12.77
CA GLN I 1078 -51.38 -62.07 12.52
C GLN I 1078 -52.71 -61.88 11.81
N GLU I 1079 -52.64 -61.26 10.63
CA GLU I 1079 -53.82 -61.02 9.84
C GLU I 1079 -54.34 -62.32 9.22
N LYS I 1080 -55.65 -62.36 8.99
CA LYS I 1080 -56.31 -63.48 8.34
C LYS I 1080 -57.03 -63.00 7.09
N ASN I 1081 -57.23 -63.93 6.15
CA ASN I 1081 -57.89 -63.61 4.89
C ASN I 1081 -59.37 -63.98 4.98
N PHE I 1082 -60.19 -63.20 4.28
CA PHE I 1082 -61.63 -63.41 4.26
C PHE I 1082 -62.19 -62.99 2.91
N THR I 1083 -63.40 -63.45 2.63
CA THR I 1083 -64.14 -63.06 1.44
C THR I 1083 -65.20 -62.04 1.82
N THR I 1084 -65.29 -60.97 1.03
CA THR I 1084 -66.16 -59.84 1.32
C THR I 1084 -67.08 -59.55 0.15
N ALA I 1085 -68.25 -58.99 0.47
CA ALA I 1085 -69.21 -58.52 -0.52
C ALA I 1085 -69.53 -57.07 -0.22
N PRO I 1086 -69.25 -56.13 -1.14
CA PRO I 1086 -69.49 -54.71 -0.82
C PRO I 1086 -70.90 -54.37 -0.40
N ALA I 1087 -71.86 -55.28 -0.58
CA ALA I 1087 -73.24 -55.01 -0.18
C ALA I 1087 -73.95 -56.34 0.01
N ILE I 1088 -75.20 -56.26 0.48
CA ILE I 1088 -76.03 -57.42 0.72
C ILE I 1088 -77.43 -57.15 0.16
N CYS I 1089 -78.03 -58.18 -0.43
CA CYS I 1089 -79.34 -58.06 -1.06
C CYS I 1089 -80.27 -59.10 -0.45
N HIS I 1090 -81.19 -58.65 0.41
CA HIS I 1090 -82.17 -59.53 1.02
C HIS I 1090 -83.58 -59.20 0.58
N ASP I 1091 -84.03 -57.96 0.80
CA ASP I 1091 -85.35 -57.51 0.35
C ASP I 1091 -85.23 -56.74 -0.96
N GLY I 1092 -84.56 -57.32 -1.95
CA GLY I 1092 -84.35 -56.65 -3.21
C GLY I 1092 -83.74 -55.27 -3.06
N LYS I 1093 -83.05 -55.04 -1.94
CA LYS I 1093 -82.44 -53.77 -1.63
C LYS I 1093 -81.02 -53.99 -1.13
N ALA I 1094 -80.15 -53.04 -1.42
CA ALA I 1094 -78.75 -53.13 -1.07
C ALA I 1094 -78.51 -52.55 0.32
N HIS I 1095 -77.81 -53.30 1.16
CA HIS I 1095 -77.43 -52.88 2.50
C HIS I 1095 -75.94 -52.60 2.54
N PHE I 1096 -75.56 -51.50 3.18
CA PHE I 1096 -74.18 -51.07 3.27
C PHE I 1096 -73.71 -51.07 4.72
N PRO I 1097 -72.46 -51.40 4.99
CA PRO I 1097 -71.97 -51.41 6.36
C PRO I 1097 -72.00 -50.00 6.96
N ARG I 1098 -72.48 -49.90 8.19
CA ARG I 1098 -72.57 -48.60 8.85
C ARG I 1098 -71.18 -48.01 9.06
N GLU I 1099 -70.32 -48.71 9.80
CA GLU I 1099 -68.96 -48.25 10.04
C GLU I 1099 -67.95 -49.36 9.77
N GLY I 1100 -68.37 -50.60 9.90
CA GLY I 1100 -67.49 -51.75 9.74
C GLY I 1100 -67.39 -52.22 8.30
N VAL I 1101 -67.16 -53.52 8.15
CA VAL I 1101 -67.03 -54.14 6.83
C VAL I 1101 -67.59 -55.55 6.92
N PHE I 1102 -67.93 -56.11 5.75
CA PHE I 1102 -68.49 -57.44 5.65
C PHE I 1102 -67.40 -58.45 5.30
N VAL I 1103 -67.57 -59.67 5.81
CA VAL I 1103 -66.64 -60.77 5.57
C VAL I 1103 -67.44 -62.07 5.56
N SER I 1104 -66.78 -63.15 5.15
CA SER I 1104 -67.40 -64.47 5.10
C SER I 1104 -66.38 -65.52 5.47
N ASN I 1105 -66.77 -66.43 6.36
CA ASN I 1105 -65.92 -67.53 6.79
C ASN I 1105 -66.02 -68.73 5.85
N GLY I 1106 -66.60 -68.57 4.66
CA GLY I 1106 -66.75 -69.63 3.69
C GLY I 1106 -68.19 -70.07 3.51
N THR I 1107 -68.99 -70.03 4.58
CA THR I 1107 -70.39 -70.45 4.51
C THR I 1107 -71.34 -69.49 5.21
N HIS I 1108 -70.85 -68.55 6.01
CA HIS I 1108 -71.68 -67.59 6.71
C HIS I 1108 -71.17 -66.18 6.43
N TRP I 1109 -71.95 -65.20 6.86
CA TRP I 1109 -71.63 -63.78 6.66
C TRP I 1109 -71.78 -63.03 7.97
N PHE I 1110 -70.88 -62.07 8.18
CA PHE I 1110 -70.91 -61.23 9.37
C PHE I 1110 -70.35 -59.86 9.03
N VAL I 1111 -70.59 -58.90 9.92
CA VAL I 1111 -70.03 -57.56 9.80
C VAL I 1111 -69.06 -57.34 10.96
N THR I 1112 -67.95 -56.66 10.68
CA THR I 1112 -66.91 -56.48 11.67
C THR I 1112 -66.16 -55.19 11.41
N GLN I 1113 -65.59 -54.61 12.47
CA GLN I 1113 -64.74 -53.45 12.32
C GLN I 1113 -63.49 -53.83 11.54
N ARG I 1114 -63.00 -52.88 10.74
CA ARG I 1114 -61.98 -53.20 9.75
C ARG I 1114 -60.61 -53.41 10.37
N ASN I 1115 -60.29 -52.68 11.44
CA ASN I 1115 -58.98 -52.78 12.07
C ASN I 1115 -58.92 -53.80 13.20
N PHE I 1116 -59.94 -54.64 13.34
CA PHE I 1116 -59.94 -55.68 14.35
C PHE I 1116 -61.07 -56.68 14.08
N TYR I 1117 -60.76 -57.97 14.18
CA TYR I 1117 -61.74 -59.01 13.90
C TYR I 1117 -62.73 -59.11 15.05
N GLU I 1118 -63.99 -58.81 14.76
CA GLU I 1118 -65.07 -58.89 15.74
C GLU I 1118 -66.40 -59.03 15.01
N PRO I 1119 -66.65 -60.18 14.40
CA PRO I 1119 -67.87 -60.32 13.58
C PRO I 1119 -69.13 -60.21 14.41
N GLN I 1120 -70.21 -59.79 13.76
CA GLN I 1120 -71.50 -59.65 14.42
C GLN I 1120 -72.50 -59.92 13.32
N ILE I 1121 -73.69 -60.38 13.68
CA ILE I 1121 -74.70 -60.71 12.68
C ILE I 1121 -75.05 -59.50 11.84
N ILE I 1122 -75.12 -59.67 10.52
CA ILE I 1122 -75.54 -58.58 9.66
C ILE I 1122 -76.98 -58.26 10.01
N THR I 1123 -77.20 -57.15 10.70
CA THR I 1123 -78.54 -56.83 11.17
C THR I 1123 -79.06 -55.54 10.56
N THR I 1124 -80.34 -55.26 10.80
CA THR I 1124 -80.95 -54.05 10.28
C THR I 1124 -80.31 -52.81 10.87
N ASP I 1125 -79.91 -52.90 12.14
CA ASP I 1125 -79.32 -51.75 12.82
C ASP I 1125 -77.87 -51.52 12.41
N ASN I 1126 -77.21 -52.55 11.87
CA ASN I 1126 -75.81 -52.42 11.51
C ASN I 1126 -75.63 -52.00 10.06
N THR I 1127 -76.72 -51.83 9.33
CA THR I 1127 -76.62 -51.52 7.92
C THR I 1127 -77.59 -50.46 7.42
N PHE I 1128 -77.15 -49.57 6.53
CA PHE I 1128 -78.12 -48.65 5.95
C PHE I 1128 -78.39 -49.04 4.51
N VAL I 1129 -79.63 -48.81 4.08
CA VAL I 1129 -80.10 -49.20 2.75
C VAL I 1129 -79.99 -48.02 1.82
N SER I 1130 -79.67 -48.29 0.56
CA SER I 1130 -79.51 -47.26 -0.46
C SER I 1130 -80.16 -47.70 -1.77
N GLY I 1131 -81.36 -48.25 -1.67
CA GLY I 1131 -82.14 -48.60 -2.85
C GLY I 1131 -81.99 -50.05 -3.25
N ASN I 1132 -82.19 -50.29 -4.54
CA ASN I 1132 -82.20 -51.63 -5.08
C ASN I 1132 -80.78 -52.20 -5.13
N CYS I 1133 -80.67 -53.40 -5.71
CA CYS I 1133 -79.41 -54.13 -5.76
C CYS I 1133 -78.74 -54.10 -7.12
N ASP I 1134 -79.50 -53.92 -8.20
CA ASP I 1134 -78.91 -53.95 -9.54
C ASP I 1134 -77.90 -52.84 -9.74
N VAL I 1135 -77.95 -51.77 -8.94
CA VAL I 1135 -76.99 -50.69 -9.09
C VAL I 1135 -75.61 -51.07 -8.59
N VAL I 1136 -75.51 -52.08 -7.73
CA VAL I 1136 -74.22 -52.47 -7.18
C VAL I 1136 -73.49 -53.38 -8.18
N ILE I 1137 -72.18 -53.51 -7.98
CA ILE I 1137 -71.35 -54.28 -8.90
C ILE I 1137 -71.00 -55.67 -8.39
N GLY I 1138 -71.04 -55.90 -7.08
CA GLY I 1138 -70.70 -57.19 -6.52
C GLY I 1138 -71.58 -57.59 -5.36
N ILE I 1139 -72.75 -56.97 -5.26
CA ILE I 1139 -73.67 -57.27 -4.16
C ILE I 1139 -74.03 -58.74 -4.19
N VAL I 1140 -74.15 -59.34 -3.00
CA VAL I 1140 -74.48 -60.75 -2.86
C VAL I 1140 -75.78 -60.87 -2.07
N ASN I 1141 -76.35 -62.08 -2.11
CA ASN I 1141 -77.58 -62.38 -1.42
C ASN I 1141 -77.27 -63.00 -0.06
N ASN I 1142 -77.89 -62.44 0.99
CA ASN I 1142 -77.69 -62.95 2.34
C ASN I 1142 -78.80 -62.42 3.23
N THR I 1143 -79.20 -63.24 4.20
CA THR I 1143 -80.31 -62.88 5.07
C THR I 1143 -79.89 -61.81 6.08
N VAL I 1144 -80.80 -60.90 6.38
CA VAL I 1144 -80.60 -59.85 7.37
C VAL I 1144 -81.61 -60.06 8.48
N TYR I 1145 -81.13 -59.97 9.73
CA TYR I 1145 -81.97 -60.24 10.89
C TYR I 1145 -82.63 -58.97 11.38
N ASP I 1146 -83.86 -59.12 11.87
CA ASP I 1146 -84.63 -58.00 12.44
C ASP I 1146 -85.09 -58.39 13.84
N PRO I 1147 -84.62 -57.72 14.90
CA PRO I 1147 -85.00 -58.13 16.26
C PRO I 1147 -86.42 -57.75 16.65
N LEU I 1148 -87.18 -57.12 15.75
CA LEU I 1148 -88.56 -56.77 16.06
C LEU I 1148 -89.55 -57.87 15.71
N GLN I 1149 -89.19 -58.74 14.75
CA GLN I 1149 -90.12 -59.81 14.38
C GLN I 1149 -90.31 -60.82 15.50
N PRO I 1150 -89.26 -61.29 16.18
CA PRO I 1150 -89.48 -62.27 17.25
C PRO I 1150 -90.42 -61.79 18.34
N GLU I 1151 -90.61 -60.48 18.48
CA GLU I 1151 -91.49 -59.94 19.50
C GLU I 1151 -92.94 -60.33 19.22
#